data_6U0S
#
_entry.id   6U0S
#
_cell.length_a   91.339
_cell.length_b   187.129
_cell.length_c   239.089
_cell.angle_alpha   90.000
_cell.angle_beta   90.000
_cell.angle_gamma   90.000
#
_symmetry.space_group_name_H-M   'P 21 21 21'
#
loop_
_entity.id
_entity.type
_entity.pdbx_description
1 polymer '2,4-dichlorophenol 6-monooxygenase'
2 non-polymer 'FLAVIN-ADENINE DINUCLEOTIDE'
3 non-polymer 'CHLORIDE ION'
4 non-polymer 2-[(2E,5E,7E,9R,10R,11E)-10-hydroxy-3,7,9,11-tetramethyltrideca-2,5,7,11-tetraen-1-yl]-6-methoxy-3-methylpyridin-4-ol
5 non-polymer 'TRIETHYLENE GLYCOL'
6 non-polymer 'PENTAETHYLENE GLYCOL'
7 non-polymer GLYCEROL
8 water water
#
_entity_poly.entity_id   1
_entity_poly.type   'polypeptide(L)'
_entity_poly.pdbx_seq_one_letter_code
;GSHMTGSEGTAPDIRVPVLIVGGGPAGLTAALALSRYGVPHLLVNRHHGTAHTPRAHLLNQRTGEIFRDLGIADRVEAHA
TPGHLMANHVFMSTFAGPEVARIGAYGNGPDRIGEYRAASPSGLCNLPQHLLEPLLVEAVQEACVGQLRFGHEFVSLEQD
EHGVTSRITDRRTGRDYTVRSDYLIGADGARSRVLAQLGIALDGATGIARAVTTWFEADLSRYSAHRPALLYMGAVPGSP
PADGRVFVSLRPWTEWLHLTFPPPTADVDVEDHEAVRAGIRESIGDPTVDVTIKNVSAWEVNSAVAPRYASGRVFCVGDA
VHQNPPTNGLGLNSAVADSFNLCWKLKLALEGLAGPGLLDTYHDERQPVGRQIVDRAFRSMVDLIGIPQALGFTEGQSPE
EQWRLLDTLHEDTEEARQRRAALAAATAAIHGQANAHGVELGYRYRTGALVPDGTPEPADERDPELYYRATTWPGARLPH
AWLENGRHRCSTLDVTGRGRFTLLTGPGGEPWRDAARDAALDTGVEVAVLPIGAGGGPRDPYGTWAELREVEESGAVLVR
PDGHVAWRARDHGHAKELPEVMARVLHQPDPAARRTGGPGA
;
_entity_poly.pdbx_strand_id   A,B,C,D,E,F
#
# COMPACT_ATOMS: atom_id res chain seq x y z
N ALA A 11 15.68 54.42 -26.86
CA ALA A 11 16.23 53.49 -25.83
C ALA A 11 15.31 52.26 -25.67
N PRO A 12 15.87 51.03 -25.59
CA PRO A 12 15.07 49.82 -25.32
C PRO A 12 14.33 49.77 -23.99
N ASP A 13 13.15 49.12 -23.99
CA ASP A 13 12.37 48.89 -22.78
C ASP A 13 13.04 47.88 -21.85
N ILE A 14 13.83 46.93 -22.39
CA ILE A 14 14.51 45.91 -21.57
C ILE A 14 15.90 45.65 -22.14
N ARG A 15 16.88 45.48 -21.25
CA ARG A 15 18.23 45.07 -21.58
C ARG A 15 18.52 43.76 -20.83
N VAL A 16 19.00 42.73 -21.56
CA VAL A 16 19.21 41.41 -21.00
C VAL A 16 20.31 40.73 -21.80
N PRO A 17 21.24 39.96 -21.20
CA PRO A 17 22.25 39.26 -21.97
C PRO A 17 21.74 38.42 -23.15
N VAL A 18 20.81 37.48 -22.89
CA VAL A 18 20.30 36.59 -23.95
C VAL A 18 18.78 36.67 -24.05
N LEU A 19 18.26 36.84 -25.27
CA LEU A 19 16.83 36.69 -25.51
C LEU A 19 16.58 35.34 -26.18
N ILE A 20 15.70 34.52 -25.57
CA ILE A 20 15.25 33.28 -26.17
C ILE A 20 13.82 33.47 -26.69
N VAL A 21 13.68 33.28 -28.00
CA VAL A 21 12.40 33.35 -28.67
C VAL A 21 11.90 31.91 -28.86
N GLY A 22 10.81 31.58 -28.15
CA GLY A 22 10.14 30.31 -28.22
C GLY A 22 10.38 29.49 -26.95
N GLY A 23 9.30 28.90 -26.41
CA GLY A 23 9.38 28.15 -25.18
C GLY A 23 8.96 26.69 -25.36
N GLY A 24 9.46 26.05 -26.43
CA GLY A 24 9.28 24.61 -26.60
C GLY A 24 10.51 23.89 -26.09
N PRO A 25 10.71 22.58 -26.38
CA PRO A 25 11.90 21.86 -25.88
C PRO A 25 13.22 22.61 -26.05
N ALA A 26 13.45 23.19 -27.24
CA ALA A 26 14.68 23.90 -27.58
C ALA A 26 14.89 25.12 -26.67
N GLY A 27 13.86 25.96 -26.57
CA GLY A 27 13.97 27.21 -25.84
C GLY A 27 14.11 26.94 -24.33
N LEU A 28 13.33 25.95 -23.84
CA LEU A 28 13.30 25.65 -22.43
C LEU A 28 14.61 25.01 -22.00
N THR A 29 15.17 24.14 -22.85
CA THR A 29 16.50 23.58 -22.61
C THR A 29 17.53 24.70 -22.49
N ALA A 30 17.48 25.67 -23.42
CA ALA A 30 18.43 26.76 -23.40
C ALA A 30 18.23 27.55 -22.12
N ALA A 31 16.97 27.78 -21.75
CA ALA A 31 16.67 28.54 -20.54
C ALA A 31 17.27 27.80 -19.34
N LEU A 32 17.12 26.48 -19.33
CA LEU A 32 17.65 25.71 -18.22
C LEU A 32 19.17 25.77 -18.18
N ALA A 33 19.83 25.57 -19.33
CA ALA A 33 21.30 25.55 -19.32
C ALA A 33 21.83 26.91 -18.87
N LEU A 34 21.20 27.99 -19.35
CA LEU A 34 21.65 29.32 -19.00
C LEU A 34 21.40 29.53 -17.51
N SER A 35 20.29 28.97 -17.01
CA SER A 35 20.01 29.01 -15.58
C SER A 35 21.18 28.38 -14.82
N ARG A 36 21.53 27.13 -15.14
CA ARG A 36 22.55 26.43 -14.37
C ARG A 36 23.87 27.18 -14.47
N TYR A 37 24.10 27.87 -15.58
CA TYR A 37 25.33 28.61 -15.76
C TYR A 37 25.27 30.02 -15.12
N GLY A 38 24.10 30.42 -14.61
CA GLY A 38 23.88 31.71 -13.96
C GLY A 38 23.86 32.88 -14.94
N VAL A 39 23.45 32.63 -16.19
CA VAL A 39 23.38 33.68 -17.19
C VAL A 39 21.97 34.25 -17.19
N PRO A 40 21.75 35.54 -16.84
CA PRO A 40 20.41 36.13 -16.88
C PRO A 40 19.98 36.19 -18.35
N HIS A 41 18.70 35.90 -18.57
CA HIS A 41 18.12 35.75 -19.90
C HIS A 41 16.64 36.00 -19.77
N LEU A 42 16.00 36.26 -20.92
CA LEU A 42 14.56 36.40 -20.98
C LEU A 42 14.07 35.45 -22.08
N LEU A 43 12.97 34.73 -21.83
CA LEU A 43 12.40 33.86 -22.84
C LEU A 43 11.01 34.39 -23.16
N VAL A 44 10.70 34.54 -24.47
CA VAL A 44 9.35 34.86 -24.89
C VAL A 44 8.76 33.68 -25.66
N ASN A 45 7.50 33.35 -25.35
CA ASN A 45 6.75 32.33 -26.05
C ASN A 45 5.39 32.89 -26.46
N ARG A 46 5.03 32.68 -27.74
CA ARG A 46 3.81 33.21 -28.33
C ARG A 46 2.57 32.71 -27.58
N HIS A 47 2.52 31.40 -27.25
CA HIS A 47 1.33 30.77 -26.68
C HIS A 47 1.31 31.02 -25.18
N HIS A 48 0.10 31.15 -24.62
CA HIS A 48 -0.11 31.47 -23.21
C HIS A 48 0.23 30.29 -22.30
N GLY A 49 0.26 29.08 -22.87
CA GLY A 49 0.57 27.87 -22.13
C GLY A 49 1.61 27.02 -22.87
N THR A 50 2.16 26.02 -22.17
CA THR A 50 2.98 25.00 -22.81
C THR A 50 2.08 24.20 -23.75
N ALA A 51 2.68 23.35 -24.60
CA ALA A 51 1.98 22.36 -25.42
C ALA A 51 0.82 21.72 -24.66
N HIS A 52 -0.34 21.61 -25.34
CA HIS A 52 -1.52 20.97 -24.76
C HIS A 52 -1.72 19.52 -25.26
N THR A 53 -1.06 19.13 -26.36
CA THR A 53 -1.06 17.75 -26.84
C THR A 53 0.35 17.15 -26.81
N PRO A 54 0.49 15.79 -26.83
CA PRO A 54 1.78 15.11 -26.65
C PRO A 54 2.94 15.33 -27.63
N ARG A 55 2.66 15.33 -28.94
CA ARG A 55 3.67 15.50 -29.99
C ARG A 55 4.83 14.52 -29.83
N ALA A 56 6.06 15.04 -29.71
CA ALA A 56 7.29 14.24 -29.52
C ALA A 56 7.31 13.57 -28.16
N HIS A 57 7.97 12.41 -28.07
CA HIS A 57 7.85 11.62 -26.86
C HIS A 57 9.05 10.74 -26.55
N LEU A 58 9.76 10.20 -27.56
CA LEU A 58 10.90 9.32 -27.29
C LEU A 58 12.12 10.14 -26.87
N LEU A 59 12.64 9.91 -25.66
CA LEU A 59 13.89 10.55 -25.24
C LEU A 59 15.03 9.55 -25.37
N ASN A 60 16.11 9.90 -26.08
CA ASN A 60 17.12 8.88 -26.33
C ASN A 60 18.22 8.99 -25.25
N GLN A 61 19.23 8.12 -25.33
CA GLN A 61 20.21 8.10 -24.24
C GLN A 61 20.95 9.43 -24.10
N ARG A 62 21.13 10.15 -25.21
CA ARG A 62 21.91 11.39 -25.18
C ARG A 62 21.11 12.46 -24.44
N THR A 63 19.80 12.48 -24.65
CA THR A 63 18.92 13.41 -23.95
C THR A 63 18.96 13.10 -22.45
N GLY A 64 18.91 11.81 -22.10
CA GLY A 64 19.13 11.39 -20.73
C GLY A 64 20.38 12.02 -20.12
N GLU A 65 21.50 11.94 -20.85
CA GLU A 65 22.76 12.42 -20.31
C GLU A 65 22.69 13.94 -20.10
N ILE A 66 22.01 14.63 -21.01
CA ILE A 66 21.95 16.08 -20.96
C ILE A 66 21.08 16.47 -19.76
N PHE A 67 20.01 15.70 -19.57
CA PHE A 67 19.09 15.88 -18.45
C PHE A 67 19.77 15.63 -17.08
N ARG A 68 20.73 14.69 -17.04
CA ARG A 68 21.55 14.48 -15.85
C ARG A 68 22.42 15.70 -15.62
N ASP A 69 23.15 16.12 -16.66
CA ASP A 69 23.97 17.31 -16.54
C ASP A 69 23.14 18.50 -16.06
N LEU A 70 21.90 18.64 -16.53
CA LEU A 70 21.05 19.77 -16.15
C LEU A 70 20.23 19.48 -14.90
N GLY A 71 20.41 18.29 -14.29
CA GLY A 71 19.84 18.02 -12.98
C GLY A 71 18.32 17.87 -12.96
N ILE A 72 17.71 17.33 -14.03
CA ILE A 72 16.28 17.04 -14.03
C ILE A 72 16.00 15.60 -14.45
N ALA A 73 17.04 14.77 -14.54
CA ALA A 73 16.87 13.38 -14.98
C ALA A 73 15.89 12.60 -14.12
N ASP A 74 15.99 12.77 -12.80
CA ASP A 74 15.18 12.07 -11.82
C ASP A 74 13.72 12.52 -11.93
N ARG A 75 13.51 13.80 -12.18
CA ARG A 75 12.15 14.30 -12.32
C ARG A 75 11.53 13.72 -13.59
N VAL A 76 12.35 13.62 -14.66
CA VAL A 76 11.96 13.04 -15.92
C VAL A 76 11.71 11.54 -15.78
N GLU A 77 12.60 10.83 -15.10
CA GLU A 77 12.45 9.40 -15.01
C GLU A 77 11.19 9.02 -14.23
N ALA A 78 10.80 9.88 -13.28
CA ALA A 78 9.64 9.63 -12.41
C ALA A 78 8.34 9.53 -13.21
N HIS A 79 8.27 10.25 -14.33
CA HIS A 79 7.06 10.41 -15.11
C HIS A 79 7.06 9.51 -16.36
N ALA A 80 8.25 9.10 -16.82
CA ALA A 80 8.41 8.53 -18.16
C ALA A 80 8.13 7.03 -18.20
N THR A 81 7.69 6.53 -19.35
CA THR A 81 7.67 5.10 -19.58
C THR A 81 9.10 4.57 -19.65
N PRO A 82 9.45 3.53 -18.87
CA PRO A 82 10.78 2.92 -18.94
C PRO A 82 11.03 2.09 -20.21
N GLY A 83 12.31 2.03 -20.60
CA GLY A 83 12.81 1.37 -21.80
C GLY A 83 12.18 0.01 -22.10
N HIS A 84 12.02 -0.83 -21.08
CA HIS A 84 11.64 -2.22 -21.30
C HIS A 84 10.19 -2.29 -21.82
N LEU A 85 9.39 -1.23 -21.62
CA LEU A 85 8.00 -1.29 -22.08
C LEU A 85 7.89 -0.84 -23.53
N MET A 86 9.03 -0.56 -24.15
CA MET A 86 9.18 -0.19 -25.56
C MET A 86 10.06 -1.22 -26.28
N ALA A 87 9.81 -2.51 -26.03
CA ALA A 87 10.84 -3.51 -26.25
C ALA A 87 10.81 -4.01 -27.70
N ASN A 88 9.75 -3.67 -28.44
CA ASN A 88 9.54 -4.15 -29.78
C ASN A 88 9.02 -3.03 -30.67
N HIS A 89 9.12 -3.27 -31.96
CA HIS A 89 8.50 -2.46 -32.98
C HIS A 89 7.68 -3.44 -33.79
N VAL A 90 6.36 -3.21 -33.86
CA VAL A 90 5.42 -4.20 -34.36
C VAL A 90 4.86 -3.77 -35.70
N PHE A 91 4.74 -4.73 -36.63
CA PHE A 91 3.97 -4.57 -37.85
C PHE A 91 2.83 -5.57 -37.82
N MET A 92 1.61 -5.08 -38.08
CA MET A 92 0.44 -5.91 -37.91
C MET A 92 -0.59 -5.54 -38.96
N SER A 93 -1.68 -6.31 -39.06
CA SER A 93 -2.86 -5.87 -39.79
C SER A 93 -3.62 -4.90 -38.91
N THR A 94 -4.75 -5.31 -38.33
CA THR A 94 -5.37 -4.53 -37.27
C THR A 94 -4.72 -4.85 -35.93
N PHE A 95 -5.04 -4.06 -34.89
CA PHE A 95 -4.51 -4.31 -33.55
C PHE A 95 -4.95 -5.67 -33.02
N ALA A 96 -6.20 -6.07 -33.36
CA ALA A 96 -6.80 -7.31 -32.87
C ALA A 96 -6.54 -8.48 -33.80
N GLY A 97 -6.16 -8.17 -35.04
CA GLY A 97 -5.93 -9.17 -36.08
C GLY A 97 -4.54 -9.81 -36.00
N PRO A 98 -4.13 -10.59 -37.03
CA PRO A 98 -2.79 -11.20 -37.03
C PRO A 98 -1.69 -10.15 -37.13
N GLU A 99 -0.51 -10.55 -36.67
CA GLU A 99 0.71 -9.75 -36.72
C GLU A 99 1.50 -10.09 -37.98
N VAL A 100 2.34 -9.15 -38.43
CA VAL A 100 3.07 -9.29 -39.68
C VAL A 100 4.55 -9.51 -39.40
N ALA A 101 5.15 -8.64 -38.59
CA ALA A 101 6.55 -8.77 -38.24
C ALA A 101 6.80 -8.00 -36.96
N ARG A 102 7.96 -8.25 -36.36
CA ARG A 102 8.37 -7.67 -35.10
C ARG A 102 9.90 -7.69 -35.06
N ILE A 103 10.50 -6.62 -34.52
CA ILE A 103 11.91 -6.60 -34.22
C ILE A 103 12.04 -6.10 -32.80
N GLY A 104 13.20 -6.31 -32.17
CA GLY A 104 13.44 -5.58 -30.95
C GLY A 104 13.66 -4.09 -31.23
N ALA A 105 13.39 -3.24 -30.24
CA ALA A 105 13.53 -1.81 -30.45
C ALA A 105 14.32 -1.21 -29.30
N TYR A 106 14.97 -0.07 -29.55
CA TYR A 106 15.55 0.80 -28.53
C TYR A 106 16.55 0.04 -27.68
N GLY A 107 17.25 -0.92 -28.30
CA GLY A 107 18.28 -1.69 -27.62
C GLY A 107 17.77 -2.77 -26.65
N ASN A 108 16.49 -3.19 -26.76
CA ASN A 108 15.91 -4.25 -25.92
C ASN A 108 16.20 -5.65 -26.48
N GLY A 109 16.45 -5.80 -27.78
CA GLY A 109 16.75 -7.11 -28.31
C GLY A 109 18.04 -7.66 -27.69
N PRO A 110 18.16 -9.00 -27.49
CA PRO A 110 19.41 -9.59 -26.98
C PRO A 110 20.67 -9.15 -27.73
N ASP A 111 20.54 -8.86 -29.02
CA ASP A 111 21.76 -8.68 -29.77
C ASP A 111 22.25 -7.24 -29.65
N ARG A 112 21.43 -6.33 -29.10
CA ARG A 112 21.83 -4.91 -29.02
C ARG A 112 21.98 -4.44 -27.57
N ILE A 113 21.41 -5.19 -26.60
CA ILE A 113 21.21 -4.66 -25.25
C ILE A 113 22.55 -4.37 -24.57
N GLY A 114 23.53 -5.24 -24.80
CA GLY A 114 24.86 -5.04 -24.24
C GLY A 114 25.47 -3.72 -24.69
N GLU A 115 25.38 -3.44 -25.98
CA GLU A 115 25.92 -2.19 -26.48
C GLU A 115 25.16 -1.01 -25.88
N TYR A 116 23.84 -1.13 -25.76
CA TYR A 116 23.07 0.02 -25.28
C TYR A 116 23.39 0.28 -23.81
N ARG A 117 23.67 -0.78 -23.05
CA ARG A 117 23.96 -0.61 -21.63
C ARG A 117 25.35 -0.07 -21.40
N ALA A 118 26.32 -0.56 -22.17
CA ALA A 118 27.69 -0.10 -22.03
C ALA A 118 27.86 1.36 -22.47
N ALA A 119 26.93 1.90 -23.28
CA ALA A 119 27.16 3.11 -24.07
C ALA A 119 26.88 4.38 -23.30
N SER A 120 26.05 4.31 -22.25
CA SER A 120 25.51 5.48 -21.58
C SER A 120 25.05 5.14 -20.17
N PRO A 121 25.12 6.08 -19.20
CA PRO A 121 24.53 5.86 -17.87
C PRO A 121 23.02 5.90 -17.98
N SER A 122 22.54 6.34 -19.13
CA SER A 122 21.13 6.65 -19.24
C SER A 122 20.48 5.62 -20.16
N GLY A 123 19.24 5.24 -19.88
CA GLY A 123 18.45 4.45 -20.82
C GLY A 123 17.56 5.36 -21.69
N LEU A 124 16.74 4.75 -22.57
CA LEU A 124 15.79 5.51 -23.36
C LEU A 124 14.48 5.44 -22.59
N CYS A 125 13.61 6.45 -22.75
CA CYS A 125 12.32 6.39 -22.09
C CYS A 125 11.34 7.21 -22.92
N ASN A 126 10.06 7.18 -22.55
CA ASN A 126 9.02 7.87 -23.30
C ASN A 126 8.30 8.87 -22.41
N LEU A 127 8.44 10.15 -22.75
CA LEU A 127 7.78 11.22 -22.02
C LEU A 127 7.24 12.24 -23.03
N PRO A 128 5.90 12.33 -23.17
CA PRO A 128 5.31 13.26 -24.14
C PRO A 128 5.53 14.74 -23.78
N GLN A 129 5.62 15.62 -24.80
CA GLN A 129 5.94 17.03 -24.65
C GLN A 129 5.10 17.75 -23.58
N HIS A 130 3.79 17.44 -23.51
CA HIS A 130 2.89 18.16 -22.64
C HIS A 130 3.21 17.88 -21.17
N LEU A 131 3.95 16.79 -20.92
CA LEU A 131 4.47 16.50 -19.59
C LEU A 131 5.91 16.98 -19.43
N LEU A 132 6.71 16.94 -20.50
CA LEU A 132 8.12 17.31 -20.42
C LEU A 132 8.29 18.82 -20.32
N GLU A 133 7.49 19.60 -21.07
CA GLU A 133 7.61 21.05 -21.04
C GLU A 133 7.38 21.61 -19.63
N PRO A 134 6.30 21.26 -18.90
CA PRO A 134 6.12 21.76 -17.53
C PRO A 134 7.31 21.50 -16.60
N LEU A 135 7.93 20.31 -16.76
CA LEU A 135 9.10 19.97 -15.95
C LEU A 135 10.23 20.99 -16.17
N LEU A 136 10.48 21.31 -17.44
CA LEU A 136 11.55 22.21 -17.79
C LEU A 136 11.23 23.63 -17.30
N VAL A 137 9.94 24.02 -17.40
CA VAL A 137 9.43 25.29 -16.89
C VAL A 137 9.71 25.38 -15.39
N GLU A 138 9.29 24.35 -14.64
CA GLU A 138 9.43 24.33 -13.19
C GLU A 138 10.90 24.49 -12.80
N ALA A 139 11.80 23.70 -13.42
CA ALA A 139 13.21 23.76 -13.10
C ALA A 139 13.79 25.15 -13.41
N VAL A 140 13.30 25.79 -14.48
CA VAL A 140 13.72 27.14 -14.77
C VAL A 140 13.26 28.09 -13.65
N GLN A 141 11.98 27.99 -13.27
CA GLN A 141 11.40 28.89 -12.28
C GLN A 141 12.15 28.76 -10.95
N GLU A 142 12.40 27.52 -10.51
CA GLU A 142 13.13 27.23 -9.29
C GLU A 142 14.49 27.94 -9.30
N ALA A 143 15.20 27.92 -10.42
CA ALA A 143 16.55 28.42 -10.51
C ALA A 143 16.61 29.95 -10.37
N CYS A 144 15.56 30.61 -10.86
CA CYS A 144 15.33 32.04 -10.69
C CYS A 144 16.50 32.87 -11.21
N VAL A 145 16.95 32.57 -12.44
CA VAL A 145 18.08 33.27 -13.05
C VAL A 145 17.58 34.03 -14.27
N GLY A 146 16.52 33.52 -14.90
CA GLY A 146 16.01 34.13 -16.11
C GLY A 146 14.50 34.27 -16.02
N GLN A 147 13.88 34.78 -17.09
CA GLN A 147 12.46 35.10 -16.98
C GLN A 147 11.70 34.52 -18.16
N LEU A 148 10.57 33.87 -17.85
CA LEU A 148 9.69 33.27 -18.84
C LEU A 148 8.53 34.20 -19.11
N ARG A 149 8.27 34.51 -20.38
CA ARG A 149 7.13 35.35 -20.72
C ARG A 149 6.27 34.62 -21.74
N PHE A 150 5.27 33.91 -21.25
CA PHE A 150 4.27 33.28 -22.11
C PHE A 150 3.25 34.33 -22.54
N GLY A 151 2.77 34.24 -23.79
CA GLY A 151 1.84 35.21 -24.33
C GLY A 151 2.54 36.44 -24.90
N HIS A 152 3.83 36.32 -25.19
CA HIS A 152 4.60 37.36 -25.84
C HIS A 152 5.19 36.82 -27.14
N GLU A 153 4.85 37.48 -28.25
CA GLU A 153 5.21 37.10 -29.62
C GLU A 153 6.32 37.99 -30.15
N PHE A 154 7.44 37.36 -30.55
CA PHE A 154 8.47 38.08 -31.28
C PHE A 154 7.92 38.53 -32.64
N VAL A 155 8.18 39.80 -33.00
CA VAL A 155 7.80 40.33 -34.31
C VAL A 155 9.01 40.42 -35.24
N SER A 156 10.04 41.18 -34.83
CA SER A 156 11.19 41.47 -35.68
C SER A 156 12.43 41.78 -34.86
N LEU A 157 13.58 41.81 -35.55
CA LEU A 157 14.87 42.09 -34.95
C LEU A 157 15.74 42.90 -35.91
N GLU A 158 16.68 43.66 -35.33
CA GLU A 158 17.78 44.27 -36.05
C GLU A 158 19.02 43.96 -35.23
N GLN A 159 20.13 43.66 -35.88
CA GLN A 159 21.35 43.46 -35.13
C GLN A 159 22.47 44.35 -35.67
N ASP A 160 23.50 44.54 -34.83
CA ASP A 160 24.66 45.38 -35.10
C ASP A 160 25.89 44.72 -34.47
N GLU A 161 27.01 45.44 -34.40
CA GLU A 161 28.26 44.87 -33.90
C GLU A 161 28.18 44.62 -32.40
N HIS A 162 27.25 45.30 -31.71
CA HIS A 162 27.23 45.29 -30.26
C HIS A 162 26.04 44.52 -29.69
N GLY A 163 25.08 44.15 -30.53
CA GLY A 163 23.89 43.56 -29.94
C GLY A 163 22.72 43.40 -30.91
N VAL A 164 21.58 42.99 -30.34
CA VAL A 164 20.39 42.63 -31.08
C VAL A 164 19.22 43.41 -30.47
N THR A 165 18.41 44.02 -31.35
CA THR A 165 17.23 44.75 -30.91
C THR A 165 16.01 44.01 -31.45
N SER A 166 15.12 43.60 -30.54
CA SER A 166 13.99 42.76 -30.89
C SER A 166 12.72 43.50 -30.54
N ARG A 167 11.69 43.35 -31.38
CA ARG A 167 10.39 43.93 -31.13
C ARG A 167 9.42 42.82 -30.72
N ILE A 168 8.75 43.01 -29.56
CA ILE A 168 7.91 42.01 -28.93
C ILE A 168 6.52 42.59 -28.70
N THR A 169 5.50 41.73 -28.86
CA THR A 169 4.11 42.07 -28.60
C THR A 169 3.60 41.29 -27.40
N ASP A 170 3.16 42.00 -26.36
CA ASP A 170 2.29 41.45 -25.34
C ASP A 170 0.91 41.28 -25.96
N ARG A 171 0.41 40.03 -25.94
CA ARG A 171 -0.79 39.66 -26.67
C ARG A 171 -2.04 39.91 -25.83
N ARG A 172 -1.88 40.06 -24.51
CA ARG A 172 -2.99 40.43 -23.64
C ARG A 172 -3.27 41.93 -23.81
N THR A 173 -2.23 42.75 -23.62
CA THR A 173 -2.34 44.20 -23.60
C THR A 173 -2.35 44.76 -25.02
N GLY A 174 -1.68 44.10 -25.97
CA GLY A 174 -1.55 44.59 -27.33
C GLY A 174 -0.34 45.52 -27.51
N ARG A 175 0.28 45.89 -26.39
CA ARG A 175 1.40 46.83 -26.36
C ARG A 175 2.66 46.16 -26.93
N ASP A 176 3.43 46.92 -27.72
CA ASP A 176 4.73 46.52 -28.21
C ASP A 176 5.80 47.03 -27.24
N TYR A 177 6.95 46.35 -27.21
CA TYR A 177 8.10 46.79 -26.43
C TYR A 177 9.35 46.22 -27.09
N THR A 178 10.51 46.78 -26.74
CA THR A 178 11.76 46.41 -27.37
C THR A 178 12.68 45.78 -26.33
N VAL A 179 13.51 44.86 -26.82
CA VAL A 179 14.46 44.13 -26.00
C VAL A 179 15.82 44.27 -26.69
N ARG A 180 16.78 44.79 -25.92
CA ARG A 180 18.17 44.81 -26.32
C ARG A 180 18.85 43.66 -25.58
N SER A 181 19.58 42.83 -26.34
CA SER A 181 20.26 41.66 -25.81
C SER A 181 21.59 41.58 -26.54
N ASP A 182 22.56 40.86 -25.94
CA ASP A 182 23.86 40.67 -26.58
C ASP A 182 23.71 39.63 -27.67
N TYR A 183 22.87 38.63 -27.37
CA TYR A 183 22.68 37.45 -28.20
C TYR A 183 21.20 37.08 -28.22
N LEU A 184 20.78 36.46 -29.34
CA LEU A 184 19.40 36.01 -29.48
C LEU A 184 19.34 34.55 -29.95
N ILE A 185 18.50 33.76 -29.27
CA ILE A 185 18.36 32.35 -29.62
C ILE A 185 17.00 32.18 -30.28
N GLY A 186 17.03 31.78 -31.55
CA GLY A 186 15.83 31.40 -32.28
C GLY A 186 15.45 29.95 -32.02
N ALA A 187 14.47 29.77 -31.12
CA ALA A 187 13.91 28.48 -30.77
C ALA A 187 12.41 28.47 -31.06
N ASP A 188 12.01 29.12 -32.15
CA ASP A 188 10.60 29.39 -32.39
C ASP A 188 10.01 28.40 -33.38
N GLY A 189 10.59 27.20 -33.49
CA GLY A 189 9.85 26.12 -34.15
C GLY A 189 9.88 26.22 -35.67
N ALA A 190 9.05 25.39 -36.31
CA ALA A 190 9.01 25.33 -37.76
C ALA A 190 8.44 26.65 -38.29
N ARG A 191 8.90 27.08 -39.47
CA ARG A 191 8.53 28.40 -40.00
C ARG A 191 8.98 29.50 -39.03
N SER A 192 10.24 29.44 -38.58
CA SER A 192 10.82 30.38 -37.64
C SER A 192 10.72 31.82 -38.16
N ARG A 193 10.11 32.69 -37.36
CA ARG A 193 10.13 34.12 -37.67
C ARG A 193 11.54 34.67 -37.52
N VAL A 194 12.32 34.12 -36.55
CA VAL A 194 13.69 34.54 -36.30
C VAL A 194 14.58 34.20 -37.50
N LEU A 195 14.46 32.97 -38.02
CA LEU A 195 15.30 32.52 -39.11
C LEU A 195 14.94 33.25 -40.40
N ALA A 196 13.66 33.58 -40.54
CA ALA A 196 13.23 34.39 -41.69
C ALA A 196 13.85 35.79 -41.60
N GLN A 197 13.75 36.43 -40.42
CA GLN A 197 14.38 37.72 -40.15
C GLN A 197 15.87 37.70 -40.47
N LEU A 198 16.51 36.54 -40.52
CA LEU A 198 17.94 36.52 -40.75
C LEU A 198 18.22 36.33 -42.24
N GLY A 199 17.12 36.15 -42.99
CA GLY A 199 17.20 35.84 -44.41
C GLY A 199 17.83 34.46 -44.65
N ILE A 200 17.57 33.49 -43.76
CA ILE A 200 18.01 32.14 -44.07
C ILE A 200 16.80 31.31 -44.49
N ALA A 201 16.93 30.66 -45.64
CA ALA A 201 15.87 29.82 -46.18
C ALA A 201 16.24 28.35 -45.95
N LEU A 202 15.23 27.51 -45.65
CA LEU A 202 15.43 26.08 -45.47
C LEU A 202 15.67 25.42 -46.83
N ASP A 203 16.66 24.50 -46.90
CA ASP A 203 16.89 23.60 -48.04
C ASP A 203 16.20 22.27 -47.78
N GLY A 204 15.30 21.87 -48.69
CA GLY A 204 14.52 20.65 -48.54
C GLY A 204 13.16 20.80 -49.22
N ALA A 205 12.11 20.29 -48.56
CA ALA A 205 10.73 20.32 -49.05
C ALA A 205 9.76 20.51 -47.90
N THR A 206 8.62 21.13 -48.22
CA THR A 206 7.53 21.37 -47.30
C THR A 206 6.34 20.51 -47.70
N GLY A 207 5.56 20.09 -46.68
CA GLY A 207 4.35 19.31 -46.85
C GLY A 207 4.49 18.14 -47.82
N ILE A 208 5.53 17.32 -47.64
CA ILE A 208 5.76 16.13 -48.45
C ILE A 208 4.64 15.10 -48.25
N ALA A 209 3.91 15.22 -47.13
CA ALA A 209 2.77 14.39 -46.80
C ALA A 209 1.97 15.09 -45.69
N ARG A 210 0.74 14.59 -45.44
CA ARG A 210 -0.13 15.14 -44.40
C ARG A 210 -0.35 14.05 -43.36
N ALA A 211 -0.68 14.47 -42.15
CA ALA A 211 -0.89 13.55 -41.06
C ALA A 211 -2.06 14.04 -40.20
N VAL A 212 -2.79 13.08 -39.62
CA VAL A 212 -3.80 13.39 -38.61
C VAL A 212 -3.47 12.56 -37.36
N THR A 213 -3.09 13.25 -36.28
CA THR A 213 -2.72 12.58 -35.05
C THR A 213 -3.87 12.71 -34.05
N THR A 214 -4.46 11.56 -33.72
CA THR A 214 -5.44 11.55 -32.65
C THR A 214 -4.80 11.06 -31.36
N TRP A 215 -4.96 11.87 -30.31
CA TRP A 215 -4.72 11.52 -28.92
C TRP A 215 -6.02 10.95 -28.38
N PHE A 216 -5.94 9.75 -27.79
CA PHE A 216 -7.13 9.09 -27.30
C PHE A 216 -6.80 8.12 -26.16
N GLU A 217 -7.84 7.81 -25.35
CA GLU A 217 -7.79 6.78 -24.33
C GLU A 217 -8.59 5.58 -24.82
N ALA A 218 -8.16 4.38 -24.42
CA ALA A 218 -8.80 3.12 -24.71
C ALA A 218 -7.93 2.01 -24.13
N ASP A 219 -8.54 1.01 -23.48
CA ASP A 219 -7.78 -0.10 -22.93
C ASP A 219 -7.50 -1.12 -24.03
N LEU A 220 -6.28 -1.09 -24.58
CA LEU A 220 -5.91 -2.03 -25.63
C LEU A 220 -4.88 -3.03 -25.13
N SER A 221 -4.76 -3.19 -23.80
CA SER A 221 -3.76 -4.07 -23.20
C SER A 221 -3.91 -5.51 -23.68
N ARG A 222 -5.14 -5.95 -23.92
CA ARG A 222 -5.36 -7.28 -24.45
C ARG A 222 -4.59 -7.47 -25.76
N TYR A 223 -4.32 -6.36 -26.48
CA TYR A 223 -3.68 -6.39 -27.79
C TYR A 223 -2.20 -6.02 -27.74
N SER A 224 -1.67 -5.50 -26.62
CA SER A 224 -0.35 -4.88 -26.63
C SER A 224 0.58 -5.41 -25.52
N ALA A 225 0.05 -5.67 -24.33
CA ALA A 225 0.83 -6.14 -23.18
C ALA A 225 1.73 -7.32 -23.51
N HIS A 226 1.26 -8.22 -24.37
CA HIS A 226 2.05 -9.41 -24.64
C HIS A 226 3.18 -9.13 -25.64
N ARG A 227 3.18 -7.95 -26.28
CA ARG A 227 4.21 -7.56 -27.24
C ARG A 227 4.51 -6.08 -27.04
N PRO A 228 5.05 -5.69 -25.88
CA PRO A 228 5.11 -4.26 -25.55
C PRO A 228 5.95 -3.54 -26.60
N ALA A 229 5.45 -2.39 -27.07
CA ALA A 229 6.10 -1.60 -28.09
C ALA A 229 5.77 -0.11 -27.94
N LEU A 230 6.65 0.75 -28.46
CA LEU A 230 6.30 2.15 -28.63
C LEU A 230 5.41 2.28 -29.87
N LEU A 231 5.79 1.61 -30.98
CA LEU A 231 5.12 1.80 -32.26
C LEU A 231 4.49 0.48 -32.71
N TYR A 232 3.18 0.51 -32.87
CA TYR A 232 2.46 -0.56 -33.56
C TYR A 232 1.98 0.00 -34.89
N MET A 233 2.43 -0.62 -35.99
CA MET A 233 2.13 -0.15 -37.33
C MET A 233 1.24 -1.16 -38.05
N GLY A 234 0.03 -0.68 -38.36
CA GLY A 234 -1.02 -1.51 -38.90
C GLY A 234 -1.41 -1.11 -40.32
N ALA A 235 -2.11 -2.06 -40.94
CA ALA A 235 -2.62 -1.98 -42.30
C ALA A 235 -3.92 -2.74 -42.28
N VAL A 236 -5.03 -2.02 -42.43
CA VAL A 236 -6.37 -2.62 -42.50
C VAL A 236 -6.57 -3.27 -43.86
N PRO A 237 -6.73 -4.62 -43.90
CA PRO A 237 -6.99 -5.34 -45.15
C PRO A 237 -8.04 -4.60 -45.98
N GLY A 238 -7.71 -4.38 -47.25
CA GLY A 238 -8.57 -3.64 -48.16
C GLY A 238 -8.11 -2.19 -48.38
N SER A 239 -6.94 -1.82 -47.87
CA SER A 239 -6.41 -0.47 -47.99
C SER A 239 -5.16 -0.45 -48.86
N PRO A 240 -4.84 0.69 -49.52
CA PRO A 240 -3.59 0.79 -50.25
C PRO A 240 -2.45 0.80 -49.22
N PRO A 241 -1.22 0.40 -49.61
CA PRO A 241 -0.07 0.38 -48.69
C PRO A 241 0.23 1.71 -48.00
N ALA A 242 -0.09 2.83 -48.67
CA ALA A 242 0.25 4.15 -48.15
C ALA A 242 -0.71 4.55 -47.02
N ASP A 243 -1.77 3.76 -46.82
CA ASP A 243 -2.79 4.10 -45.83
C ASP A 243 -2.49 3.41 -44.49
N GLY A 244 -1.22 3.44 -44.09
CA GLY A 244 -0.81 2.87 -42.83
C GLY A 244 -1.49 3.56 -41.63
N ARG A 245 -1.68 2.80 -40.57
CA ARG A 245 -2.20 3.30 -39.31
C ARG A 245 -1.11 3.07 -38.27
N VAL A 246 -0.79 4.11 -37.50
CA VAL A 246 0.27 3.98 -36.52
C VAL A 246 -0.31 4.26 -35.14
N PHE A 247 -0.17 3.28 -34.22
CA PHE A 247 -0.45 3.45 -32.81
C PHE A 247 0.86 3.72 -32.08
N VAL A 248 0.89 4.77 -31.25
CA VAL A 248 2.03 5.11 -30.42
C VAL A 248 1.60 4.95 -28.97
N SER A 249 2.33 4.13 -28.21
CA SER A 249 2.01 3.97 -26.81
C SER A 249 2.46 5.21 -26.03
N LEU A 250 1.54 5.86 -25.32
CA LEU A 250 1.90 6.98 -24.46
C LEU A 250 1.83 6.57 -22.99
N ARG A 251 0.78 5.86 -22.58
CA ARG A 251 0.71 5.37 -21.22
C ARG A 251 0.25 3.92 -21.32
N PRO A 252 1.18 2.95 -21.19
CA PRO A 252 0.83 1.53 -21.36
C PRO A 252 -0.30 1.24 -20.39
N TRP A 253 -1.45 0.73 -20.87
CA TRP A 253 -1.79 0.52 -22.27
C TRP A 253 -3.13 1.19 -22.57
N THR A 254 -3.32 2.39 -22.00
CA THR A 254 -4.62 3.03 -22.00
C THR A 254 -4.55 4.35 -22.73
N GLU A 255 -3.35 4.89 -22.94
CA GLU A 255 -3.27 6.19 -23.60
C GLU A 255 -2.39 6.07 -24.85
N TRP A 256 -2.89 6.56 -26.01
CA TRP A 256 -2.31 6.33 -27.32
C TRP A 256 -2.42 7.58 -28.16
N LEU A 257 -1.57 7.66 -29.21
CA LEU A 257 -1.78 8.43 -30.41
C LEU A 257 -2.15 7.43 -31.52
N HIS A 258 -2.85 7.92 -32.54
CA HIS A 258 -3.20 7.18 -33.75
C HIS A 258 -2.95 8.11 -34.92
N LEU A 259 -2.11 7.67 -35.86
CA LEU A 259 -1.73 8.47 -37.03
C LEU A 259 -2.21 7.78 -38.29
N THR A 260 -2.89 8.57 -39.13
CA THR A 260 -3.27 8.24 -40.48
C THR A 260 -2.59 9.28 -41.35
N PHE A 261 -2.44 8.94 -42.63
CA PHE A 261 -1.78 9.76 -43.64
C PHE A 261 -2.72 9.93 -44.83
N PRO A 262 -3.69 10.87 -44.75
CA PRO A 262 -4.72 10.99 -45.77
C PRO A 262 -4.10 11.45 -47.08
N PRO A 263 -4.62 10.98 -48.24
CA PRO A 263 -4.04 11.36 -49.53
C PRO A 263 -4.27 12.85 -49.77
N PRO A 264 -3.51 13.51 -50.68
CA PRO A 264 -3.67 14.95 -50.90
C PRO A 264 -5.11 15.33 -51.28
N THR A 265 -5.76 14.43 -52.04
CA THR A 265 -7.14 14.52 -52.48
C THR A 265 -8.10 14.07 -51.38
N ALA A 266 -8.14 14.78 -50.23
CA ALA A 266 -8.94 14.33 -49.11
C ALA A 266 -9.23 15.47 -48.14
N ASP A 267 -10.39 15.41 -47.48
CA ASP A 267 -10.88 16.47 -46.59
C ASP A 267 -10.74 16.03 -45.15
N VAL A 268 -9.87 16.73 -44.40
CA VAL A 268 -9.64 16.39 -43.01
C VAL A 268 -10.48 17.32 -42.12
N ASP A 269 -11.44 16.74 -41.39
CA ASP A 269 -12.24 17.48 -40.42
C ASP A 269 -11.82 17.04 -39.02
N VAL A 270 -10.80 17.73 -38.49
CA VAL A 270 -10.31 17.62 -37.12
C VAL A 270 -11.47 17.43 -36.16
N GLU A 271 -12.60 18.11 -36.40
CA GLU A 271 -13.64 18.25 -35.39
C GLU A 271 -14.70 17.15 -35.50
N ASP A 272 -14.70 16.44 -36.63
CA ASP A 272 -15.61 15.31 -36.81
C ASP A 272 -15.15 14.11 -35.96
N HIS A 273 -15.26 14.24 -34.63
CA HIS A 273 -14.81 13.23 -33.67
C HIS A 273 -15.45 11.86 -33.93
N GLU A 274 -16.58 11.85 -34.63
CA GLU A 274 -17.34 10.64 -34.91
C GLU A 274 -16.61 9.83 -35.97
N ALA A 275 -16.14 10.51 -37.03
CA ALA A 275 -15.51 9.83 -38.17
C ALA A 275 -14.13 9.34 -37.77
N VAL A 276 -13.48 10.10 -36.87
CA VAL A 276 -12.15 9.84 -36.38
C VAL A 276 -12.17 8.58 -35.52
N ARG A 277 -13.21 8.46 -34.68
CA ARG A 277 -13.43 7.35 -33.75
C ARG A 277 -13.75 6.06 -34.51
N ALA A 278 -14.38 6.18 -35.68
CA ALA A 278 -14.79 4.98 -36.39
C ALA A 278 -13.58 4.45 -37.14
N GLY A 279 -12.72 5.38 -37.58
CA GLY A 279 -11.41 5.11 -38.19
C GLY A 279 -10.46 4.41 -37.21
N ILE A 280 -10.51 4.82 -35.94
CA ILE A 280 -9.70 4.20 -34.91
C ILE A 280 -10.23 2.81 -34.57
N ARG A 281 -11.56 2.63 -34.54
CA ARG A 281 -12.18 1.33 -34.32
C ARG A 281 -11.80 0.36 -35.46
N GLU A 282 -11.73 0.88 -36.69
CA GLU A 282 -11.39 0.07 -37.85
C GLU A 282 -9.92 -0.37 -37.78
N SER A 283 -9.04 0.52 -37.30
CA SER A 283 -7.61 0.23 -37.14
C SER A 283 -7.41 -0.82 -36.06
N ILE A 284 -8.20 -0.70 -34.98
CA ILE A 284 -8.14 -1.63 -33.87
C ILE A 284 -8.69 -2.99 -34.30
N GLY A 285 -9.77 -2.96 -35.09
CA GLY A 285 -10.38 -4.15 -35.64
C GLY A 285 -11.26 -4.85 -34.60
N ASP A 286 -11.90 -4.04 -33.75
CA ASP A 286 -12.77 -4.51 -32.67
C ASP A 286 -13.78 -3.41 -32.37
N PRO A 287 -15.07 -3.55 -32.78
CA PRO A 287 -16.07 -2.49 -32.64
C PRO A 287 -16.60 -2.22 -31.23
N THR A 288 -16.26 -3.08 -30.26
CA THR A 288 -16.75 -3.00 -28.89
C THR A 288 -15.82 -2.18 -28.00
N VAL A 289 -14.78 -1.56 -28.59
CA VAL A 289 -13.79 -0.85 -27.79
C VAL A 289 -14.20 0.60 -27.64
N ASP A 290 -14.27 1.08 -26.39
CA ASP A 290 -14.59 2.45 -26.08
C ASP A 290 -13.35 3.32 -26.30
N VAL A 291 -13.46 4.27 -27.24
CA VAL A 291 -12.39 5.19 -27.60
C VAL A 291 -12.80 6.62 -27.22
N THR A 292 -12.05 7.23 -26.31
CA THR A 292 -12.28 8.61 -25.93
C THR A 292 -11.28 9.50 -26.65
N ILE A 293 -11.75 10.36 -27.57
CA ILE A 293 -10.89 11.32 -28.25
C ILE A 293 -10.54 12.46 -27.30
N LYS A 294 -9.25 12.81 -27.23
CA LYS A 294 -8.74 13.85 -26.34
C LYS A 294 -8.31 15.07 -27.15
N ASN A 295 -7.90 14.82 -28.40
CA ASN A 295 -7.49 15.85 -29.34
C ASN A 295 -7.33 15.20 -30.71
N VAL A 296 -7.49 15.98 -31.78
CA VAL A 296 -7.22 15.56 -33.13
C VAL A 296 -6.44 16.72 -33.75
N SER A 297 -5.30 16.46 -34.42
CA SER A 297 -4.50 17.48 -35.06
C SER A 297 -4.14 17.03 -36.47
N ALA A 298 -4.28 17.96 -37.42
CA ALA A 298 -3.74 17.77 -38.74
C ALA A 298 -2.46 18.60 -38.84
N TRP A 299 -1.47 18.08 -39.55
CA TRP A 299 -0.20 18.77 -39.70
C TRP A 299 0.51 18.21 -40.93
N GLU A 300 1.55 18.93 -41.35
CA GLU A 300 2.23 18.67 -42.61
C GLU A 300 3.63 18.16 -42.29
N VAL A 301 3.97 16.98 -42.81
CA VAL A 301 5.32 16.49 -42.70
C VAL A 301 6.24 17.31 -43.61
N ASN A 302 7.31 17.87 -43.04
CA ASN A 302 8.34 18.50 -43.85
C ASN A 302 9.63 17.68 -43.79
N SER A 303 10.59 18.03 -44.64
CA SER A 303 11.91 17.45 -44.61
C SER A 303 12.93 18.49 -45.09
N ALA A 304 13.40 19.31 -44.15
CA ALA A 304 14.28 20.44 -44.50
C ALA A 304 15.27 20.75 -43.38
N VAL A 305 16.39 21.37 -43.80
CA VAL A 305 17.43 21.78 -42.89
C VAL A 305 17.95 23.14 -43.35
N ALA A 306 18.15 24.07 -42.41
CA ALA A 306 18.80 25.35 -42.67
C ALA A 306 20.24 25.10 -43.07
N PRO A 307 20.74 25.80 -44.11
CA PRO A 307 22.12 25.67 -44.56
C PRO A 307 23.09 26.47 -43.68
N ARG A 308 22.51 27.44 -42.95
CA ARG A 308 23.20 28.21 -41.94
C ARG A 308 22.32 28.24 -40.69
N TYR A 309 22.90 27.99 -39.50
CA TYR A 309 22.19 27.96 -38.23
C TYR A 309 22.20 29.31 -37.51
N ALA A 310 23.01 30.26 -38.00
CA ALA A 310 23.37 31.44 -37.23
C ALA A 310 23.70 32.58 -38.17
N SER A 311 23.47 33.82 -37.72
CA SER A 311 23.97 34.99 -38.42
C SER A 311 24.31 36.07 -37.39
N GLY A 312 25.62 36.39 -37.29
CA GLY A 312 26.10 37.38 -36.34
C GLY A 312 25.89 36.95 -34.88
N ARG A 313 24.85 37.53 -34.26
CA ARG A 313 24.59 37.38 -32.83
C ARG A 313 23.26 36.67 -32.63
N VAL A 314 22.73 36.11 -33.72
CA VAL A 314 21.52 35.31 -33.68
C VAL A 314 21.83 33.85 -34.04
N PHE A 315 21.38 32.92 -33.17
CA PHE A 315 21.56 31.48 -33.35
C PHE A 315 20.20 30.80 -33.30
N CYS A 316 19.94 29.89 -34.25
CA CYS A 316 18.65 29.20 -34.29
C CYS A 316 18.79 27.72 -33.96
N VAL A 317 17.85 27.18 -33.17
CA VAL A 317 17.97 25.84 -32.64
C VAL A 317 16.68 25.05 -32.88
N GLY A 318 16.81 23.72 -32.95
CA GLY A 318 15.61 22.88 -32.87
C GLY A 318 14.86 22.91 -34.18
N ASP A 319 13.52 22.92 -34.09
CA ASP A 319 12.69 22.87 -35.28
C ASP A 319 12.94 24.05 -36.21
N ALA A 320 13.38 25.20 -35.68
CA ALA A 320 13.68 26.35 -36.51
C ALA A 320 14.62 25.98 -37.67
N VAL A 321 15.58 25.07 -37.41
CA VAL A 321 16.66 24.82 -38.35
C VAL A 321 16.65 23.38 -38.90
N HIS A 322 15.83 22.48 -38.34
CA HIS A 322 15.62 21.14 -38.92
C HIS A 322 14.18 20.65 -38.71
N GLN A 323 13.58 20.14 -39.77
CA GLN A 323 12.26 19.51 -39.71
C GLN A 323 12.31 18.21 -40.49
N ASN A 324 11.55 17.22 -40.04
CA ASN A 324 11.58 15.91 -40.67
C ASN A 324 10.40 15.11 -40.17
N PRO A 325 10.04 13.97 -40.84
CA PRO A 325 8.96 13.11 -40.37
C PRO A 325 9.40 12.59 -39.01
N PRO A 326 8.46 12.24 -38.12
CA PRO A 326 8.80 11.75 -36.78
C PRO A 326 9.59 10.43 -36.66
N THR A 327 9.90 9.79 -37.80
CA THR A 327 10.62 8.52 -37.80
C THR A 327 11.98 8.71 -37.15
N ASN A 328 12.39 7.74 -36.33
CA ASN A 328 13.62 7.79 -35.51
C ASN A 328 13.52 8.65 -34.25
N GLY A 329 12.55 9.57 -34.15
CA GLY A 329 12.45 10.42 -32.98
C GLY A 329 13.72 11.26 -32.73
N LEU A 330 14.23 11.90 -33.77
CA LEU A 330 15.51 12.58 -33.66
C LEU A 330 15.31 14.07 -33.41
N GLY A 331 14.11 14.58 -33.72
CA GLY A 331 13.75 15.99 -33.67
C GLY A 331 13.91 16.60 -32.29
N LEU A 332 13.14 16.12 -31.30
CA LEU A 332 13.22 16.65 -29.95
C LEU A 332 14.62 16.47 -29.36
N ASN A 333 15.20 15.25 -29.51
CA ASN A 333 16.52 14.97 -28.98
C ASN A 333 17.54 15.95 -29.54
N SER A 334 17.54 16.13 -30.85
CA SER A 334 18.47 17.01 -31.55
C SER A 334 18.33 18.45 -31.08
N ALA A 335 17.10 18.91 -30.88
CA ALA A 335 16.82 20.25 -30.36
C ALA A 335 17.46 20.45 -28.98
N VAL A 336 17.25 19.48 -28.09
CA VAL A 336 17.86 19.48 -26.78
C VAL A 336 19.37 19.61 -26.96
N ALA A 337 19.96 18.79 -27.84
CA ALA A 337 21.42 18.81 -27.98
C ALA A 337 21.90 20.09 -28.67
N ASP A 338 21.05 20.68 -29.52
CA ASP A 338 21.35 21.94 -30.20
C ASP A 338 21.59 23.01 -29.14
N SER A 339 20.62 23.13 -28.21
CA SER A 339 20.64 24.14 -27.16
C SER A 339 21.77 23.87 -26.19
N PHE A 340 22.10 22.58 -25.98
CA PHE A 340 23.13 22.22 -25.03
C PHE A 340 24.51 22.48 -25.63
N ASN A 341 24.61 22.49 -26.95
CA ASN A 341 25.85 22.83 -27.64
C ASN A 341 26.12 24.33 -27.52
N LEU A 342 25.07 25.15 -27.60
CA LEU A 342 25.19 26.60 -27.75
C LEU A 342 25.46 27.30 -26.42
N CYS A 343 24.72 26.94 -25.36
CA CYS A 343 24.61 27.77 -24.17
C CYS A 343 25.93 27.99 -23.42
N TRP A 344 26.73 26.93 -23.23
CA TRP A 344 28.02 27.06 -22.59
C TRP A 344 28.93 28.03 -23.37
N LYS A 345 28.76 28.01 -24.70
CA LYS A 345 29.50 28.89 -25.58
C LYS A 345 29.09 30.34 -25.35
N LEU A 346 27.79 30.60 -25.23
CA LEU A 346 27.32 31.94 -24.91
C LEU A 346 27.91 32.42 -23.58
N LYS A 347 27.85 31.58 -22.55
CA LYS A 347 28.31 31.95 -21.22
C LYS A 347 29.73 32.47 -21.26
N LEU A 348 30.61 31.80 -22.04
CA LEU A 348 32.00 32.20 -22.12
C LEU A 348 32.17 33.51 -22.88
N ALA A 349 31.38 33.70 -23.94
CA ALA A 349 31.44 34.92 -24.74
C ALA A 349 31.06 36.14 -23.89
N LEU A 350 29.98 36.01 -23.12
CA LEU A 350 29.49 37.10 -22.29
C LEU A 350 30.48 37.50 -21.21
N GLU A 351 31.36 36.57 -20.83
CA GLU A 351 32.33 36.79 -19.78
C GLU A 351 33.61 37.32 -20.40
N GLY A 352 33.60 37.52 -21.72
CA GLY A 352 34.76 37.99 -22.46
C GLY A 352 35.86 36.94 -22.56
N LEU A 353 35.56 35.72 -22.10
CA LEU A 353 36.55 34.66 -22.09
C LEU A 353 36.60 33.91 -23.43
N ALA A 354 35.74 34.29 -24.40
CA ALA A 354 35.73 33.62 -25.70
C ALA A 354 35.35 34.60 -26.80
N GLY A 355 35.97 34.37 -27.98
CA GLY A 355 35.79 35.18 -29.18
C GLY A 355 34.47 34.85 -29.86
N PRO A 356 34.05 35.57 -30.93
CA PRO A 356 32.84 35.20 -31.65
C PRO A 356 33.13 33.93 -32.46
N GLY A 357 34.43 33.65 -32.65
CA GLY A 357 34.90 32.42 -33.28
C GLY A 357 34.38 31.16 -32.58
N LEU A 358 34.18 31.21 -31.25
CA LEU A 358 33.63 30.06 -30.54
C LEU A 358 32.17 29.90 -30.93
N LEU A 359 31.41 31.01 -30.95
CA LEU A 359 29.99 30.98 -31.30
C LEU A 359 29.78 30.45 -32.72
N ASP A 360 30.71 30.76 -33.64
CA ASP A 360 30.61 30.23 -34.99
C ASP A 360 30.64 28.70 -34.96
N THR A 361 31.17 28.09 -33.88
CA THR A 361 31.31 26.64 -33.88
C THR A 361 29.99 25.93 -33.58
N TYR A 362 28.95 26.68 -33.15
CA TYR A 362 27.61 26.14 -33.00
C TYR A 362 27.10 25.63 -34.36
N HIS A 363 27.11 26.52 -35.37
CA HIS A 363 26.80 26.13 -36.73
C HIS A 363 27.68 24.96 -37.16
N ASP A 364 28.99 25.13 -37.09
CA ASP A 364 29.93 24.14 -37.60
C ASP A 364 29.62 22.74 -37.12
N GLU A 365 29.21 22.61 -35.86
CA GLU A 365 29.15 21.32 -35.20
C GLU A 365 27.73 20.75 -35.32
N ARG A 366 26.74 21.63 -35.24
CA ARG A 366 25.37 21.15 -35.17
C ARG A 366 24.71 21.08 -36.54
N GLN A 367 25.19 21.86 -37.52
CA GLN A 367 24.57 21.90 -38.84
C GLN A 367 24.72 20.56 -39.54
N PRO A 368 25.92 19.91 -39.54
CA PRO A 368 26.05 18.55 -40.04
C PRO A 368 25.12 17.56 -39.36
N VAL A 369 24.80 17.79 -38.07
CA VAL A 369 23.97 16.84 -37.34
C VAL A 369 22.53 16.95 -37.78
N GLY A 370 22.10 18.16 -38.15
CA GLY A 370 20.78 18.39 -38.71
C GLY A 370 20.63 17.74 -40.10
N ARG A 371 21.68 17.83 -40.94
CA ARG A 371 21.66 17.17 -42.23
C ARG A 371 21.50 15.67 -42.03
N GLN A 372 22.23 15.11 -41.06
CA GLN A 372 22.22 13.68 -40.79
C GLN A 372 20.83 13.24 -40.32
N ILE A 373 20.24 13.93 -39.34
CA ILE A 373 18.99 13.46 -38.78
C ILE A 373 17.88 13.58 -39.83
N VAL A 374 17.93 14.61 -40.69
CA VAL A 374 16.87 14.82 -41.67
C VAL A 374 16.88 13.69 -42.72
N ASP A 375 18.08 13.41 -43.23
CA ASP A 375 18.38 12.31 -44.11
C ASP A 375 17.97 10.94 -43.50
N ARG A 376 18.33 10.69 -42.24
CA ARG A 376 18.02 9.42 -41.59
C ARG A 376 16.50 9.24 -41.43
N ALA A 377 15.83 10.32 -40.99
CA ALA A 377 14.39 10.30 -40.74
C ALA A 377 13.63 10.03 -42.04
N PHE A 378 14.07 10.70 -43.12
CA PHE A 378 13.49 10.54 -44.44
C PHE A 378 13.54 9.08 -44.90
N ARG A 379 14.75 8.53 -44.91
CA ARG A 379 14.99 7.16 -45.33
C ARG A 379 14.13 6.17 -44.52
N SER A 380 13.88 6.47 -43.25
CA SER A 380 13.18 5.55 -42.37
C SER A 380 11.70 5.60 -42.70
N MET A 381 11.28 6.78 -43.15
CA MET A 381 9.89 6.98 -43.51
C MET A 381 9.61 6.10 -44.73
N VAL A 382 10.51 6.19 -45.72
CA VAL A 382 10.41 5.52 -47.00
C VAL A 382 10.42 4.01 -46.77
N ASP A 383 11.19 3.59 -45.76
CA ASP A 383 11.36 2.20 -45.39
C ASP A 383 10.02 1.60 -44.96
N LEU A 384 9.14 2.41 -44.37
CA LEU A 384 7.92 1.87 -43.79
C LEU A 384 7.04 1.21 -44.85
N ILE A 385 7.03 1.74 -46.08
CA ILE A 385 6.08 1.29 -47.09
C ILE A 385 6.54 -0.07 -47.60
N GLY A 386 7.83 -0.36 -47.43
CA GLY A 386 8.40 -1.62 -47.88
C GLY A 386 7.74 -2.85 -47.26
N ILE A 387 7.09 -2.69 -46.10
CA ILE A 387 6.50 -3.83 -45.41
C ILE A 387 5.23 -4.28 -46.13
N PRO A 388 4.17 -3.44 -46.25
CA PRO A 388 2.98 -3.82 -47.03
C PRO A 388 3.26 -4.15 -48.51
N GLN A 389 4.23 -3.49 -49.11
CA GLN A 389 4.70 -3.86 -50.44
C GLN A 389 5.20 -5.31 -50.43
N ALA A 390 5.97 -5.68 -49.42
CA ALA A 390 6.52 -7.02 -49.34
C ALA A 390 5.44 -8.08 -49.25
N LEU A 391 4.30 -7.73 -48.63
CA LEU A 391 3.17 -8.63 -48.44
C LEU A 391 2.40 -8.85 -49.75
N GLY A 392 2.59 -7.95 -50.74
CA GLY A 392 1.87 -7.99 -52.00
C GLY A 392 0.71 -7.00 -52.07
N PHE A 393 0.61 -6.12 -51.07
CA PHE A 393 -0.50 -5.20 -50.96
C PHE A 393 -0.33 -4.08 -51.98
N THR A 394 -1.45 -3.71 -52.64
CA THR A 394 -1.50 -2.66 -53.66
C THR A 394 -2.84 -1.92 -53.52
N GLU A 395 -3.02 -0.86 -54.32
CA GLU A 395 -4.33 -0.23 -54.45
C GLU A 395 -5.26 -1.14 -55.25
N GLY A 396 -6.58 -0.88 -55.13
CA GLY A 396 -7.62 -1.65 -55.80
C GLY A 396 -7.59 -3.12 -55.43
N GLN A 397 -7.67 -3.39 -54.12
CA GLN A 397 -7.74 -4.75 -53.60
C GLN A 397 -8.85 -4.81 -52.56
N SER A 398 -9.63 -5.88 -52.59
CA SER A 398 -10.70 -5.96 -51.60
C SER A 398 -10.07 -6.32 -50.25
N PRO A 399 -10.79 -6.10 -49.12
CA PRO A 399 -10.41 -6.72 -47.86
C PRO A 399 -10.08 -8.21 -48.00
N GLU A 400 -10.91 -8.93 -48.79
CA GLU A 400 -10.76 -10.36 -48.95
C GLU A 400 -9.42 -10.72 -49.58
N GLU A 401 -8.97 -9.96 -50.59
CA GLU A 401 -7.72 -10.31 -51.26
C GLU A 401 -6.54 -10.12 -50.31
N GLN A 402 -6.67 -9.14 -49.42
CA GLN A 402 -5.56 -8.77 -48.55
C GLN A 402 -5.49 -9.75 -47.39
N TRP A 403 -6.65 -10.17 -46.88
CA TRP A 403 -6.65 -11.23 -45.89
C TRP A 403 -6.01 -12.49 -46.49
N ARG A 404 -6.27 -12.75 -47.79
CA ARG A 404 -5.77 -13.97 -48.41
C ARG A 404 -4.26 -13.90 -48.52
N LEU A 405 -3.75 -12.71 -48.80
CA LEU A 405 -2.31 -12.55 -48.90
C LEU A 405 -1.64 -12.77 -47.54
N LEU A 406 -2.24 -12.26 -46.45
CA LEU A 406 -1.75 -12.53 -45.10
C LEU A 406 -1.78 -14.02 -44.80
N ASP A 407 -2.94 -14.66 -45.07
CA ASP A 407 -3.19 -16.08 -44.88
C ASP A 407 -2.12 -16.91 -45.61
N THR A 408 -1.79 -16.53 -46.85
CA THR A 408 -0.97 -17.36 -47.71
C THR A 408 0.52 -17.05 -47.55
N LEU A 409 0.87 -16.14 -46.63
CA LEU A 409 2.25 -15.76 -46.37
C LEU A 409 3.05 -16.97 -45.88
N HIS A 410 2.36 -17.88 -45.17
CA HIS A 410 2.97 -19.01 -44.48
C HIS A 410 2.81 -20.30 -45.28
N GLU A 411 2.48 -20.18 -46.57
CA GLU A 411 2.24 -21.38 -47.37
C GLU A 411 3.55 -21.95 -47.90
N ASP A 412 3.43 -23.18 -48.41
CA ASP A 412 4.53 -23.95 -48.92
C ASP A 412 4.55 -23.83 -50.44
N THR A 413 4.76 -22.59 -50.92
CA THR A 413 4.82 -22.28 -52.35
C THR A 413 5.97 -21.30 -52.59
N GLU A 414 6.31 -21.10 -53.87
CA GLU A 414 7.43 -20.27 -54.29
C GLU A 414 7.05 -18.82 -54.02
N GLU A 415 5.80 -18.49 -54.34
CA GLU A 415 5.27 -17.15 -54.14
C GLU A 415 5.36 -16.79 -52.65
N ALA A 416 5.03 -17.74 -51.77
CA ALA A 416 5.02 -17.47 -50.34
C ALA A 416 6.44 -17.28 -49.85
N ARG A 417 7.35 -18.11 -50.37
CA ARG A 417 8.74 -18.10 -49.96
C ARG A 417 9.35 -16.77 -50.35
N GLN A 418 9.00 -16.26 -51.51
CA GLN A 418 9.57 -14.98 -51.89
C GLN A 418 8.97 -13.85 -51.05
N ARG A 419 7.68 -13.97 -50.72
CA ARG A 419 7.04 -12.95 -49.89
C ARG A 419 7.69 -12.94 -48.50
N ARG A 420 7.98 -14.13 -47.96
CA ARG A 420 8.64 -14.20 -46.66
C ARG A 420 10.03 -13.56 -46.75
N ALA A 421 10.74 -13.78 -47.86
CA ALA A 421 12.10 -13.29 -47.98
C ALA A 421 12.08 -11.78 -48.12
N ALA A 422 11.06 -11.26 -48.83
CA ALA A 422 10.99 -9.83 -49.08
C ALA A 422 10.61 -9.09 -47.79
N LEU A 423 9.79 -9.75 -46.94
CA LEU A 423 9.31 -9.22 -45.67
C LEU A 423 10.51 -9.14 -44.72
N ALA A 424 11.25 -10.25 -44.63
CA ALA A 424 12.50 -10.29 -43.89
C ALA A 424 13.35 -9.08 -44.24
N ALA A 425 13.63 -8.86 -45.52
CA ALA A 425 14.52 -7.77 -45.93
C ALA A 425 13.88 -6.43 -45.55
N ALA A 426 12.57 -6.30 -45.75
CA ALA A 426 11.93 -5.04 -45.42
C ALA A 426 11.94 -4.80 -43.89
N THR A 427 11.74 -5.87 -43.12
CA THR A 427 11.76 -5.80 -41.67
C THR A 427 13.13 -5.33 -41.18
N ALA A 428 14.19 -5.92 -41.74
CA ALA A 428 15.58 -5.69 -41.38
C ALA A 428 15.96 -4.21 -41.56
N ALA A 429 15.36 -3.52 -42.54
CA ALA A 429 15.67 -2.10 -42.76
C ALA A 429 15.14 -1.22 -41.64
N ILE A 430 14.17 -1.72 -40.83
CA ILE A 430 13.48 -0.93 -39.80
C ILE A 430 14.39 -0.73 -38.58
N HIS A 431 15.42 -1.58 -38.45
CA HIS A 431 16.49 -1.33 -37.49
C HIS A 431 17.07 0.08 -37.61
N GLY A 432 17.07 0.63 -38.84
CA GLY A 432 17.62 1.95 -39.06
C GLY A 432 16.80 3.05 -38.42
N GLN A 433 15.67 2.67 -37.78
CA GLN A 433 14.85 3.63 -37.04
C GLN A 433 14.64 3.18 -35.59
N ALA A 434 14.70 1.87 -35.34
CA ALA A 434 14.39 1.35 -34.01
C ALA A 434 15.65 1.12 -33.17
N ASN A 435 16.80 0.95 -33.82
CA ASN A 435 18.07 0.62 -33.17
C ASN A 435 19.20 1.41 -33.84
N ALA A 436 18.93 2.68 -34.15
CA ALA A 436 19.92 3.42 -34.92
C ALA A 436 20.86 4.10 -33.93
N HIS A 437 21.64 3.27 -33.23
CA HIS A 437 22.44 3.67 -32.09
C HIS A 437 23.55 4.62 -32.52
N GLY A 438 24.08 4.39 -33.73
CA GLY A 438 25.17 5.19 -34.26
C GLY A 438 24.75 6.64 -34.51
N VAL A 439 23.49 6.82 -34.93
CA VAL A 439 22.92 8.13 -35.24
C VAL A 439 22.62 8.86 -33.94
N GLU A 440 22.10 8.11 -32.95
CA GLU A 440 21.59 8.68 -31.71
C GLU A 440 22.72 9.20 -30.83
N LEU A 441 23.81 8.43 -30.69
CA LEU A 441 24.84 8.64 -29.68
C LEU A 441 26.20 8.87 -30.33
N GLY A 442 26.33 8.42 -31.59
CA GLY A 442 27.62 8.21 -32.22
C GLY A 442 28.10 9.36 -33.10
N TYR A 443 27.33 10.45 -33.17
CA TYR A 443 27.77 11.57 -33.98
C TYR A 443 29.02 12.19 -33.35
N ARG A 444 29.94 12.66 -34.19
CA ARG A 444 31.19 13.25 -33.77
C ARG A 444 31.37 14.56 -34.53
N TYR A 445 31.71 15.66 -33.82
CA TYR A 445 32.01 16.92 -34.47
C TYR A 445 33.39 16.82 -35.11
N ARG A 446 33.50 17.20 -36.39
CA ARG A 446 34.73 17.00 -37.15
C ARG A 446 35.46 18.33 -37.26
N THR A 447 34.69 19.41 -37.07
CA THR A 447 35.22 20.76 -37.06
C THR A 447 34.47 21.57 -35.99
N GLY A 448 35.17 22.48 -35.30
CA GLY A 448 34.57 23.35 -34.31
C GLY A 448 35.46 23.60 -33.11
N ALA A 449 34.84 23.69 -31.92
CA ALA A 449 35.54 24.01 -30.69
C ALA A 449 36.33 22.80 -30.21
N LEU A 450 37.36 22.42 -30.97
CA LEU A 450 38.09 21.18 -30.73
C LEU A 450 39.40 21.22 -31.52
N VAL A 451 40.42 20.47 -31.07
CA VAL A 451 41.70 20.45 -31.75
C VAL A 451 42.04 19.00 -32.11
N PRO A 452 42.25 18.68 -33.41
CA PRO A 452 42.59 17.31 -33.81
C PRO A 452 43.92 16.91 -33.20
N ASP A 453 44.10 15.61 -32.96
CA ASP A 453 45.34 15.10 -32.44
C ASP A 453 46.19 14.53 -33.57
N GLY A 454 45.67 14.59 -34.80
CA GLY A 454 46.36 13.99 -35.93
C GLY A 454 45.94 12.55 -36.27
N THR A 455 45.52 11.75 -35.27
CA THR A 455 45.10 10.37 -35.51
C THR A 455 43.90 10.30 -36.47
N PRO A 456 43.72 9.18 -37.19
CA PRO A 456 42.54 9.03 -38.05
C PRO A 456 41.30 8.69 -37.21
N GLU A 457 40.15 9.23 -37.61
CA GLU A 457 38.88 8.86 -37.01
C GLU A 457 38.73 7.34 -37.00
N PRO A 458 38.37 6.71 -35.87
CA PRO A 458 38.14 5.27 -35.83
C PRO A 458 36.97 4.89 -36.73
N ALA A 459 37.03 3.67 -37.28
CA ALA A 459 35.98 3.14 -38.12
C ALA A 459 36.16 1.63 -38.20
N ASP A 460 35.12 0.95 -38.66
CA ASP A 460 35.08 -0.50 -38.76
C ASP A 460 34.10 -0.80 -39.88
N GLU A 461 33.81 -2.07 -40.14
CA GLU A 461 33.03 -2.42 -41.32
C GLU A 461 31.52 -2.48 -41.04
N ARG A 462 31.12 -2.34 -39.76
CA ARG A 462 29.72 -2.29 -39.36
C ARG A 462 29.06 -0.98 -39.78
N ASP A 463 27.75 -1.04 -40.07
CA ASP A 463 26.92 0.11 -40.40
C ASP A 463 27.02 1.18 -39.30
N PRO A 464 27.63 2.36 -39.61
CA PRO A 464 27.84 3.41 -38.61
C PRO A 464 26.57 4.13 -38.17
N GLU A 465 25.45 3.87 -38.86
CA GLU A 465 24.16 4.32 -38.39
C GLU A 465 23.63 3.44 -37.25
N LEU A 466 23.86 2.12 -37.31
CA LEU A 466 23.22 1.22 -36.39
C LEU A 466 24.05 1.07 -35.12
N TYR A 467 25.38 1.05 -35.26
CA TYR A 467 26.31 0.61 -34.23
C TYR A 467 27.17 1.76 -33.76
N TYR A 468 27.21 1.93 -32.43
CA TYR A 468 27.94 2.98 -31.76
C TYR A 468 29.32 2.44 -31.41
N ARG A 469 30.35 3.25 -31.69
CA ARG A 469 31.70 2.88 -31.30
C ARG A 469 32.24 3.99 -30.39
N ALA A 470 32.46 3.68 -29.11
CA ALA A 470 32.97 4.65 -28.15
C ALA A 470 34.39 5.07 -28.50
N THR A 471 34.67 6.37 -28.43
CA THR A 471 36.00 6.84 -28.74
C THR A 471 36.21 8.19 -28.06
N THR A 472 37.48 8.56 -27.79
CA THR A 472 37.80 9.87 -27.24
C THR A 472 38.37 10.74 -28.34
N TRP A 473 38.24 10.27 -29.58
CA TRP A 473 38.63 11.06 -30.74
C TRP A 473 38.02 12.45 -30.62
N PRO A 474 38.83 13.54 -30.62
CA PRO A 474 38.28 14.90 -30.46
C PRO A 474 37.06 15.14 -31.32
N GLY A 475 35.95 15.49 -30.67
CA GLY A 475 34.71 15.77 -31.37
C GLY A 475 33.62 14.82 -30.90
N ALA A 476 34.05 13.63 -30.46
CA ALA A 476 33.14 12.56 -30.05
C ALA A 476 32.59 12.86 -28.66
N ARG A 477 31.41 12.31 -28.37
CA ARG A 477 30.88 12.37 -27.03
C ARG A 477 31.77 11.49 -26.16
N LEU A 478 32.28 12.03 -25.02
CA LEU A 478 33.14 11.32 -24.06
C LEU A 478 32.56 9.94 -23.77
N PRO A 479 33.34 8.83 -23.88
CA PRO A 479 32.81 7.50 -23.53
C PRO A 479 32.33 7.39 -22.07
N HIS A 480 31.22 6.67 -21.89
CA HIS A 480 30.70 6.31 -20.57
C HIS A 480 31.51 5.16 -19.99
N ALA A 481 31.89 5.29 -18.71
CA ALA A 481 32.48 4.21 -17.94
C ALA A 481 32.00 4.33 -16.50
N TRP A 482 31.76 3.21 -15.81
CA TRP A 482 31.36 3.32 -14.42
C TRP A 482 32.61 3.49 -13.56
N LEU A 483 32.65 4.62 -12.84
CA LEU A 483 33.67 4.91 -11.88
C LEU A 483 33.09 4.74 -10.48
N GLU A 484 33.98 4.68 -9.49
CA GLU A 484 33.57 4.69 -8.09
C GLU A 484 34.35 5.77 -7.35
N ASN A 485 33.61 6.64 -6.68
CA ASN A 485 34.21 7.69 -5.85
C ASN A 485 33.76 7.42 -4.43
N GLY A 486 34.65 6.77 -3.65
CA GLY A 486 34.28 6.12 -2.40
C GLY A 486 33.38 4.94 -2.68
N ARG A 487 32.10 5.06 -2.30
CA ARG A 487 31.11 4.01 -2.43
C ARG A 487 29.94 4.55 -3.24
N HIS A 488 30.21 5.67 -3.92
CA HIS A 488 29.28 6.24 -4.88
C HIS A 488 29.75 5.85 -6.28
N ARG A 489 28.79 5.36 -7.06
CA ARG A 489 28.97 4.96 -8.44
C ARG A 489 28.62 6.17 -9.30
N CYS A 490 29.50 6.52 -10.25
CA CYS A 490 29.20 7.62 -11.14
C CYS A 490 29.83 7.38 -12.51
N SER A 491 29.20 7.93 -13.54
CA SER A 491 29.71 7.88 -14.89
C SER A 491 30.84 8.89 -15.07
N THR A 492 31.70 8.61 -16.07
CA THR A 492 32.65 9.58 -16.61
C THR A 492 31.92 10.89 -16.95
N LEU A 493 30.66 10.79 -17.37
CA LEU A 493 29.85 11.92 -17.82
C LEU A 493 29.33 12.73 -16.64
N ASP A 494 29.23 12.12 -15.44
CA ASP A 494 28.75 12.78 -14.23
C ASP A 494 29.88 13.63 -13.62
N VAL A 495 31.13 13.25 -13.86
CA VAL A 495 32.24 13.94 -13.23
C VAL A 495 32.87 14.91 -14.22
N THR A 496 32.18 15.16 -15.33
CA THR A 496 32.59 16.14 -16.32
C THR A 496 31.33 16.95 -16.65
N GLY A 497 31.40 17.86 -17.61
CA GLY A 497 30.24 18.71 -17.83
C GLY A 497 30.06 19.72 -16.70
N ARG A 498 28.81 20.06 -16.41
CA ARG A 498 28.46 20.98 -15.33
C ARG A 498 29.14 22.34 -15.52
N GLY A 499 29.08 22.85 -16.75
CA GLY A 499 29.52 24.21 -17.06
C GLY A 499 31.02 24.44 -16.99
N ARG A 500 31.82 23.36 -17.02
CA ARG A 500 33.25 23.52 -16.84
C ARG A 500 34.01 22.58 -17.79
N PHE A 501 35.27 22.92 -18.06
CA PHE A 501 36.19 22.07 -18.77
C PHE A 501 36.85 21.11 -17.78
N THR A 502 36.94 19.84 -18.15
CA THR A 502 37.56 18.86 -17.29
C THR A 502 38.63 18.14 -18.09
N LEU A 503 39.81 17.96 -17.48
CA LEU A 503 40.91 17.15 -17.99
C LEU A 503 40.99 15.86 -17.17
N LEU A 504 40.64 14.73 -17.81
CA LEU A 504 40.73 13.39 -17.26
C LEU A 504 42.14 12.85 -17.47
N THR A 505 42.77 12.36 -16.40
CA THR A 505 44.17 11.92 -16.45
C THR A 505 44.28 10.61 -15.66
N GLY A 506 45.49 10.04 -15.57
CA GLY A 506 45.75 8.91 -14.68
C GLY A 506 47.20 8.84 -14.17
N PRO A 507 47.66 7.65 -13.70
CA PRO A 507 49.01 7.48 -13.16
C PRO A 507 50.11 8.06 -14.04
N GLY A 508 50.92 8.96 -13.47
CA GLY A 508 52.02 9.57 -14.19
C GLY A 508 51.60 10.91 -14.78
N GLY A 509 50.34 11.31 -14.49
CA GLY A 509 49.76 12.49 -15.12
C GLY A 509 49.98 13.79 -14.32
N GLU A 510 51.00 13.79 -13.45
CA GLU A 510 51.23 14.91 -12.53
C GLU A 510 51.58 16.18 -13.31
N PRO A 511 52.27 16.12 -14.47
CA PRO A 511 52.50 17.31 -15.30
C PRO A 511 51.27 18.12 -15.75
N TRP A 512 50.11 17.47 -15.83
CA TRP A 512 48.87 18.11 -16.24
C TRP A 512 48.36 19.14 -15.22
N ARG A 513 48.73 19.02 -13.94
CA ARG A 513 48.29 19.93 -12.91
C ARG A 513 48.76 21.35 -13.20
N ASP A 514 50.03 21.51 -13.63
CA ASP A 514 50.66 22.81 -13.76
C ASP A 514 50.33 23.39 -15.13
N ALA A 515 50.14 22.53 -16.14
CA ALA A 515 49.69 22.97 -17.45
C ALA A 515 48.25 23.46 -17.40
N ALA A 516 47.44 22.88 -16.51
CA ALA A 516 46.06 23.34 -16.42
C ALA A 516 46.04 24.69 -15.68
N ARG A 517 46.97 24.85 -14.72
CA ARG A 517 47.13 26.07 -13.95
C ARG A 517 47.60 27.18 -14.89
N ASP A 518 48.50 26.83 -15.82
CA ASP A 518 49.02 27.72 -16.85
C ASP A 518 47.96 28.02 -17.91
N ALA A 519 47.16 27.02 -18.27
CA ALA A 519 46.04 27.20 -19.19
C ALA A 519 45.15 28.34 -18.71
N ALA A 520 44.89 28.37 -17.38
CA ALA A 520 43.94 29.27 -16.72
C ALA A 520 44.51 30.69 -16.56
N LEU A 521 45.82 30.82 -16.39
CA LEU A 521 46.45 32.14 -16.37
C LEU A 521 46.36 32.77 -17.77
N ASP A 522 46.63 31.97 -18.81
CA ASP A 522 46.70 32.44 -20.18
C ASP A 522 45.31 32.73 -20.76
N THR A 523 44.24 32.17 -20.19
CA THR A 523 42.96 32.17 -20.88
C THR A 523 41.85 32.67 -19.96
N GLY A 524 42.02 32.48 -18.66
CA GLY A 524 40.99 32.87 -17.69
C GLY A 524 39.94 31.77 -17.46
N VAL A 525 40.15 30.61 -18.10
CA VAL A 525 39.19 29.52 -18.02
C VAL A 525 39.78 28.38 -17.21
N GLU A 526 39.19 28.12 -16.03
CA GLU A 526 39.60 27.05 -15.14
C GLU A 526 39.48 25.72 -15.88
N VAL A 527 40.54 24.89 -15.84
CA VAL A 527 40.44 23.50 -16.26
C VAL A 527 40.64 22.56 -15.06
N ALA A 528 39.56 21.87 -14.66
CA ALA A 528 39.60 20.95 -13.54
C ALA A 528 40.38 19.69 -13.95
N VAL A 529 41.40 19.34 -13.16
CA VAL A 529 42.17 18.14 -13.44
C VAL A 529 41.64 17.05 -12.54
N LEU A 530 41.16 15.95 -13.14
CA LEU A 530 40.54 14.88 -12.39
C LEU A 530 41.23 13.57 -12.77
N PRO A 531 42.11 13.02 -11.90
CA PRO A 531 42.82 11.78 -12.22
C PRO A 531 41.98 10.55 -11.87
N ILE A 532 42.07 9.52 -12.72
CA ILE A 532 41.26 8.33 -12.53
C ILE A 532 42.19 7.16 -12.29
N GLY A 533 41.92 6.45 -11.18
CA GLY A 533 42.77 5.37 -10.69
C GLY A 533 44.19 5.85 -10.41
N ALA A 534 44.29 6.98 -9.69
CA ALA A 534 45.54 7.65 -9.30
C ALA A 534 45.19 8.90 -8.49
N GLY A 535 46.18 9.43 -7.78
CA GLY A 535 46.09 10.69 -7.06
C GLY A 535 44.95 10.75 -6.04
N GLY A 536 44.35 9.59 -5.72
CA GLY A 536 43.19 9.45 -4.84
C GLY A 536 41.87 9.77 -5.54
N GLY A 537 41.88 9.89 -6.87
CA GLY A 537 40.68 10.20 -7.62
C GLY A 537 39.68 9.04 -7.67
N PRO A 538 38.59 9.17 -8.45
CA PRO A 538 37.66 8.06 -8.67
C PRO A 538 38.35 6.79 -9.16
N ARG A 539 37.86 5.64 -8.69
CA ARG A 539 38.41 4.37 -9.15
C ARG A 539 37.73 3.98 -10.46
N ASP A 540 38.47 3.19 -11.25
CA ASP A 540 38.00 2.50 -12.44
C ASP A 540 37.78 1.03 -12.06
N PRO A 541 36.68 0.66 -11.34
CA PRO A 541 36.52 -0.68 -10.78
C PRO A 541 36.62 -1.87 -11.73
N TYR A 542 36.20 -1.69 -12.99
CA TYR A 542 36.18 -2.79 -13.94
C TYR A 542 37.24 -2.61 -15.02
N GLY A 543 37.98 -1.50 -14.96
CA GLY A 543 39.03 -1.26 -15.95
C GLY A 543 38.52 -0.74 -17.30
N THR A 544 37.26 -0.31 -17.33
CA THR A 544 36.57 0.08 -18.55
C THR A 544 37.18 1.39 -19.06
N TRP A 545 37.33 2.35 -18.14
CA TRP A 545 37.85 3.65 -18.54
C TRP A 545 39.27 3.52 -19.11
N ALA A 546 40.08 2.62 -18.56
CA ALA A 546 41.42 2.38 -19.10
C ALA A 546 41.33 1.91 -20.55
N GLU A 547 40.35 1.04 -20.84
CA GLU A 547 40.15 0.41 -22.15
C GLU A 547 39.65 1.41 -23.20
N LEU A 548 38.90 2.43 -22.75
CA LEU A 548 38.14 3.26 -23.66
C LEU A 548 38.83 4.61 -23.88
N ARG A 549 39.69 5.03 -22.95
CA ARG A 549 40.27 6.36 -23.00
C ARG A 549 41.22 6.51 -24.20
N GLU A 550 41.74 5.39 -24.71
CA GLU A 550 42.54 5.40 -25.93
C GLU A 550 43.73 6.36 -25.80
N VAL A 551 44.22 6.56 -24.58
CA VAL A 551 45.43 7.32 -24.34
C VAL A 551 46.22 6.52 -23.32
N GLU A 552 47.51 6.80 -23.17
CA GLU A 552 48.28 6.08 -22.16
C GLU A 552 47.90 6.65 -20.79
N GLU A 553 48.25 5.93 -19.73
CA GLU A 553 48.03 6.34 -18.35
C GLU A 553 48.45 7.79 -18.08
N SER A 554 49.57 8.22 -18.68
CA SER A 554 50.10 9.54 -18.38
C SER A 554 49.43 10.62 -19.23
N GLY A 555 48.64 10.19 -20.24
CA GLY A 555 47.97 11.04 -21.21
C GLY A 555 46.74 11.72 -20.64
N ALA A 556 45.98 12.41 -21.48
CA ALA A 556 44.83 13.14 -20.98
C ALA A 556 43.72 13.19 -22.04
N VAL A 557 42.48 13.35 -21.57
CA VAL A 557 41.34 13.66 -22.40
C VAL A 557 40.73 14.95 -21.86
N LEU A 558 40.58 15.97 -22.72
CA LEU A 558 40.00 17.22 -22.27
C LEU A 558 38.52 17.26 -22.68
N VAL A 559 37.63 17.38 -21.70
CA VAL A 559 36.20 17.35 -21.95
C VAL A 559 35.57 18.73 -21.78
N ARG A 560 34.76 19.12 -22.77
CA ARG A 560 34.03 20.37 -22.84
C ARG A 560 32.88 20.35 -21.85
N PRO A 561 32.26 21.52 -21.52
CA PRO A 561 31.10 21.56 -20.63
C PRO A 561 29.91 20.79 -21.18
N ASP A 562 29.95 20.40 -22.46
CA ASP A 562 28.83 19.69 -23.05
C ASP A 562 29.10 18.18 -23.12
N GLY A 563 30.25 17.76 -22.59
CA GLY A 563 30.58 16.34 -22.56
C GLY A 563 31.23 15.83 -23.84
N HIS A 564 31.50 16.72 -24.80
CA HIS A 564 32.22 16.30 -26.00
C HIS A 564 33.70 16.48 -25.73
N VAL A 565 34.53 15.64 -26.35
CA VAL A 565 35.98 15.74 -26.22
C VAL A 565 36.49 16.90 -27.05
N ALA A 566 37.25 17.83 -26.43
CA ALA A 566 37.85 18.95 -27.14
C ALA A 566 39.21 18.57 -27.70
N TRP A 567 39.90 17.65 -27.02
CA TRP A 567 41.30 17.39 -27.35
C TRP A 567 41.71 16.16 -26.55
N ARG A 568 42.68 15.42 -27.09
CA ARG A 568 43.30 14.35 -26.33
C ARG A 568 44.79 14.32 -26.66
N ALA A 569 45.55 13.65 -25.78
CA ALA A 569 47.01 13.62 -25.72
C ALA A 569 47.43 12.25 -25.19
N ARG A 570 48.32 11.57 -25.92
CA ARG A 570 48.67 10.18 -25.68
C ARG A 570 49.32 10.01 -24.30
N ASP A 571 50.19 10.96 -23.93
CA ASP A 571 50.96 10.89 -22.69
C ASP A 571 51.34 12.31 -22.26
N HIS A 572 52.04 12.41 -21.13
CA HIS A 572 52.27 13.69 -20.49
C HIS A 572 53.21 14.58 -21.31
N GLY A 573 53.89 13.99 -22.30
CA GLY A 573 54.79 14.75 -23.16
C GLY A 573 54.11 15.86 -23.96
N HIS A 574 52.77 15.95 -23.84
CA HIS A 574 51.97 16.92 -24.55
C HIS A 574 51.40 17.95 -23.56
N ALA A 575 51.74 17.79 -22.27
CA ALA A 575 51.23 18.68 -21.24
C ALA A 575 51.41 20.14 -21.63
N LYS A 576 52.54 20.46 -22.28
CA LYS A 576 52.95 21.85 -22.46
C LYS A 576 52.08 22.52 -23.52
N GLU A 577 51.31 21.71 -24.27
CA GLU A 577 50.49 22.25 -25.35
C GLU A 577 49.08 22.62 -24.88
N LEU A 578 48.70 22.17 -23.67
CA LEU A 578 47.38 22.47 -23.13
C LEU A 578 47.03 23.96 -23.24
N PRO A 579 47.87 24.92 -22.78
CA PRO A 579 47.49 26.33 -22.80
C PRO A 579 47.08 26.77 -24.21
N GLU A 580 47.81 26.28 -25.20
CA GLU A 580 47.59 26.65 -26.57
C GLU A 580 46.31 25.99 -27.11
N VAL A 581 46.05 24.75 -26.67
CA VAL A 581 44.84 24.02 -27.05
C VAL A 581 43.60 24.76 -26.52
N MET A 582 43.63 25.20 -25.26
CA MET A 582 42.52 25.93 -24.69
C MET A 582 42.31 27.27 -25.40
N ALA A 583 43.36 27.87 -25.96
CA ALA A 583 43.19 29.16 -26.60
C ALA A 583 42.59 28.94 -27.98
N ARG A 584 42.86 27.78 -28.56
CA ARG A 584 42.34 27.48 -29.88
C ARG A 584 40.86 27.09 -29.79
N VAL A 585 40.53 26.26 -28.80
CA VAL A 585 39.15 25.89 -28.52
C VAL A 585 38.36 27.15 -28.17
N LEU A 586 38.91 28.02 -27.31
CA LEU A 586 38.15 29.19 -26.90
C LEU A 586 38.12 30.25 -28.00
N HIS A 587 38.80 29.96 -29.13
CA HIS A 587 38.95 30.87 -30.27
C HIS A 587 39.34 32.27 -29.80
N GLN A 588 40.20 32.35 -28.76
CA GLN A 588 40.67 33.60 -28.19
C GLN A 588 41.76 34.18 -29.09
N PRO A 589 41.90 35.52 -29.20
CA PRO A 589 43.00 36.13 -29.95
C PRO A 589 44.38 35.66 -29.48
N ALA B 11 8.78 -62.06 1.31
CA ALA B 11 7.38 -61.61 1.57
C ALA B 11 7.35 -60.10 1.86
N PRO B 12 7.48 -59.22 0.82
CA PRO B 12 7.77 -57.80 1.02
C PRO B 12 6.59 -56.98 1.55
N ASP B 13 6.91 -56.03 2.44
CA ASP B 13 5.94 -55.17 3.12
C ASP B 13 5.36 -54.07 2.22
N ILE B 14 6.08 -53.64 1.17
CA ILE B 14 5.59 -52.65 0.20
C ILE B 14 6.04 -52.98 -1.22
N ARG B 15 5.09 -52.98 -2.18
CA ARG B 15 5.32 -53.12 -3.62
C ARG B 15 5.07 -51.77 -4.31
N VAL B 16 6.09 -51.22 -4.98
CA VAL B 16 6.05 -49.88 -5.53
C VAL B 16 6.96 -49.80 -6.76
N PRO B 17 6.51 -49.21 -7.90
CA PRO B 17 7.35 -49.12 -9.10
C PRO B 17 8.76 -48.62 -8.80
N VAL B 18 8.90 -47.44 -8.18
CA VAL B 18 10.24 -46.90 -7.99
C VAL B 18 10.42 -46.58 -6.51
N LEU B 19 11.62 -46.83 -5.99
CA LEU B 19 11.95 -46.34 -4.66
C LEU B 19 13.04 -45.28 -4.81
N ILE B 20 12.79 -44.11 -4.20
CA ILE B 20 13.75 -43.02 -4.12
C ILE B 20 14.33 -42.98 -2.72
N VAL B 21 15.65 -43.21 -2.59
CA VAL B 21 16.33 -43.05 -1.32
C VAL B 21 16.97 -41.66 -1.31
N GLY B 22 16.47 -40.76 -0.45
CA GLY B 22 17.02 -39.42 -0.31
C GLY B 22 16.01 -38.34 -0.68
N GLY B 23 15.84 -37.34 0.20
CA GLY B 23 14.91 -36.25 -0.04
C GLY B 23 15.56 -34.88 0.10
N GLY B 24 16.78 -34.77 -0.43
CA GLY B 24 17.30 -33.47 -0.83
C GLY B 24 16.89 -33.15 -2.27
N PRO B 25 17.56 -32.16 -2.90
CA PRO B 25 17.12 -31.64 -4.20
C PRO B 25 17.01 -32.71 -5.28
N ALA B 26 17.99 -33.62 -5.36
CA ALA B 26 17.98 -34.66 -6.38
C ALA B 26 16.77 -35.60 -6.18
N GLY B 27 16.62 -36.08 -4.94
CA GLY B 27 15.55 -37.01 -4.63
C GLY B 27 14.18 -36.40 -4.93
N LEU B 28 13.99 -35.13 -4.50
CA LEU B 28 12.69 -34.49 -4.50
C LEU B 28 12.32 -34.08 -5.93
N THR B 29 13.32 -33.58 -6.68
CA THR B 29 13.16 -33.41 -8.10
C THR B 29 12.67 -34.71 -8.72
N ALA B 30 13.25 -35.84 -8.32
CA ALA B 30 12.88 -37.08 -9.00
C ALA B 30 11.43 -37.44 -8.66
N ALA B 31 11.07 -37.23 -7.38
CA ALA B 31 9.70 -37.43 -6.92
C ALA B 31 8.73 -36.56 -7.73
N LEU B 32 9.07 -35.29 -7.90
CA LEU B 32 8.22 -34.35 -8.61
C LEU B 32 8.07 -34.72 -10.10
N ALA B 33 9.19 -35.00 -10.79
CA ALA B 33 9.17 -35.54 -12.15
C ALA B 33 8.29 -36.79 -12.22
N LEU B 34 8.51 -37.75 -11.31
CA LEU B 34 7.73 -38.97 -11.30
C LEU B 34 6.27 -38.66 -10.97
N SER B 35 6.04 -37.64 -10.11
CA SER B 35 4.67 -37.19 -9.86
C SER B 35 3.98 -36.72 -11.14
N ARG B 36 4.57 -35.74 -11.81
CA ARG B 36 3.94 -35.18 -13.01
C ARG B 36 3.71 -36.27 -14.07
N TYR B 37 4.61 -37.23 -14.18
CA TYR B 37 4.49 -38.25 -15.21
C TYR B 37 3.40 -39.28 -14.85
N GLY B 38 3.03 -39.35 -13.56
CA GLY B 38 1.98 -40.21 -13.07
C GLY B 38 2.49 -41.59 -12.64
N VAL B 39 3.75 -41.64 -12.18
CA VAL B 39 4.40 -42.89 -11.78
C VAL B 39 4.38 -42.98 -10.26
N PRO B 40 3.67 -43.97 -9.65
CA PRO B 40 3.71 -44.18 -8.21
C PRO B 40 5.14 -44.50 -7.79
N HIS B 41 5.56 -43.96 -6.64
CA HIS B 41 6.92 -44.06 -6.13
C HIS B 41 6.88 -43.84 -4.61
N LEU B 42 7.99 -44.21 -3.96
CA LEU B 42 8.09 -44.01 -2.52
C LEU B 42 9.45 -43.42 -2.27
N LEU B 43 9.49 -42.34 -1.46
CA LEU B 43 10.75 -41.71 -1.15
C LEU B 43 11.00 -41.73 0.35
N VAL B 44 12.20 -42.15 0.76
CA VAL B 44 12.57 -42.23 2.16
C VAL B 44 13.74 -41.30 2.39
N ASN B 45 13.66 -40.53 3.48
CA ASN B 45 14.68 -39.57 3.84
C ASN B 45 15.07 -39.79 5.30
N ARG B 46 16.37 -39.93 5.54
CA ARG B 46 16.87 -40.22 6.88
C ARG B 46 16.42 -39.18 7.90
N HIS B 47 16.56 -37.87 7.61
CA HIS B 47 16.29 -36.83 8.60
C HIS B 47 14.78 -36.61 8.71
N HIS B 48 14.32 -36.07 9.84
CA HIS B 48 12.89 -35.95 10.09
C HIS B 48 12.33 -34.73 9.36
N GLY B 49 13.19 -33.75 9.11
CA GLY B 49 12.80 -32.55 8.38
C GLY B 49 13.63 -32.33 7.12
N THR B 50 13.37 -31.22 6.43
CA THR B 50 14.16 -30.83 5.27
C THR B 50 15.39 -30.08 5.79
N ALA B 51 16.30 -29.69 4.90
CA ALA B 51 17.50 -28.97 5.31
C ALA B 51 17.11 -27.79 6.19
N HIS B 52 17.92 -27.51 7.22
CA HIS B 52 17.60 -26.41 8.12
C HIS B 52 18.57 -25.24 7.95
N THR B 53 19.67 -25.46 7.22
CA THR B 53 20.60 -24.39 6.86
C THR B 53 20.69 -24.19 5.34
N PRO B 54 21.04 -22.98 4.87
CA PRO B 54 21.16 -22.64 3.44
C PRO B 54 21.88 -23.57 2.46
N ARG B 55 23.18 -23.79 2.66
CA ARG B 55 23.94 -24.62 1.73
C ARG B 55 23.96 -24.02 0.32
N ALA B 56 23.45 -24.77 -0.67
CA ALA B 56 23.39 -24.39 -2.08
C ALA B 56 22.30 -23.36 -2.30
N HIS B 57 22.55 -22.41 -3.20
CA HIS B 57 21.62 -21.30 -3.36
C HIS B 57 21.50 -20.78 -4.80
N LEU B 58 22.58 -20.86 -5.61
CA LEU B 58 22.52 -20.33 -6.97
C LEU B 58 21.78 -21.30 -7.90
N LEU B 59 20.66 -20.83 -8.47
CA LEU B 59 19.94 -21.59 -9.47
C LEU B 59 20.27 -21.01 -10.85
N ASN B 60 20.89 -21.81 -11.71
CA ASN B 60 21.27 -21.36 -13.04
C ASN B 60 20.07 -21.49 -13.99
N GLN B 61 20.26 -21.07 -15.24
CA GLN B 61 19.16 -20.94 -16.17
C GLN B 61 18.59 -22.32 -16.51
N ARG B 62 19.43 -23.36 -16.47
CA ARG B 62 18.94 -24.67 -16.86
C ARG B 62 17.96 -25.16 -15.79
N THR B 63 18.24 -24.80 -14.53
CA THR B 63 17.39 -25.22 -13.44
C THR B 63 16.08 -24.45 -13.56
N GLY B 64 16.21 -23.16 -13.84
CA GLY B 64 15.08 -22.33 -14.19
C GLY B 64 14.18 -23.08 -15.15
N GLU B 65 14.78 -23.65 -16.21
CA GLU B 65 14.01 -24.24 -17.30
C GLU B 65 13.34 -25.53 -16.85
N ILE B 66 14.08 -26.36 -16.12
CA ILE B 66 13.52 -27.60 -15.58
C ILE B 66 12.36 -27.30 -14.62
N PHE B 67 12.53 -26.23 -13.83
CA PHE B 67 11.49 -25.83 -12.91
C PHE B 67 10.26 -25.37 -13.68
N ARG B 68 10.46 -24.70 -14.83
CA ARG B 68 9.34 -24.36 -15.70
C ARG B 68 8.65 -25.66 -16.14
N ASP B 69 9.41 -26.62 -16.66
CA ASP B 69 8.82 -27.89 -17.10
C ASP B 69 7.96 -28.54 -16.00
N LEU B 70 8.46 -28.51 -14.74
CA LEU B 70 7.87 -29.24 -13.63
C LEU B 70 6.82 -28.39 -12.90
N GLY B 71 6.67 -27.15 -13.31
CA GLY B 71 5.51 -26.38 -12.90
C GLY B 71 5.70 -25.67 -11.56
N ILE B 72 6.94 -25.41 -11.16
CA ILE B 72 7.14 -24.74 -9.87
C ILE B 72 7.99 -23.49 -10.05
N ALA B 73 8.11 -23.00 -11.29
CA ALA B 73 9.02 -21.90 -11.54
C ALA B 73 8.51 -20.61 -10.92
N ASP B 74 7.20 -20.39 -11.00
CA ASP B 74 6.52 -19.23 -10.43
C ASP B 74 6.77 -19.11 -8.94
N ARG B 75 6.60 -20.25 -8.24
CA ARG B 75 6.77 -20.32 -6.81
C ARG B 75 8.22 -20.00 -6.44
N VAL B 76 9.16 -20.53 -7.23
CA VAL B 76 10.59 -20.34 -6.98
C VAL B 76 10.95 -18.86 -7.11
N GLU B 77 10.57 -18.25 -8.24
CA GLU B 77 10.90 -16.86 -8.55
C GLU B 77 10.36 -15.93 -7.48
N ALA B 78 9.22 -16.33 -6.88
CA ALA B 78 8.55 -15.55 -5.85
C ALA B 78 9.47 -15.27 -4.68
N HIS B 79 10.21 -16.29 -4.24
CA HIS B 79 11.00 -16.27 -3.01
C HIS B 79 12.48 -15.95 -3.28
N ALA B 80 12.90 -15.96 -4.55
CA ALA B 80 14.32 -15.92 -4.91
C ALA B 80 14.80 -14.50 -5.19
N THR B 81 16.09 -14.24 -4.93
CA THR B 81 16.76 -13.01 -5.32
C THR B 81 16.92 -13.04 -6.84
N PRO B 82 16.45 -11.98 -7.55
CA PRO B 82 16.59 -11.90 -9.01
C PRO B 82 18.04 -11.66 -9.40
N GLY B 83 18.38 -12.06 -10.64
CA GLY B 83 19.73 -12.02 -11.22
C GLY B 83 20.44 -10.68 -11.15
N HIS B 84 19.71 -9.57 -11.29
CA HIS B 84 20.36 -8.27 -11.40
C HIS B 84 21.05 -7.88 -10.09
N LEU B 85 20.60 -8.50 -8.97
CA LEU B 85 21.18 -8.24 -7.66
C LEU B 85 22.41 -9.12 -7.37
N MET B 86 22.80 -9.98 -8.32
CA MET B 86 24.05 -10.73 -8.29
C MET B 86 24.95 -10.25 -9.43
N ALA B 87 25.10 -8.93 -9.56
CA ALA B 87 25.60 -8.32 -10.78
C ALA B 87 27.11 -8.45 -10.91
N ASN B 88 27.82 -8.61 -9.79
CA ASN B 88 29.27 -8.60 -9.80
C ASN B 88 29.85 -9.79 -9.02
N HIS B 89 31.12 -10.08 -9.29
CA HIS B 89 31.94 -10.88 -8.41
C HIS B 89 33.05 -9.96 -7.87
N VAL B 90 33.06 -9.73 -6.54
CA VAL B 90 33.89 -8.72 -5.88
C VAL B 90 35.07 -9.38 -5.17
N PHE B 91 36.28 -8.86 -5.38
CA PHE B 91 37.45 -9.14 -4.56
C PHE B 91 37.84 -7.89 -3.76
N MET B 92 38.01 -8.07 -2.44
CA MET B 92 38.20 -6.97 -1.51
C MET B 92 39.25 -7.33 -0.47
N SER B 93 39.57 -6.34 0.38
CA SER B 93 40.33 -6.54 1.60
C SER B 93 39.36 -6.92 2.70
N THR B 94 38.67 -5.93 3.28
CA THR B 94 37.59 -6.13 4.22
C THR B 94 36.33 -5.47 3.65
N PHE B 95 35.16 -5.90 4.13
CA PHE B 95 33.90 -5.45 3.58
C PHE B 95 33.72 -3.94 3.68
N ALA B 96 34.24 -3.32 4.76
CA ALA B 96 34.20 -1.86 4.84
C ALA B 96 35.50 -1.26 4.30
N GLY B 97 36.52 -2.10 4.08
CA GLY B 97 37.83 -1.62 3.62
C GLY B 97 37.87 -1.27 2.14
N PRO B 98 39.07 -1.18 1.51
CA PRO B 98 39.19 -1.03 0.06
C PRO B 98 38.83 -2.30 -0.72
N GLU B 99 38.53 -2.14 -2.01
CA GLU B 99 38.28 -3.23 -2.94
C GLU B 99 39.54 -3.50 -3.79
N VAL B 100 39.60 -4.68 -4.43
CA VAL B 100 40.82 -5.20 -5.07
C VAL B 100 40.61 -5.49 -6.55
N ALA B 101 39.43 -6.02 -6.90
CA ALA B 101 39.07 -6.38 -8.26
C ALA B 101 37.57 -6.65 -8.32
N ARG B 102 37.00 -6.60 -9.53
CA ARG B 102 35.57 -6.72 -9.73
C ARG B 102 35.38 -7.13 -11.19
N ILE B 103 34.52 -8.12 -11.43
CA ILE B 103 34.05 -8.45 -12.77
C ILE B 103 32.55 -8.60 -12.66
N GLY B 104 31.84 -8.45 -13.80
CA GLY B 104 30.45 -8.85 -13.89
C GLY B 104 30.33 -10.37 -13.75
N ALA B 105 29.12 -10.83 -13.40
CA ALA B 105 28.86 -12.17 -12.92
C ALA B 105 27.47 -12.58 -13.39
N TYR B 106 27.33 -13.87 -13.74
CA TYR B 106 26.05 -14.46 -14.08
C TYR B 106 25.42 -13.73 -15.27
N GLY B 107 26.28 -13.32 -16.21
CA GLY B 107 25.87 -12.63 -17.42
C GLY B 107 25.28 -11.23 -17.19
N ASN B 108 25.61 -10.55 -16.09
CA ASN B 108 25.08 -9.21 -15.90
C ASN B 108 25.96 -8.17 -16.62
N GLY B 109 27.18 -8.57 -17.00
CA GLY B 109 28.12 -7.70 -17.70
C GLY B 109 27.68 -7.38 -19.13
N PRO B 110 27.79 -6.10 -19.57
CA PRO B 110 27.35 -5.73 -20.91
C PRO B 110 27.84 -6.67 -22.00
N ASP B 111 29.03 -7.24 -21.83
CA ASP B 111 29.52 -8.04 -22.93
C ASP B 111 28.98 -9.47 -22.87
N ARG B 112 28.17 -9.84 -21.86
CA ARG B 112 27.63 -11.18 -21.76
C ARG B 112 26.09 -11.17 -21.69
N ILE B 113 25.49 -10.03 -21.35
CA ILE B 113 24.07 -10.02 -21.04
C ILE B 113 23.25 -10.43 -22.26
N GLY B 114 23.72 -10.08 -23.46
CA GLY B 114 23.02 -10.45 -24.67
C GLY B 114 22.89 -11.97 -24.85
N GLU B 115 23.99 -12.68 -24.64
CA GLU B 115 24.00 -14.12 -24.86
C GLU B 115 23.15 -14.77 -23.77
N TYR B 116 23.17 -14.18 -22.57
CA TYR B 116 22.44 -14.77 -21.45
C TYR B 116 20.94 -14.63 -21.67
N ARG B 117 20.50 -13.46 -22.14
CA ARG B 117 19.07 -13.29 -22.43
C ARG B 117 18.63 -14.15 -23.61
N ALA B 118 19.46 -14.22 -24.67
CA ALA B 118 19.06 -14.96 -25.84
C ALA B 118 18.96 -16.46 -25.56
N ALA B 119 19.68 -16.95 -24.53
CA ALA B 119 19.99 -18.38 -24.43
C ALA B 119 18.89 -19.18 -23.71
N SER B 120 18.07 -18.49 -22.91
CA SER B 120 17.12 -19.19 -22.05
C SER B 120 15.91 -18.31 -21.78
N PRO B 121 14.68 -18.88 -21.62
CA PRO B 121 13.53 -18.10 -21.15
C PRO B 121 13.73 -17.73 -19.68
N SER B 122 14.69 -18.39 -19.03
CA SER B 122 14.82 -18.32 -17.58
C SER B 122 16.10 -17.54 -17.29
N GLY B 123 16.13 -16.80 -16.17
CA GLY B 123 17.38 -16.16 -15.74
C GLY B 123 18.01 -16.94 -14.58
N LEU B 124 19.15 -16.46 -14.07
CA LEU B 124 19.69 -17.02 -12.84
C LEU B 124 19.01 -16.36 -11.63
N CYS B 125 18.93 -17.09 -10.52
CA CYS B 125 18.38 -16.49 -9.33
C CYS B 125 18.99 -17.16 -8.08
N ASN B 126 18.66 -16.64 -6.88
CA ASN B 126 19.26 -17.14 -5.66
C ASN B 126 18.17 -17.57 -4.70
N LEU B 127 18.12 -18.87 -4.39
CA LEU B 127 17.17 -19.38 -3.41
C LEU B 127 17.84 -20.49 -2.60
N PRO B 128 18.15 -20.22 -1.30
CA PRO B 128 18.78 -21.21 -0.42
C PRO B 128 17.98 -22.50 -0.22
N GLN B 129 18.72 -23.61 -0.02
CA GLN B 129 18.20 -24.96 0.04
C GLN B 129 17.06 -25.12 1.05
N HIS B 130 17.08 -24.33 2.12
CA HIS B 130 16.09 -24.47 3.18
C HIS B 130 14.75 -23.89 2.73
N LEU B 131 14.75 -23.10 1.64
CA LEU B 131 13.52 -22.52 1.11
C LEU B 131 13.05 -23.35 -0.09
N LEU B 132 14.00 -23.84 -0.88
CA LEU B 132 13.69 -24.61 -2.07
C LEU B 132 13.11 -25.98 -1.74
N GLU B 133 13.72 -26.68 -0.76
CA GLU B 133 13.31 -28.04 -0.41
C GLU B 133 11.81 -28.13 -0.08
N PRO B 134 11.23 -27.21 0.73
CA PRO B 134 9.81 -27.27 1.07
C PRO B 134 8.87 -27.06 -0.12
N LEU B 135 9.28 -26.19 -1.05
CA LEU B 135 8.49 -25.96 -2.25
C LEU B 135 8.40 -27.25 -3.03
N LEU B 136 9.50 -28.00 -3.11
CA LEU B 136 9.50 -29.27 -3.82
C LEU B 136 8.59 -30.28 -3.11
N VAL B 137 8.70 -30.35 -1.77
CA VAL B 137 7.82 -31.18 -0.95
C VAL B 137 6.36 -30.82 -1.24
N GLU B 138 6.05 -29.52 -1.11
CA GLU B 138 4.71 -29.00 -1.22
C GLU B 138 4.08 -29.50 -2.52
N ALA B 139 4.81 -29.34 -3.63
CA ALA B 139 4.25 -29.65 -4.94
C ALA B 139 4.13 -31.17 -5.11
N VAL B 140 5.04 -31.93 -4.46
CA VAL B 140 4.92 -33.38 -4.46
C VAL B 140 3.66 -33.79 -3.69
N GLN B 141 3.44 -33.17 -2.50
CA GLN B 141 2.31 -33.53 -1.66
C GLN B 141 0.98 -33.22 -2.36
N GLU B 142 0.97 -32.13 -3.15
CA GLU B 142 -0.21 -31.65 -3.84
C GLU B 142 -0.53 -32.56 -5.04
N ALA B 143 0.51 -33.12 -5.66
CA ALA B 143 0.33 -33.99 -6.81
C ALA B 143 -0.30 -35.30 -6.39
N CYS B 144 0.11 -35.81 -5.21
CA CYS B 144 -0.43 -37.00 -4.55
C CYS B 144 -0.33 -38.24 -5.42
N VAL B 145 0.87 -38.56 -5.88
CA VAL B 145 1.05 -39.66 -6.82
C VAL B 145 2.01 -40.67 -6.21
N GLY B 146 3.04 -40.14 -5.54
CA GLY B 146 4.00 -40.89 -4.76
C GLY B 146 3.97 -40.42 -3.30
N GLN B 147 4.89 -40.93 -2.49
CA GLN B 147 4.79 -40.82 -1.05
C GLN B 147 6.16 -40.49 -0.47
N LEU B 148 6.19 -39.43 0.36
CA LEU B 148 7.38 -39.03 1.09
C LEU B 148 7.28 -39.55 2.53
N ARG B 149 8.28 -40.35 2.93
CA ARG B 149 8.45 -40.74 4.32
C ARG B 149 9.77 -40.17 4.83
N PHE B 150 9.65 -39.12 5.67
CA PHE B 150 10.78 -38.52 6.36
C PHE B 150 11.02 -39.26 7.68
N GLY B 151 12.30 -39.36 8.07
CA GLY B 151 12.67 -40.12 9.26
C GLY B 151 12.68 -41.62 8.99
N HIS B 152 12.82 -42.00 7.72
CA HIS B 152 13.04 -43.39 7.31
C HIS B 152 14.44 -43.53 6.69
N GLU B 153 15.22 -44.49 7.20
CA GLU B 153 16.60 -44.70 6.80
C GLU B 153 16.73 -45.98 5.97
N PHE B 154 17.29 -45.85 4.76
CA PHE B 154 17.63 -47.00 3.95
C PHE B 154 18.77 -47.74 4.63
N VAL B 155 18.72 -49.09 4.60
CA VAL B 155 19.74 -49.92 5.22
C VAL B 155 20.58 -50.62 4.14
N SER B 156 19.91 -51.41 3.29
CA SER B 156 20.59 -52.27 2.33
C SER B 156 19.63 -52.63 1.19
N LEU B 157 20.18 -53.19 0.10
CA LEU B 157 19.37 -53.68 -1.01
C LEU B 157 19.94 -54.99 -1.55
N GLU B 158 19.08 -55.77 -2.20
CA GLU B 158 19.49 -56.86 -3.08
C GLU B 158 18.71 -56.68 -4.37
N GLN B 159 19.37 -56.91 -5.52
CA GLN B 159 18.66 -56.84 -6.79
C GLN B 159 18.73 -58.17 -7.55
N ASP B 160 17.78 -58.36 -8.46
CA ASP B 160 17.74 -59.48 -9.40
C ASP B 160 17.28 -58.97 -10.76
N GLU B 161 17.00 -59.89 -11.69
CA GLU B 161 16.65 -59.47 -13.05
C GLU B 161 15.27 -58.79 -13.04
N HIS B 162 14.53 -58.90 -11.93
CA HIS B 162 13.12 -58.61 -11.93
C HIS B 162 12.72 -57.44 -11.02
N GLY B 163 13.66 -56.96 -10.19
CA GLY B 163 13.37 -55.85 -9.29
C GLY B 163 14.45 -55.66 -8.23
N VAL B 164 14.20 -54.76 -7.28
CA VAL B 164 15.11 -54.46 -6.17
C VAL B 164 14.34 -54.64 -4.88
N THR B 165 15.05 -55.15 -3.85
CA THR B 165 14.50 -55.35 -2.53
C THR B 165 15.36 -54.56 -1.54
N SER B 166 14.71 -53.64 -0.80
CA SER B 166 15.45 -52.73 0.07
C SER B 166 14.98 -52.89 1.51
N ARG B 167 15.93 -52.69 2.43
CA ARG B 167 15.63 -52.73 3.84
C ARG B 167 15.62 -51.28 4.35
N ILE B 168 14.46 -50.87 4.88
CA ILE B 168 14.26 -49.54 5.44
C ILE B 168 14.01 -49.65 6.93
N THR B 169 14.51 -48.65 7.69
CA THR B 169 14.21 -48.48 9.11
C THR B 169 13.36 -47.22 9.32
N ASP B 170 12.21 -47.38 9.96
CA ASP B 170 11.49 -46.28 10.57
C ASP B 170 12.20 -45.88 11.86
N ARG B 171 12.80 -44.69 11.89
CA ARG B 171 13.62 -44.29 13.02
C ARG B 171 12.79 -43.97 14.28
N ARG B 172 11.48 -43.75 14.13
CA ARG B 172 10.64 -43.40 15.28
C ARG B 172 10.30 -44.66 16.08
N THR B 173 9.88 -45.71 15.37
CA THR B 173 9.44 -46.95 15.96
C THR B 173 10.61 -47.92 16.16
N GLY B 174 11.70 -47.75 15.40
CA GLY B 174 12.78 -48.72 15.40
C GLY B 174 12.51 -49.93 14.50
N ARG B 175 11.23 -50.09 14.10
CA ARG B 175 10.72 -51.10 13.21
C ARG B 175 11.45 -51.05 11.86
N ASP B 176 11.79 -52.23 11.33
CA ASP B 176 12.28 -52.40 9.97
C ASP B 176 11.15 -52.98 9.12
N TYR B 177 11.23 -52.72 7.81
CA TYR B 177 10.33 -53.26 6.80
C TYR B 177 11.08 -53.33 5.48
N THR B 178 10.50 -54.01 4.49
CA THR B 178 11.18 -54.23 3.21
C THR B 178 10.32 -53.63 2.10
N VAL B 179 11.00 -53.14 1.05
CA VAL B 179 10.35 -52.55 -0.10
C VAL B 179 10.85 -53.30 -1.32
N ARG B 180 9.91 -53.87 -2.10
CA ARG B 180 10.17 -54.45 -3.41
C ARG B 180 9.80 -53.42 -4.48
N SER B 181 10.80 -52.96 -5.25
CA SER B 181 10.58 -51.99 -6.31
C SER B 181 11.10 -52.56 -7.63
N ASP B 182 10.65 -51.99 -8.76
CA ASP B 182 11.22 -52.33 -10.06
C ASP B 182 12.60 -51.71 -10.15
N TYR B 183 12.67 -50.43 -9.74
CA TYR B 183 13.84 -49.58 -9.93
C TYR B 183 14.13 -48.88 -8.60
N LEU B 184 15.38 -48.40 -8.44
CA LEU B 184 15.70 -47.64 -7.25
C LEU B 184 16.56 -46.44 -7.63
N ILE B 185 16.20 -45.26 -7.09
CA ILE B 185 16.99 -44.06 -7.27
C ILE B 185 17.77 -43.71 -6.00
N GLY B 186 19.10 -43.80 -6.12
CA GLY B 186 20.02 -43.37 -5.08
C GLY B 186 20.24 -41.86 -5.12
N ALA B 187 19.53 -41.14 -4.24
CA ALA B 187 19.61 -39.70 -4.08
C ALA B 187 20.10 -39.31 -2.68
N ASP B 188 21.03 -40.09 -2.11
CA ASP B 188 21.22 -40.05 -0.67
C ASP B 188 22.45 -39.23 -0.26
N GLY B 189 23.00 -38.45 -1.20
CA GLY B 189 23.99 -37.42 -0.91
C GLY B 189 25.42 -37.94 -0.91
N ALA B 190 26.34 -37.13 -0.38
CA ALA B 190 27.73 -37.53 -0.17
C ALA B 190 27.78 -38.79 0.72
N ARG B 191 28.75 -39.69 0.43
CA ARG B 191 28.89 -40.97 1.13
C ARG B 191 27.57 -41.73 1.06
N SER B 192 27.05 -41.92 -0.17
CA SER B 192 25.80 -42.61 -0.43
C SER B 192 25.90 -44.09 -0.10
N ARG B 193 25.10 -44.53 0.87
CA ARG B 193 24.99 -45.94 1.22
C ARG B 193 24.60 -46.76 -0.02
N VAL B 194 23.74 -46.21 -0.89
CA VAL B 194 23.25 -46.93 -2.06
C VAL B 194 24.40 -47.24 -3.01
N LEU B 195 25.26 -46.25 -3.27
CA LEU B 195 26.33 -46.42 -4.23
C LEU B 195 27.36 -47.42 -3.70
N ALA B 196 27.56 -47.42 -2.36
CA ALA B 196 28.38 -48.41 -1.67
C ALA B 196 27.81 -49.82 -1.90
N GLN B 197 26.50 -49.99 -1.68
CA GLN B 197 25.77 -51.25 -1.86
C GLN B 197 25.94 -51.82 -3.28
N LEU B 198 26.30 -50.97 -4.25
CA LEU B 198 26.45 -51.44 -5.62
C LEU B 198 27.91 -51.80 -5.91
N GLY B 199 28.80 -51.49 -4.95
CA GLY B 199 30.22 -51.82 -5.09
C GLY B 199 30.97 -50.81 -5.96
N ILE B 200 30.45 -49.57 -6.01
CA ILE B 200 31.03 -48.52 -6.83
C ILE B 200 31.71 -47.51 -5.91
N ALA B 201 33.00 -47.27 -6.23
CA ALA B 201 33.90 -46.41 -5.49
C ALA B 201 34.15 -45.13 -6.29
N LEU B 202 33.98 -43.95 -5.65
CA LEU B 202 34.24 -42.66 -6.28
C LEU B 202 35.72 -42.50 -6.66
N ASP B 203 35.98 -41.99 -7.88
CA ASP B 203 37.33 -41.59 -8.27
C ASP B 203 37.58 -40.16 -7.81
N GLY B 204 38.67 -39.95 -7.08
CA GLY B 204 39.05 -38.59 -6.71
C GLY B 204 39.74 -38.50 -5.36
N ALA B 205 39.10 -37.75 -4.44
CA ALA B 205 39.69 -37.38 -3.16
C ALA B 205 38.60 -36.86 -2.23
N THR B 206 38.63 -37.34 -0.98
CA THR B 206 37.82 -36.79 0.09
C THR B 206 38.69 -35.85 0.94
N GLY B 207 38.03 -34.89 1.60
CA GLY B 207 38.62 -34.00 2.60
C GLY B 207 39.83 -33.21 2.11
N ILE B 208 39.71 -32.55 0.95
CA ILE B 208 40.82 -31.83 0.36
C ILE B 208 41.02 -30.49 1.08
N ALA B 209 39.96 -29.98 1.70
CA ALA B 209 40.02 -28.83 2.60
C ALA B 209 38.79 -28.82 3.49
N ARG B 210 38.80 -27.95 4.52
CA ARG B 210 37.70 -27.83 5.46
C ARG B 210 37.16 -26.41 5.40
N ALA B 211 35.86 -26.26 5.67
CA ALA B 211 35.27 -24.93 5.62
C ALA B 211 34.31 -24.73 6.80
N VAL B 212 34.11 -23.48 7.16
CA VAL B 212 33.19 -23.16 8.22
C VAL B 212 32.22 -22.10 7.68
N THR B 213 30.96 -22.52 7.54
CA THR B 213 29.91 -21.70 7.00
C THR B 213 29.09 -21.17 8.15
N THR B 214 29.10 -19.84 8.31
CA THR B 214 28.28 -19.20 9.33
C THR B 214 27.13 -18.48 8.64
N TRP B 215 25.91 -18.93 8.90
CA TRP B 215 24.68 -18.28 8.50
C TRP B 215 24.35 -17.20 9.53
N PHE B 216 24.35 -15.93 9.10
CA PHE B 216 24.20 -14.84 10.07
C PHE B 216 23.42 -13.66 9.49
N GLU B 217 22.81 -12.86 10.38
CA GLU B 217 22.14 -11.61 10.03
C GLU B 217 23.03 -10.43 10.41
N ALA B 218 22.87 -9.32 9.67
CA ALA B 218 23.68 -8.11 9.79
C ALA B 218 23.33 -7.18 8.62
N ASP B 219 23.14 -5.88 8.91
CA ASP B 219 22.85 -4.94 7.83
C ASP B 219 24.17 -4.43 7.25
N LEU B 220 24.55 -4.95 6.08
CA LEU B 220 25.81 -4.61 5.46
C LEU B 220 25.56 -3.82 4.17
N SER B 221 24.32 -3.35 4.00
CA SER B 221 23.92 -2.65 2.79
C SER B 221 24.89 -1.51 2.46
N ARG B 222 25.45 -0.87 3.49
CA ARG B 222 26.39 0.23 3.33
C ARG B 222 27.65 -0.24 2.60
N TYR B 223 27.83 -1.56 2.49
CA TYR B 223 29.10 -2.06 1.99
C TYR B 223 28.89 -2.88 0.72
N SER B 224 27.63 -3.16 0.42
CA SER B 224 27.32 -4.13 -0.61
C SER B 224 26.45 -3.52 -1.71
N ALA B 225 25.42 -2.74 -1.34
CA ALA B 225 24.39 -2.27 -2.28
C ALA B 225 24.96 -1.57 -3.52
N HIS B 226 26.05 -0.84 -3.38
CA HIS B 226 26.61 -0.10 -4.53
C HIS B 226 27.46 -1.02 -5.39
N ARG B 227 27.60 -2.27 -4.99
CA ARG B 227 28.40 -3.23 -5.76
C ARG B 227 27.73 -4.60 -5.62
N PRO B 228 26.45 -4.71 -6.00
CA PRO B 228 25.66 -5.93 -5.88
C PRO B 228 26.43 -7.17 -6.37
N ALA B 229 26.41 -8.22 -5.56
CA ALA B 229 27.22 -9.40 -5.80
C ALA B 229 26.64 -10.56 -5.01
N LEU B 230 26.85 -11.76 -5.52
CA LEU B 230 26.50 -12.94 -4.77
C LEU B 230 27.69 -13.21 -3.84
N LEU B 231 28.90 -13.11 -4.41
CA LEU B 231 30.14 -13.48 -3.76
C LEU B 231 31.04 -12.25 -3.61
N TYR B 232 31.37 -11.95 -2.34
CA TYR B 232 32.37 -10.96 -1.97
C TYR B 232 33.52 -11.70 -1.27
N MET B 233 34.70 -11.64 -1.88
CA MET B 233 35.83 -12.42 -1.38
C MET B 233 36.92 -11.53 -0.79
N GLY B 234 37.04 -11.60 0.54
CA GLY B 234 37.93 -10.73 1.31
C GLY B 234 39.25 -11.43 1.61
N ALA B 235 40.28 -10.62 1.83
CA ALA B 235 41.54 -11.11 2.35
C ALA B 235 41.98 -10.15 3.45
N VAL B 236 41.62 -10.44 4.72
CA VAL B 236 41.91 -9.54 5.83
C VAL B 236 43.42 -9.32 5.88
N PRO B 237 43.92 -8.06 5.78
CA PRO B 237 45.35 -7.77 5.78
C PRO B 237 46.00 -8.22 7.09
N GLY B 238 47.03 -9.07 6.94
CA GLY B 238 47.62 -9.75 8.07
C GLY B 238 47.22 -11.22 8.08
N SER B 239 46.88 -11.73 6.88
CA SER B 239 46.49 -13.11 6.69
C SER B 239 47.37 -13.76 5.61
N PRO B 240 47.62 -15.09 5.67
CA PRO B 240 48.15 -15.81 4.50
C PRO B 240 47.13 -15.80 3.37
N PRO B 241 47.54 -16.05 2.10
CA PRO B 241 46.59 -16.13 0.98
C PRO B 241 45.35 -17.00 1.25
N ALA B 242 45.58 -18.25 1.67
CA ALA B 242 44.58 -19.29 1.87
C ALA B 242 43.49 -18.93 2.91
N ASP B 243 43.73 -17.90 3.74
CA ASP B 243 42.79 -17.49 4.77
C ASP B 243 41.74 -16.57 4.16
N GLY B 244 41.22 -16.97 2.98
CA GLY B 244 40.18 -16.20 2.32
C GLY B 244 38.88 -16.18 3.13
N ARG B 245 38.29 -14.98 3.25
CA ARG B 245 36.95 -14.84 3.77
C ARG B 245 36.00 -14.69 2.57
N VAL B 246 34.85 -15.37 2.62
CA VAL B 246 33.89 -15.33 1.53
C VAL B 246 32.55 -14.96 2.14
N PHE B 247 32.02 -13.79 1.75
CA PHE B 247 30.63 -13.47 2.04
C PHE B 247 29.79 -13.90 0.85
N VAL B 248 28.58 -14.38 1.16
CA VAL B 248 27.60 -14.81 0.18
C VAL B 248 26.31 -14.08 0.57
N SER B 249 25.71 -13.35 -0.37
CA SER B 249 24.43 -12.71 -0.10
C SER B 249 23.29 -13.73 -0.20
N LEU B 250 22.38 -13.76 0.77
CA LEU B 250 21.22 -14.65 0.68
C LEU B 250 19.92 -13.83 0.68
N ARG B 251 19.89 -12.75 1.45
CA ARG B 251 18.77 -11.81 1.43
C ARG B 251 19.35 -10.40 1.46
N PRO B 252 19.61 -9.79 0.29
CA PRO B 252 20.28 -8.49 0.22
C PRO B 252 19.54 -7.44 1.04
N TRP B 253 20.25 -6.76 1.94
CA TRP B 253 21.64 -7.03 2.30
C TRP B 253 21.77 -7.33 3.79
N THR B 254 20.83 -8.11 4.31
CA THR B 254 20.75 -8.39 5.74
C THR B 254 21.19 -9.82 6.09
N GLU B 255 20.87 -10.81 5.22
CA GLU B 255 21.10 -12.22 5.52
C GLU B 255 22.27 -12.75 4.69
N TRP B 256 23.25 -13.38 5.36
CA TRP B 256 24.57 -13.71 4.79
C TRP B 256 25.02 -15.11 5.18
N LEU B 257 25.94 -15.68 4.37
CA LEU B 257 26.84 -16.76 4.71
C LEU B 257 28.21 -16.14 4.82
N HIS B 258 29.02 -16.63 5.77
CA HIS B 258 30.43 -16.26 5.90
C HIS B 258 31.25 -17.55 5.96
N LEU B 259 32.23 -17.68 5.07
CA LEU B 259 33.01 -18.91 4.97
C LEU B 259 34.49 -18.60 5.21
N THR B 260 35.10 -19.38 6.12
CA THR B 260 36.54 -19.43 6.33
C THR B 260 37.00 -20.85 6.08
N PHE B 261 38.32 -21.00 5.90
CA PHE B 261 38.89 -22.27 5.48
C PHE B 261 40.01 -22.60 6.45
N PRO B 262 39.72 -23.25 7.60
CA PRO B 262 40.70 -23.42 8.66
C PRO B 262 41.78 -24.35 8.13
N PRO B 263 43.08 -24.08 8.42
CA PRO B 263 44.16 -24.96 7.97
C PRO B 263 44.05 -26.29 8.72
N PRO B 264 44.74 -27.37 8.30
CA PRO B 264 44.50 -28.69 8.89
C PRO B 264 44.68 -28.69 10.40
N THR B 265 45.65 -27.89 10.87
CA THR B 265 46.12 -27.79 12.25
C THR B 265 45.04 -27.26 13.22
N ALA B 266 44.06 -26.49 12.73
CA ALA B 266 43.18 -25.72 13.62
C ALA B 266 42.10 -26.60 14.25
N ASP B 267 41.73 -26.26 15.49
CA ASP B 267 40.63 -26.91 16.18
C ASP B 267 39.38 -26.06 15.98
N VAL B 268 38.28 -26.69 15.55
CA VAL B 268 37.11 -25.95 15.08
C VAL B 268 35.92 -26.16 16.02
N ASP B 269 35.40 -25.07 16.58
CA ASP B 269 34.36 -25.14 17.60
C ASP B 269 33.06 -24.49 17.11
N VAL B 270 32.25 -25.31 16.42
CA VAL B 270 30.94 -24.96 15.90
C VAL B 270 30.18 -24.12 16.93
N GLU B 271 30.38 -24.47 18.21
CA GLU B 271 29.52 -23.94 19.27
C GLU B 271 30.04 -22.60 19.81
N ASP B 272 31.23 -22.18 19.35
CA ASP B 272 31.85 -20.98 19.87
C ASP B 272 31.32 -19.74 19.14
N HIS B 273 30.06 -19.39 19.43
CA HIS B 273 29.37 -18.31 18.73
C HIS B 273 29.97 -16.95 19.06
N GLU B 274 31.03 -16.92 19.88
CA GLU B 274 31.60 -15.64 20.28
C GLU B 274 32.92 -15.44 19.57
N ALA B 275 33.60 -16.55 19.25
CA ALA B 275 34.81 -16.51 18.44
C ALA B 275 34.45 -16.21 16.98
N VAL B 276 33.53 -17.02 16.43
CA VAL B 276 32.98 -16.86 15.09
C VAL B 276 32.59 -15.40 14.87
N ARG B 277 31.73 -14.88 15.77
CA ARG B 277 31.21 -13.52 15.76
C ARG B 277 32.34 -12.51 15.65
N ALA B 278 33.53 -12.85 16.15
CA ALA B 278 34.63 -11.89 16.19
C ALA B 278 35.46 -12.00 14.91
N GLY B 279 35.44 -13.18 14.28
CA GLY B 279 36.06 -13.40 12.98
C GLY B 279 35.26 -12.75 11.85
N ILE B 280 33.94 -12.84 11.93
CA ILE B 280 33.10 -12.15 10.98
C ILE B 280 33.40 -10.65 11.11
N ARG B 281 33.42 -10.15 12.35
CA ARG B 281 33.61 -8.73 12.62
C ARG B 281 34.99 -8.30 12.14
N GLU B 282 35.94 -9.24 12.10
CA GLU B 282 37.25 -8.98 11.52
C GLU B 282 37.13 -8.86 10.00
N SER B 283 36.40 -9.80 9.38
CA SER B 283 36.25 -9.86 7.93
C SER B 283 35.55 -8.61 7.41
N ILE B 284 34.44 -8.26 8.06
CA ILE B 284 33.70 -7.03 7.85
C ILE B 284 34.62 -5.82 7.95
N GLY B 285 35.37 -5.69 9.07
CA GLY B 285 36.33 -4.63 9.29
C GLY B 285 35.71 -3.46 10.05
N ASP B 286 34.68 -3.78 10.85
CA ASP B 286 33.86 -2.79 11.53
C ASP B 286 33.35 -3.42 12.83
N PRO B 287 33.94 -3.05 13.99
CA PRO B 287 33.49 -3.61 15.26
C PRO B 287 32.08 -3.19 15.70
N THR B 288 31.49 -2.22 14.98
CA THR B 288 30.22 -1.61 15.39
C THR B 288 29.03 -2.34 14.76
N VAL B 289 29.29 -3.52 14.17
CA VAL B 289 28.24 -4.25 13.47
C VAL B 289 27.66 -5.33 14.38
N ASP B 290 26.34 -5.22 14.62
CA ASP B 290 25.54 -6.25 15.28
C ASP B 290 25.42 -7.45 14.33
N VAL B 291 25.84 -8.62 14.82
CA VAL B 291 25.98 -9.83 14.03
C VAL B 291 25.26 -10.99 14.72
N THR B 292 24.11 -11.41 14.18
CA THR B 292 23.28 -12.44 14.81
C THR B 292 23.53 -13.81 14.15
N ILE B 293 24.45 -14.60 14.71
CA ILE B 293 24.64 -15.97 14.23
C ILE B 293 23.31 -16.74 14.22
N LYS B 294 23.06 -17.52 13.17
CA LYS B 294 21.84 -18.31 13.06
C LYS B 294 22.18 -19.80 12.95
N ASN B 295 23.43 -20.11 12.62
CA ASN B 295 23.92 -21.48 12.60
C ASN B 295 25.40 -21.40 12.26
N VAL B 296 26.18 -22.41 12.70
CA VAL B 296 27.55 -22.59 12.25
C VAL B 296 27.74 -24.07 11.92
N SER B 297 28.48 -24.34 10.83
CA SER B 297 28.68 -25.70 10.34
C SER B 297 30.11 -25.85 9.83
N ALA B 298 30.78 -26.90 10.27
CA ALA B 298 32.01 -27.26 9.61
C ALA B 298 31.68 -28.42 8.68
N TRP B 299 32.43 -28.51 7.59
CA TRP B 299 32.19 -29.51 6.55
C TRP B 299 33.48 -29.69 5.75
N GLU B 300 33.48 -30.75 4.94
CA GLU B 300 34.70 -31.22 4.30
C GLU B 300 34.49 -31.12 2.79
N VAL B 301 35.40 -30.40 2.13
CA VAL B 301 35.31 -30.22 0.70
C VAL B 301 35.80 -31.50 0.05
N ASN B 302 34.96 -32.09 -0.81
CA ASN B 302 35.37 -33.24 -1.60
C ASN B 302 35.55 -32.84 -3.07
N SER B 303 36.11 -33.76 -3.85
CA SER B 303 36.30 -33.61 -5.29
C SER B 303 36.32 -34.99 -5.94
N ALA B 304 35.13 -35.56 -6.16
CA ALA B 304 35.06 -36.93 -6.67
C ALA B 304 33.79 -37.12 -7.50
N VAL B 305 33.91 -38.06 -8.45
CA VAL B 305 32.83 -38.53 -9.30
C VAL B 305 32.89 -40.07 -9.43
N ALA B 306 31.71 -40.71 -9.34
CA ALA B 306 31.54 -42.13 -9.62
C ALA B 306 31.85 -42.44 -11.09
N PRO B 307 32.52 -43.57 -11.39
CA PRO B 307 32.80 -43.96 -12.78
C PRO B 307 31.61 -44.67 -13.42
N ARG B 308 30.72 -45.16 -12.55
CA ARG B 308 29.46 -45.75 -12.96
C ARG B 308 28.38 -45.07 -12.12
N TYR B 309 27.28 -44.69 -12.78
CA TYR B 309 26.17 -44.00 -12.14
C TYR B 309 25.03 -44.98 -11.84
N ALA B 310 25.16 -46.22 -12.36
CA ALA B 310 24.09 -47.20 -12.28
C ALA B 310 24.66 -48.62 -12.23
N SER B 311 23.87 -49.52 -11.66
CA SER B 311 24.13 -50.95 -11.76
C SER B 311 22.81 -51.70 -11.74
N GLY B 312 22.48 -52.35 -12.85
CA GLY B 312 21.27 -53.13 -12.92
C GLY B 312 20.04 -52.23 -12.96
N ARG B 313 19.41 -52.07 -11.80
CA ARG B 313 18.09 -51.46 -11.65
C ARG B 313 18.22 -50.42 -10.54
N VAL B 314 19.47 -50.12 -10.20
CA VAL B 314 19.78 -49.06 -9.25
C VAL B 314 20.55 -47.93 -9.94
N PHE B 315 19.98 -46.71 -9.84
CA PHE B 315 20.53 -45.51 -10.49
C PHE B 315 20.83 -44.45 -9.43
N CYS B 316 22.03 -43.87 -9.50
CA CYS B 316 22.39 -42.86 -8.51
C CYS B 316 22.49 -41.45 -9.12
N VAL B 317 22.05 -40.42 -8.35
CA VAL B 317 21.89 -39.05 -8.84
C VAL B 317 22.43 -38.04 -7.82
N GLY B 318 22.93 -36.91 -8.32
CA GLY B 318 23.27 -35.79 -7.44
C GLY B 318 24.57 -36.05 -6.71
N ASP B 319 24.67 -35.54 -5.48
CA ASP B 319 25.86 -35.63 -4.64
C ASP B 319 26.34 -37.05 -4.39
N ALA B 320 25.45 -38.04 -4.60
CA ALA B 320 25.84 -39.43 -4.48
C ALA B 320 26.91 -39.76 -5.52
N VAL B 321 26.92 -39.04 -6.65
CA VAL B 321 27.77 -39.45 -7.76
C VAL B 321 28.75 -38.35 -8.21
N HIS B 322 28.64 -37.14 -7.64
CA HIS B 322 29.63 -36.10 -7.90
C HIS B 322 29.69 -35.10 -6.75
N GLN B 323 30.89 -34.91 -6.19
CA GLN B 323 31.08 -33.95 -5.12
C GLN B 323 32.24 -33.04 -5.53
N ASN B 324 32.06 -31.72 -5.30
CA ASN B 324 33.09 -30.76 -5.67
C ASN B 324 33.00 -29.56 -4.74
N PRO B 325 34.03 -28.69 -4.68
CA PRO B 325 33.89 -27.42 -3.95
C PRO B 325 32.68 -26.67 -4.52
N PRO B 326 32.10 -25.72 -3.76
CA PRO B 326 30.94 -24.98 -4.26
C PRO B 326 31.18 -23.90 -5.32
N THR B 327 32.42 -23.74 -5.78
CA THR B 327 32.73 -22.90 -6.93
C THR B 327 31.92 -23.33 -8.16
N ASN B 328 31.36 -22.32 -8.83
CA ASN B 328 30.56 -22.44 -10.05
C ASN B 328 29.11 -22.71 -9.72
N GLY B 329 28.82 -23.20 -8.50
CA GLY B 329 27.45 -23.55 -8.15
C GLY B 329 26.85 -24.61 -9.09
N LEU B 330 27.60 -25.68 -9.37
CA LEU B 330 27.14 -26.65 -10.33
C LEU B 330 26.49 -27.86 -9.67
N GLY B 331 26.67 -28.01 -8.35
CA GLY B 331 26.25 -29.21 -7.62
C GLY B 331 24.73 -29.40 -7.61
N LEU B 332 24.01 -28.41 -7.06
CA LEU B 332 22.57 -28.53 -6.97
C LEU B 332 21.93 -28.56 -8.37
N ASN B 333 22.37 -27.65 -9.24
CA ASN B 333 21.86 -27.54 -10.59
C ASN B 333 22.02 -28.87 -11.32
N SER B 334 23.19 -29.50 -11.18
CA SER B 334 23.51 -30.77 -11.84
C SER B 334 22.64 -31.91 -11.30
N ALA B 335 22.40 -31.87 -9.99
CA ALA B 335 21.56 -32.84 -9.33
C ALA B 335 20.15 -32.78 -9.91
N VAL B 336 19.57 -31.58 -9.93
CA VAL B 336 18.27 -31.38 -10.53
C VAL B 336 18.22 -32.02 -11.93
N ALA B 337 19.23 -31.71 -12.75
CA ALA B 337 19.32 -32.11 -14.14
C ALA B 337 19.47 -33.63 -14.25
N ASP B 338 20.26 -34.23 -13.36
CA ASP B 338 20.43 -35.67 -13.25
C ASP B 338 19.05 -36.34 -13.13
N SER B 339 18.27 -35.94 -12.13
CA SER B 339 16.99 -36.60 -11.91
C SER B 339 16.09 -36.42 -13.13
N PHE B 340 16.19 -35.20 -13.70
CA PHE B 340 15.36 -34.83 -14.84
C PHE B 340 15.77 -35.66 -16.04
N ASN B 341 17.00 -36.13 -16.08
CA ASN B 341 17.43 -36.95 -17.20
C ASN B 341 16.83 -38.35 -17.10
N LEU B 342 16.55 -38.81 -15.87
CA LEU B 342 16.31 -40.21 -15.60
C LEU B 342 14.81 -40.54 -15.61
N CYS B 343 14.00 -39.67 -14.99
CA CYS B 343 12.64 -40.05 -14.66
C CYS B 343 11.80 -40.38 -15.88
N TRP B 344 11.93 -39.60 -16.94
CA TRP B 344 11.15 -39.87 -18.13
C TRP B 344 11.51 -41.24 -18.72
N LYS B 345 12.79 -41.63 -18.56
CA LYS B 345 13.30 -42.90 -19.02
C LYS B 345 12.72 -44.05 -18.20
N LEU B 346 12.49 -43.81 -16.90
CA LEU B 346 11.94 -44.83 -16.02
C LEU B 346 10.46 -45.03 -16.34
N LYS B 347 9.79 -43.93 -16.72
CA LYS B 347 8.38 -44.02 -17.05
C LYS B 347 8.16 -44.96 -18.25
N LEU B 348 8.93 -44.76 -19.32
CA LEU B 348 8.78 -45.56 -20.52
C LEU B 348 9.14 -47.04 -20.32
N ALA B 349 10.15 -47.31 -19.46
CA ALA B 349 10.56 -48.66 -19.10
C ALA B 349 9.47 -49.34 -18.28
N LEU B 350 8.77 -48.55 -17.44
CA LEU B 350 7.72 -49.07 -16.59
C LEU B 350 6.49 -49.43 -17.41
N GLU B 351 6.29 -48.79 -18.57
CA GLU B 351 5.12 -49.11 -19.36
C GLU B 351 5.50 -50.06 -20.48
N GLY B 352 6.69 -50.68 -20.36
CA GLY B 352 7.20 -51.64 -21.31
C GLY B 352 7.51 -51.05 -22.68
N LEU B 353 7.65 -49.71 -22.76
CA LEU B 353 7.86 -49.04 -24.02
C LEU B 353 9.36 -48.88 -24.33
N ALA B 354 10.22 -49.21 -23.36
CA ALA B 354 11.67 -49.18 -23.54
C ALA B 354 12.33 -50.24 -22.68
N GLY B 355 13.46 -50.76 -23.17
CA GLY B 355 14.18 -51.83 -22.50
C GLY B 355 15.11 -51.27 -21.43
N PRO B 356 16.12 -52.03 -20.98
CA PRO B 356 17.14 -51.51 -20.08
C PRO B 356 18.21 -50.72 -20.85
N GLY B 357 18.10 -50.72 -22.18
CA GLY B 357 19.02 -50.00 -23.05
C GLY B 357 18.82 -48.48 -22.96
N LEU B 358 17.57 -48.07 -22.65
CA LEU B 358 17.27 -46.66 -22.41
C LEU B 358 17.88 -46.22 -21.09
N LEU B 359 17.69 -47.02 -20.04
CA LEU B 359 18.21 -46.65 -18.74
C LEU B 359 19.73 -46.58 -18.75
N ASP B 360 20.38 -47.39 -19.59
CA ASP B 360 21.83 -47.35 -19.77
C ASP B 360 22.27 -45.93 -20.15
N THR B 361 21.37 -45.21 -20.81
CA THR B 361 21.68 -43.91 -21.40
C THR B 361 21.80 -42.86 -20.29
N TYR B 362 21.12 -43.09 -19.16
CA TYR B 362 21.32 -42.23 -17.99
C TYR B 362 22.82 -42.12 -17.67
N HIS B 363 23.46 -43.27 -17.44
CA HIS B 363 24.89 -43.28 -17.17
C HIS B 363 25.63 -42.53 -18.29
N ASP B 364 25.29 -42.87 -19.55
CA ASP B 364 26.08 -42.44 -20.70
C ASP B 364 26.02 -40.94 -20.85
N GLU B 365 24.83 -40.36 -20.61
CA GLU B 365 24.56 -38.95 -20.76
C GLU B 365 25.09 -38.13 -19.58
N ARG B 366 24.85 -38.59 -18.34
CA ARG B 366 25.05 -37.78 -17.14
C ARG B 366 26.46 -37.93 -16.54
N GLN B 367 27.07 -39.09 -16.72
CA GLN B 367 28.36 -39.34 -16.09
C GLN B 367 29.40 -38.37 -16.65
N PRO B 368 29.50 -38.17 -17.99
CA PRO B 368 30.41 -37.17 -18.55
C PRO B 368 30.14 -35.74 -18.09
N VAL B 369 28.92 -35.46 -17.64
CA VAL B 369 28.58 -34.14 -17.12
C VAL B 369 29.07 -34.06 -15.68
N GLY B 370 29.04 -35.22 -15.00
CA GLY B 370 29.63 -35.36 -13.68
C GLY B 370 31.12 -35.02 -13.70
N ARG B 371 31.85 -35.59 -14.69
CA ARG B 371 33.28 -35.40 -14.81
C ARG B 371 33.58 -33.92 -15.07
N GLN B 372 32.81 -33.32 -15.98
CA GLN B 372 33.05 -31.93 -16.38
C GLN B 372 32.84 -30.98 -15.20
N ILE B 373 31.75 -31.14 -14.44
CA ILE B 373 31.46 -30.18 -13.38
C ILE B 373 32.51 -30.27 -12.27
N VAL B 374 32.97 -31.49 -11.98
CA VAL B 374 33.90 -31.73 -10.89
C VAL B 374 35.27 -31.12 -11.23
N ASP B 375 35.72 -31.33 -12.47
CA ASP B 375 36.89 -30.69 -13.01
C ASP B 375 36.75 -29.16 -12.90
N ARG B 376 35.70 -28.60 -13.50
CA ARG B 376 35.51 -27.15 -13.64
C ARG B 376 35.47 -26.47 -12.28
N ALA B 377 34.85 -27.16 -11.30
CA ALA B 377 34.72 -26.64 -9.95
C ALA B 377 36.08 -26.60 -9.27
N PHE B 378 36.89 -27.63 -9.52
CA PHE B 378 38.21 -27.76 -8.93
C PHE B 378 39.12 -26.60 -9.37
N ARG B 379 39.22 -26.42 -10.69
CA ARG B 379 40.02 -25.38 -11.30
C ARG B 379 39.57 -23.99 -10.79
N SER B 380 38.27 -23.80 -10.63
CA SER B 380 37.77 -22.51 -10.20
C SER B 380 38.17 -22.22 -8.75
N MET B 381 38.27 -23.29 -7.95
CA MET B 381 38.72 -23.21 -6.56
C MET B 381 40.20 -22.81 -6.53
N VAL B 382 41.02 -23.42 -7.39
CA VAL B 382 42.44 -23.09 -7.50
C VAL B 382 42.61 -21.62 -7.86
N ASP B 383 41.75 -21.14 -8.76
CA ASP B 383 41.88 -19.81 -9.32
C ASP B 383 41.75 -18.74 -8.21
N LEU B 384 41.02 -19.07 -7.14
CA LEU B 384 40.65 -18.05 -6.15
C LEU B 384 41.88 -17.57 -5.41
N ILE B 385 42.86 -18.47 -5.19
CA ILE B 385 44.03 -18.13 -4.41
C ILE B 385 44.91 -17.16 -5.21
N GLY B 386 44.79 -17.23 -6.55
CA GLY B 386 45.54 -16.40 -7.47
C GLY B 386 45.41 -14.92 -7.15
N ILE B 387 44.20 -14.51 -6.74
CA ILE B 387 43.93 -13.11 -6.45
C ILE B 387 44.86 -12.57 -5.35
N PRO B 388 44.83 -13.09 -4.10
CA PRO B 388 45.83 -12.71 -3.09
C PRO B 388 47.29 -12.89 -3.51
N GLN B 389 47.60 -13.99 -4.20
CA GLN B 389 48.96 -14.24 -4.67
C GLN B 389 49.45 -13.11 -5.58
N ALA B 390 48.54 -12.59 -6.42
CA ALA B 390 48.88 -11.57 -7.40
C ALA B 390 49.39 -10.35 -6.65
N LEU B 391 48.59 -9.91 -5.69
CA LEU B 391 48.84 -8.79 -4.79
C LEU B 391 50.17 -8.97 -4.06
N GLY B 392 50.75 -10.18 -4.13
CA GLY B 392 51.99 -10.51 -3.46
C GLY B 392 51.81 -10.91 -1.99
N PHE B 393 50.57 -10.95 -1.51
CA PHE B 393 50.26 -11.51 -0.21
C PHE B 393 50.95 -12.86 0.01
N THR B 394 51.51 -13.04 1.23
CA THR B 394 52.20 -14.25 1.66
C THR B 394 51.95 -14.48 3.16
N GLU B 395 52.56 -15.54 3.70
CA GLU B 395 52.56 -15.80 5.13
C GLU B 395 53.52 -14.83 5.83
N GLY B 396 53.50 -14.84 7.17
CA GLY B 396 54.30 -13.92 7.97
C GLY B 396 54.39 -12.55 7.32
N GLN B 397 53.25 -11.87 7.22
CA GLN B 397 53.20 -10.45 6.89
C GLN B 397 52.28 -9.78 7.90
N SER B 398 52.61 -8.55 8.31
CA SER B 398 51.78 -7.89 9.30
C SER B 398 50.61 -7.20 8.58
N PRO B 399 49.51 -6.88 9.31
CA PRO B 399 48.46 -6.02 8.75
C PRO B 399 49.06 -4.85 7.98
N GLU B 400 50.09 -4.25 8.58
CA GLU B 400 50.72 -3.01 8.14
C GLU B 400 51.52 -3.22 6.85
N GLU B 401 52.10 -4.42 6.64
CA GLU B 401 52.77 -4.73 5.38
C GLU B 401 51.75 -4.89 4.25
N GLN B 402 50.69 -5.65 4.53
CA GLN B 402 49.65 -5.96 3.55
C GLN B 402 48.88 -4.70 3.18
N TRP B 403 48.54 -3.82 4.15
CA TRP B 403 47.94 -2.53 3.84
C TRP B 403 48.85 -1.70 2.92
N ARG B 404 50.17 -1.99 2.97
CA ARG B 404 51.17 -1.29 2.19
C ARG B 404 51.16 -1.83 0.76
N LEU B 405 51.11 -3.17 0.61
CA LEU B 405 51.14 -3.80 -0.71
C LEU B 405 49.93 -3.41 -1.55
N LEU B 406 48.78 -3.18 -0.88
CA LEU B 406 47.56 -2.64 -1.49
C LEU B 406 47.77 -1.19 -1.93
N ASP B 407 48.40 -0.40 -1.03
CA ASP B 407 48.72 1.00 -1.24
C ASP B 407 49.70 1.14 -2.41
N THR B 408 50.75 0.31 -2.40
CA THR B 408 51.80 0.34 -3.39
C THR B 408 51.53 -0.61 -4.57
N LEU B 409 50.26 -0.77 -4.94
CA LEU B 409 49.92 -1.54 -6.13
C LEU B 409 49.99 -0.61 -7.35
N HIS B 410 49.66 0.67 -7.13
CA HIS B 410 49.58 1.67 -8.17
C HIS B 410 50.92 2.41 -8.36
N GLU B 411 52.06 1.75 -8.06
CA GLU B 411 53.38 2.36 -8.18
C GLU B 411 53.98 2.03 -9.55
N ASP B 412 54.95 2.87 -9.99
CA ASP B 412 55.44 2.75 -11.36
C ASP B 412 56.75 1.97 -11.40
N THR B 413 56.72 0.73 -10.91
CA THR B 413 57.94 -0.04 -10.80
C THR B 413 57.79 -1.33 -11.61
N GLU B 414 58.91 -2.04 -11.80
CA GLU B 414 58.97 -3.37 -12.39
C GLU B 414 58.21 -4.36 -11.52
N GLU B 415 58.33 -4.20 -10.18
CA GLU B 415 57.63 -4.98 -9.18
C GLU B 415 56.11 -4.85 -9.37
N ALA B 416 55.59 -3.62 -9.27
CA ALA B 416 54.16 -3.37 -9.20
C ALA B 416 53.48 -3.58 -10.55
N ARG B 417 54.26 -3.40 -11.62
CA ARG B 417 53.80 -3.64 -12.99
C ARG B 417 53.49 -5.12 -13.17
N GLN B 418 54.41 -5.98 -12.71
CA GLN B 418 54.29 -7.43 -12.79
C GLN B 418 53.14 -7.94 -11.92
N ARG B 419 52.99 -7.36 -10.72
CA ARG B 419 51.85 -7.61 -9.85
C ARG B 419 50.57 -7.26 -10.59
N ARG B 420 50.50 -6.04 -11.15
CA ARG B 420 49.26 -5.52 -11.71
C ARG B 420 48.81 -6.36 -12.91
N ALA B 421 49.78 -6.97 -13.62
CA ALA B 421 49.49 -7.81 -14.77
C ALA B 421 48.87 -9.10 -14.26
N ALA B 422 49.49 -9.66 -13.22
CA ALA B 422 49.12 -10.91 -12.60
C ALA B 422 47.72 -10.84 -11.99
N LEU B 423 47.36 -9.67 -11.42
CA LEU B 423 46.03 -9.45 -10.88
C LEU B 423 45.00 -9.47 -12.00
N ALA B 424 45.28 -8.77 -13.11
CA ALA B 424 44.30 -8.68 -14.17
C ALA B 424 44.16 -10.01 -14.90
N ALA B 425 45.21 -10.83 -14.88
CA ALA B 425 45.18 -12.16 -15.47
C ALA B 425 44.55 -13.18 -14.52
N ALA B 426 44.69 -12.96 -13.20
CA ALA B 426 44.08 -13.85 -12.23
C ALA B 426 42.59 -13.55 -12.19
N THR B 427 42.25 -12.25 -12.27
CA THR B 427 40.89 -11.74 -12.35
C THR B 427 40.20 -12.39 -13.54
N ALA B 428 40.90 -12.37 -14.69
CA ALA B 428 40.32 -12.89 -15.92
C ALA B 428 39.86 -14.34 -15.73
N ALA B 429 40.62 -15.13 -15.00
CA ALA B 429 40.34 -16.55 -14.86
C ALA B 429 39.01 -16.78 -14.13
N ILE B 430 38.57 -15.79 -13.33
CA ILE B 430 37.38 -15.94 -12.50
C ILE B 430 36.12 -16.05 -13.36
N HIS B 431 36.18 -15.61 -14.62
CA HIS B 431 35.07 -15.76 -15.55
C HIS B 431 34.66 -17.22 -15.65
N GLY B 432 35.67 -18.09 -15.47
CA GLY B 432 35.44 -19.52 -15.49
C GLY B 432 34.48 -19.99 -14.39
N GLN B 433 34.10 -19.10 -13.46
CA GLN B 433 33.16 -19.49 -12.43
C GLN B 433 31.98 -18.52 -12.38
N ALA B 434 32.20 -17.29 -12.86
CA ALA B 434 31.16 -16.28 -12.75
C ALA B 434 30.34 -16.17 -14.03
N ASN B 435 30.91 -16.59 -15.17
CA ASN B 435 30.23 -16.49 -16.45
C ASN B 435 30.52 -17.74 -17.28
N ALA B 436 30.43 -18.91 -16.63
CA ALA B 436 30.72 -20.18 -17.28
C ALA B 436 29.49 -20.68 -18.04
N HIS B 437 29.11 -19.94 -19.08
CA HIS B 437 27.82 -20.10 -19.70
C HIS B 437 27.76 -21.41 -20.48
N GLY B 438 28.88 -21.76 -21.10
CA GLY B 438 29.01 -22.98 -21.88
C GLY B 438 28.90 -24.26 -21.04
N VAL B 439 29.47 -24.28 -19.82
CA VAL B 439 29.34 -25.40 -18.88
C VAL B 439 27.92 -25.46 -18.33
N GLU B 440 27.35 -24.27 -18.04
CA GLU B 440 26.10 -24.18 -17.31
C GLU B 440 24.96 -24.74 -18.17
N LEU B 441 25.02 -24.42 -19.47
CA LEU B 441 23.87 -24.48 -20.35
C LEU B 441 24.25 -25.21 -21.64
N GLY B 442 25.56 -25.33 -21.90
CA GLY B 442 26.04 -25.73 -23.22
C GLY B 442 26.52 -27.17 -23.32
N TYR B 443 26.34 -27.97 -22.27
CA TYR B 443 26.71 -29.37 -22.34
C TYR B 443 25.79 -30.11 -23.32
N ARG B 444 26.37 -31.08 -24.03
CA ARG B 444 25.65 -31.85 -25.02
C ARG B 444 25.93 -33.33 -24.77
N TYR B 445 24.90 -34.16 -25.00
CA TYR B 445 25.01 -35.61 -24.90
C TYR B 445 25.55 -36.16 -26.22
N ARG B 446 26.70 -36.84 -26.18
CA ARG B 446 27.34 -37.28 -27.41
C ARG B 446 26.97 -38.73 -27.71
N THR B 447 26.56 -39.44 -26.66
CA THR B 447 26.03 -40.78 -26.79
C THR B 447 24.90 -40.93 -25.79
N GLY B 448 23.81 -41.59 -26.19
CA GLY B 448 22.67 -41.84 -25.32
C GLY B 448 21.37 -42.00 -26.11
N ALA B 449 20.25 -41.56 -25.52
CA ALA B 449 18.94 -41.66 -26.13
C ALA B 449 18.77 -40.65 -27.26
N LEU B 450 19.55 -40.81 -28.33
CA LEU B 450 19.56 -39.91 -29.47
C LEU B 450 20.15 -40.64 -30.67
N VAL B 451 20.00 -40.07 -31.87
CA VAL B 451 20.53 -40.63 -33.11
C VAL B 451 21.30 -39.52 -33.83
N PRO B 452 22.65 -39.62 -33.97
CA PRO B 452 23.40 -38.58 -34.70
C PRO B 452 22.89 -38.51 -36.13
N ASP B 453 23.03 -37.33 -36.75
CA ASP B 453 22.47 -37.05 -38.05
C ASP B 453 23.58 -37.06 -39.09
N GLY B 454 24.80 -37.36 -38.62
CA GLY B 454 25.98 -37.48 -39.46
C GLY B 454 26.69 -36.15 -39.68
N THR B 455 26.14 -35.07 -39.12
CA THR B 455 26.78 -33.76 -39.23
C THR B 455 27.84 -33.67 -38.14
N PRO B 456 28.90 -32.84 -38.31
CA PRO B 456 29.88 -32.67 -37.24
C PRO B 456 29.27 -31.74 -36.18
N GLU B 457 29.62 -32.00 -34.91
CA GLU B 457 29.29 -31.12 -33.80
C GLU B 457 29.80 -29.71 -34.07
N PRO B 458 28.92 -28.66 -33.99
CA PRO B 458 29.38 -27.28 -34.19
C PRO B 458 30.46 -26.95 -33.16
N ALA B 459 31.40 -26.08 -33.53
CA ALA B 459 32.47 -25.60 -32.66
C ALA B 459 33.03 -24.34 -33.29
N ASP B 460 33.67 -23.48 -32.47
CA ASP B 460 34.17 -22.19 -32.93
C ASP B 460 35.48 -21.92 -32.21
N GLU B 461 35.97 -20.67 -32.31
CA GLU B 461 37.26 -20.30 -31.77
C GLU B 461 37.15 -20.11 -30.26
N ARG B 462 35.92 -19.91 -29.79
CA ARG B 462 35.68 -19.38 -28.45
C ARG B 462 35.91 -20.49 -27.43
N ASP B 463 36.26 -20.09 -26.21
CA ASP B 463 36.37 -21.01 -25.10
C ASP B 463 34.99 -21.64 -24.84
N PRO B 464 34.84 -22.97 -24.99
CA PRO B 464 33.53 -23.63 -24.83
C PRO B 464 33.00 -23.76 -23.41
N GLU B 465 33.79 -23.37 -22.40
CA GLU B 465 33.29 -23.31 -21.04
C GLU B 465 32.57 -21.98 -20.80
N LEU B 466 33.08 -20.88 -21.38
CA LEU B 466 32.55 -19.57 -21.07
C LEU B 466 31.34 -19.25 -21.96
N TYR B 467 31.38 -19.74 -23.20
CA TYR B 467 30.48 -19.29 -24.26
C TYR B 467 29.57 -20.42 -24.73
N TYR B 468 28.25 -20.18 -24.66
CA TYR B 468 27.21 -21.10 -25.10
C TYR B 468 26.96 -20.91 -26.59
N ARG B 469 26.72 -21.99 -27.32
CA ARG B 469 26.36 -21.92 -28.73
C ARG B 469 25.11 -22.77 -28.96
N ALA B 470 23.98 -22.12 -29.28
CA ALA B 470 22.70 -22.80 -29.48
C ALA B 470 22.78 -23.72 -30.69
N THR B 471 22.34 -24.95 -30.52
CA THR B 471 22.37 -25.85 -31.67
C THR B 471 21.29 -26.89 -31.47
N THR B 472 20.76 -27.42 -32.59
CA THR B 472 19.82 -28.51 -32.51
C THR B 472 20.55 -29.83 -32.80
N TRP B 473 21.89 -29.76 -32.85
CA TRP B 473 22.67 -30.98 -33.00
C TRP B 473 22.24 -31.95 -31.92
N PRO B 474 21.85 -33.19 -32.29
CA PRO B 474 21.27 -34.15 -31.35
C PRO B 474 22.14 -34.33 -30.12
N GLY B 475 21.46 -34.31 -28.96
CA GLY B 475 22.12 -34.38 -27.67
C GLY B 475 22.16 -33.02 -26.97
N ALA B 476 22.14 -31.93 -27.75
CA ALA B 476 22.13 -30.60 -27.17
C ALA B 476 20.76 -30.27 -26.56
N ARG B 477 20.76 -29.35 -25.58
CA ARG B 477 19.51 -28.74 -25.11
C ARG B 477 18.90 -27.91 -26.25
N LEU B 478 17.63 -28.19 -26.58
CA LEU B 478 16.86 -27.47 -27.58
C LEU B 478 17.03 -25.95 -27.41
N PRO B 479 17.45 -25.20 -28.45
CA PRO B 479 17.63 -23.76 -28.34
C PRO B 479 16.34 -23.05 -27.96
N HIS B 480 16.49 -21.99 -27.16
CA HIS B 480 15.36 -21.15 -26.79
C HIS B 480 15.08 -20.14 -27.90
N ALA B 481 13.79 -20.01 -28.27
CA ALA B 481 13.30 -18.87 -29.05
C ALA B 481 11.92 -18.51 -28.56
N TRP B 482 11.57 -17.21 -28.64
CA TRP B 482 10.23 -16.77 -28.26
C TRP B 482 9.26 -17.10 -29.39
N LEU B 483 8.29 -17.97 -29.11
CA LEU B 483 7.18 -18.20 -30.01
C LEU B 483 5.97 -17.46 -29.46
N GLU B 484 4.88 -17.48 -30.22
CA GLU B 484 3.64 -16.85 -29.81
C GLU B 484 2.50 -17.71 -30.32
N ASN B 485 1.59 -18.06 -29.39
CA ASN B 485 0.47 -18.92 -29.69
C ASN B 485 -0.80 -18.13 -29.37
N GLY B 486 -1.50 -17.66 -30.40
CA GLY B 486 -2.44 -16.57 -30.21
C GLY B 486 -1.70 -15.33 -29.70
N ARG B 487 -1.99 -14.95 -28.45
CA ARG B 487 -1.39 -13.80 -27.80
C ARG B 487 -0.68 -14.27 -26.54
N HIS B 488 -0.40 -15.58 -26.48
CA HIS B 488 0.35 -16.17 -25.39
C HIS B 488 1.80 -16.33 -25.83
N ARG B 489 2.72 -15.77 -25.05
CA ARG B 489 4.15 -15.88 -25.28
C ARG B 489 4.70 -17.14 -24.60
N CYS B 490 5.49 -17.92 -25.35
CA CYS B 490 6.09 -19.15 -24.87
C CYS B 490 7.43 -19.39 -25.57
N SER B 491 8.32 -20.08 -24.88
CA SER B 491 9.58 -20.50 -25.45
C SER B 491 9.37 -21.81 -26.20
N THR B 492 10.31 -22.12 -27.12
CA THR B 492 10.39 -23.44 -27.71
C THR B 492 10.48 -24.49 -26.61
N LEU B 493 10.92 -24.09 -25.41
CA LEU B 493 11.15 -24.99 -24.29
C LEU B 493 9.84 -25.27 -23.54
N ASP B 494 8.87 -24.34 -23.63
CA ASP B 494 7.58 -24.42 -22.95
C ASP B 494 6.61 -25.31 -23.74
N VAL B 495 6.69 -25.26 -25.08
CA VAL B 495 5.78 -26.02 -25.94
C VAL B 495 6.33 -27.41 -26.21
N THR B 496 7.46 -27.79 -25.58
CA THR B 496 8.07 -29.12 -25.68
C THR B 496 8.30 -29.61 -24.27
N GLY B 497 8.97 -30.75 -24.09
CA GLY B 497 9.04 -31.32 -22.75
C GLY B 497 7.68 -31.86 -22.28
N ARG B 498 7.38 -31.68 -20.99
CA ARG B 498 6.11 -32.01 -20.34
C ARG B 498 5.70 -33.46 -20.60
N GLY B 499 6.66 -34.39 -20.50
CA GLY B 499 6.35 -35.81 -20.49
C GLY B 499 6.20 -36.42 -21.88
N ARG B 500 6.31 -35.61 -22.94
CA ARG B 500 6.14 -36.13 -24.28
C ARG B 500 7.34 -35.83 -25.17
N PHE B 501 7.51 -36.68 -26.19
CA PHE B 501 8.25 -36.37 -27.39
C PHE B 501 7.44 -35.39 -28.25
N THR B 502 8.13 -34.37 -28.78
CA THR B 502 7.53 -33.33 -29.61
C THR B 502 8.39 -33.15 -30.86
N LEU B 503 7.75 -33.04 -32.03
CA LEU B 503 8.49 -32.89 -33.28
C LEU B 503 8.23 -31.52 -33.86
N LEU B 504 9.24 -30.64 -33.86
CA LEU B 504 9.01 -29.28 -34.36
C LEU B 504 9.27 -29.24 -35.87
N THR B 505 8.35 -28.62 -36.60
CA THR B 505 8.49 -28.54 -38.04
C THR B 505 7.98 -27.18 -38.49
N GLY B 506 7.69 -27.06 -39.80
CA GLY B 506 7.28 -25.80 -40.40
C GLY B 506 6.64 -25.99 -41.77
N PRO B 507 6.52 -24.93 -42.61
CA PRO B 507 5.82 -25.06 -43.90
C PRO B 507 6.38 -26.24 -44.70
N GLY B 508 5.49 -27.04 -45.25
CA GLY B 508 5.87 -28.19 -46.07
C GLY B 508 6.20 -29.42 -45.21
N GLY B 509 5.92 -29.33 -43.90
CA GLY B 509 6.21 -30.42 -42.99
C GLY B 509 5.00 -31.33 -42.73
N GLU B 510 4.00 -31.29 -43.60
CA GLU B 510 2.87 -32.20 -43.44
C GLU B 510 3.33 -33.66 -43.37
N PRO B 511 4.23 -34.16 -44.24
CA PRO B 511 4.69 -35.56 -44.16
C PRO B 511 5.01 -36.11 -42.77
N TRP B 512 5.53 -35.25 -41.88
CA TRP B 512 5.85 -35.63 -40.50
C TRP B 512 4.63 -36.20 -39.79
N ARG B 513 3.42 -35.74 -40.16
CA ARG B 513 2.20 -36.23 -39.52
C ARG B 513 2.15 -37.75 -39.64
N ASP B 514 2.10 -38.25 -40.87
CA ASP B 514 2.02 -39.68 -41.16
C ASP B 514 3.17 -40.42 -40.48
N ALA B 515 4.37 -39.87 -40.60
CA ALA B 515 5.56 -40.50 -40.07
C ALA B 515 5.46 -40.67 -38.56
N ALA B 516 4.77 -39.73 -37.90
CA ALA B 516 4.62 -39.74 -36.46
C ALA B 516 3.63 -40.81 -36.03
N ARG B 517 2.50 -40.89 -36.76
CA ARG B 517 1.49 -41.93 -36.59
C ARG B 517 2.11 -43.30 -36.81
N ASP B 518 2.89 -43.46 -37.89
CA ASP B 518 3.59 -44.71 -38.15
C ASP B 518 4.51 -45.04 -36.97
N ALA B 519 5.18 -44.03 -36.41
CA ALA B 519 6.15 -44.20 -35.35
C ALA B 519 5.46 -44.70 -34.08
N ALA B 520 4.24 -44.20 -33.81
CA ALA B 520 3.48 -44.59 -32.65
C ALA B 520 2.90 -46.01 -32.77
N LEU B 521 2.69 -46.47 -34.01
CA LEU B 521 2.37 -47.87 -34.26
C LEU B 521 3.58 -48.72 -33.91
N ASP B 522 4.68 -48.55 -34.66
CA ASP B 522 5.91 -49.30 -34.51
C ASP B 522 6.41 -49.36 -33.06
N THR B 523 6.11 -48.34 -32.23
CA THR B 523 6.87 -48.17 -30.99
C THR B 523 6.01 -48.05 -29.73
N GLY B 524 4.76 -47.61 -29.87
CA GLY B 524 3.88 -47.41 -28.73
C GLY B 524 3.98 -45.99 -28.15
N VAL B 525 4.95 -45.20 -28.65
CA VAL B 525 5.21 -43.87 -28.10
C VAL B 525 4.64 -42.78 -29.00
N GLU B 526 3.82 -41.91 -28.41
CA GLU B 526 3.19 -40.82 -29.14
C GLU B 526 4.21 -39.70 -29.35
N VAL B 527 4.18 -39.08 -30.54
CA VAL B 527 5.04 -37.96 -30.87
C VAL B 527 4.14 -36.81 -31.34
N ALA B 528 4.01 -35.77 -30.52
CA ALA B 528 3.18 -34.62 -30.89
C ALA B 528 3.93 -33.82 -31.95
N VAL B 529 3.25 -33.52 -33.07
CA VAL B 529 3.85 -32.78 -34.16
C VAL B 529 3.41 -31.33 -34.02
N LEU B 530 4.37 -30.43 -33.83
CA LEU B 530 4.02 -29.03 -33.63
C LEU B 530 4.61 -28.18 -34.76
N PRO B 531 3.82 -27.73 -35.76
CA PRO B 531 4.35 -26.88 -36.81
C PRO B 531 4.45 -25.43 -36.34
N ILE B 532 5.64 -24.86 -36.51
CA ILE B 532 5.87 -23.47 -36.12
C ILE B 532 5.87 -22.64 -37.41
N GLY B 533 5.03 -21.62 -37.45
CA GLY B 533 5.02 -20.69 -38.56
C GLY B 533 4.21 -21.21 -39.75
N ALA B 534 3.37 -22.22 -39.51
CA ALA B 534 2.56 -22.84 -40.54
C ALA B 534 1.32 -23.46 -39.90
N GLY B 535 0.27 -23.66 -40.72
CA GLY B 535 -0.91 -24.46 -40.40
C GLY B 535 -1.64 -24.03 -39.12
N GLY B 536 -1.54 -22.73 -38.81
CA GLY B 536 -2.18 -22.10 -37.65
C GLY B 536 -1.54 -22.40 -36.29
N GLY B 537 -0.35 -23.04 -36.28
CA GLY B 537 0.39 -23.36 -35.06
C GLY B 537 1.03 -22.10 -34.43
N PRO B 538 1.91 -22.26 -33.42
CA PRO B 538 2.60 -21.11 -32.85
C PRO B 538 3.40 -20.38 -33.92
N ARG B 539 3.51 -19.05 -33.79
CA ARG B 539 4.33 -18.22 -34.67
C ARG B 539 5.71 -18.03 -34.07
N ASP B 540 6.63 -17.55 -34.90
CA ASP B 540 8.02 -17.25 -34.60
C ASP B 540 8.17 -15.77 -34.89
N PRO B 541 7.70 -14.88 -33.98
CA PRO B 541 7.48 -13.47 -34.33
C PRO B 541 8.73 -12.71 -34.75
N TYR B 542 9.91 -13.16 -34.30
CA TYR B 542 11.16 -12.46 -34.57
C TYR B 542 11.97 -13.17 -35.67
N GLY B 543 11.60 -14.39 -36.07
CA GLY B 543 12.40 -15.14 -37.02
C GLY B 543 13.51 -15.96 -36.34
N THR B 544 13.62 -15.83 -35.02
CA THR B 544 14.70 -16.42 -34.23
C THR B 544 14.72 -17.93 -34.39
N TRP B 545 13.56 -18.58 -34.26
CA TRP B 545 13.55 -20.01 -34.37
C TRP B 545 14.01 -20.44 -35.76
N ALA B 546 13.65 -19.68 -36.81
CA ALA B 546 14.11 -20.06 -38.15
C ALA B 546 15.63 -19.92 -38.28
N GLU B 547 16.24 -18.97 -37.54
CA GLU B 547 17.68 -18.81 -37.51
C GLU B 547 18.35 -19.98 -36.75
N LEU B 548 17.72 -20.47 -35.66
CA LEU B 548 18.42 -21.34 -34.73
C LEU B 548 18.21 -22.82 -35.07
N ARG B 549 17.12 -23.15 -35.77
CA ARG B 549 16.73 -24.54 -35.87
C ARG B 549 17.68 -25.37 -36.74
N GLU B 550 18.47 -24.72 -37.63
CA GLU B 550 19.48 -25.41 -38.41
C GLU B 550 18.89 -26.57 -39.22
N VAL B 551 17.61 -26.51 -39.57
CA VAL B 551 17.03 -27.43 -40.52
C VAL B 551 16.29 -26.53 -41.51
N GLU B 552 15.68 -27.11 -42.55
CA GLU B 552 14.91 -26.31 -43.50
C GLU B 552 13.48 -26.22 -43.00
N GLU B 553 12.68 -25.31 -43.54
CA GLU B 553 11.28 -25.20 -43.16
C GLU B 553 10.62 -26.57 -43.07
N SER B 554 10.99 -27.50 -43.96
CA SER B 554 10.19 -28.71 -44.06
C SER B 554 10.78 -29.79 -43.17
N GLY B 555 11.87 -29.43 -42.47
CA GLY B 555 12.56 -30.42 -41.65
C GLY B 555 11.89 -30.60 -40.28
N ALA B 556 12.65 -31.20 -39.36
CA ALA B 556 12.06 -31.54 -38.08
C ALA B 556 13.16 -31.65 -37.03
N VAL B 557 12.84 -31.23 -35.80
CA VAL B 557 13.69 -31.36 -34.63
C VAL B 557 12.85 -32.17 -33.66
N LEU B 558 13.37 -33.31 -33.21
CA LEU B 558 12.63 -34.20 -32.32
C LEU B 558 13.15 -34.00 -30.90
N VAL B 559 12.26 -33.57 -30.00
CA VAL B 559 12.65 -33.13 -28.68
C VAL B 559 12.16 -34.16 -27.66
N ARG B 560 13.06 -34.56 -26.76
CA ARG B 560 12.79 -35.54 -25.74
C ARG B 560 12.01 -34.86 -24.62
N PRO B 561 11.41 -35.62 -23.68
CA PRO B 561 10.72 -34.98 -22.55
C PRO B 561 11.65 -34.11 -21.70
N ASP B 562 12.98 -34.27 -21.83
CA ASP B 562 13.87 -33.51 -20.97
C ASP B 562 14.39 -32.25 -21.66
N GLY B 563 13.98 -32.04 -22.92
CA GLY B 563 14.27 -30.80 -23.61
C GLY B 563 15.53 -30.90 -24.47
N HIS B 564 16.21 -32.04 -24.42
CA HIS B 564 17.31 -32.27 -25.32
C HIS B 564 16.76 -32.81 -26.64
N VAL B 565 17.57 -32.62 -27.69
CA VAL B 565 17.25 -33.04 -29.05
C VAL B 565 17.66 -34.50 -29.27
N ALA B 566 16.67 -35.37 -29.53
CA ALA B 566 16.90 -36.78 -29.84
C ALA B 566 17.41 -36.97 -31.26
N TRP B 567 16.92 -36.15 -32.21
CA TRP B 567 17.20 -36.32 -33.62
C TRP B 567 16.78 -35.06 -34.37
N ARG B 568 17.38 -34.86 -35.56
CA ARG B 568 16.96 -33.79 -36.47
C ARG B 568 17.11 -34.25 -37.92
N ALA B 569 16.37 -33.59 -38.81
CA ALA B 569 16.24 -33.90 -40.22
C ALA B 569 16.08 -32.62 -41.01
N ARG B 570 16.98 -32.42 -41.97
CA ARG B 570 17.09 -31.25 -42.83
C ARG B 570 15.75 -30.90 -43.46
N ASP B 571 15.01 -31.90 -43.97
CA ASP B 571 13.78 -31.62 -44.70
C ASP B 571 12.83 -32.81 -44.61
N HIS B 572 11.59 -32.64 -45.12
CA HIS B 572 10.53 -33.64 -45.11
C HIS B 572 10.94 -34.94 -45.81
N GLY B 573 11.95 -34.88 -46.69
CA GLY B 573 12.51 -36.07 -47.31
C GLY B 573 12.73 -37.20 -46.31
N HIS B 574 13.16 -36.82 -45.10
CA HIS B 574 13.67 -37.80 -44.14
C HIS B 574 12.54 -38.39 -43.32
N ALA B 575 11.31 -37.99 -43.62
CA ALA B 575 10.14 -38.29 -42.79
C ALA B 575 10.00 -39.79 -42.50
N LYS B 576 10.32 -40.64 -43.48
CA LYS B 576 10.15 -42.09 -43.37
C LYS B 576 11.12 -42.68 -42.34
N GLU B 577 12.17 -41.93 -41.98
CA GLU B 577 13.18 -42.43 -41.07
C GLU B 577 12.67 -42.45 -39.63
N LEU B 578 11.56 -41.75 -39.34
CA LEU B 578 11.19 -41.43 -37.97
C LEU B 578 10.85 -42.67 -37.15
N PRO B 579 10.03 -43.63 -37.67
CA PRO B 579 9.70 -44.84 -36.90
C PRO B 579 10.97 -45.53 -36.41
N GLU B 580 11.92 -45.73 -37.34
CA GLU B 580 13.21 -46.32 -37.03
C GLU B 580 13.87 -45.50 -35.92
N VAL B 581 13.97 -44.16 -36.12
CA VAL B 581 14.70 -43.26 -35.24
C VAL B 581 14.18 -43.34 -33.82
N MET B 582 12.84 -43.36 -33.65
CA MET B 582 12.19 -43.48 -32.35
C MET B 582 12.49 -44.83 -31.72
N ALA B 583 12.71 -45.87 -32.54
CA ALA B 583 12.97 -47.21 -32.03
C ALA B 583 14.37 -47.25 -31.41
N ARG B 584 15.34 -46.59 -32.06
CA ARG B 584 16.72 -46.55 -31.61
C ARG B 584 16.84 -45.69 -30.34
N VAL B 585 15.98 -44.66 -30.24
CA VAL B 585 16.05 -43.70 -29.16
C VAL B 585 15.62 -44.43 -27.89
N LEU B 586 14.61 -45.30 -28.03
CA LEU B 586 14.01 -45.98 -26.90
C LEU B 586 14.76 -47.28 -26.59
N HIS B 587 15.78 -47.59 -27.41
CA HIS B 587 16.46 -48.88 -27.37
C HIS B 587 15.39 -49.98 -27.23
N GLN B 588 14.48 -50.04 -28.20
CA GLN B 588 13.46 -51.07 -28.32
C GLN B 588 14.01 -52.20 -29.22
N PRO B 589 13.55 -53.47 -29.07
CA PRO B 589 14.11 -54.58 -29.85
C PRO B 589 13.95 -54.56 -31.39
N THR C 10 -12.48 -38.08 -50.98
CA THR C 10 -12.00 -36.67 -50.95
C THR C 10 -11.08 -36.50 -49.74
N ALA C 11 -9.76 -36.46 -49.99
CA ALA C 11 -8.79 -36.22 -48.94
C ALA C 11 -9.00 -34.84 -48.32
N PRO C 12 -9.00 -34.73 -46.97
CA PRO C 12 -9.34 -33.48 -46.29
C PRO C 12 -8.19 -32.49 -46.07
N ASP C 13 -8.51 -31.19 -46.00
CA ASP C 13 -7.50 -30.16 -45.76
C ASP C 13 -6.87 -30.29 -44.37
N ILE C 14 -7.60 -30.87 -43.40
CA ILE C 14 -7.14 -31.11 -42.05
C ILE C 14 -7.74 -32.41 -41.51
N ARG C 15 -6.88 -33.26 -40.94
CA ARG C 15 -7.28 -34.45 -40.21
C ARG C 15 -6.91 -34.21 -38.75
N VAL C 16 -7.86 -34.39 -37.83
CA VAL C 16 -7.66 -34.10 -36.43
C VAL C 16 -8.55 -35.03 -35.60
N PRO C 17 -8.09 -35.59 -34.46
CA PRO C 17 -8.93 -36.47 -33.63
C PRO C 17 -10.35 -35.94 -33.37
N VAL C 18 -10.45 -34.68 -32.91
CA VAL C 18 -11.73 -34.09 -32.51
C VAL C 18 -11.85 -32.68 -33.07
N LEU C 19 -13.00 -32.37 -33.67
CA LEU C 19 -13.29 -31.01 -34.07
C LEU C 19 -14.39 -30.47 -33.15
N ILE C 20 -14.11 -29.33 -32.50
CA ILE C 20 -15.08 -28.66 -31.65
C ILE C 20 -15.65 -27.47 -32.42
N VAL C 21 -16.98 -27.44 -32.58
CA VAL C 21 -17.62 -26.33 -33.28
C VAL C 21 -18.28 -25.41 -32.26
N GLY C 22 -17.72 -24.21 -32.10
CA GLY C 22 -18.23 -23.20 -31.20
C GLY C 22 -17.23 -23.01 -30.07
N GLY C 23 -16.94 -21.76 -29.75
CA GLY C 23 -15.91 -21.41 -28.78
C GLY C 23 -16.49 -20.50 -27.70
N GLY C 24 -17.68 -20.89 -27.22
CA GLY C 24 -18.26 -20.38 -25.98
C GLY C 24 -17.84 -21.24 -24.78
N PRO C 25 -18.45 -21.06 -23.59
CA PRO C 25 -18.06 -21.83 -22.42
C PRO C 25 -18.01 -23.33 -22.65
N ALA C 26 -19.02 -23.87 -23.34
CA ALA C 26 -19.05 -25.31 -23.56
C ALA C 26 -17.86 -25.78 -24.42
N GLY C 27 -17.68 -25.13 -25.57
CA GLY C 27 -16.60 -25.45 -26.49
C GLY C 27 -15.21 -25.28 -25.88
N LEU C 28 -15.00 -24.14 -25.18
CA LEU C 28 -13.69 -23.83 -24.62
C LEU C 28 -13.34 -24.80 -23.49
N THR C 29 -14.35 -25.15 -22.67
CA THR C 29 -14.20 -26.19 -21.67
C THR C 29 -13.76 -27.50 -22.32
N ALA C 30 -14.44 -27.94 -23.38
CA ALA C 30 -14.01 -29.14 -24.09
C ALA C 30 -12.55 -29.02 -24.54
N ALA C 31 -12.19 -27.87 -25.12
CA ALA C 31 -10.82 -27.65 -25.59
C ALA C 31 -9.82 -27.77 -24.43
N LEU C 32 -10.21 -27.26 -23.26
CA LEU C 32 -9.28 -27.26 -22.14
C LEU C 32 -9.15 -28.65 -21.53
N ALA C 33 -10.27 -29.34 -21.36
CA ALA C 33 -10.24 -30.74 -20.94
C ALA C 33 -9.39 -31.56 -21.91
N LEU C 34 -9.68 -31.49 -23.22
CA LEU C 34 -8.90 -32.24 -24.19
C LEU C 34 -7.41 -31.85 -24.13
N SER C 35 -7.14 -30.55 -23.94
CA SER C 35 -5.78 -30.06 -23.74
C SER C 35 -5.09 -30.76 -22.59
N ARG C 36 -5.76 -30.83 -21.43
CA ARG C 36 -5.18 -31.46 -20.26
C ARG C 36 -5.03 -32.95 -20.51
N TYR C 37 -5.89 -33.53 -21.34
CA TYR C 37 -5.79 -34.97 -21.57
C TYR C 37 -4.68 -35.30 -22.60
N GLY C 38 -4.21 -34.30 -23.34
CA GLY C 38 -3.21 -34.51 -24.38
C GLY C 38 -3.83 -34.90 -25.72
N VAL C 39 -5.10 -34.53 -25.97
CA VAL C 39 -5.78 -34.99 -27.18
C VAL C 39 -5.79 -33.83 -28.17
N PRO C 40 -5.03 -33.95 -29.29
CA PRO C 40 -5.00 -32.89 -30.30
C PRO C 40 -6.42 -32.70 -30.82
N HIS C 41 -6.77 -31.44 -31.08
CA HIS C 41 -8.11 -31.04 -31.51
C HIS C 41 -8.03 -29.67 -32.17
N LEU C 42 -9.08 -29.37 -32.93
CA LEU C 42 -9.25 -28.08 -33.55
C LEU C 42 -10.62 -27.57 -33.08
N LEU C 43 -10.68 -26.28 -32.73
CA LEU C 43 -11.95 -25.67 -32.39
C LEU C 43 -12.17 -24.50 -33.34
N VAL C 44 -13.37 -24.44 -33.94
CA VAL C 44 -13.71 -23.35 -34.85
C VAL C 44 -14.82 -22.52 -34.23
N ASN C 45 -14.68 -21.20 -34.30
CA ASN C 45 -15.69 -20.32 -33.75
C ASN C 45 -16.07 -19.27 -34.78
N ARG C 46 -17.38 -19.12 -35.02
CA ARG C 46 -18.01 -18.23 -35.98
C ARG C 46 -17.47 -16.81 -35.86
N HIS C 47 -17.53 -16.26 -34.64
CA HIS C 47 -17.26 -14.85 -34.41
C HIS C 47 -15.76 -14.65 -34.31
N HIS C 48 -15.34 -13.41 -34.59
CA HIS C 48 -13.93 -13.09 -34.56
C HIS C 48 -13.47 -12.94 -33.13
N GLY C 49 -14.38 -12.55 -32.24
CA GLY C 49 -14.04 -12.31 -30.84
C GLY C 49 -14.61 -13.39 -29.92
N THR C 50 -14.10 -13.44 -28.68
CA THR C 50 -14.86 -13.99 -27.57
C THR C 50 -16.06 -13.09 -27.30
N ALA C 51 -16.87 -13.43 -26.28
CA ALA C 51 -18.07 -12.67 -25.98
C ALA C 51 -17.69 -11.24 -25.59
N HIS C 52 -18.51 -10.28 -26.02
CA HIS C 52 -18.20 -8.87 -25.81
C HIS C 52 -19.09 -8.25 -24.74
N THR C 53 -20.24 -8.87 -24.46
CA THR C 53 -21.10 -8.48 -23.35
C THR C 53 -21.14 -9.57 -22.29
N PRO C 54 -21.53 -9.27 -21.02
CA PRO C 54 -21.54 -10.25 -19.92
C PRO C 54 -22.38 -11.53 -20.02
N ARG C 55 -23.61 -11.48 -20.56
CA ARG C 55 -24.38 -12.72 -20.65
C ARG C 55 -24.37 -13.47 -19.31
N ALA C 56 -23.99 -14.76 -19.28
CA ALA C 56 -23.94 -15.59 -18.08
C ALA C 56 -22.84 -15.17 -17.09
N HIS C 57 -23.00 -15.42 -15.79
CA HIS C 57 -22.06 -14.91 -14.81
C HIS C 57 -21.92 -15.79 -13.55
N LEU C 58 -23.00 -16.42 -13.08
CA LEU C 58 -22.92 -17.18 -11.83
C LEU C 58 -22.27 -18.54 -12.07
N LEU C 59 -21.18 -18.77 -11.35
CA LEU C 59 -20.46 -20.03 -11.31
C LEU C 59 -20.80 -20.71 -9.98
N ASN C 60 -21.45 -21.88 -10.07
CA ASN C 60 -21.80 -22.64 -8.88
C ASN C 60 -20.62 -23.51 -8.46
N GLN C 61 -20.80 -24.24 -7.38
CA GLN C 61 -19.73 -25.03 -6.79
C GLN C 61 -19.27 -26.10 -7.77
N ARG C 62 -20.20 -26.71 -8.51
CA ARG C 62 -19.77 -27.76 -9.42
C ARG C 62 -18.77 -27.19 -10.43
N THR C 63 -19.07 -25.99 -10.96
CA THR C 63 -18.18 -25.37 -11.93
C THR C 63 -16.84 -25.07 -11.26
N GLY C 64 -16.90 -24.53 -10.04
CA GLY C 64 -15.71 -24.39 -9.21
C GLY C 64 -14.83 -25.63 -9.22
N GLU C 65 -15.46 -26.80 -9.00
CA GLU C 65 -14.75 -28.06 -8.83
C GLU C 65 -14.13 -28.47 -10.16
N ILE C 66 -14.85 -28.24 -11.27
CA ILE C 66 -14.36 -28.63 -12.57
C ILE C 66 -13.20 -27.71 -12.95
N PHE C 67 -13.31 -26.42 -12.59
CA PHE C 67 -12.25 -25.45 -12.83
C PHE C 67 -11.00 -25.81 -12.02
N ARG C 68 -11.18 -26.38 -10.81
CA ARG C 68 -10.03 -26.89 -10.07
C ARG C 68 -9.39 -28.08 -10.80
N ASP C 69 -10.19 -29.08 -11.17
CA ASP C 69 -9.65 -30.17 -11.95
C ASP C 69 -8.88 -29.68 -13.19
N LEU C 70 -9.45 -28.73 -13.94
CA LEU C 70 -8.82 -28.18 -15.14
C LEU C 70 -7.67 -27.21 -14.83
N GLY C 71 -7.40 -26.96 -13.55
CA GLY C 71 -6.29 -26.12 -13.16
C GLY C 71 -6.47 -24.63 -13.50
N ILE C 72 -7.71 -24.11 -13.61
CA ILE C 72 -7.86 -22.66 -13.79
C ILE C 72 -8.56 -21.95 -12.64
N ALA C 73 -8.78 -22.62 -11.50
CA ALA C 73 -9.63 -22.13 -10.43
C ALA C 73 -9.09 -20.81 -9.85
N ASP C 74 -7.77 -20.69 -9.72
CA ASP C 74 -7.10 -19.53 -9.13
C ASP C 74 -7.28 -18.26 -9.99
N ARG C 75 -7.12 -18.40 -11.31
CA ARG C 75 -7.30 -17.28 -12.21
C ARG C 75 -8.75 -16.82 -12.14
N VAL C 76 -9.68 -17.79 -12.04
CA VAL C 76 -11.09 -17.49 -12.04
C VAL C 76 -11.43 -16.78 -10.73
N GLU C 77 -10.90 -17.33 -9.64
CA GLU C 77 -11.06 -16.72 -8.33
C GLU C 77 -10.53 -15.28 -8.31
N ALA C 78 -9.37 -15.04 -8.94
CA ALA C 78 -8.69 -13.75 -8.90
C ALA C 78 -9.57 -12.63 -9.45
N HIS C 79 -10.47 -12.97 -10.40
CA HIS C 79 -11.25 -11.98 -11.14
C HIS C 79 -12.70 -11.90 -10.65
N ALA C 80 -13.17 -12.91 -9.90
CA ALA C 80 -14.60 -13.13 -9.67
C ALA C 80 -15.08 -12.40 -8.43
N THR C 81 -16.36 -11.98 -8.41
CA THR C 81 -16.96 -11.53 -7.15
C THR C 81 -17.12 -12.73 -6.22
N PRO C 82 -16.62 -12.60 -4.97
CA PRO C 82 -16.68 -13.71 -4.00
C PRO C 82 -18.11 -13.87 -3.50
N GLY C 83 -18.44 -15.09 -3.05
CA GLY C 83 -19.78 -15.49 -2.63
C GLY C 83 -20.46 -14.59 -1.57
N HIS C 84 -19.69 -14.02 -0.65
CA HIS C 84 -20.29 -13.26 0.44
C HIS C 84 -20.87 -11.93 -0.06
N LEU C 85 -20.54 -11.55 -1.30
CA LEU C 85 -21.14 -10.30 -1.78
C LEU C 85 -22.35 -10.64 -2.64
N MET C 86 -22.76 -11.91 -2.60
CA MET C 86 -23.97 -12.35 -3.25
C MET C 86 -24.88 -13.00 -2.20
N ALA C 87 -24.97 -12.33 -1.04
CA ALA C 87 -25.50 -12.87 0.20
C ALA C 87 -27.03 -12.93 0.17
N ASN C 88 -27.65 -12.09 -0.63
CA ASN C 88 -29.09 -11.90 -0.61
C ASN C 88 -29.64 -11.99 -2.02
N HIS C 89 -30.95 -12.27 -2.07
CA HIS C 89 -31.80 -12.04 -3.21
C HIS C 89 -32.87 -11.08 -2.71
N VAL C 90 -32.92 -9.90 -3.30
CA VAL C 90 -33.71 -8.77 -2.83
C VAL C 90 -34.87 -8.56 -3.81
N PHE C 91 -36.09 -8.37 -3.29
CA PHE C 91 -37.22 -7.83 -4.07
C PHE C 91 -37.56 -6.44 -3.54
N MET C 92 -37.85 -5.49 -4.43
CA MET C 92 -38.02 -4.12 -3.97
C MET C 92 -39.04 -3.39 -4.84
N SER C 93 -39.24 -2.10 -4.56
CA SER C 93 -39.95 -1.21 -5.47
C SER C 93 -38.92 -0.64 -6.46
N THR C 94 -38.48 0.60 -6.26
CA THR C 94 -37.33 1.14 -6.96
C THR C 94 -36.11 0.78 -6.10
N PHE C 95 -34.91 0.91 -6.66
CA PHE C 95 -33.68 0.70 -5.91
C PHE C 95 -33.57 1.67 -4.75
N ALA C 96 -34.07 2.92 -4.93
CA ALA C 96 -34.00 3.93 -3.88
C ALA C 96 -35.17 3.84 -2.90
N GLY C 97 -36.29 3.24 -3.34
CA GLY C 97 -37.51 3.22 -2.55
C GLY C 97 -37.55 2.02 -1.61
N PRO C 98 -38.72 1.74 -0.97
CA PRO C 98 -38.84 0.67 0.02
C PRO C 98 -38.64 -0.71 -0.58
N GLU C 99 -38.15 -1.61 0.27
CA GLU C 99 -37.86 -2.98 -0.10
C GLU C 99 -39.10 -3.81 0.23
N VAL C 100 -39.25 -4.95 -0.43
CA VAL C 100 -40.46 -5.73 -0.30
C VAL C 100 -40.16 -7.01 0.48
N ALA C 101 -39.07 -7.71 0.11
CA ALA C 101 -38.74 -9.01 0.66
C ALA C 101 -37.28 -9.33 0.38
N ARG C 102 -36.71 -10.25 1.17
CA ARG C 102 -35.31 -10.58 1.05
C ARG C 102 -35.09 -11.99 1.55
N ILE C 103 -34.29 -12.78 0.83
CA ILE C 103 -33.87 -14.07 1.36
C ILE C 103 -32.35 -14.15 1.26
N GLY C 104 -31.73 -15.07 2.01
CA GLY C 104 -30.33 -15.37 1.82
C GLY C 104 -30.13 -16.11 0.51
N ALA C 105 -28.96 -15.90 -0.13
CA ALA C 105 -28.76 -16.49 -1.45
C ALA C 105 -27.43 -17.25 -1.49
N TYR C 106 -27.40 -18.23 -2.41
CA TYR C 106 -26.19 -18.97 -2.74
C TYR C 106 -25.53 -19.49 -1.46
N GLY C 107 -26.37 -20.05 -0.56
CA GLY C 107 -25.94 -20.63 0.70
C GLY C 107 -25.25 -19.66 1.66
N ASN C 108 -25.50 -18.35 1.56
CA ASN C 108 -24.96 -17.41 2.53
C ASN C 108 -25.84 -17.25 3.77
N GLY C 109 -27.09 -17.73 3.74
CA GLY C 109 -27.96 -17.66 4.90
C GLY C 109 -27.57 -18.66 5.98
N PRO C 110 -27.70 -18.31 7.28
CA PRO C 110 -27.34 -19.23 8.37
C PRO C 110 -27.97 -20.60 8.28
N ASP C 111 -29.14 -20.73 7.66
CA ASP C 111 -29.68 -22.09 7.63
C ASP C 111 -29.07 -22.94 6.53
N ARG C 112 -28.35 -22.31 5.58
CA ARG C 112 -27.80 -23.04 4.43
C ARG C 112 -26.27 -23.10 4.48
N ILE C 113 -25.61 -22.16 5.14
CA ILE C 113 -24.16 -22.00 4.94
C ILE C 113 -23.40 -23.29 5.32
N GLY C 114 -23.87 -23.97 6.35
CA GLY C 114 -23.22 -25.18 6.80
C GLY C 114 -23.17 -26.26 5.71
N GLU C 115 -24.28 -26.47 5.01
CA GLU C 115 -24.34 -27.54 4.02
C GLU C 115 -23.54 -27.13 2.79
N TYR C 116 -23.52 -25.84 2.50
CA TYR C 116 -22.80 -25.29 1.31
C TYR C 116 -21.30 -25.43 1.54
N ARG C 117 -20.82 -25.20 2.74
CA ARG C 117 -19.38 -25.30 3.03
C ARG C 117 -18.92 -26.75 3.11
N ALA C 118 -19.79 -27.66 3.50
CA ALA C 118 -19.38 -29.06 3.66
C ALA C 118 -19.55 -29.84 2.37
N ALA C 119 -20.20 -29.26 1.38
CA ALA C 119 -20.56 -29.97 0.16
C ALA C 119 -19.48 -29.87 -0.92
N SER C 120 -18.64 -28.83 -0.86
CA SER C 120 -17.67 -28.60 -1.91
C SER C 120 -16.42 -27.90 -1.38
N PRO C 121 -15.23 -28.14 -1.96
CA PRO C 121 -14.05 -27.30 -1.66
C PRO C 121 -14.19 -25.89 -2.24
N SER C 122 -15.13 -25.75 -3.18
CA SER C 122 -15.29 -24.52 -3.93
C SER C 122 -16.55 -23.78 -3.48
N GLY C 123 -16.49 -22.44 -3.45
CA GLY C 123 -17.63 -21.58 -3.19
C GLY C 123 -18.28 -21.21 -4.52
N LEU C 124 -19.40 -20.48 -4.48
CA LEU C 124 -19.98 -19.88 -5.67
C LEU C 124 -19.31 -18.52 -5.84
N CYS C 125 -19.19 -18.07 -7.09
CA CYS C 125 -18.62 -16.76 -7.34
C CYS C 125 -19.24 -16.21 -8.62
N ASN C 126 -18.95 -14.94 -8.93
CA ASN C 126 -19.57 -14.31 -10.08
C ASN C 126 -18.46 -13.83 -11.00
N LEU C 127 -18.45 -14.32 -12.24
CA LEU C 127 -17.50 -13.92 -13.26
C LEU C 127 -18.23 -13.92 -14.60
N PRO C 128 -18.55 -12.74 -15.14
CA PRO C 128 -19.21 -12.65 -16.45
C PRO C 128 -18.42 -13.25 -17.63
N GLN C 129 -19.15 -13.62 -18.69
CA GLN C 129 -18.62 -14.44 -19.77
C GLN C 129 -17.46 -13.74 -20.49
N HIS C 130 -17.51 -12.40 -20.58
CA HIS C 130 -16.51 -11.69 -21.34
C HIS C 130 -15.20 -11.70 -20.58
N LEU C 131 -15.21 -12.08 -19.30
CA LEU C 131 -13.98 -12.22 -18.55
C LEU C 131 -13.58 -13.68 -18.50
N LEU C 132 -14.55 -14.58 -18.47
CA LEU C 132 -14.24 -16.00 -18.29
C LEU C 132 -13.71 -16.59 -19.59
N GLU C 133 -14.30 -16.24 -20.75
CA GLU C 133 -13.91 -16.84 -22.02
C GLU C 133 -12.44 -16.56 -22.31
N PRO C 134 -11.92 -15.31 -22.19
CA PRO C 134 -10.47 -15.07 -22.28
C PRO C 134 -9.58 -15.97 -21.44
N LEU C 135 -10.03 -16.26 -20.20
CA LEU C 135 -9.26 -17.08 -19.28
C LEU C 135 -9.13 -18.52 -19.83
N LEU C 136 -10.24 -19.07 -20.32
CA LEU C 136 -10.24 -20.37 -20.97
C LEU C 136 -9.36 -20.33 -22.23
N VAL C 137 -9.55 -19.32 -23.09
CA VAL C 137 -8.72 -19.13 -24.28
C VAL C 137 -7.23 -19.13 -23.88
N GLU C 138 -6.88 -18.37 -22.83
CA GLU C 138 -5.48 -18.29 -22.42
C GLU C 138 -5.00 -19.68 -22.00
N ALA C 139 -5.80 -20.40 -21.21
CA ALA C 139 -5.36 -21.69 -20.68
C ALA C 139 -5.18 -22.69 -21.82
N VAL C 140 -6.06 -22.67 -22.83
CA VAL C 140 -5.85 -23.46 -24.04
C VAL C 140 -4.58 -23.06 -24.82
N GLN C 141 -4.35 -21.76 -25.01
CA GLN C 141 -3.21 -21.31 -25.80
C GLN C 141 -1.92 -21.76 -25.12
N GLU C 142 -1.91 -21.72 -23.80
CA GLU C 142 -0.73 -22.07 -23.00
C GLU C 142 -0.45 -23.57 -23.08
N ALA C 143 -1.48 -24.43 -23.03
CA ALA C 143 -1.24 -25.87 -23.13
C ALA C 143 -0.66 -26.29 -24.50
N CYS C 144 -1.20 -25.71 -25.58
CA CYS C 144 -0.63 -25.87 -26.90
C CYS C 144 -0.80 -27.30 -27.39
N VAL C 145 -2.01 -27.86 -27.20
CA VAL C 145 -2.26 -29.23 -27.59
C VAL C 145 -3.25 -29.24 -28.75
N GLY C 146 -4.08 -28.20 -28.82
CA GLY C 146 -5.04 -28.01 -29.88
C GLY C 146 -5.04 -26.56 -30.34
N GLN C 147 -5.81 -26.26 -31.38
CA GLN C 147 -5.70 -24.98 -32.03
C GLN C 147 -7.08 -24.32 -32.00
N LEU C 148 -7.12 -23.00 -31.74
CA LEU C 148 -8.35 -22.23 -31.78
C LEU C 148 -8.39 -21.41 -33.06
N ARG C 149 -9.51 -21.50 -33.77
CA ARG C 149 -9.71 -20.78 -35.00
C ARG C 149 -10.96 -19.93 -34.87
N PHE C 150 -10.77 -18.67 -34.49
CA PHE C 150 -11.85 -17.70 -34.50
C PHE C 150 -12.04 -17.17 -35.92
N GLY C 151 -13.24 -16.66 -36.22
CA GLY C 151 -13.57 -16.23 -37.56
C GLY C 151 -13.83 -17.38 -38.54
N HIS C 152 -13.94 -18.63 -38.07
CA HIS C 152 -14.26 -19.77 -38.92
C HIS C 152 -15.64 -20.31 -38.61
N GLU C 153 -16.47 -20.49 -39.64
CA GLU C 153 -17.90 -20.80 -39.54
C GLU C 153 -18.16 -22.21 -40.06
N PHE C 154 -18.69 -23.07 -39.19
CA PHE C 154 -19.10 -24.40 -39.61
C PHE C 154 -20.31 -24.29 -40.55
N VAL C 155 -20.26 -25.05 -41.66
CA VAL C 155 -21.31 -25.00 -42.67
C VAL C 155 -22.11 -26.31 -42.66
N SER C 156 -21.45 -27.47 -42.68
CA SER C 156 -22.15 -28.74 -42.81
C SER C 156 -21.22 -29.88 -42.44
N LEU C 157 -21.80 -31.07 -42.19
CA LEU C 157 -21.02 -32.28 -41.94
C LEU C 157 -21.68 -33.44 -42.67
N GLU C 158 -20.89 -34.50 -42.90
CA GLU C 158 -21.38 -35.86 -43.16
C GLU C 158 -20.56 -36.73 -42.22
N GLN C 159 -21.10 -37.89 -41.85
CA GLN C 159 -20.37 -38.86 -41.04
C GLN C 159 -20.66 -40.28 -41.56
N ASP C 160 -19.81 -41.24 -41.14
CA ASP C 160 -19.78 -42.62 -41.59
C ASP C 160 -19.22 -43.46 -40.44
N GLU C 161 -19.09 -44.78 -40.62
CA GLU C 161 -18.66 -45.63 -39.50
C GLU C 161 -17.29 -45.16 -38.99
N HIS C 162 -16.54 -44.40 -39.80
CA HIS C 162 -15.13 -44.20 -39.52
C HIS C 162 -14.81 -42.83 -38.93
N GLY C 163 -15.64 -41.83 -39.24
CA GLY C 163 -15.35 -40.45 -38.86
C GLY C 163 -16.37 -39.44 -39.37
N VAL C 164 -16.02 -38.16 -39.19
CA VAL C 164 -16.87 -37.04 -39.53
C VAL C 164 -16.07 -36.12 -40.44
N THR C 165 -16.76 -35.64 -41.47
CA THR C 165 -16.21 -34.74 -42.45
C THR C 165 -17.05 -33.47 -42.46
N SER C 166 -16.40 -32.34 -42.18
CA SER C 166 -17.09 -31.08 -41.97
C SER C 166 -16.52 -30.05 -42.93
N ARG C 167 -17.40 -29.15 -43.38
CA ARG C 167 -17.01 -28.04 -44.22
C ARG C 167 -17.03 -26.74 -43.39
N ILE C 168 -15.86 -26.09 -43.33
CA ILE C 168 -15.67 -24.84 -42.60
C ILE C 168 -15.34 -23.74 -43.61
N THR C 169 -15.90 -22.55 -43.38
CA THR C 169 -15.57 -21.31 -44.08
C THR C 169 -14.70 -20.41 -43.22
N ASP C 170 -13.52 -20.01 -43.75
CA ASP C 170 -12.75 -18.89 -43.22
C ASP C 170 -13.41 -17.58 -43.63
N ARG C 171 -14.01 -16.87 -42.67
CA ARG C 171 -14.85 -15.73 -42.98
C ARG C 171 -14.04 -14.49 -43.41
N ARG C 172 -12.72 -14.49 -43.18
CA ARG C 172 -11.88 -13.37 -43.60
C ARG C 172 -11.59 -13.47 -45.11
N THR C 173 -11.14 -14.68 -45.51
CA THR C 173 -10.70 -14.97 -46.86
C THR C 173 -11.82 -15.49 -47.75
N GLY C 174 -12.91 -16.02 -47.16
CA GLY C 174 -13.99 -16.60 -47.95
C GLY C 174 -13.68 -17.99 -48.49
N ARG C 175 -12.52 -18.55 -48.12
CA ARG C 175 -12.09 -19.87 -48.54
C ARG C 175 -12.82 -20.94 -47.71
N ASP C 176 -13.41 -21.93 -48.38
CA ASP C 176 -13.89 -23.11 -47.68
C ASP C 176 -12.76 -24.10 -47.56
N TYR C 177 -12.85 -24.99 -46.57
CA TYR C 177 -11.96 -26.13 -46.41
C TYR C 177 -12.69 -27.25 -45.68
N THR C 178 -12.07 -28.43 -45.58
CA THR C 178 -12.73 -29.56 -44.94
C THR C 178 -11.84 -30.16 -43.85
N VAL C 179 -12.52 -30.64 -42.80
CA VAL C 179 -11.89 -31.29 -41.68
C VAL C 179 -12.45 -32.71 -41.57
N ARG C 180 -11.54 -33.66 -41.38
CA ARG C 180 -11.86 -35.04 -41.09
C ARG C 180 -11.47 -35.32 -39.64
N SER C 181 -12.44 -35.76 -38.84
CA SER C 181 -12.18 -36.08 -37.44
C SER C 181 -12.83 -37.42 -37.07
N ASP C 182 -12.31 -38.02 -36.00
CA ASP C 182 -12.93 -39.21 -35.44
C ASP C 182 -14.27 -38.82 -34.79
N TYR C 183 -14.32 -37.64 -34.15
CA TYR C 183 -15.51 -37.17 -33.46
C TYR C 183 -15.68 -35.66 -33.69
N LEU C 184 -16.90 -35.19 -33.48
CA LEU C 184 -17.21 -33.77 -33.53
C LEU C 184 -18.08 -33.41 -32.32
N ILE C 185 -17.68 -32.32 -31.64
CA ILE C 185 -18.42 -31.77 -30.53
C ILE C 185 -19.18 -30.56 -31.06
N GLY C 186 -20.51 -30.64 -30.99
CA GLY C 186 -21.35 -29.50 -31.33
C GLY C 186 -21.60 -28.61 -30.11
N ALA C 187 -20.92 -27.45 -30.07
CA ALA C 187 -20.95 -26.50 -28.98
C ALA C 187 -21.28 -25.10 -29.50
N ASP C 188 -22.15 -25.03 -30.51
CA ASP C 188 -22.38 -23.80 -31.24
C ASP C 188 -23.62 -23.08 -30.72
N GLY C 189 -24.02 -23.37 -29.48
CA GLY C 189 -25.04 -22.59 -28.82
C GLY C 189 -26.44 -22.74 -29.41
N ALA C 190 -27.34 -21.83 -29.01
CA ALA C 190 -28.74 -21.88 -29.40
C ALA C 190 -28.84 -21.86 -30.92
N ARG C 191 -29.85 -22.57 -31.46
CA ARG C 191 -30.04 -22.65 -32.91
C ARG C 191 -28.82 -23.33 -33.54
N SER C 192 -28.31 -24.36 -32.84
CA SER C 192 -27.15 -25.13 -33.25
C SER C 192 -27.30 -25.56 -34.70
N ARG C 193 -26.25 -25.27 -35.46
CA ARG C 193 -26.16 -25.67 -36.85
C ARG C 193 -25.86 -27.16 -36.89
N VAL C 194 -25.04 -27.64 -35.95
CA VAL C 194 -24.65 -29.03 -35.91
C VAL C 194 -25.90 -29.88 -35.66
N LEU C 195 -26.64 -29.50 -34.62
CA LEU C 195 -27.80 -30.27 -34.17
C LEU C 195 -28.78 -30.39 -35.33
N ALA C 196 -28.99 -29.29 -36.04
CA ALA C 196 -29.88 -29.26 -37.18
C ALA C 196 -29.42 -30.26 -38.25
N GLN C 197 -28.11 -30.34 -38.51
CA GLN C 197 -27.53 -31.25 -39.49
C GLN C 197 -27.74 -32.71 -39.09
N LEU C 198 -27.96 -32.96 -37.80
CA LEU C 198 -28.09 -34.34 -37.34
C LEU C 198 -29.55 -34.79 -37.43
N GLY C 199 -30.45 -33.85 -37.75
CA GLY C 199 -31.88 -34.12 -37.81
C GLY C 199 -32.61 -34.12 -36.46
N ILE C 200 -31.98 -33.59 -35.39
CA ILE C 200 -32.59 -33.56 -34.07
C ILE C 200 -33.20 -32.18 -33.84
N ALA C 201 -34.46 -32.14 -33.44
CA ALA C 201 -35.16 -30.89 -33.14
C ALA C 201 -35.44 -30.81 -31.65
N LEU C 202 -35.35 -29.60 -31.09
CA LEU C 202 -35.62 -29.39 -29.66
C LEU C 202 -37.10 -29.55 -29.36
N ASP C 203 -37.43 -30.27 -28.28
CA ASP C 203 -38.75 -30.24 -27.67
C ASP C 203 -38.86 -29.02 -26.76
N GLY C 204 -39.96 -28.27 -26.92
CA GLY C 204 -40.19 -27.15 -26.02
C GLY C 204 -40.84 -25.98 -26.74
N ALA C 205 -40.47 -24.77 -26.34
CA ALA C 205 -41.01 -23.53 -26.88
C ALA C 205 -39.88 -22.54 -27.15
N THR C 206 -40.00 -21.83 -28.28
CA THR C 206 -39.14 -20.72 -28.66
C THR C 206 -39.89 -19.43 -28.31
N GLY C 207 -39.15 -18.35 -28.00
CA GLY C 207 -39.70 -17.00 -27.86
C GLY C 207 -40.90 -16.92 -26.92
N ILE C 208 -40.77 -17.43 -25.69
CA ILE C 208 -41.84 -17.43 -24.70
C ILE C 208 -41.98 -16.03 -24.06
N ALA C 209 -40.92 -15.22 -24.16
CA ALA C 209 -40.92 -13.80 -23.81
C ALA C 209 -39.69 -13.15 -24.44
N ARG C 210 -39.67 -11.81 -24.47
CA ARG C 210 -38.51 -11.05 -24.95
C ARG C 210 -37.87 -10.28 -23.78
N ALA C 211 -36.56 -10.00 -23.88
CA ALA C 211 -35.80 -9.34 -22.83
C ALA C 211 -34.90 -8.25 -23.41
N VAL C 212 -34.60 -7.24 -22.60
CA VAL C 212 -33.63 -6.24 -23.01
C VAL C 212 -32.66 -6.12 -21.84
N THR C 213 -31.40 -6.49 -22.12
CA THR C 213 -30.31 -6.44 -21.16
C THR C 213 -29.38 -5.27 -21.47
N THR C 214 -29.40 -4.28 -20.59
CA THR C 214 -28.49 -3.17 -20.67
C THR C 214 -27.35 -3.36 -19.68
N TRP C 215 -26.13 -3.35 -20.19
CA TRP C 215 -24.92 -3.38 -19.40
C TRP C 215 -24.58 -1.92 -19.18
N PHE C 216 -24.38 -1.47 -17.92
CA PHE C 216 -24.18 -0.05 -17.64
C PHE C 216 -23.34 0.14 -16.39
N GLU C 217 -22.81 1.35 -16.20
CA GLU C 217 -22.06 1.75 -15.02
C GLU C 217 -22.86 2.80 -14.26
N ALA C 218 -22.81 2.73 -12.93
CA ALA C 218 -23.49 3.68 -12.08
C ALA C 218 -23.15 3.33 -10.64
N ASP C 219 -22.81 4.31 -9.80
CA ASP C 219 -22.47 3.99 -8.43
C ASP C 219 -23.72 3.78 -7.60
N LEU C 220 -24.14 2.53 -7.40
CA LEU C 220 -25.41 2.33 -6.71
C LEU C 220 -25.19 1.81 -5.29
N SER C 221 -24.02 2.10 -4.73
CA SER C 221 -23.59 1.44 -3.50
C SER C 221 -24.49 1.87 -2.35
N ARG C 222 -25.02 3.07 -2.48
CA ARG C 222 -25.91 3.66 -1.48
C ARG C 222 -27.17 2.79 -1.32
N TYR C 223 -27.54 2.08 -2.38
CA TYR C 223 -28.81 1.37 -2.41
C TYR C 223 -28.59 -0.14 -2.34
N SER C 224 -27.32 -0.56 -2.24
CA SER C 224 -26.99 -1.96 -2.46
C SER C 224 -26.07 -2.49 -1.36
N ALA C 225 -25.11 -1.66 -0.91
CA ALA C 225 -24.01 -2.19 -0.10
C ALA C 225 -24.52 -2.77 1.20
N HIS C 226 -25.65 -2.25 1.69
CA HIS C 226 -26.14 -2.64 2.99
C HIS C 226 -26.94 -3.93 2.86
N ARG C 227 -27.25 -4.32 1.61
CA ARG C 227 -28.00 -5.54 1.34
C ARG C 227 -27.39 -6.23 0.13
N PRO C 228 -26.15 -6.74 0.26
CA PRO C 228 -25.39 -7.22 -0.90
C PRO C 228 -26.11 -8.39 -1.57
N ALA C 229 -26.26 -8.27 -2.89
CA ALA C 229 -26.98 -9.30 -3.64
C ALA C 229 -26.46 -9.39 -5.07
N LEU C 230 -26.72 -10.53 -5.70
CA LEU C 230 -26.49 -10.64 -7.13
C LEU C 230 -27.72 -10.07 -7.84
N LEU C 231 -28.91 -10.43 -7.36
CA LEU C 231 -30.18 -10.05 -7.97
C LEU C 231 -30.97 -9.11 -7.07
N TYR C 232 -31.24 -7.93 -7.61
CA TYR C 232 -32.23 -7.02 -7.07
C TYR C 232 -33.37 -6.94 -8.07
N MET C 233 -34.54 -7.45 -7.67
CA MET C 233 -35.73 -7.46 -8.51
C MET C 233 -36.73 -6.41 -8.03
N GLY C 234 -36.93 -5.42 -8.92
CA GLY C 234 -37.73 -4.27 -8.59
C GLY C 234 -39.04 -4.22 -9.39
N ALA C 235 -39.93 -3.38 -8.91
CA ALA C 235 -41.16 -3.07 -9.60
C ALA C 235 -41.37 -1.58 -9.41
N VAL C 236 -41.45 -0.82 -10.50
CA VAL C 236 -41.75 0.60 -10.35
C VAL C 236 -43.26 0.75 -10.10
N PRO C 237 -43.71 1.38 -8.98
CA PRO C 237 -45.13 1.63 -8.73
C PRO C 237 -45.79 2.31 -9.92
N GLY C 238 -46.89 1.70 -10.38
CA GLY C 238 -47.67 2.18 -11.51
C GLY C 238 -47.45 1.28 -12.71
N SER C 239 -46.86 0.11 -12.46
CA SER C 239 -46.51 -0.81 -13.53
C SER C 239 -47.26 -2.12 -13.32
N PRO C 240 -47.63 -2.85 -14.40
CA PRO C 240 -48.21 -4.19 -14.25
C PRO C 240 -47.17 -5.14 -13.66
N PRO C 241 -47.59 -6.28 -13.04
CA PRO C 241 -46.64 -7.26 -12.48
C PRO C 241 -45.55 -7.76 -13.43
N ALA C 242 -45.90 -7.94 -14.71
CA ALA C 242 -44.97 -8.49 -15.69
C ALA C 242 -43.90 -7.46 -16.05
N ASP C 243 -44.03 -6.23 -15.55
CA ASP C 243 -43.07 -5.19 -15.84
C ASP C 243 -41.99 -5.15 -14.74
N GLY C 244 -41.43 -6.32 -14.44
CA GLY C 244 -40.31 -6.41 -13.54
C GLY C 244 -39.07 -5.71 -14.07
N ARG C 245 -38.28 -5.10 -13.19
CA ARG C 245 -36.97 -4.59 -13.54
C ARG C 245 -35.95 -5.36 -12.72
N VAL C 246 -34.96 -5.98 -13.39
CA VAL C 246 -33.98 -6.76 -12.66
C VAL C 246 -32.61 -6.12 -12.81
N PHE C 247 -31.99 -5.80 -11.67
CA PHE C 247 -30.59 -5.41 -11.63
C PHE C 247 -29.74 -6.62 -11.25
N VAL C 248 -28.60 -6.80 -11.94
CA VAL C 248 -27.67 -7.87 -11.64
C VAL C 248 -26.34 -7.17 -11.37
N SER C 249 -25.71 -7.45 -10.22
CA SER C 249 -24.41 -6.90 -9.85
C SER C 249 -23.27 -7.63 -10.57
N LEU C 250 -22.37 -6.89 -11.24
CA LEU C 250 -21.27 -7.50 -11.98
C LEU C 250 -19.93 -7.18 -11.34
N ARG C 251 -19.75 -5.91 -10.97
CA ARG C 251 -18.64 -5.40 -10.18
C ARG C 251 -19.26 -4.54 -9.08
N PRO C 252 -19.40 -5.09 -7.85
CA PRO C 252 -20.00 -4.34 -6.73
C PRO C 252 -19.23 -3.04 -6.55
N TRP C 253 -19.92 -1.89 -6.50
CA TRP C 253 -21.33 -1.70 -6.79
C TRP C 253 -21.46 -0.68 -7.91
N THR C 254 -20.53 -0.73 -8.88
CA THR C 254 -20.49 0.28 -9.94
C THR C 254 -20.84 -0.27 -11.33
N GLU C 255 -20.91 -1.59 -11.50
CA GLU C 255 -21.19 -2.15 -12.82
C GLU C 255 -22.32 -3.18 -12.71
N TRP C 256 -23.29 -3.12 -13.64
CA TRP C 256 -24.60 -3.72 -13.49
C TRP C 256 -25.16 -4.19 -14.82
N LEU C 257 -26.06 -5.18 -14.80
CA LEU C 257 -27.02 -5.39 -15.85
C LEU C 257 -28.35 -4.87 -15.36
N HIS C 258 -29.17 -4.33 -16.27
CA HIS C 258 -30.58 -4.06 -16.04
C HIS C 258 -31.36 -4.84 -17.08
N LEU C 259 -32.35 -5.66 -16.66
CA LEU C 259 -33.23 -6.33 -17.60
C LEU C 259 -34.65 -5.80 -17.49
N THR C 260 -35.31 -5.61 -18.64
CA THR C 260 -36.74 -5.39 -18.68
C THR C 260 -37.34 -6.45 -19.58
N PHE C 261 -38.67 -6.59 -19.51
CA PHE C 261 -39.40 -7.57 -20.30
C PHE C 261 -40.56 -6.87 -21.01
N PRO C 262 -40.30 -6.32 -22.22
CA PRO C 262 -41.30 -5.54 -22.93
C PRO C 262 -42.45 -6.46 -23.32
N PRO C 263 -43.71 -5.96 -23.32
CA PRO C 263 -44.85 -6.77 -23.71
C PRO C 263 -44.78 -6.98 -25.23
N PRO C 264 -45.41 -8.05 -25.80
CA PRO C 264 -45.16 -8.45 -27.19
C PRO C 264 -45.39 -7.28 -28.14
N THR C 265 -46.24 -6.35 -27.67
CA THR C 265 -46.82 -5.26 -28.43
C THR C 265 -45.99 -3.98 -28.33
N ALA C 266 -44.68 -4.11 -28.12
CA ALA C 266 -43.86 -2.92 -27.93
C ALA C 266 -42.63 -2.99 -28.84
N ASP C 267 -42.28 -1.83 -29.42
CA ASP C 267 -41.22 -1.74 -30.41
C ASP C 267 -39.92 -1.43 -29.66
N VAL C 268 -38.90 -2.28 -29.84
CA VAL C 268 -37.70 -2.27 -29.02
C VAL C 268 -36.48 -1.74 -29.80
N ASP C 269 -35.97 -0.58 -29.38
CA ASP C 269 -34.90 0.09 -30.10
C ASP C 269 -33.61 0.02 -29.29
N VAL C 270 -32.81 -1.01 -29.59
CA VAL C 270 -31.52 -1.27 -28.96
C VAL C 270 -30.67 0.00 -28.95
N GLU C 271 -30.82 0.85 -29.97
CA GLU C 271 -29.91 1.97 -30.18
C GLU C 271 -30.34 3.22 -29.42
N ASP C 272 -31.63 3.34 -29.06
CA ASP C 272 -32.14 4.52 -28.37
C ASP C 272 -31.64 4.57 -26.93
N HIS C 273 -30.38 4.99 -26.77
CA HIS C 273 -29.67 4.98 -25.49
C HIS C 273 -30.29 5.98 -24.51
N GLU C 274 -31.01 6.97 -25.04
CA GLU C 274 -31.65 7.99 -24.23
C GLU C 274 -32.82 7.39 -23.46
N ALA C 275 -33.64 6.59 -24.14
CA ALA C 275 -34.82 5.98 -23.55
C ALA C 275 -34.45 4.94 -22.51
N VAL C 276 -33.57 4.00 -22.90
CA VAL C 276 -33.02 2.98 -22.00
C VAL C 276 -32.55 3.66 -20.71
N ARG C 277 -31.66 4.66 -20.86
CA ARG C 277 -31.14 5.42 -19.72
C ARG C 277 -32.28 5.92 -18.84
N ALA C 278 -33.35 6.42 -19.46
CA ALA C 278 -34.47 6.98 -18.72
C ALA C 278 -35.21 5.86 -17.97
N GLY C 279 -35.36 4.69 -18.62
CA GLY C 279 -35.93 3.48 -18.01
C GLY C 279 -35.16 3.06 -16.76
N ILE C 280 -33.82 3.07 -16.86
CA ILE C 280 -32.94 2.70 -15.76
C ILE C 280 -33.10 3.68 -14.61
N ARG C 281 -33.08 4.99 -14.89
CA ARG C 281 -33.31 6.02 -13.89
C ARG C 281 -34.66 5.82 -13.17
N GLU C 282 -35.71 5.47 -13.94
CA GLU C 282 -37.02 5.15 -13.38
C GLU C 282 -36.90 3.93 -12.46
N SER C 283 -36.27 2.84 -12.92
CA SER C 283 -36.05 1.63 -12.12
C SER C 283 -35.27 1.91 -10.83
N ILE C 284 -34.21 2.71 -10.92
CA ILE C 284 -33.45 3.11 -9.76
C ILE C 284 -34.32 4.01 -8.89
N GLY C 285 -35.04 4.93 -9.53
CA GLY C 285 -35.90 5.86 -8.80
C GLY C 285 -35.14 7.03 -8.17
N ASP C 286 -33.96 7.35 -8.72
CA ASP C 286 -33.16 8.49 -8.30
C ASP C 286 -32.67 9.20 -9.56
N PRO C 287 -33.24 10.40 -9.89
CA PRO C 287 -33.00 11.01 -11.19
C PRO C 287 -31.61 11.64 -11.36
N THR C 288 -30.87 11.75 -10.26
CA THR C 288 -29.60 12.46 -10.19
C THR C 288 -28.40 11.56 -10.55
N VAL C 289 -28.65 10.25 -10.67
CA VAL C 289 -27.62 9.24 -10.82
C VAL C 289 -27.10 9.20 -12.25
N ASP C 290 -25.77 9.27 -12.39
CA ASP C 290 -25.05 9.09 -13.64
C ASP C 290 -25.14 7.63 -14.05
N VAL C 291 -25.69 7.39 -15.26
CA VAL C 291 -25.82 6.08 -15.87
C VAL C 291 -25.10 6.12 -17.21
N THR C 292 -24.06 5.27 -17.39
CA THR C 292 -23.32 5.14 -18.63
C THR C 292 -23.65 3.78 -19.26
N ILE C 293 -24.40 3.79 -20.37
CA ILE C 293 -24.67 2.58 -21.13
C ILE C 293 -23.37 2.05 -21.76
N LYS C 294 -23.22 0.72 -21.74
CA LYS C 294 -22.08 0.06 -22.34
C LYS C 294 -22.56 -0.82 -23.48
N ASN C 295 -23.81 -1.25 -23.38
CA ASN C 295 -24.38 -2.17 -24.35
C ASN C 295 -25.84 -2.42 -24.00
N VAL C 296 -26.65 -2.61 -25.05
CA VAL C 296 -28.06 -2.93 -24.98
C VAL C 296 -28.26 -4.05 -25.99
N SER C 297 -28.84 -5.17 -25.54
CA SER C 297 -29.09 -6.34 -26.35
C SER C 297 -30.52 -6.78 -26.13
N ALA C 298 -31.23 -7.06 -27.24
CA ALA C 298 -32.52 -7.70 -27.15
C ALA C 298 -32.28 -9.20 -27.36
N TRP C 299 -33.17 -10.01 -26.80
CA TRP C 299 -33.09 -11.46 -26.94
C TRP C 299 -34.40 -12.12 -26.53
N GLU C 300 -34.63 -13.30 -27.07
CA GLU C 300 -35.82 -14.08 -26.76
C GLU C 300 -35.46 -15.17 -25.74
N VAL C 301 -36.36 -15.35 -24.77
CA VAL C 301 -36.26 -16.36 -23.74
C VAL C 301 -36.83 -17.65 -24.31
N ASN C 302 -36.09 -18.75 -24.17
CA ASN C 302 -36.53 -20.02 -24.75
C ASN C 302 -36.61 -21.04 -23.63
N SER C 303 -37.38 -22.10 -23.86
CA SER C 303 -37.43 -23.20 -22.91
C SER C 303 -37.48 -24.50 -23.70
N ALA C 304 -36.33 -25.17 -23.88
CA ALA C 304 -36.28 -26.30 -24.79
C ALA C 304 -35.14 -27.22 -24.45
N VAL C 305 -35.28 -28.50 -24.82
CA VAL C 305 -34.23 -29.47 -24.56
C VAL C 305 -34.26 -30.52 -25.68
N ALA C 306 -33.06 -30.96 -26.11
CA ALA C 306 -32.92 -32.02 -27.10
C ALA C 306 -33.41 -33.34 -26.54
N PRO C 307 -34.19 -34.13 -27.32
CA PRO C 307 -34.48 -35.53 -26.98
C PRO C 307 -33.25 -36.43 -27.18
N ARG C 308 -32.33 -36.02 -28.08
CA ARG C 308 -31.06 -36.72 -28.24
C ARG C 308 -29.90 -35.70 -28.22
N TYR C 309 -28.80 -36.07 -27.57
CA TYR C 309 -27.65 -35.17 -27.42
C TYR C 309 -26.57 -35.54 -28.44
N ALA C 310 -26.69 -36.74 -29.00
CA ALA C 310 -25.65 -37.25 -29.87
C ALA C 310 -26.27 -38.01 -31.04
N SER C 311 -25.53 -38.08 -32.16
CA SER C 311 -25.82 -39.01 -33.24
C SER C 311 -24.51 -39.53 -33.85
N GLY C 312 -24.30 -40.85 -33.72
CA GLY C 312 -23.12 -41.51 -34.27
C GLY C 312 -21.83 -41.05 -33.61
N ARG C 313 -21.12 -40.14 -34.30
CA ARG C 313 -19.83 -39.66 -33.84
C ARG C 313 -19.89 -38.16 -33.51
N VAL C 314 -21.12 -37.60 -33.48
CA VAL C 314 -21.38 -36.20 -33.18
C VAL C 314 -22.11 -36.06 -31.85
N PHE C 315 -21.48 -35.34 -30.91
CA PHE C 315 -22.00 -35.05 -29.58
C PHE C 315 -22.25 -33.56 -29.43
N CYS C 316 -23.43 -33.19 -28.93
CA CYS C 316 -23.77 -31.80 -28.70
C CYS C 316 -23.82 -31.44 -27.21
N VAL C 317 -23.37 -30.22 -26.87
CA VAL C 317 -23.15 -29.84 -25.49
C VAL C 317 -23.64 -28.40 -25.33
N GLY C 318 -24.08 -28.02 -24.13
CA GLY C 318 -24.36 -26.62 -23.86
C GLY C 318 -25.69 -26.16 -24.46
N ASP C 319 -25.74 -24.89 -24.83
CA ASP C 319 -26.96 -24.25 -25.30
C ASP C 319 -27.49 -24.90 -26.58
N ALA C 320 -26.62 -25.62 -27.29
CA ALA C 320 -27.05 -26.43 -28.42
C ALA C 320 -28.20 -27.36 -28.03
N VAL C 321 -28.14 -27.96 -26.83
CA VAL C 321 -29.04 -29.04 -26.49
C VAL C 321 -30.03 -28.66 -25.39
N HIS C 322 -29.84 -27.49 -24.75
CA HIS C 322 -30.71 -27.03 -23.68
C HIS C 322 -30.72 -25.51 -23.58
N GLN C 323 -31.91 -24.90 -23.69
CA GLN C 323 -32.05 -23.47 -23.50
C GLN C 323 -33.16 -23.21 -22.49
N ASN C 324 -32.96 -22.18 -21.66
CA ASN C 324 -33.91 -21.92 -20.58
C ASN C 324 -33.75 -20.47 -20.13
N PRO C 325 -34.72 -19.87 -19.42
CA PRO C 325 -34.53 -18.52 -18.92
C PRO C 325 -33.26 -18.56 -18.06
N PRO C 326 -32.66 -17.39 -17.76
CA PRO C 326 -31.52 -17.32 -16.83
C PRO C 326 -31.75 -17.57 -15.35
N THR C 327 -33.01 -17.71 -14.90
CA THR C 327 -33.26 -18.11 -13.52
C THR C 327 -32.48 -19.38 -13.19
N ASN C 328 -31.90 -19.42 -11.99
CA ASN C 328 -31.11 -20.50 -11.41
C ASN C 328 -29.67 -20.47 -11.90
N GLY C 329 -29.39 -19.73 -12.96
CA GLY C 329 -28.05 -19.70 -13.54
C GLY C 329 -27.49 -21.08 -13.92
N LEU C 330 -28.28 -21.92 -14.60
CA LEU C 330 -27.84 -23.29 -14.78
C LEU C 330 -27.28 -23.52 -16.17
N GLY C 331 -27.54 -22.62 -17.12
CA GLY C 331 -27.07 -22.71 -18.50
C GLY C 331 -25.57 -22.96 -18.63
N LEU C 332 -24.76 -22.02 -18.15
CA LEU C 332 -23.31 -22.08 -18.30
C LEU C 332 -22.75 -23.21 -17.44
N ASN C 333 -23.31 -23.38 -16.23
CA ASN C 333 -22.80 -24.37 -15.30
C ASN C 333 -22.95 -25.76 -15.92
N SER C 334 -24.08 -25.97 -16.59
CA SER C 334 -24.41 -27.27 -17.16
C SER C 334 -23.67 -27.51 -18.48
N ALA C 335 -23.39 -26.44 -19.21
CA ALA C 335 -22.56 -26.55 -20.40
C ALA C 335 -21.14 -26.99 -20.02
N VAL C 336 -20.59 -26.36 -18.97
CA VAL C 336 -19.27 -26.78 -18.50
C VAL C 336 -19.33 -28.27 -18.14
N ALA C 337 -20.38 -28.70 -17.45
CA ALA C 337 -20.42 -30.06 -16.91
C ALA C 337 -20.67 -31.07 -18.03
N ASP C 338 -21.42 -30.64 -19.04
CA ASP C 338 -21.67 -31.37 -20.27
C ASP C 338 -20.33 -31.75 -20.92
N SER C 339 -19.47 -30.75 -21.14
CA SER C 339 -18.18 -30.98 -21.79
C SER C 339 -17.28 -31.84 -20.91
N PHE C 340 -17.38 -31.67 -19.59
CA PHE C 340 -16.47 -32.37 -18.70
C PHE C 340 -16.87 -33.84 -18.59
N ASN C 341 -18.16 -34.12 -18.81
CA ASN C 341 -18.65 -35.47 -18.88
C ASN C 341 -18.10 -36.17 -20.12
N LEU C 342 -18.02 -35.43 -21.25
CA LEU C 342 -17.79 -36.00 -22.57
C LEU C 342 -16.31 -36.31 -22.82
N CYS C 343 -15.45 -35.32 -22.55
CA CYS C 343 -14.08 -35.30 -23.04
C CYS C 343 -13.23 -36.52 -22.63
N TRP C 344 -13.26 -36.90 -21.34
CA TRP C 344 -12.49 -38.02 -20.86
C TRP C 344 -12.93 -39.29 -21.59
N LYS C 345 -14.17 -39.30 -22.07
CA LYS C 345 -14.73 -40.46 -22.72
C LYS C 345 -14.18 -40.49 -24.15
N LEU C 346 -14.12 -39.31 -24.80
CA LEU C 346 -13.51 -39.20 -26.12
C LEU C 346 -12.04 -39.62 -26.04
N LYS C 347 -11.33 -39.24 -24.97
CA LYS C 347 -9.96 -39.66 -24.84
C LYS C 347 -9.87 -41.19 -24.92
N LEU C 348 -10.65 -41.90 -24.08
CA LEU C 348 -10.54 -43.34 -23.96
C LEU C 348 -10.92 -44.05 -25.26
N ALA C 349 -11.97 -43.59 -25.95
CA ALA C 349 -12.30 -44.17 -27.24
C ALA C 349 -11.13 -44.02 -28.21
N LEU C 350 -10.50 -42.83 -28.24
CA LEU C 350 -9.44 -42.54 -29.21
C LEU C 350 -8.21 -43.43 -28.96
N GLU C 351 -7.95 -43.74 -27.69
CA GLU C 351 -6.88 -44.65 -27.33
C GLU C 351 -7.31 -46.10 -27.61
N GLY C 352 -8.48 -46.27 -28.23
CA GLY C 352 -9.04 -47.59 -28.48
C GLY C 352 -9.33 -48.39 -27.22
N LEU C 353 -9.33 -47.74 -26.03
CA LEU C 353 -9.53 -48.43 -24.76
C LEU C 353 -11.01 -48.43 -24.37
N ALA C 354 -11.89 -47.89 -25.22
CA ALA C 354 -13.32 -47.90 -24.92
C ALA C 354 -14.07 -47.93 -26.24
N GLY C 355 -15.21 -48.63 -26.25
CA GLY C 355 -16.05 -48.74 -27.44
C GLY C 355 -16.96 -47.52 -27.61
N PRO C 356 -17.95 -47.56 -28.53
CA PRO C 356 -18.90 -46.45 -28.69
C PRO C 356 -20.07 -46.59 -27.72
N GLY C 357 -20.02 -47.63 -26.88
CA GLY C 357 -20.94 -47.80 -25.76
C GLY C 357 -20.59 -46.84 -24.63
N LEU C 358 -19.29 -46.49 -24.49
CA LEU C 358 -18.92 -45.47 -23.52
C LEU C 358 -19.49 -44.12 -23.95
N LEU C 359 -19.45 -43.84 -25.27
CA LEU C 359 -19.84 -42.53 -25.75
C LEU C 359 -21.35 -42.36 -25.68
N ASP C 360 -22.08 -43.47 -25.80
CA ASP C 360 -23.53 -43.50 -25.65
C ASP C 360 -23.92 -42.98 -24.27
N THR C 361 -23.05 -43.19 -23.28
CA THR C 361 -23.35 -42.76 -21.92
C THR C 361 -23.36 -41.24 -21.76
N TYR C 362 -22.78 -40.51 -22.73
CA TYR C 362 -22.83 -39.06 -22.64
C TYR C 362 -24.30 -38.65 -22.63
N HIS C 363 -25.05 -39.03 -23.67
CA HIS C 363 -26.48 -38.78 -23.67
C HIS C 363 -27.14 -39.34 -22.40
N ASP C 364 -26.88 -40.61 -22.08
CA ASP C 364 -27.59 -41.30 -21.01
C ASP C 364 -27.45 -40.53 -19.70
N GLU C 365 -26.26 -39.95 -19.48
CA GLU C 365 -25.95 -39.25 -18.24
C GLU C 365 -26.46 -37.80 -18.29
N ARG C 366 -26.29 -37.07 -19.41
CA ARG C 366 -26.45 -35.62 -19.41
C ARG C 366 -27.84 -35.16 -19.86
N GLN C 367 -28.49 -35.91 -20.74
CA GLN C 367 -29.84 -35.58 -21.20
C GLN C 367 -30.83 -35.47 -20.03
N PRO C 368 -30.96 -36.44 -19.07
CA PRO C 368 -31.83 -36.20 -17.91
C PRO C 368 -31.47 -34.91 -17.17
N VAL C 369 -30.17 -34.59 -17.09
CA VAL C 369 -29.78 -33.37 -16.41
C VAL C 369 -30.31 -32.14 -17.16
N GLY C 370 -30.24 -32.17 -18.49
CA GLY C 370 -30.78 -31.09 -19.29
C GLY C 370 -32.29 -30.91 -19.09
N ARG C 371 -33.04 -32.04 -19.05
CA ARG C 371 -34.47 -31.97 -18.78
C ARG C 371 -34.72 -31.30 -17.44
N GLN C 372 -33.91 -31.65 -16.43
CA GLN C 372 -34.12 -31.15 -15.08
C GLN C 372 -33.90 -29.63 -15.00
N ILE C 373 -32.83 -29.12 -15.63
CA ILE C 373 -32.46 -27.72 -15.46
C ILE C 373 -33.46 -26.83 -16.21
N VAL C 374 -33.95 -27.31 -17.34
CA VAL C 374 -34.86 -26.56 -18.15
C VAL C 374 -36.17 -26.44 -17.39
N ASP C 375 -36.61 -27.54 -16.78
CA ASP C 375 -37.80 -27.56 -15.96
C ASP C 375 -37.65 -26.63 -14.74
N ARG C 376 -36.55 -26.81 -13.98
CA ARG C 376 -36.28 -25.97 -12.82
C ARG C 376 -36.25 -24.48 -13.18
N ALA C 377 -35.64 -24.12 -14.33
CA ALA C 377 -35.43 -22.72 -14.67
C ALA C 377 -36.76 -22.07 -15.00
N PHE C 378 -37.65 -22.84 -15.63
CA PHE C 378 -38.94 -22.33 -16.09
C PHE C 378 -39.84 -22.07 -14.88
N ARG C 379 -39.90 -23.05 -13.96
CA ARG C 379 -40.64 -22.94 -12.72
C ARG C 379 -40.18 -21.72 -11.94
N SER C 380 -38.87 -21.50 -11.83
CA SER C 380 -38.27 -20.38 -11.12
C SER C 380 -38.64 -19.05 -11.76
N MET C 381 -38.85 -19.08 -13.08
CA MET C 381 -39.25 -17.91 -13.83
C MET C 381 -40.68 -17.53 -13.46
N VAL C 382 -41.58 -18.52 -13.50
CA VAL C 382 -42.99 -18.44 -13.14
C VAL C 382 -43.11 -17.88 -11.71
N ASP C 383 -42.23 -18.32 -10.82
CA ASP C 383 -42.24 -17.90 -9.44
C ASP C 383 -42.05 -16.39 -9.29
N LEU C 384 -41.31 -15.74 -10.18
CA LEU C 384 -40.93 -14.35 -9.97
C LEU C 384 -42.16 -13.45 -9.96
N ILE C 385 -43.20 -13.82 -10.71
CA ILE C 385 -44.36 -12.95 -10.82
C ILE C 385 -45.32 -13.11 -9.62
N GLY C 386 -45.06 -14.08 -8.73
CA GLY C 386 -45.87 -14.26 -7.54
C GLY C 386 -45.67 -13.16 -6.49
N ILE C 387 -44.51 -12.51 -6.53
CA ILE C 387 -44.14 -11.48 -5.57
C ILE C 387 -44.99 -10.22 -5.79
N PRO C 388 -44.99 -9.60 -6.98
CA PRO C 388 -45.92 -8.51 -7.27
C PRO C 388 -47.40 -8.90 -7.18
N GLN C 389 -47.71 -10.16 -7.48
CA GLN C 389 -49.09 -10.60 -7.36
C GLN C 389 -49.50 -10.61 -5.90
N ALA C 390 -48.62 -11.12 -5.04
CA ALA C 390 -48.99 -11.27 -3.65
C ALA C 390 -49.16 -9.90 -3.01
N LEU C 391 -48.51 -8.88 -3.57
CA LEU C 391 -48.61 -7.51 -3.07
C LEU C 391 -49.94 -6.90 -3.50
N GLY C 392 -50.61 -7.55 -4.46
CA GLY C 392 -51.86 -7.08 -5.06
C GLY C 392 -51.66 -6.13 -6.25
N PHE C 393 -50.45 -6.11 -6.81
CA PHE C 393 -50.25 -5.39 -8.06
C PHE C 393 -51.07 -6.07 -9.18
N THR C 394 -51.60 -5.24 -10.10
CA THR C 394 -52.31 -5.67 -11.30
C THR C 394 -52.08 -4.62 -12.40
N GLU C 395 -52.54 -4.94 -13.62
CA GLU C 395 -52.67 -3.99 -14.73
C GLU C 395 -53.59 -2.83 -14.33
N GLY C 396 -53.36 -1.67 -14.95
CA GLY C 396 -54.21 -0.50 -14.80
C GLY C 396 -54.32 0.05 -13.38
N GLN C 397 -53.20 0.07 -12.64
CA GLN C 397 -53.14 0.72 -11.34
C GLN C 397 -52.20 1.94 -11.44
N SER C 398 -52.60 3.04 -10.81
CA SER C 398 -51.79 4.25 -10.77
C SER C 398 -50.56 4.00 -9.88
N PRO C 399 -49.46 4.80 -10.03
CA PRO C 399 -48.43 4.86 -9.00
C PRO C 399 -49.03 4.93 -7.60
N GLU C 400 -50.02 5.81 -7.43
CA GLU C 400 -50.56 6.16 -6.14
C GLU C 400 -51.17 4.93 -5.46
N GLU C 401 -51.83 4.07 -6.24
CA GLU C 401 -52.52 2.90 -5.73
C GLU C 401 -51.51 1.86 -5.27
N GLN C 402 -50.40 1.74 -6.00
CA GLN C 402 -49.39 0.74 -5.71
C GLN C 402 -48.56 1.21 -4.51
N TRP C 403 -48.22 2.50 -4.44
CA TRP C 403 -47.64 3.03 -3.21
C TRP C 403 -48.51 2.67 -2.01
N ARG C 404 -49.84 2.85 -2.13
CA ARG C 404 -50.76 2.54 -1.05
C ARG C 404 -50.67 1.05 -0.70
N LEU C 405 -50.62 0.16 -1.68
CA LEU C 405 -50.53 -1.27 -1.41
C LEU C 405 -49.24 -1.65 -0.67
N LEU C 406 -48.11 -0.99 -1.01
CA LEU C 406 -46.86 -1.17 -0.28
C LEU C 406 -46.98 -0.65 1.16
N ASP C 407 -47.53 0.55 1.29
CA ASP C 407 -47.73 1.26 2.55
C ASP C 407 -48.65 0.47 3.48
N THR C 408 -49.65 -0.22 2.92
CA THR C 408 -50.64 -0.89 3.74
C THR C 408 -50.30 -2.39 3.86
N LEU C 409 -49.08 -2.78 3.53
CA LEU C 409 -48.68 -4.16 3.68
C LEU C 409 -48.52 -4.50 5.16
N HIS C 410 -48.17 -3.48 5.96
CA HIS C 410 -47.78 -3.64 7.35
C HIS C 410 -48.96 -3.39 8.29
N GLU C 411 -50.11 -3.00 7.74
CA GLU C 411 -51.28 -2.62 8.52
C GLU C 411 -51.86 -3.81 9.28
N ASP C 412 -52.64 -3.48 10.30
CA ASP C 412 -53.26 -4.45 11.18
C ASP C 412 -54.68 -4.74 10.70
N THR C 413 -54.83 -5.35 9.52
CA THR C 413 -56.10 -5.67 8.91
C THR C 413 -56.07 -7.12 8.45
N GLU C 414 -57.22 -7.62 7.97
CA GLU C 414 -57.28 -9.00 7.53
C GLU C 414 -56.63 -9.08 6.15
N GLU C 415 -56.81 -8.03 5.35
CA GLU C 415 -56.28 -7.90 4.00
C GLU C 415 -54.74 -7.97 4.02
N ALA C 416 -54.13 -7.06 4.79
CA ALA C 416 -52.69 -7.03 5.03
C ALA C 416 -52.16 -8.37 5.55
N ARG C 417 -52.84 -9.01 6.51
CA ARG C 417 -52.36 -10.31 6.97
C ARG C 417 -52.27 -11.33 5.84
N GLN C 418 -53.22 -11.27 4.90
CA GLN C 418 -53.28 -12.24 3.82
C GLN C 418 -52.20 -11.95 2.78
N ARG C 419 -51.98 -10.67 2.49
CA ARG C 419 -50.91 -10.25 1.59
C ARG C 419 -49.57 -10.64 2.20
N ARG C 420 -49.42 -10.37 3.50
CA ARG C 420 -48.21 -10.77 4.18
C ARG C 420 -47.97 -12.26 4.00
N ALA C 421 -49.02 -13.07 4.19
CA ALA C 421 -48.87 -14.53 4.14
C ALA C 421 -48.61 -14.97 2.70
N ALA C 422 -49.26 -14.29 1.76
CA ALA C 422 -49.07 -14.58 0.35
C ALA C 422 -47.64 -14.17 -0.06
N LEU C 423 -47.11 -13.08 0.52
CA LEU C 423 -45.77 -12.60 0.19
C LEU C 423 -44.73 -13.60 0.70
N ALA C 424 -44.91 -14.06 1.94
CA ALA C 424 -44.04 -15.07 2.52
C ALA C 424 -44.10 -16.39 1.72
N ALA C 425 -45.25 -16.76 1.16
CA ALA C 425 -45.32 -17.98 0.38
C ALA C 425 -44.57 -17.83 -0.96
N ALA C 426 -44.69 -16.65 -1.56
CA ALA C 426 -44.11 -16.37 -2.87
C ALA C 426 -42.59 -16.26 -2.75
N THR C 427 -42.15 -15.69 -1.62
CA THR C 427 -40.76 -15.46 -1.29
C THR C 427 -40.07 -16.80 -0.99
N ALA C 428 -40.75 -17.70 -0.29
CA ALA C 428 -40.20 -18.98 0.09
C ALA C 428 -39.86 -19.83 -1.14
N ALA C 429 -40.61 -19.65 -2.24
CA ALA C 429 -40.41 -20.42 -3.45
C ALA C 429 -39.19 -19.90 -4.22
N ILE C 430 -38.70 -18.69 -3.88
CA ILE C 430 -37.52 -18.14 -4.53
C ILE C 430 -36.28 -18.93 -4.09
N HIS C 431 -36.42 -19.79 -3.08
CA HIS C 431 -35.33 -20.64 -2.68
C HIS C 431 -34.99 -21.62 -3.80
N GLY C 432 -35.98 -21.97 -4.62
CA GLY C 432 -35.78 -22.84 -5.76
C GLY C 432 -34.93 -22.22 -6.87
N GLN C 433 -34.56 -20.93 -6.74
CA GLN C 433 -33.61 -20.35 -7.67
C GLN C 433 -32.33 -19.89 -6.94
N ALA C 434 -32.47 -19.53 -5.66
CA ALA C 434 -31.39 -18.86 -4.96
C ALA C 434 -30.60 -19.84 -4.11
N ASN C 435 -31.22 -20.95 -3.71
CA ASN C 435 -30.55 -21.87 -2.81
C ASN C 435 -30.84 -23.30 -3.27
N ALA C 436 -30.80 -23.54 -4.59
CA ALA C 436 -31.16 -24.84 -5.16
C ALA C 436 -29.96 -25.78 -5.16
N HIS C 437 -29.44 -26.08 -3.96
CA HIS C 437 -28.22 -26.84 -3.79
C HIS C 437 -28.34 -28.23 -4.40
N GLY C 438 -29.56 -28.81 -4.36
CA GLY C 438 -29.76 -30.17 -4.81
C GLY C 438 -29.75 -30.26 -6.34
N VAL C 439 -30.33 -29.25 -6.98
CA VAL C 439 -30.22 -29.15 -8.42
C VAL C 439 -28.76 -28.92 -8.87
N GLU C 440 -28.00 -28.08 -8.14
CA GLU C 440 -26.70 -27.63 -8.57
C GLU C 440 -25.64 -28.71 -8.41
N LEU C 441 -25.74 -29.52 -7.36
CA LEU C 441 -24.63 -30.32 -6.87
C LEU C 441 -25.06 -31.76 -6.68
N GLY C 442 -26.37 -32.04 -6.73
CA GLY C 442 -26.86 -33.28 -6.14
C GLY C 442 -27.45 -34.25 -7.17
N TYR C 443 -27.36 -33.90 -8.47
CA TYR C 443 -27.82 -34.73 -9.57
C TYR C 443 -26.98 -36.00 -9.62
N ARG C 444 -27.60 -37.11 -10.03
CA ARG C 444 -26.95 -38.41 -9.95
C ARG C 444 -27.29 -39.16 -11.22
N TYR C 445 -26.27 -39.74 -11.88
CA TYR C 445 -26.50 -40.50 -13.11
C TYR C 445 -27.00 -41.87 -12.67
N ARG C 446 -28.14 -42.29 -13.21
CA ARG C 446 -28.77 -43.53 -12.77
C ARG C 446 -28.36 -44.65 -13.72
N THR C 447 -28.06 -44.27 -14.97
CA THR C 447 -27.60 -45.16 -16.02
C THR C 447 -26.53 -44.44 -16.85
N GLY C 448 -25.36 -45.09 -16.99
CA GLY C 448 -24.24 -44.61 -17.79
C GLY C 448 -22.97 -45.44 -17.54
N ALA C 449 -21.85 -44.75 -17.35
CA ALA C 449 -20.56 -45.40 -17.16
C ALA C 449 -20.37 -45.65 -15.69
N LEU C 450 -21.13 -46.63 -15.15
CA LEU C 450 -21.14 -46.99 -13.73
C LEU C 450 -21.76 -48.38 -13.59
N VAL C 451 -21.44 -49.07 -12.50
CA VAL C 451 -22.08 -50.33 -12.16
C VAL C 451 -22.87 -50.09 -10.87
N PRO C 452 -24.22 -50.23 -10.85
CA PRO C 452 -25.00 -50.05 -9.62
C PRO C 452 -24.63 -51.10 -8.59
N ASP C 453 -24.57 -50.69 -7.33
CA ASP C 453 -24.09 -51.54 -6.26
C ASP C 453 -25.25 -52.28 -5.57
N GLY C 454 -26.49 -52.13 -6.09
CA GLY C 454 -27.63 -52.84 -5.54
C GLY C 454 -28.44 -52.07 -4.49
N THR C 455 -27.75 -51.37 -3.57
CA THR C 455 -28.38 -50.55 -2.54
C THR C 455 -29.36 -49.55 -3.14
N PRO C 456 -30.45 -49.19 -2.43
CA PRO C 456 -31.40 -48.19 -2.93
C PRO C 456 -30.81 -46.78 -2.89
N GLU C 457 -31.22 -45.92 -3.83
CA GLU C 457 -30.75 -44.55 -3.89
C GLU C 457 -31.13 -43.78 -2.61
N PRO C 458 -30.18 -43.08 -1.93
CA PRO C 458 -30.51 -42.36 -0.70
C PRO C 458 -31.57 -41.29 -0.97
N ALA C 459 -32.47 -41.10 0.01
CA ALA C 459 -33.64 -40.25 -0.11
C ALA C 459 -34.16 -39.91 1.30
N ASP C 460 -34.78 -38.72 1.45
CA ASP C 460 -35.27 -38.23 2.73
C ASP C 460 -36.51 -37.40 2.46
N GLU C 461 -37.14 -36.84 3.52
CA GLU C 461 -38.39 -36.11 3.36
C GLU C 461 -38.16 -34.69 2.83
N ARG C 462 -36.89 -34.24 2.80
CA ARG C 462 -36.51 -32.88 2.40
C ARG C 462 -36.65 -32.69 0.90
N ASP C 463 -36.95 -31.46 0.47
CA ASP C 463 -37.06 -31.16 -0.95
C ASP C 463 -35.72 -31.44 -1.67
N PRO C 464 -35.63 -32.44 -2.58
CA PRO C 464 -34.34 -32.79 -3.19
C PRO C 464 -33.78 -31.71 -4.14
N GLU C 465 -34.65 -30.79 -4.59
CA GLU C 465 -34.17 -29.65 -5.35
C GLU C 465 -33.29 -28.71 -4.50
N LEU C 466 -33.71 -28.49 -3.23
CA LEU C 466 -33.11 -27.49 -2.36
C LEU C 466 -31.94 -28.07 -1.57
N TYR C 467 -32.05 -29.36 -1.19
CA TYR C 467 -31.19 -29.96 -0.19
C TYR C 467 -30.24 -30.99 -0.82
N TYR C 468 -28.92 -30.71 -0.73
CA TYR C 468 -27.90 -31.64 -1.21
C TYR C 468 -27.64 -32.73 -0.17
N ARG C 469 -27.58 -33.98 -0.60
CA ARG C 469 -27.19 -35.07 0.30
C ARG C 469 -26.01 -35.81 -0.33
N ALA C 470 -24.82 -35.68 0.29
CA ALA C 470 -23.58 -36.31 -0.16
C ALA C 470 -23.68 -37.84 -0.04
N THR C 471 -23.40 -38.54 -1.15
CA THR C 471 -23.40 -40.00 -1.20
C THR C 471 -22.35 -40.49 -2.22
N THR C 472 -21.79 -41.68 -1.97
CA THR C 472 -20.99 -42.38 -2.95
C THR C 472 -21.81 -43.35 -3.78
N TRP C 473 -23.13 -43.22 -3.74
CA TRP C 473 -23.98 -44.05 -4.59
C TRP C 473 -23.56 -43.91 -6.04
N PRO C 474 -23.22 -45.04 -6.71
CA PRO C 474 -22.79 -44.98 -8.11
C PRO C 474 -23.65 -44.05 -8.93
N GLY C 475 -22.97 -43.10 -9.58
CA GLY C 475 -23.62 -42.10 -10.40
C GLY C 475 -23.55 -40.73 -9.74
N ALA C 476 -23.28 -40.68 -8.44
CA ALA C 476 -23.27 -39.42 -7.71
C ALA C 476 -21.90 -38.76 -7.84
N ARG C 477 -21.88 -37.44 -7.63
CA ARG C 477 -20.61 -36.72 -7.54
C ARG C 477 -19.93 -37.13 -6.22
N LEU C 478 -18.64 -37.51 -6.31
CA LEU C 478 -17.87 -37.94 -5.16
C LEU C 478 -18.01 -36.93 -4.04
N PRO C 479 -18.39 -37.32 -2.80
CA PRO C 479 -18.55 -36.37 -1.70
C PRO C 479 -17.26 -35.65 -1.34
N HIS C 480 -17.35 -34.37 -0.98
CA HIS C 480 -16.18 -33.61 -0.58
C HIS C 480 -15.85 -33.88 0.89
N ALA C 481 -14.55 -34.03 1.18
CA ALA C 481 -14.04 -34.13 2.54
C ALA C 481 -12.63 -33.56 2.53
N TRP C 482 -12.24 -32.82 3.58
CA TRP C 482 -10.89 -32.32 3.67
C TRP C 482 -9.95 -33.46 4.10
N LEU C 483 -8.95 -33.74 3.27
CA LEU C 483 -7.87 -34.64 3.63
C LEU C 483 -6.62 -33.82 3.91
N GLU C 484 -5.59 -34.52 4.41
CA GLU C 484 -4.31 -33.89 4.64
C GLU C 484 -3.24 -34.85 4.14
N ASN C 485 -2.46 -34.38 3.15
CA ASN C 485 -1.36 -35.15 2.60
C ASN C 485 -0.07 -34.47 3.06
N GLY C 486 0.56 -35.10 4.06
CA GLY C 486 1.57 -34.41 4.83
C GLY C 486 0.95 -33.21 5.53
N ARG C 487 1.31 -32.00 5.09
CA ARG C 487 0.84 -30.77 5.70
C ARG C 487 0.10 -29.92 4.67
N HIS C 488 -0.24 -30.55 3.54
CA HIS C 488 -1.05 -29.95 2.49
C HIS C 488 -2.49 -30.42 2.66
N ARG C 489 -3.41 -29.46 2.76
CA ARG C 489 -4.84 -29.65 2.79
C ARG C 489 -5.32 -29.91 1.37
N CYS C 490 -6.19 -30.91 1.16
CA CYS C 490 -6.78 -31.10 -0.17
C CYS C 490 -8.09 -31.89 -0.03
N SER C 491 -8.97 -31.70 -0.99
CA SER C 491 -10.25 -32.38 -1.06
C SER C 491 -10.09 -33.78 -1.67
N THR C 492 -11.01 -34.68 -1.29
CA THR C 492 -11.27 -35.92 -2.01
C THR C 492 -11.39 -35.62 -3.52
N LEU C 493 -11.83 -34.41 -3.85
CA LEU C 493 -12.01 -34.05 -5.25
C LEU C 493 -10.70 -33.66 -5.91
N ASP C 494 -9.69 -33.28 -5.11
CA ASP C 494 -8.38 -32.87 -5.61
C ASP C 494 -7.51 -34.09 -5.87
N VAL C 495 -7.70 -35.17 -5.10
CA VAL C 495 -6.83 -36.34 -5.19
C VAL C 495 -7.44 -37.38 -6.12
N THR C 496 -8.49 -37.01 -6.85
CA THR C 496 -9.14 -37.85 -7.86
C THR C 496 -9.39 -36.99 -9.09
N GLY C 497 -10.01 -37.56 -10.13
CA GLY C 497 -10.22 -36.91 -11.41
C GLY C 497 -8.89 -36.84 -12.16
N ARG C 498 -8.62 -35.68 -12.80
CA ARG C 498 -7.36 -35.40 -13.47
C ARG C 498 -7.09 -36.48 -14.49
N GLY C 499 -8.09 -36.82 -15.30
CA GLY C 499 -8.00 -37.76 -16.41
C GLY C 499 -7.75 -39.19 -15.97
N ARG C 500 -7.74 -39.47 -14.67
CA ARG C 500 -7.38 -40.80 -14.22
C ARG C 500 -8.54 -41.41 -13.43
N PHE C 501 -8.66 -42.76 -13.46
CA PHE C 501 -9.54 -43.51 -12.56
C PHE C 501 -8.81 -43.65 -11.23
N THR C 502 -9.53 -43.48 -10.12
CA THR C 502 -8.95 -43.56 -8.79
C THR C 502 -9.85 -44.40 -7.90
N LEU C 503 -9.22 -45.26 -7.10
CA LEU C 503 -9.93 -46.09 -6.15
C LEU C 503 -9.59 -45.63 -4.74
N LEU C 504 -10.57 -45.14 -4.02
CA LEU C 504 -10.28 -44.70 -2.67
C LEU C 504 -10.58 -45.86 -1.71
N THR C 505 -9.70 -46.03 -0.73
CA THR C 505 -9.78 -47.16 0.20
C THR C 505 -9.13 -46.76 1.51
N GLY C 506 -8.94 -47.75 2.39
CA GLY C 506 -8.39 -47.48 3.70
C GLY C 506 -7.87 -48.74 4.37
N PRO C 507 -7.75 -48.74 5.71
CA PRO C 507 -7.23 -49.90 6.45
C PRO C 507 -7.86 -51.18 5.93
N GLY C 508 -7.01 -52.19 5.69
CA GLY C 508 -7.45 -53.50 5.26
C GLY C 508 -7.66 -53.55 3.76
N GLY C 509 -7.30 -52.45 3.09
CA GLY C 509 -7.56 -52.28 1.66
C GLY C 509 -6.42 -52.74 0.76
N GLU C 510 -5.47 -53.51 1.32
CA GLU C 510 -4.30 -53.91 0.56
C GLU C 510 -4.70 -54.73 -0.69
N PRO C 511 -5.66 -55.68 -0.59
CA PRO C 511 -6.10 -56.44 -1.77
C PRO C 511 -6.50 -55.68 -3.03
N TRP C 512 -6.75 -54.38 -2.90
CA TRP C 512 -7.19 -53.58 -4.03
C TRP C 512 -6.01 -53.34 -4.99
N ARG C 513 -4.79 -53.31 -4.45
CA ARG C 513 -3.57 -53.07 -5.22
C ARG C 513 -3.50 -54.09 -6.34
N ASP C 514 -3.58 -55.37 -5.96
CA ASP C 514 -3.44 -56.47 -6.90
C ASP C 514 -4.60 -56.50 -7.88
N ALA C 515 -5.78 -56.09 -7.41
CA ALA C 515 -6.95 -56.06 -8.26
C ALA C 515 -6.87 -54.93 -9.28
N ALA C 516 -6.24 -53.81 -8.87
CA ALA C 516 -6.05 -52.67 -9.75
C ALA C 516 -5.05 -53.02 -10.86
N ARG C 517 -3.92 -53.61 -10.44
CA ARG C 517 -2.95 -54.21 -11.34
C ARG C 517 -3.66 -55.09 -12.37
N ASP C 518 -4.54 -56.00 -11.91
CA ASP C 518 -5.19 -56.95 -12.81
C ASP C 518 -6.15 -56.21 -13.74
N ALA C 519 -6.71 -55.10 -13.25
CA ALA C 519 -7.71 -54.38 -14.03
C ALA C 519 -7.02 -53.70 -15.21
N ALA C 520 -5.81 -53.17 -14.96
CA ALA C 520 -4.96 -52.53 -15.97
C ALA C 520 -4.53 -53.52 -17.05
N LEU C 521 -4.19 -54.75 -16.66
CA LEU C 521 -3.81 -55.80 -17.60
C LEU C 521 -4.99 -56.17 -18.49
N ASP C 522 -6.18 -56.29 -17.90
CA ASP C 522 -7.35 -56.77 -18.64
C ASP C 522 -7.99 -55.66 -19.47
N THR C 523 -7.69 -54.39 -19.16
CA THR C 523 -8.49 -53.31 -19.74
C THR C 523 -7.63 -52.30 -20.49
N GLY C 524 -6.37 -52.17 -20.09
CA GLY C 524 -5.53 -51.13 -20.66
C GLY C 524 -5.54 -49.84 -19.84
N VAL C 525 -6.43 -49.78 -18.84
CA VAL C 525 -6.69 -48.55 -18.10
C VAL C 525 -6.12 -48.64 -16.67
N GLU C 526 -5.22 -47.70 -16.36
CA GLU C 526 -4.66 -47.55 -15.03
C GLU C 526 -5.80 -47.23 -14.06
N VAL C 527 -5.76 -47.82 -12.86
CA VAL C 527 -6.62 -47.40 -11.77
C VAL C 527 -5.71 -47.10 -10.58
N ALA C 528 -5.48 -45.82 -10.29
CA ALA C 528 -4.65 -45.47 -9.15
C ALA C 528 -5.37 -45.85 -7.85
N VAL C 529 -4.64 -46.49 -6.94
CA VAL C 529 -5.17 -46.89 -5.66
C VAL C 529 -4.69 -45.89 -4.62
N LEU C 530 -5.65 -45.27 -3.91
CA LEU C 530 -5.31 -44.27 -2.93
C LEU C 530 -5.88 -44.65 -1.56
N PRO C 531 -5.03 -45.13 -0.62
CA PRO C 531 -5.50 -45.42 0.73
C PRO C 531 -5.62 -44.14 1.56
N ILE C 532 -6.76 -44.02 2.27
CA ILE C 532 -7.00 -42.87 3.13
C ILE C 532 -6.99 -43.32 4.58
N GLY C 533 -6.11 -42.69 5.37
CA GLY C 533 -5.90 -42.99 6.78
C GLY C 533 -5.31 -44.39 7.00
N ALA C 534 -4.29 -44.74 6.21
CA ALA C 534 -3.71 -46.07 6.18
C ALA C 534 -2.57 -46.09 5.16
N GLY C 535 -1.60 -46.99 5.40
CA GLY C 535 -0.45 -47.21 4.52
C GLY C 535 0.22 -45.90 4.11
N GLY C 536 0.28 -44.92 5.04
CA GLY C 536 1.00 -43.66 4.86
C GLY C 536 0.38 -42.72 3.82
N GLY C 537 -0.90 -42.98 3.46
CA GLY C 537 -1.62 -42.16 2.50
C GLY C 537 -2.06 -40.83 3.10
N PRO C 538 -2.89 -40.03 2.38
CA PRO C 538 -3.57 -38.89 2.97
C PRO C 538 -4.39 -39.27 4.22
N ARG C 539 -4.38 -38.40 5.23
CA ARG C 539 -5.16 -38.61 6.45
C ARG C 539 -6.58 -38.07 6.30
N ASP C 540 -7.50 -38.55 7.15
CA ASP C 540 -8.85 -38.05 7.30
C ASP C 540 -8.93 -37.30 8.64
N PRO C 541 -8.43 -36.05 8.77
CA PRO C 541 -8.21 -35.43 10.08
C PRO C 541 -9.45 -35.22 10.93
N TYR C 542 -10.63 -35.07 10.31
CA TYR C 542 -11.86 -34.84 11.05
C TYR C 542 -12.70 -36.11 11.06
N GLY C 543 -12.29 -37.12 10.28
CA GLY C 543 -13.11 -38.31 10.16
C GLY C 543 -14.28 -38.13 9.20
N THR C 544 -14.32 -36.95 8.53
CA THR C 544 -15.38 -36.62 7.58
C THR C 544 -15.54 -37.73 6.53
N TRP C 545 -14.41 -38.15 5.94
CA TRP C 545 -14.43 -39.10 4.84
C TRP C 545 -14.96 -40.44 5.31
N ALA C 546 -14.54 -40.86 6.50
CA ALA C 546 -15.00 -42.12 7.06
C ALA C 546 -16.53 -42.10 7.19
N GLU C 547 -17.10 -40.94 7.56
CA GLU C 547 -18.53 -40.74 7.66
C GLU C 547 -19.21 -40.80 6.29
N LEU C 548 -18.59 -40.21 5.25
CA LEU C 548 -19.31 -39.97 4.01
C LEU C 548 -19.15 -41.14 3.03
N ARG C 549 -18.11 -41.96 3.22
CA ARG C 549 -17.72 -42.94 2.21
C ARG C 549 -18.79 -44.03 2.06
N GLU C 550 -19.53 -44.32 3.13
CA GLU C 550 -20.68 -45.23 3.07
C GLU C 550 -20.23 -46.63 2.61
N VAL C 551 -19.00 -47.03 2.96
CA VAL C 551 -18.42 -48.35 2.76
C VAL C 551 -17.53 -48.61 3.97
N GLU C 552 -17.12 -49.85 4.22
CA GLU C 552 -16.27 -50.11 5.38
C GLU C 552 -14.85 -49.59 5.12
N GLU C 553 -13.99 -49.60 6.15
CA GLU C 553 -12.56 -49.26 6.03
C GLU C 553 -11.88 -49.95 4.85
N SER C 554 -12.19 -51.23 4.60
CA SER C 554 -11.47 -52.05 3.64
C SER C 554 -12.14 -51.99 2.27
N GLY C 555 -13.23 -51.20 2.16
CA GLY C 555 -13.94 -51.09 0.90
C GLY C 555 -13.33 -50.07 -0.08
N ALA C 556 -14.07 -49.82 -1.16
CA ALA C 556 -13.55 -48.99 -2.23
C ALA C 556 -14.64 -48.07 -2.77
N VAL C 557 -14.20 -46.87 -3.19
CA VAL C 557 -14.98 -45.98 -4.03
C VAL C 557 -14.19 -45.75 -5.32
N LEU C 558 -14.79 -46.08 -6.46
CA LEU C 558 -14.15 -46.01 -7.75
C LEU C 558 -14.62 -44.74 -8.47
N VAL C 559 -13.70 -43.78 -8.57
CA VAL C 559 -14.00 -42.45 -9.06
C VAL C 559 -13.48 -42.32 -10.48
N ARG C 560 -14.36 -41.83 -11.35
CA ARG C 560 -14.12 -41.54 -12.75
C ARG C 560 -13.26 -40.28 -12.89
N PRO C 561 -12.70 -40.01 -14.11
CA PRO C 561 -11.98 -38.75 -14.33
C PRO C 561 -12.81 -37.49 -14.10
N ASP C 562 -14.14 -37.61 -14.12
CA ASP C 562 -15.02 -36.45 -13.98
C ASP C 562 -15.51 -36.26 -12.55
N GLY C 563 -15.06 -37.13 -11.63
CA GLY C 563 -15.37 -36.92 -10.22
C GLY C 563 -16.67 -37.59 -9.77
N HIS C 564 -17.40 -38.22 -10.70
CA HIS C 564 -18.53 -39.05 -10.30
C HIS C 564 -18.05 -40.44 -9.92
N VAL C 565 -18.86 -41.13 -9.11
CA VAL C 565 -18.54 -42.47 -8.64
C VAL C 565 -19.04 -43.50 -9.66
N ALA C 566 -18.16 -44.41 -10.07
CA ALA C 566 -18.51 -45.42 -11.06
C ALA C 566 -19.03 -46.70 -10.38
N TRP C 567 -18.50 -47.01 -9.19
CA TRP C 567 -18.78 -48.23 -8.46
C TRP C 567 -18.29 -48.05 -7.03
N ARG C 568 -18.89 -48.77 -6.09
CA ARG C 568 -18.37 -48.84 -4.74
C ARG C 568 -18.52 -50.26 -4.19
N ALA C 569 -17.72 -50.60 -3.19
CA ALA C 569 -17.77 -51.93 -2.63
C ALA C 569 -17.60 -51.83 -1.11
N ARG C 570 -18.50 -52.50 -0.39
CA ARG C 570 -18.55 -52.47 1.06
C ARG C 570 -17.16 -52.74 1.68
N ASP C 571 -16.48 -53.81 1.24
CA ASP C 571 -15.25 -54.26 1.90
C ASP C 571 -14.34 -54.90 0.85
N HIS C 572 -13.15 -55.32 1.28
CA HIS C 572 -12.12 -55.86 0.37
C HIS C 572 -12.58 -57.10 -0.39
N GLY C 573 -13.59 -57.80 0.15
CA GLY C 573 -14.05 -59.04 -0.46
C GLY C 573 -14.39 -58.94 -1.95
N HIS C 574 -14.69 -57.73 -2.44
CA HIS C 574 -15.14 -57.53 -3.81
C HIS C 574 -13.96 -57.18 -4.72
N ALA C 575 -12.76 -57.16 -4.14
CA ALA C 575 -11.55 -56.77 -4.86
C ALA C 575 -11.47 -57.48 -6.23
N LYS C 576 -11.83 -58.76 -6.30
CA LYS C 576 -11.57 -59.52 -7.51
C LYS C 576 -12.57 -59.16 -8.60
N GLU C 577 -13.51 -58.27 -8.25
CA GLU C 577 -14.58 -57.87 -9.17
C GLU C 577 -14.12 -56.69 -10.02
N LEU C 578 -13.08 -55.96 -9.55
CA LEU C 578 -12.65 -54.71 -10.16
C LEU C 578 -12.43 -54.86 -11.67
N PRO C 579 -11.68 -55.90 -12.15
CA PRO C 579 -11.41 -56.04 -13.58
C PRO C 579 -12.69 -56.05 -14.39
N GLU C 580 -13.70 -56.78 -13.91
CA GLU C 580 -14.95 -56.85 -14.66
C GLU C 580 -15.72 -55.54 -14.53
N VAL C 581 -15.59 -54.88 -13.38
CA VAL C 581 -16.26 -53.60 -13.18
C VAL C 581 -15.76 -52.58 -14.20
N MET C 582 -14.43 -52.45 -14.29
CA MET C 582 -13.77 -51.52 -15.21
C MET C 582 -14.17 -51.79 -16.67
N ALA C 583 -14.37 -53.05 -17.06
CA ALA C 583 -14.72 -53.35 -18.44
C ALA C 583 -16.14 -52.89 -18.73
N ARG C 584 -17.00 -52.98 -17.71
CA ARG C 584 -18.39 -52.61 -17.84
C ARG C 584 -18.53 -51.10 -17.94
N VAL C 585 -17.82 -50.40 -17.04
CA VAL C 585 -17.75 -48.95 -17.02
C VAL C 585 -17.22 -48.47 -18.37
N LEU C 586 -16.19 -49.14 -18.90
CA LEU C 586 -15.55 -48.75 -20.14
C LEU C 586 -16.39 -49.19 -21.35
N HIS C 587 -17.44 -49.98 -21.10
CA HIS C 587 -18.24 -50.66 -22.13
C HIS C 587 -17.35 -51.38 -23.15
N GLN C 588 -16.24 -51.99 -22.70
CA GLN C 588 -15.34 -52.75 -23.55
C GLN C 588 -16.07 -54.04 -24.00
N PRO C 589 -16.05 -54.39 -25.30
CA PRO C 589 -16.78 -55.56 -25.80
C PRO C 589 -16.03 -56.88 -25.54
N ALA D 11 -15.13 11.52 60.15
CA ALA D 11 -14.97 12.27 58.87
C ALA D 11 -14.52 11.33 57.76
N PRO D 12 -15.27 11.21 56.63
CA PRO D 12 -14.76 10.54 55.44
C PRO D 12 -14.05 11.51 54.48
N ASP D 13 -12.96 11.04 53.88
CA ASP D 13 -12.16 11.84 52.96
C ASP D 13 -12.92 12.06 51.64
N ILE D 14 -13.68 11.03 51.21
CA ILE D 14 -14.31 10.93 49.89
C ILE D 14 -15.66 10.23 49.99
N ARG D 15 -16.73 10.97 49.69
CA ARG D 15 -18.04 10.37 49.47
C ARG D 15 -18.16 10.09 47.98
N VAL D 16 -18.65 8.88 47.65
CA VAL D 16 -18.94 8.53 46.26
C VAL D 16 -20.05 7.47 46.21
N PRO D 17 -21.03 7.59 45.29
CA PRO D 17 -22.06 6.56 45.13
C PRO D 17 -21.53 5.12 45.18
N VAL D 18 -20.59 4.79 44.28
CA VAL D 18 -20.15 3.41 44.16
C VAL D 18 -18.63 3.35 44.12
N LEU D 19 -18.07 2.42 44.93
CA LEU D 19 -16.64 2.16 44.95
C LEU D 19 -16.32 0.78 44.37
N ILE D 20 -15.45 0.77 43.33
CA ILE D 20 -14.99 -0.43 42.66
C ILE D 20 -13.58 -0.79 43.12
N VAL D 21 -13.48 -1.87 43.90
CA VAL D 21 -12.22 -2.42 44.35
C VAL D 21 -11.73 -3.37 43.27
N GLY D 22 -10.72 -2.94 42.51
CA GLY D 22 -10.09 -3.76 41.48
C GLY D 22 -10.32 -3.18 40.09
N GLY D 23 -9.26 -3.13 39.26
CA GLY D 23 -9.31 -2.65 37.90
C GLY D 23 -8.84 -3.70 36.88
N GLY D 24 -9.36 -4.93 37.03
CA GLY D 24 -9.31 -5.95 36.00
C GLY D 24 -10.57 -5.99 35.13
N PRO D 25 -10.74 -6.96 34.20
CA PRO D 25 -11.84 -6.94 33.24
C PRO D 25 -13.18 -6.68 33.92
N ALA D 26 -13.48 -7.47 34.95
CA ALA D 26 -14.64 -7.28 35.80
C ALA D 26 -14.72 -5.83 36.26
N GLY D 27 -13.72 -5.37 37.00
CA GLY D 27 -13.67 -4.01 37.55
C GLY D 27 -13.81 -2.91 36.49
N LEU D 28 -13.12 -3.06 35.35
CA LEU D 28 -13.01 -2.01 34.35
C LEU D 28 -14.28 -1.90 33.51
N THR D 29 -14.82 -3.06 33.10
CA THR D 29 -16.14 -3.18 32.50
C THR D 29 -17.07 -2.37 33.38
N ALA D 30 -17.09 -2.71 34.68
CA ALA D 30 -17.97 -2.12 35.66
C ALA D 30 -17.88 -0.61 35.60
N ALA D 31 -16.63 -0.10 35.56
CA ALA D 31 -16.38 1.33 35.52
C ALA D 31 -16.86 1.94 34.20
N LEU D 32 -16.80 1.16 33.12
CA LEU D 32 -17.25 1.66 31.81
C LEU D 32 -18.78 1.61 31.68
N ALA D 33 -19.42 0.71 32.43
CA ALA D 33 -20.88 0.62 32.40
C ALA D 33 -21.44 1.82 33.16
N LEU D 34 -21.06 1.95 34.43
CA LEU D 34 -21.34 3.12 35.25
C LEU D 34 -20.95 4.40 34.51
N SER D 35 -19.96 4.35 33.62
CA SER D 35 -19.54 5.50 32.85
C SER D 35 -20.64 5.86 31.87
N ARG D 36 -21.14 4.85 31.17
CA ARG D 36 -22.07 5.06 30.07
C ARG D 36 -23.40 5.60 30.59
N TYR D 37 -23.85 5.03 31.71
CA TYR D 37 -25.06 5.42 32.42
C TYR D 37 -24.90 6.76 33.17
N GLY D 38 -23.67 7.32 33.18
CA GLY D 38 -23.34 8.61 33.78
C GLY D 38 -23.37 8.66 35.30
N VAL D 39 -23.00 7.55 35.96
CA VAL D 39 -23.00 7.39 37.42
C VAL D 39 -21.58 7.65 37.95
N PRO D 40 -21.34 8.70 38.79
CA PRO D 40 -20.03 8.90 39.43
C PRO D 40 -19.60 7.83 40.44
N HIS D 41 -18.42 7.26 40.19
CA HIS D 41 -17.90 6.09 40.88
C HIS D 41 -16.39 6.25 41.05
N LEU D 42 -15.78 5.46 41.94
CA LEU D 42 -14.33 5.47 42.09
C LEU D 42 -13.84 4.03 42.02
N LEU D 43 -12.70 3.84 41.34
CA LEU D 43 -12.07 2.54 41.17
C LEU D 43 -10.60 2.59 41.61
N VAL D 44 -10.31 1.87 42.70
CA VAL D 44 -8.97 1.62 43.19
C VAL D 44 -8.50 0.24 42.69
N ASN D 45 -7.19 0.15 42.37
CA ASN D 45 -6.49 -1.08 41.99
C ASN D 45 -5.16 -1.14 42.72
N ARG D 46 -4.81 -2.33 43.24
CA ARG D 46 -3.64 -2.49 44.12
C ARG D 46 -2.33 -2.43 43.33
N HIS D 47 -2.30 -2.99 42.11
CA HIS D 47 -1.12 -2.90 41.26
C HIS D 47 -1.09 -1.55 40.55
N HIS D 48 0.12 -1.11 40.20
CA HIS D 48 0.33 0.20 39.62
C HIS D 48 0.00 0.19 38.13
N GLY D 49 0.12 -0.97 37.49
CA GLY D 49 -0.14 -1.07 36.06
C GLY D 49 -1.37 -1.94 35.75
N THR D 50 -1.71 -2.00 34.46
CA THR D 50 -2.65 -3.00 33.96
C THR D 50 -1.94 -4.36 33.92
N ALA D 51 -2.63 -5.41 33.47
CA ALA D 51 -1.98 -6.71 33.34
C ALA D 51 -0.80 -6.58 32.37
N HIS D 52 0.27 -7.33 32.68
CA HIS D 52 1.53 -7.30 31.95
C HIS D 52 1.62 -8.49 31.00
N THR D 53 1.10 -9.65 31.44
CA THR D 53 1.12 -10.90 30.69
C THR D 53 -0.29 -11.27 30.22
N PRO D 54 -0.41 -11.96 29.05
CA PRO D 54 -1.69 -12.35 28.45
C PRO D 54 -2.84 -12.91 29.28
N ARG D 55 -2.60 -14.00 30.04
CA ARG D 55 -3.65 -14.63 30.82
C ARG D 55 -4.84 -14.98 29.91
N ALA D 56 -6.03 -14.38 30.14
CA ALA D 56 -7.25 -14.62 29.37
C ALA D 56 -7.21 -13.96 27.99
N HIS D 57 -7.84 -14.61 26.98
CA HIS D 57 -7.74 -14.15 25.60
C HIS D 57 -8.99 -14.38 24.72
N LEU D 58 -9.71 -15.49 24.90
CA LEU D 58 -10.88 -15.79 24.07
C LEU D 58 -12.05 -14.92 24.52
N LEU D 59 -12.60 -14.12 23.59
CA LEU D 59 -13.82 -13.35 23.81
C LEU D 59 -14.96 -14.03 23.06
N ASN D 60 -15.97 -14.55 23.76
CA ASN D 60 -17.09 -15.20 23.07
C ASN D 60 -18.12 -14.17 22.60
N GLN D 61 -19.17 -14.69 21.97
CA GLN D 61 -20.17 -13.86 21.31
C GLN D 61 -20.90 -12.95 22.29
N ARG D 62 -21.08 -13.37 23.55
CA ARG D 62 -21.84 -12.54 24.48
C ARG D 62 -21.02 -11.29 24.81
N THR D 63 -19.73 -11.51 25.05
CA THR D 63 -18.78 -10.44 25.26
C THR D 63 -18.75 -9.54 24.04
N GLY D 64 -18.79 -10.16 22.85
CA GLY D 64 -18.94 -9.38 21.63
C GLY D 64 -20.07 -8.35 21.72
N GLU D 65 -21.25 -8.83 22.13
CA GLU D 65 -22.47 -8.03 22.17
C GLU D 65 -22.35 -6.97 23.25
N ILE D 66 -21.86 -7.36 24.43
CA ILE D 66 -21.74 -6.39 25.50
C ILE D 66 -20.85 -5.23 25.07
N PHE D 67 -19.77 -5.55 24.33
CA PHE D 67 -18.79 -4.55 23.92
C PHE D 67 -19.37 -3.68 22.82
N ARG D 68 -20.35 -4.22 22.09
CA ARG D 68 -21.15 -3.40 21.17
C ARG D 68 -22.09 -2.45 21.93
N ASP D 69 -22.65 -2.91 23.06
CA ASP D 69 -23.47 -2.04 23.88
C ASP D 69 -22.59 -0.90 24.38
N LEU D 70 -21.50 -1.25 25.08
CA LEU D 70 -20.60 -0.33 25.75
C LEU D 70 -19.73 0.39 24.74
N GLY D 71 -20.00 0.19 23.45
CA GLY D 71 -19.47 0.99 22.35
C GLY D 71 -17.95 0.87 22.17
N ILE D 72 -17.36 -0.29 22.49
CA ILE D 72 -15.93 -0.50 22.32
C ILE D 72 -15.65 -1.71 21.44
N ALA D 73 -16.59 -2.10 20.57
CA ALA D 73 -16.42 -3.37 19.88
C ALA D 73 -15.60 -3.20 18.62
N ASP D 74 -15.42 -1.95 18.18
CA ASP D 74 -14.62 -1.67 17.01
C ASP D 74 -13.16 -1.54 17.40
N ARG D 75 -12.92 -0.83 18.52
CA ARG D 75 -11.64 -0.79 19.20
C ARG D 75 -11.13 -2.24 19.32
N VAL D 76 -11.91 -3.10 20.02
CA VAL D 76 -11.55 -4.50 20.30
C VAL D 76 -11.38 -5.33 19.03
N GLU D 77 -12.27 -5.18 18.05
CA GLU D 77 -12.20 -6.03 16.88
C GLU D 77 -10.94 -5.73 16.09
N ALA D 78 -10.48 -4.46 16.18
CA ALA D 78 -9.36 -3.98 15.40
C ALA D 78 -8.09 -4.77 15.74
N HIS D 79 -7.89 -5.02 17.03
CA HIS D 79 -6.65 -5.59 17.57
C HIS D 79 -6.73 -7.12 17.57
N ALA D 80 -7.95 -7.68 17.50
CA ALA D 80 -8.20 -9.04 17.94
C ALA D 80 -8.04 -10.03 16.78
N THR D 81 -7.67 -11.28 17.10
CA THR D 81 -7.61 -12.33 16.08
C THR D 81 -9.03 -12.74 15.68
N PRO D 82 -9.34 -12.75 14.38
CA PRO D 82 -10.67 -13.13 13.93
C PRO D 82 -10.93 -14.63 14.07
N GLY D 83 -12.22 -14.96 14.16
CA GLY D 83 -12.75 -16.27 14.49
C GLY D 83 -12.28 -17.35 13.52
N HIS D 84 -12.04 -16.99 12.26
CA HIS D 84 -11.73 -17.96 11.22
C HIS D 84 -10.32 -18.53 11.39
N LEU D 85 -9.45 -17.83 12.15
CA LEU D 85 -8.09 -18.32 12.43
C LEU D 85 -8.05 -19.07 13.76
N MET D 86 -9.22 -19.31 14.38
CA MET D 86 -9.31 -20.19 15.54
C MET D 86 -10.24 -21.34 15.18
N ALA D 87 -10.09 -21.82 13.94
CA ALA D 87 -11.06 -22.68 13.29
C ALA D 87 -11.04 -24.09 13.86
N ASN D 88 -9.92 -24.50 14.46
CA ASN D 88 -9.78 -25.89 14.91
C ASN D 88 -9.38 -25.98 16.38
N HIS D 89 -9.54 -27.20 16.91
CA HIS D 89 -8.88 -27.70 18.11
C HIS D 89 -8.08 -28.92 17.72
N VAL D 90 -6.74 -28.84 17.86
CA VAL D 90 -5.78 -29.84 17.40
C VAL D 90 -5.21 -30.60 18.62
N PHE D 91 -5.16 -31.93 18.53
CA PHE D 91 -4.36 -32.77 19.42
C PHE D 91 -3.26 -33.46 18.62
N MET D 92 -2.00 -33.33 19.09
CA MET D 92 -0.86 -33.78 18.31
C MET D 92 0.11 -34.54 19.20
N SER D 93 1.17 -35.08 18.58
CA SER D 93 2.40 -35.45 19.26
C SER D 93 3.21 -34.15 19.45
N THR D 94 4.36 -34.01 18.78
CA THR D 94 5.03 -32.71 18.73
C THR D 94 4.38 -31.81 17.68
N PHE D 95 4.60 -30.50 17.77
CA PHE D 95 4.13 -29.52 16.79
C PHE D 95 4.62 -29.90 15.39
N ALA D 96 5.90 -30.32 15.29
CA ALA D 96 6.44 -30.76 14.00
C ALA D 96 6.10 -32.24 13.74
N GLY D 97 5.61 -32.96 14.74
CA GLY D 97 5.38 -34.38 14.52
C GLY D 97 4.04 -34.68 13.84
N PRO D 98 3.62 -35.95 13.77
CA PRO D 98 2.26 -36.31 13.35
C PRO D 98 1.16 -35.85 14.32
N GLU D 99 -0.08 -35.83 13.82
CA GLU D 99 -1.23 -35.34 14.55
C GLU D 99 -2.09 -36.50 15.04
N VAL D 100 -2.85 -36.26 16.10
CA VAL D 100 -3.66 -37.28 16.77
C VAL D 100 -5.15 -37.08 16.45
N ALA D 101 -5.63 -35.83 16.52
CA ALA D 101 -7.06 -35.56 16.36
C ALA D 101 -7.31 -34.07 16.11
N ARG D 102 -8.47 -33.79 15.54
CA ARG D 102 -8.85 -32.44 15.19
C ARG D 102 -10.36 -32.36 15.24
N ILE D 103 -10.87 -31.23 15.75
CA ILE D 103 -12.27 -30.88 15.58
C ILE D 103 -12.34 -29.40 15.22
N GLY D 104 -13.44 -29.02 14.56
CA GLY D 104 -13.84 -27.62 14.47
C GLY D 104 -14.04 -27.04 15.86
N ALA D 105 -13.76 -25.75 15.96
CA ALA D 105 -13.84 -25.02 17.23
C ALA D 105 -14.54 -23.69 16.99
N TYR D 106 -15.18 -23.17 18.02
CA TYR D 106 -15.86 -21.85 18.02
C TYR D 106 -16.82 -21.70 16.83
N GLY D 107 -17.59 -22.74 16.55
CA GLY D 107 -18.54 -22.77 15.44
C GLY D 107 -17.92 -22.57 14.07
N ASN D 108 -16.66 -22.93 13.83
CA ASN D 108 -16.15 -22.77 12.47
C ASN D 108 -16.44 -24.02 11.64
N GLY D 109 -16.84 -25.10 12.31
CA GLY D 109 -17.17 -26.35 11.67
C GLY D 109 -18.49 -26.28 10.91
N PRO D 110 -18.55 -26.87 9.70
CA PRO D 110 -19.78 -26.83 8.91
C PRO D 110 -21.07 -27.18 9.69
N ASP D 111 -20.97 -28.01 10.72
CA ASP D 111 -22.24 -28.37 11.33
C ASP D 111 -22.63 -27.41 12.46
N ARG D 112 -21.78 -26.44 12.82
CA ARG D 112 -22.16 -25.56 13.90
C ARG D 112 -22.28 -24.12 13.40
N ILE D 113 -21.66 -23.84 12.23
CA ILE D 113 -21.44 -22.46 11.78
C ILE D 113 -22.77 -21.74 11.57
N GLY D 114 -23.77 -22.45 11.05
CA GLY D 114 -25.08 -21.83 10.87
C GLY D 114 -25.65 -21.31 12.18
N GLU D 115 -25.54 -22.13 13.24
CA GLU D 115 -26.12 -21.78 14.53
C GLU D 115 -25.42 -20.57 15.10
N TYR D 116 -24.08 -20.53 14.94
CA TYR D 116 -23.24 -19.47 15.49
C TYR D 116 -23.56 -18.14 14.81
N ARG D 117 -23.71 -18.13 13.48
CA ARG D 117 -24.03 -16.89 12.76
C ARG D 117 -25.43 -16.41 13.12
N ALA D 118 -26.36 -17.38 13.23
CA ALA D 118 -27.74 -17.09 13.57
C ALA D 118 -27.87 -16.48 14.97
N ALA D 119 -27.01 -16.89 15.90
CA ALA D 119 -27.22 -16.62 17.32
C ALA D 119 -26.87 -15.20 17.77
N SER D 120 -25.94 -14.52 17.09
CA SER D 120 -25.44 -13.26 17.59
C SER D 120 -25.00 -12.37 16.43
N PRO D 121 -25.02 -11.02 16.55
CA PRO D 121 -24.42 -10.14 15.55
C PRO D 121 -22.90 -10.25 15.62
N SER D 122 -22.38 -10.77 16.74
CA SER D 122 -20.95 -10.87 17.00
C SER D 122 -20.38 -12.28 16.77
N GLY D 123 -19.09 -12.35 16.41
CA GLY D 123 -18.34 -13.60 16.40
C GLY D 123 -17.49 -13.74 17.67
N LEU D 124 -16.79 -14.87 17.80
CA LEU D 124 -15.73 -15.02 18.80
C LEU D 124 -14.42 -14.48 18.23
N CYS D 125 -13.59 -13.90 19.07
CA CYS D 125 -12.29 -13.43 18.60
C CYS D 125 -11.26 -13.58 19.73
N ASN D 126 -9.97 -13.40 19.41
CA ASN D 126 -8.90 -13.55 20.40
C ASN D 126 -8.22 -12.20 20.68
N LEU D 127 -8.18 -11.79 21.95
CA LEU D 127 -7.45 -10.60 22.39
C LEU D 127 -7.02 -10.79 23.84
N PRO D 128 -5.70 -10.87 24.09
CA PRO D 128 -5.16 -11.16 25.43
C PRO D 128 -5.28 -9.96 26.38
N GLN D 129 -5.36 -10.26 27.68
CA GLN D 129 -5.77 -9.29 28.68
C GLN D 129 -4.90 -8.03 28.67
N HIS D 130 -3.64 -8.15 28.24
CA HIS D 130 -2.70 -7.05 28.38
C HIS D 130 -2.92 -6.03 27.28
N LEU D 131 -3.69 -6.45 26.26
CA LEU D 131 -4.20 -5.56 25.21
C LEU D 131 -5.61 -5.06 25.51
N LEU D 132 -6.48 -5.94 26.05
CA LEU D 132 -7.86 -5.61 26.34
C LEU D 132 -7.93 -4.53 27.42
N GLU D 133 -7.25 -4.79 28.55
CA GLU D 133 -7.33 -3.97 29.76
C GLU D 133 -7.13 -2.49 29.42
N PRO D 134 -6.04 -2.07 28.72
CA PRO D 134 -5.82 -0.70 28.28
C PRO D 134 -6.98 0.00 27.58
N LEU D 135 -7.61 -0.74 26.65
CA LEU D 135 -8.79 -0.26 25.94
C LEU D 135 -9.88 0.11 26.94
N LEU D 136 -10.16 -0.78 27.90
CA LEU D 136 -11.22 -0.47 28.85
C LEU D 136 -10.87 0.77 29.68
N VAL D 137 -9.58 0.87 30.08
CA VAL D 137 -9.00 2.00 30.80
C VAL D 137 -9.24 3.26 29.98
N GLU D 138 -8.80 3.25 28.71
CA GLU D 138 -8.90 4.42 27.85
C GLU D 138 -10.35 4.89 27.74
N ALA D 139 -11.26 3.93 27.48
CA ALA D 139 -12.68 4.23 27.35
C ALA D 139 -13.16 4.93 28.61
N VAL D 140 -12.86 4.37 29.79
CA VAL D 140 -13.23 5.02 31.05
C VAL D 140 -12.66 6.45 31.15
N GLN D 141 -11.39 6.66 30.78
CA GLN D 141 -10.72 7.94 30.91
C GLN D 141 -11.30 8.99 29.96
N GLU D 142 -11.87 8.52 28.84
CA GLU D 142 -12.53 9.42 27.91
C GLU D 142 -13.91 9.83 28.43
N ALA D 143 -14.58 8.90 29.13
CA ALA D 143 -15.96 9.06 29.63
C ALA D 143 -16.05 10.08 30.78
N CYS D 144 -14.99 10.16 31.58
CA CYS D 144 -14.80 11.18 32.59
C CYS D 144 -16.00 11.24 33.55
N VAL D 145 -16.41 10.09 34.10
CA VAL D 145 -17.64 10.05 34.90
C VAL D 145 -17.34 9.63 36.33
N GLY D 146 -16.39 8.69 36.46
CA GLY D 146 -15.83 8.22 37.72
C GLY D 146 -14.31 8.19 37.64
N GLN D 147 -13.67 7.60 38.65
CA GLN D 147 -12.23 7.83 38.78
C GLN D 147 -11.48 6.51 38.90
N LEU D 148 -10.31 6.47 38.23
CA LEU D 148 -9.38 5.35 38.25
C LEU D 148 -8.15 5.70 39.09
N ARG D 149 -8.01 5.00 40.23
CA ARG D 149 -6.86 5.12 41.09
C ARG D 149 -6.14 3.77 41.15
N PHE D 150 -4.99 3.70 40.46
CA PHE D 150 -4.09 2.55 40.53
C PHE D 150 -3.03 2.80 41.60
N GLY D 151 -2.44 1.71 42.10
CA GLY D 151 -1.57 1.77 43.26
C GLY D 151 -2.32 2.17 44.54
N HIS D 152 -3.63 1.88 44.56
CA HIS D 152 -4.39 2.05 45.80
C HIS D 152 -4.91 0.70 46.28
N GLU D 153 -4.72 0.41 47.55
CA GLU D 153 -5.00 -0.91 48.08
C GLU D 153 -6.16 -0.84 49.06
N PHE D 154 -7.28 -1.45 48.67
CA PHE D 154 -8.38 -1.67 49.60
C PHE D 154 -7.86 -2.44 50.82
N VAL D 155 -8.22 -1.98 52.03
CA VAL D 155 -7.86 -2.74 53.21
C VAL D 155 -9.11 -3.35 53.86
N SER D 156 -10.09 -2.52 54.25
CA SER D 156 -11.25 -3.01 54.99
C SER D 156 -12.50 -2.17 54.75
N LEU D 157 -13.66 -2.74 55.12
CA LEU D 157 -14.95 -2.07 55.02
C LEU D 157 -15.81 -2.39 56.25
N GLU D 158 -16.65 -1.43 56.63
CA GLU D 158 -17.81 -1.65 57.47
C GLU D 158 -19.02 -1.10 56.73
N GLN D 159 -20.17 -1.75 56.94
CA GLN D 159 -21.39 -1.32 56.23
C GLN D 159 -22.54 -1.18 57.21
N ASP D 160 -23.41 -0.21 56.95
CA ASP D 160 -24.61 0.03 57.79
C ASP D 160 -25.83 0.05 56.86
N GLU D 161 -26.94 0.64 57.29
CA GLU D 161 -28.14 0.64 56.42
C GLU D 161 -28.10 1.83 55.46
N HIS D 162 -27.20 2.77 55.68
CA HIS D 162 -27.14 3.99 54.88
C HIS D 162 -25.86 4.09 54.04
N GLY D 163 -24.84 3.27 54.33
CA GLY D 163 -23.72 3.32 53.38
C GLY D 163 -22.57 2.42 53.81
N VAL D 164 -21.58 2.19 52.90
CA VAL D 164 -20.41 1.39 53.22
C VAL D 164 -19.19 2.31 53.38
N THR D 165 -18.38 2.03 54.41
CA THR D 165 -17.15 2.77 54.73
C THR D 165 -15.94 1.85 54.55
N SER D 166 -15.02 2.25 53.65
CA SER D 166 -13.89 1.42 53.27
C SER D 166 -12.58 2.15 53.54
N ARG D 167 -11.55 1.37 53.91
CA ARG D 167 -10.23 1.88 54.24
C ARG D 167 -9.23 1.53 53.12
N ILE D 168 -8.53 2.57 52.63
CA ILE D 168 -7.68 2.51 51.45
C ILE D 168 -6.27 2.97 51.83
N THR D 169 -5.26 2.37 51.16
CA THR D 169 -3.86 2.77 51.26
C THR D 169 -3.34 3.18 49.88
N ASP D 170 -3.11 4.48 49.64
CA ASP D 170 -2.22 4.87 48.56
C ASP D 170 -0.83 4.34 48.87
N ARG D 171 -0.29 3.49 47.98
CA ARG D 171 0.94 2.76 48.25
C ARG D 171 2.19 3.59 47.93
N ARG D 172 2.03 4.70 47.19
CA ARG D 172 3.13 5.62 46.96
C ARG D 172 3.46 6.38 48.25
N THR D 173 2.44 7.04 48.80
CA THR D 173 2.56 7.93 49.94
C THR D 173 2.66 7.14 51.24
N GLY D 174 1.89 6.05 51.34
CA GLY D 174 1.76 5.28 52.57
C GLY D 174 0.53 5.71 53.36
N ARG D 175 -0.06 6.85 52.96
CA ARG D 175 -1.20 7.48 53.62
C ARG D 175 -2.43 6.58 53.51
N ASP D 176 -3.24 6.56 54.58
CA ASP D 176 -4.53 5.89 54.62
C ASP D 176 -5.65 6.94 54.65
N TYR D 177 -6.65 6.75 53.78
CA TYR D 177 -7.85 7.58 53.74
C TYR D 177 -9.07 6.67 53.82
N THR D 178 -10.26 7.28 53.94
CA THR D 178 -11.52 6.55 54.05
C THR D 178 -12.44 6.90 52.88
N VAL D 179 -13.17 5.89 52.37
CA VAL D 179 -14.18 6.08 51.35
C VAL D 179 -15.53 5.57 51.86
N ARG D 180 -16.47 6.50 51.84
CA ARG D 180 -17.88 6.23 52.20
C ARG D 180 -18.63 6.16 50.88
N SER D 181 -19.27 5.04 50.63
CA SER D 181 -20.06 4.77 49.43
C SER D 181 -21.51 4.47 49.79
N ASP D 182 -22.39 4.48 48.77
CA ASP D 182 -23.71 3.87 48.86
C ASP D 182 -23.54 2.36 48.71
N TYR D 183 -22.76 1.95 47.69
CA TYR D 183 -22.63 0.56 47.25
C TYR D 183 -21.19 0.25 46.87
N LEU D 184 -20.77 -1.01 47.13
CA LEU D 184 -19.40 -1.41 46.85
C LEU D 184 -19.36 -2.58 45.84
N ILE D 185 -18.45 -2.47 44.85
CA ILE D 185 -18.23 -3.48 43.82
C ILE D 185 -16.91 -4.23 44.01
N GLY D 186 -17.01 -5.46 44.54
CA GLY D 186 -15.88 -6.37 44.72
C GLY D 186 -15.41 -6.99 43.41
N ALA D 187 -14.31 -6.42 42.85
CA ALA D 187 -13.66 -6.83 41.61
C ALA D 187 -12.14 -7.02 41.79
N ASP D 188 -11.74 -7.72 42.87
CA ASP D 188 -10.36 -7.78 43.36
C ASP D 188 -9.74 -9.17 43.12
N GLY D 189 -10.17 -9.83 42.05
CA GLY D 189 -9.57 -11.06 41.58
C GLY D 189 -9.69 -12.21 42.58
N ALA D 190 -8.93 -13.27 42.32
CA ALA D 190 -8.87 -14.43 43.21
C ALA D 190 -8.37 -14.00 44.60
N ARG D 191 -8.73 -14.80 45.62
CA ARG D 191 -8.41 -14.51 47.01
C ARG D 191 -8.83 -13.07 47.32
N SER D 192 -10.11 -12.75 47.04
CA SER D 192 -10.67 -11.43 47.20
C SER D 192 -10.62 -10.99 48.65
N ARG D 193 -10.09 -9.76 48.88
CA ARG D 193 -10.09 -9.13 50.20
C ARG D 193 -11.53 -8.87 50.63
N VAL D 194 -12.33 -8.31 49.71
CA VAL D 194 -13.69 -7.85 49.95
C VAL D 194 -14.59 -9.03 50.30
N LEU D 195 -14.43 -10.17 49.62
CA LEU D 195 -15.34 -11.26 49.85
C LEU D 195 -15.07 -11.92 51.20
N ALA D 196 -13.81 -11.77 51.68
CA ALA D 196 -13.42 -12.22 53.01
C ALA D 196 -13.98 -11.26 54.07
N GLN D 197 -13.84 -9.95 53.83
CA GLN D 197 -14.41 -8.89 54.65
C GLN D 197 -15.90 -9.08 54.91
N LEU D 198 -16.59 -9.88 54.10
CA LEU D 198 -18.03 -10.07 54.24
C LEU D 198 -18.31 -11.38 54.98
N GLY D 199 -17.32 -12.28 55.01
CA GLY D 199 -17.44 -13.53 55.76
C GLY D 199 -17.88 -14.70 54.89
N ILE D 200 -17.80 -14.50 53.57
CA ILE D 200 -18.16 -15.48 52.56
C ILE D 200 -16.89 -16.21 52.10
N ALA D 201 -16.95 -17.54 52.20
CA ALA D 201 -15.87 -18.46 51.88
C ALA D 201 -16.26 -19.31 50.66
N LEU D 202 -15.38 -19.33 49.64
CA LEU D 202 -15.61 -19.96 48.35
C LEU D 202 -15.66 -21.49 48.49
N ASP D 203 -16.78 -22.12 48.12
CA ASP D 203 -16.86 -23.58 48.09
C ASP D 203 -15.92 -24.08 46.98
N GLY D 204 -15.50 -25.35 47.08
CA GLY D 204 -14.63 -25.97 46.09
C GLY D 204 -13.14 -25.95 46.47
N ALA D 205 -12.34 -26.75 45.75
CA ALA D 205 -10.93 -26.96 46.06
C ALA D 205 -10.07 -25.77 45.62
N THR D 206 -8.88 -25.66 46.23
CA THR D 206 -7.80 -24.79 45.77
C THR D 206 -6.65 -25.68 45.25
N GLY D 207 -5.80 -25.11 44.38
CA GLY D 207 -4.57 -25.72 43.91
C GLY D 207 -4.70 -27.18 43.48
N ILE D 208 -5.64 -27.43 42.56
CA ILE D 208 -5.94 -28.79 42.12
C ILE D 208 -4.85 -29.28 41.18
N ALA D 209 -4.06 -28.34 40.64
CA ALA D 209 -2.83 -28.63 39.91
C ALA D 209 -2.08 -27.34 39.64
N ARG D 210 -0.80 -27.46 39.28
CA ARG D 210 0.10 -26.34 39.08
C ARG D 210 0.38 -26.20 37.58
N ALA D 211 0.72 -24.98 37.14
CA ALA D 211 0.83 -24.69 35.73
C ALA D 211 1.91 -23.65 35.44
N VAL D 212 2.62 -23.85 34.33
CA VAL D 212 3.66 -22.93 33.93
C VAL D 212 3.28 -22.40 32.55
N THR D 213 3.05 -21.09 32.49
CA THR D 213 2.67 -20.43 31.27
C THR D 213 3.87 -19.63 30.76
N THR D 214 4.39 -20.02 29.60
CA THR D 214 5.47 -19.30 28.95
C THR D 214 4.91 -18.54 27.76
N TRP D 215 5.07 -17.21 27.84
CA TRP D 215 4.73 -16.26 26.77
C TRP D 215 5.96 -16.06 25.89
N PHE D 216 5.91 -16.60 24.68
CA PHE D 216 7.11 -16.55 23.87
C PHE D 216 6.79 -16.24 22.40
N GLU D 217 7.82 -15.79 21.66
CA GLU D 217 7.78 -15.52 20.24
C GLU D 217 8.51 -16.64 19.52
N ALA D 218 8.06 -17.01 18.32
CA ALA D 218 8.67 -18.06 17.51
C ALA D 218 7.80 -18.30 16.28
N ASP D 219 8.42 -18.33 15.09
CA ASP D 219 7.68 -18.50 13.86
C ASP D 219 7.31 -19.98 13.63
N LEU D 220 6.13 -20.40 14.07
CA LEU D 220 5.75 -21.80 13.93
C LEU D 220 4.71 -21.96 12.82
N SER D 221 4.67 -20.99 11.91
CA SER D 221 3.71 -20.94 10.83
C SER D 221 3.75 -22.23 10.00
N ARG D 222 4.92 -22.86 9.96
CA ARG D 222 5.13 -24.11 9.26
C ARG D 222 4.24 -25.23 9.82
N TYR D 223 3.93 -25.17 11.12
CA TYR D 223 3.29 -26.31 11.76
C TYR D 223 1.84 -25.97 12.07
N SER D 224 1.46 -24.70 11.89
CA SER D 224 0.16 -24.23 12.31
C SER D 224 -0.75 -23.81 11.14
N ALA D 225 -0.25 -22.95 10.23
CA ALA D 225 -1.04 -22.24 9.25
C ALA D 225 -2.03 -23.14 8.50
N HIS D 226 -1.71 -24.43 8.37
CA HIS D 226 -2.50 -25.32 7.53
C HIS D 226 -3.60 -26.01 8.35
N ARG D 227 -3.69 -25.67 9.64
CA ARG D 227 -4.69 -26.21 10.55
C ARG D 227 -4.90 -25.17 11.66
N PRO D 228 -5.43 -23.99 11.29
CA PRO D 228 -5.51 -22.87 12.22
C PRO D 228 -6.34 -23.22 13.44
N ALA D 229 -5.81 -22.85 14.62
CA ALA D 229 -6.41 -23.20 15.90
C ALA D 229 -5.97 -22.19 16.96
N LEU D 230 -6.77 -22.13 18.03
CA LEU D 230 -6.38 -21.40 19.22
C LEU D 230 -5.49 -22.33 20.04
N LEU D 231 -5.97 -23.56 20.18
CA LEU D 231 -5.37 -24.53 21.07
C LEU D 231 -4.84 -25.71 20.24
N TYR D 232 -3.53 -25.92 20.34
CA TYR D 232 -2.90 -27.16 19.92
C TYR D 232 -2.37 -27.85 21.17
N MET D 233 -2.79 -29.10 21.37
CA MET D 233 -2.51 -29.86 22.58
C MET D 233 -1.69 -31.10 22.26
N GLY D 234 -0.42 -31.02 22.67
CA GLY D 234 0.62 -31.97 22.36
C GLY D 234 0.92 -32.96 23.50
N ALA D 235 1.52 -34.09 23.11
CA ALA D 235 2.07 -35.08 24.00
C ALA D 235 3.37 -35.56 23.37
N VAL D 236 4.51 -35.16 23.95
CA VAL D 236 5.83 -35.57 23.46
C VAL D 236 5.98 -37.06 23.73
N PRO D 237 6.18 -37.93 22.70
CA PRO D 237 6.27 -39.37 22.91
C PRO D 237 7.36 -39.63 23.96
N GLY D 238 7.01 -40.47 24.93
CA GLY D 238 7.88 -40.81 26.05
C GLY D 238 7.43 -40.18 27.35
N SER D 239 6.32 -39.41 27.27
CA SER D 239 5.76 -38.68 28.40
C SER D 239 4.62 -39.46 29.04
N PRO D 240 4.29 -39.21 30.33
CA PRO D 240 3.02 -39.66 30.88
C PRO D 240 1.83 -38.78 30.43
N PRO D 241 0.58 -39.31 30.43
CA PRO D 241 -0.58 -38.53 29.97
C PRO D 241 -0.69 -37.13 30.59
N ALA D 242 -0.42 -37.02 31.89
CA ALA D 242 -0.64 -35.77 32.62
C ALA D 242 0.38 -34.70 32.24
N ASP D 243 1.28 -35.01 31.31
CA ASP D 243 2.38 -34.13 30.93
C ASP D 243 2.06 -33.49 29.58
N GLY D 244 0.79 -33.10 29.43
CA GLY D 244 0.32 -32.42 28.23
C GLY D 244 1.00 -31.07 28.04
N ARG D 245 1.45 -30.81 26.81
CA ARG D 245 1.89 -29.49 26.42
C ARG D 245 0.76 -28.79 25.67
N VAL D 246 0.53 -27.52 26.01
CA VAL D 246 -0.51 -26.78 25.34
C VAL D 246 0.08 -25.51 24.75
N PHE D 247 -0.01 -25.41 23.41
CA PHE D 247 0.24 -24.16 22.71
C PHE D 247 -1.08 -23.45 22.48
N VAL D 248 -1.09 -22.15 22.81
CA VAL D 248 -2.17 -21.23 22.59
C VAL D 248 -1.66 -20.15 21.64
N SER D 249 -2.37 -19.95 20.53
CA SER D 249 -2.03 -18.95 19.52
C SER D 249 -2.46 -17.56 19.97
N LEU D 250 -1.54 -16.59 20.00
CA LEU D 250 -1.82 -15.22 20.46
C LEU D 250 -1.80 -14.23 19.30
N ARG D 251 -0.77 -14.31 18.44
CA ARG D 251 -0.65 -13.48 17.26
C ARG D 251 -0.23 -14.38 16.10
N PRO D 252 -1.18 -14.98 15.37
CA PRO D 252 -0.86 -16.03 14.41
C PRO D 252 0.22 -15.49 13.49
N TRP D 253 1.32 -16.24 13.28
CA TRP D 253 1.68 -17.48 13.96
C TRP D 253 3.03 -17.35 14.65
N THR D 254 3.34 -16.16 15.19
CA THR D 254 4.64 -15.88 15.77
C THR D 254 4.56 -15.89 17.29
N GLU D 255 3.45 -15.38 17.84
CA GLU D 255 3.35 -15.13 19.27
C GLU D 255 2.48 -16.24 19.87
N TRP D 256 2.83 -16.71 21.08
CA TRP D 256 2.29 -17.95 21.63
C TRP D 256 2.38 -17.99 23.15
N LEU D 257 1.55 -18.87 23.74
CA LEU D 257 1.67 -19.33 25.12
C LEU D 257 2.06 -20.79 25.03
N HIS D 258 2.86 -21.24 25.99
CA HIS D 258 3.12 -22.66 26.18
C HIS D 258 2.80 -22.96 27.63
N LEU D 259 1.88 -23.92 27.88
CA LEU D 259 1.57 -24.34 29.23
C LEU D 259 2.06 -25.77 29.46
N THR D 260 2.84 -25.99 30.54
CA THR D 260 3.08 -27.32 31.11
C THR D 260 2.45 -27.37 32.49
N PHE D 261 2.22 -28.61 32.97
CA PHE D 261 1.61 -28.88 34.26
C PHE D 261 2.53 -29.81 35.03
N PRO D 262 3.49 -29.23 35.80
CA PRO D 262 4.51 -30.01 36.49
C PRO D 262 3.89 -30.79 37.65
N PRO D 263 4.30 -32.08 37.85
CA PRO D 263 3.70 -32.92 38.89
C PRO D 263 4.07 -32.29 40.23
N PRO D 264 3.42 -32.64 41.38
CA PRO D 264 3.56 -31.84 42.59
C PRO D 264 4.99 -31.91 43.16
N THR D 265 5.67 -33.03 42.85
CA THR D 265 7.01 -33.34 43.28
C THR D 265 7.99 -32.98 42.17
N ALA D 266 8.34 -31.69 42.07
CA ALA D 266 9.10 -31.17 40.94
C ALA D 266 9.38 -29.69 41.14
N ASP D 267 10.64 -29.31 40.91
CA ASP D 267 11.09 -27.97 41.22
C ASP D 267 10.86 -27.09 39.99
N VAL D 268 9.96 -26.12 40.15
CA VAL D 268 9.64 -25.19 39.08
C VAL D 268 10.38 -23.87 39.32
N ASP D 269 11.21 -23.49 38.35
CA ASP D 269 12.01 -22.27 38.43
C ASP D 269 11.66 -21.31 37.29
N VAL D 270 10.69 -20.44 37.57
CA VAL D 270 10.22 -19.36 36.71
C VAL D 270 11.42 -18.65 36.05
N GLU D 271 12.56 -18.66 36.75
CA GLU D 271 13.70 -17.81 36.42
C GLU D 271 14.63 -18.51 35.41
N ASP D 272 14.46 -19.82 35.22
CA ASP D 272 15.39 -20.60 34.41
C ASP D 272 14.97 -20.57 32.93
N HIS D 273 15.11 -19.41 32.29
CA HIS D 273 14.67 -19.24 30.91
C HIS D 273 15.30 -20.29 29.98
N GLU D 274 16.43 -20.87 30.39
CA GLU D 274 17.17 -21.80 29.54
C GLU D 274 16.51 -23.17 29.53
N ALA D 275 15.92 -23.58 30.67
CA ALA D 275 15.36 -24.91 30.80
C ALA D 275 13.98 -24.94 30.17
N VAL D 276 13.26 -23.82 30.31
CA VAL D 276 11.96 -23.63 29.71
C VAL D 276 12.11 -23.59 28.19
N ARG D 277 13.15 -22.89 27.73
CA ARG D 277 13.39 -22.75 26.30
C ARG D 277 13.66 -24.13 25.71
N ALA D 278 14.13 -25.07 26.54
CA ALA D 278 14.43 -26.39 26.03
C ALA D 278 13.16 -27.24 26.05
N GLY D 279 12.34 -27.07 27.10
CA GLY D 279 11.02 -27.69 27.17
C GLY D 279 10.18 -27.41 25.92
N ILE D 280 10.14 -26.13 25.54
CA ILE D 280 9.31 -25.69 24.43
C ILE D 280 9.82 -26.36 23.15
N ARG D 281 11.12 -26.24 22.90
CA ARG D 281 11.79 -26.86 21.76
C ARG D 281 11.48 -28.34 21.71
N GLU D 282 11.29 -28.96 22.88
CA GLU D 282 10.97 -30.39 22.93
C GLU D 282 9.52 -30.60 22.52
N SER D 283 8.62 -29.75 23.03
CA SER D 283 7.21 -29.77 22.65
C SER D 283 7.08 -29.54 21.14
N ILE D 284 7.73 -28.47 20.63
CA ILE D 284 7.77 -28.19 19.20
C ILE D 284 8.29 -29.40 18.43
N GLY D 285 9.43 -29.95 18.88
CA GLY D 285 10.09 -31.13 18.33
C GLY D 285 10.96 -30.79 17.12
N ASP D 286 11.65 -29.66 17.18
CA ASP D 286 12.49 -29.17 16.11
C ASP D 286 13.48 -28.19 16.73
N PRO D 287 14.70 -28.66 17.05
CA PRO D 287 15.63 -27.89 17.87
C PRO D 287 16.29 -26.69 17.17
N THR D 288 15.97 -26.49 15.89
CA THR D 288 16.52 -25.39 15.12
C THR D 288 15.83 -24.07 15.50
N VAL D 289 14.60 -24.17 16.04
CA VAL D 289 13.65 -23.07 16.13
C VAL D 289 14.09 -22.02 17.15
N ASP D 290 14.15 -20.77 16.68
CA ASP D 290 14.36 -19.61 17.53
C ASP D 290 13.17 -19.48 18.49
N VAL D 291 13.46 -19.38 19.78
CA VAL D 291 12.44 -19.21 20.80
C VAL D 291 12.91 -18.06 21.69
N THR D 292 12.12 -16.97 21.72
CA THR D 292 12.37 -15.86 22.63
C THR D 292 11.34 -15.91 23.76
N ILE D 293 11.78 -16.10 24.99
CA ILE D 293 10.89 -16.00 26.13
C ILE D 293 10.60 -14.52 26.39
N LYS D 294 9.34 -14.20 26.75
CA LYS D 294 8.92 -12.84 27.06
C LYS D 294 8.44 -12.76 28.51
N ASN D 295 7.98 -13.91 29.03
CA ASN D 295 7.55 -14.05 30.42
C ASN D 295 7.31 -15.53 30.72
N VAL D 296 7.56 -15.90 31.99
CA VAL D 296 7.19 -17.17 32.59
C VAL D 296 6.46 -16.85 33.91
N SER D 297 5.38 -17.59 34.17
CA SER D 297 4.61 -17.46 35.39
C SER D 297 4.20 -18.84 35.86
N ALA D 298 4.30 -19.06 37.17
CA ALA D 298 3.70 -20.23 37.76
C ALA D 298 2.36 -19.78 38.31
N TRP D 299 1.41 -20.71 38.32
CA TRP D 299 0.15 -20.41 38.98
C TRP D 299 -0.53 -21.70 39.38
N GLU D 300 -1.49 -21.58 40.29
CA GLU D 300 -2.21 -22.72 40.81
C GLU D 300 -3.60 -22.69 40.16
N VAL D 301 -4.08 -23.84 39.66
CA VAL D 301 -5.43 -23.95 39.15
C VAL D 301 -6.38 -24.08 40.33
N ASN D 302 -7.44 -23.25 40.38
CA ASN D 302 -8.52 -23.39 41.35
C ASN D 302 -9.83 -23.70 40.64
N SER D 303 -10.74 -24.43 41.30
CA SER D 303 -12.12 -24.50 40.85
C SER D 303 -13.06 -24.25 42.02
N ALA D 304 -13.50 -22.99 42.17
CA ALA D 304 -14.30 -22.59 43.32
C ALA D 304 -15.23 -21.43 42.99
N VAL D 305 -16.39 -21.44 43.65
CA VAL D 305 -17.47 -20.47 43.48
C VAL D 305 -18.01 -20.04 44.85
N ALA D 306 -18.23 -18.73 45.01
CA ALA D 306 -18.85 -18.17 46.22
C ALA D 306 -20.31 -18.61 46.31
N PRO D 307 -20.83 -19.00 47.50
CA PRO D 307 -22.22 -19.43 47.62
C PRO D 307 -23.14 -18.21 47.78
N ARG D 308 -22.53 -17.05 48.01
CA ARG D 308 -23.21 -15.77 48.01
C ARG D 308 -22.28 -14.76 47.35
N TYR D 309 -22.84 -13.79 46.64
CA TYR D 309 -22.10 -12.90 45.74
C TYR D 309 -22.19 -11.47 46.25
N ALA D 310 -23.17 -11.24 47.14
CA ALA D 310 -23.35 -9.96 47.79
C ALA D 310 -23.69 -10.16 49.26
N SER D 311 -23.52 -9.09 50.03
CA SER D 311 -24.01 -8.99 51.39
C SER D 311 -24.34 -7.52 51.65
N GLY D 312 -25.63 -7.25 51.90
CA GLY D 312 -26.09 -5.88 52.11
C GLY D 312 -25.82 -5.00 50.90
N ARG D 313 -24.80 -4.12 51.02
CA ARG D 313 -24.58 -3.04 50.06
C ARG D 313 -23.28 -3.29 49.31
N VAL D 314 -22.72 -4.50 49.50
CA VAL D 314 -21.48 -4.94 48.86
C VAL D 314 -21.76 -6.12 47.92
N PHE D 315 -21.33 -5.98 46.66
CA PHE D 315 -21.48 -7.05 45.67
C PHE D 315 -20.14 -7.37 44.99
N CYS D 316 -19.85 -8.66 44.83
CA CYS D 316 -18.61 -9.08 44.20
C CYS D 316 -18.84 -9.61 42.78
N VAL D 317 -17.94 -9.21 41.87
CA VAL D 317 -17.95 -9.62 40.48
C VAL D 317 -16.61 -10.25 40.10
N GLY D 318 -16.64 -11.24 39.19
CA GLY D 318 -15.45 -11.65 38.48
C GLY D 318 -14.76 -12.84 39.16
N ASP D 319 -13.42 -12.81 39.21
CA ASP D 319 -12.69 -13.89 39.84
C ASP D 319 -12.84 -13.91 41.35
N ALA D 320 -13.27 -12.78 41.92
CA ALA D 320 -13.64 -12.73 43.32
C ALA D 320 -14.60 -13.88 43.64
N VAL D 321 -15.55 -14.15 42.74
CA VAL D 321 -16.67 -15.02 43.11
C VAL D 321 -16.64 -16.36 42.38
N HIS D 322 -15.84 -16.44 41.31
CA HIS D 322 -15.69 -17.70 40.58
C HIS D 322 -14.27 -17.83 40.02
N GLN D 323 -13.70 -19.01 40.24
CA GLN D 323 -12.39 -19.33 39.69
C GLN D 323 -12.50 -20.73 39.11
N ASN D 324 -11.87 -20.93 37.95
CA ASN D 324 -11.94 -22.22 37.29
C ASN D 324 -10.70 -22.37 36.40
N PRO D 325 -10.35 -23.61 35.98
CA PRO D 325 -9.23 -23.79 35.07
C PRO D 325 -9.64 -23.03 33.80
N PRO D 326 -8.68 -22.65 32.93
CA PRO D 326 -9.00 -21.83 31.75
C PRO D 326 -9.77 -22.52 30.61
N THR D 327 -10.13 -23.80 30.78
CA THR D 327 -10.93 -24.52 29.80
C THR D 327 -12.26 -23.81 29.61
N ASN D 328 -12.71 -23.73 28.35
CA ASN D 328 -13.96 -23.10 27.88
C ASN D 328 -13.80 -21.59 27.71
N GLY D 329 -12.69 -21.03 28.22
CA GLY D 329 -12.49 -19.59 28.32
C GLY D 329 -13.71 -18.83 28.83
N LEU D 330 -14.26 -19.24 29.98
CA LEU D 330 -15.51 -18.68 30.50
C LEU D 330 -15.22 -17.58 31.53
N GLY D 331 -14.05 -17.63 32.17
CA GLY D 331 -13.75 -16.74 33.28
C GLY D 331 -13.98 -15.27 32.95
N LEU D 332 -13.13 -14.76 32.04
CA LEU D 332 -13.15 -13.36 31.59
C LEU D 332 -14.51 -12.97 31.06
N ASN D 333 -15.16 -13.88 30.32
CA ASN D 333 -16.38 -13.54 29.61
C ASN D 333 -17.52 -13.35 30.62
N SER D 334 -17.56 -14.27 31.59
CA SER D 334 -18.46 -14.15 32.72
C SER D 334 -18.19 -12.85 33.47
N ALA D 335 -16.92 -12.62 33.81
CA ALA D 335 -16.53 -11.40 34.51
C ALA D 335 -17.19 -10.18 33.88
N VAL D 336 -17.16 -10.12 32.56
CA VAL D 336 -17.72 -8.96 31.87
C VAL D 336 -19.24 -8.94 32.05
N ALA D 337 -19.88 -10.11 31.94
CA ALA D 337 -21.33 -10.20 31.98
C ALA D 337 -21.83 -9.96 33.40
N ASP D 338 -21.04 -10.41 34.38
CA ASP D 338 -21.23 -10.05 35.78
C ASP D 338 -21.41 -8.53 35.90
N SER D 339 -20.40 -7.77 35.47
CA SER D 339 -20.42 -6.33 35.67
C SER D 339 -21.64 -5.71 35.01
N PHE D 340 -21.95 -6.23 33.83
CA PHE D 340 -22.96 -5.67 32.95
C PHE D 340 -24.36 -5.97 33.50
N ASN D 341 -24.48 -7.06 34.27
CA ASN D 341 -25.71 -7.39 34.96
C ASN D 341 -25.99 -6.36 36.05
N LEU D 342 -24.92 -5.89 36.72
CA LEU D 342 -25.03 -5.18 37.97
C LEU D 342 -25.14 -3.67 37.76
N CYS D 343 -24.49 -3.13 36.74
CA CYS D 343 -24.33 -1.70 36.69
C CYS D 343 -25.64 -0.96 36.43
N TRP D 344 -26.49 -1.47 35.52
CA TRP D 344 -27.76 -0.82 35.24
C TRP D 344 -28.65 -0.82 36.49
N LYS D 345 -28.52 -1.85 37.32
CA LYS D 345 -29.32 -2.02 38.53
C LYS D 345 -28.90 -1.01 39.60
N LEU D 346 -27.60 -0.72 39.68
CA LEU D 346 -27.09 0.23 40.66
C LEU D 346 -27.61 1.63 40.33
N LYS D 347 -27.66 1.96 39.03
CA LYS D 347 -28.12 3.27 38.60
C LYS D 347 -29.56 3.52 39.06
N LEU D 348 -30.42 2.50 38.97
CA LEU D 348 -31.83 2.70 39.26
C LEU D 348 -32.10 2.69 40.77
N ALA D 349 -31.16 2.17 41.56
CA ALA D 349 -31.30 2.24 43.01
C ALA D 349 -30.71 3.55 43.53
N LEU D 350 -29.86 4.19 42.72
CA LEU D 350 -29.22 5.45 43.08
C LEU D 350 -30.14 6.63 42.78
N GLU D 351 -31.12 6.45 41.89
CA GLU D 351 -32.05 7.53 41.56
C GLU D 351 -33.41 7.27 42.22
N GLY D 352 -33.41 6.41 43.25
CA GLY D 352 -34.60 6.13 44.05
C GLY D 352 -35.64 5.27 43.33
N LEU D 353 -35.31 4.86 42.10
CA LEU D 353 -36.24 4.27 41.16
C LEU D 353 -36.38 2.76 41.40
N ALA D 354 -35.50 2.18 42.23
CA ALA D 354 -35.57 0.76 42.54
C ALA D 354 -34.96 0.49 43.92
N GLY D 355 -35.58 -0.46 44.65
CA GLY D 355 -35.24 -0.74 46.03
C GLY D 355 -33.96 -1.57 46.17
N PRO D 356 -33.74 -2.21 47.34
CA PRO D 356 -32.69 -3.21 47.48
C PRO D 356 -33.04 -4.57 46.87
N GLY D 357 -34.33 -4.84 46.66
CA GLY D 357 -34.80 -6.10 46.11
C GLY D 357 -34.27 -6.37 44.70
N LEU D 358 -33.99 -5.26 43.97
CA LEU D 358 -33.46 -5.29 42.62
C LEU D 358 -32.02 -5.76 42.64
N LEU D 359 -31.24 -5.20 43.57
CA LEU D 359 -29.82 -5.45 43.64
C LEU D 359 -29.53 -6.87 44.15
N ASP D 360 -30.50 -7.48 44.85
CA ASP D 360 -30.45 -8.88 45.26
C ASP D 360 -30.56 -9.80 44.04
N THR D 361 -31.17 -9.30 42.97
CA THR D 361 -31.34 -10.03 41.73
C THR D 361 -29.96 -10.28 41.11
N TYR D 362 -29.02 -9.35 41.34
CA TYR D 362 -27.63 -9.59 40.97
C TYR D 362 -27.18 -10.96 41.46
N HIS D 363 -27.21 -11.17 42.78
CA HIS D 363 -26.89 -12.50 43.26
C HIS D 363 -27.71 -13.52 42.49
N ASP D 364 -29.05 -13.34 42.44
CA ASP D 364 -30.00 -14.37 42.03
C ASP D 364 -29.73 -14.85 40.61
N GLU D 365 -29.38 -13.89 39.73
CA GLU D 365 -29.14 -14.10 38.31
C GLU D 365 -27.75 -14.68 38.04
N ARG D 366 -26.70 -14.01 38.57
CA ARG D 366 -25.31 -14.29 38.22
C ARG D 366 -24.69 -15.46 39.00
N GLN D 367 -25.22 -15.79 40.19
CA GLN D 367 -24.58 -16.81 41.00
C GLN D 367 -24.73 -18.18 40.35
N PRO D 368 -25.93 -18.61 39.90
CA PRO D 368 -26.06 -19.89 39.18
C PRO D 368 -25.20 -20.01 37.91
N VAL D 369 -24.88 -18.87 37.29
CA VAL D 369 -23.97 -18.82 36.15
C VAL D 369 -22.54 -19.12 36.61
N GLY D 370 -22.15 -18.52 37.74
CA GLY D 370 -20.93 -18.85 38.45
C GLY D 370 -20.80 -20.35 38.72
N ARG D 371 -21.89 -21.01 39.16
CA ARG D 371 -21.81 -22.44 39.43
C ARG D 371 -21.65 -23.19 38.11
N GLN D 372 -22.32 -22.70 37.06
CA GLN D 372 -22.39 -23.38 35.78
C GLN D 372 -20.99 -23.46 35.16
N ILE D 373 -20.31 -22.29 35.15
CA ILE D 373 -19.07 -22.14 34.43
C ILE D 373 -17.92 -22.85 35.14
N VAL D 374 -17.99 -22.92 36.47
CA VAL D 374 -16.98 -23.65 37.22
C VAL D 374 -17.14 -25.14 36.94
N ASP D 375 -18.38 -25.65 36.95
CA ASP D 375 -18.62 -27.07 36.74
C ASP D 375 -18.15 -27.45 35.34
N ARG D 376 -18.55 -26.64 34.34
CA ARG D 376 -18.26 -26.94 32.96
C ARG D 376 -16.76 -26.87 32.68
N ALA D 377 -16.06 -25.88 33.26
CA ALA D 377 -14.61 -25.76 33.09
C ALA D 377 -13.89 -26.95 33.70
N PHE D 378 -14.43 -27.46 34.81
CA PHE D 378 -13.80 -28.56 35.53
C PHE D 378 -13.92 -29.82 34.69
N ARG D 379 -15.15 -30.11 34.20
CA ARG D 379 -15.37 -31.30 33.39
C ARG D 379 -14.57 -31.22 32.09
N SER D 380 -14.39 -30.00 31.58
CA SER D 380 -13.60 -29.80 30.36
C SER D 380 -12.13 -30.12 30.59
N MET D 381 -11.60 -29.65 31.74
CA MET D 381 -10.25 -29.97 32.17
C MET D 381 -10.05 -31.48 32.31
N VAL D 382 -11.03 -32.20 32.88
CA VAL D 382 -10.97 -33.65 33.07
C VAL D 382 -10.86 -34.36 31.71
N ASP D 383 -11.50 -33.80 30.68
CA ASP D 383 -11.66 -34.47 29.41
C ASP D 383 -10.34 -34.52 28.63
N LEU D 384 -9.40 -33.63 28.96
CA LEU D 384 -8.16 -33.50 28.19
C LEU D 384 -7.28 -34.74 28.33
N ILE D 385 -7.31 -35.39 29.50
CA ILE D 385 -6.49 -36.58 29.74
C ILE D 385 -7.04 -37.82 29.01
N GLY D 386 -8.30 -37.76 28.57
CA GLY D 386 -8.92 -38.83 27.81
C GLY D 386 -8.18 -39.12 26.50
N ILE D 387 -7.60 -38.07 25.89
CA ILE D 387 -6.99 -38.17 24.57
C ILE D 387 -5.75 -39.07 24.64
N PRO D 388 -4.69 -38.71 25.44
CA PRO D 388 -3.54 -39.60 25.62
C PRO D 388 -3.94 -41.00 26.09
N GLN D 389 -4.96 -41.09 26.96
CA GLN D 389 -5.37 -42.35 27.56
C GLN D 389 -5.95 -43.28 26.50
N ALA D 390 -6.67 -42.69 25.55
CA ALA D 390 -7.31 -43.44 24.49
C ALA D 390 -6.27 -44.05 23.55
N LEU D 391 -5.14 -43.34 23.34
CA LEU D 391 -4.04 -43.78 22.49
C LEU D 391 -3.30 -44.96 23.12
N GLY D 392 -3.51 -45.16 24.44
CA GLY D 392 -2.83 -46.18 25.22
C GLY D 392 -1.55 -45.67 25.90
N PHE D 393 -1.48 -44.35 26.10
CA PHE D 393 -0.33 -43.74 26.74
C PHE D 393 -0.45 -43.94 28.25
N THR D 394 0.69 -44.25 28.91
CA THR D 394 0.84 -44.38 30.36
C THR D 394 2.23 -43.90 30.76
N GLU D 395 2.57 -44.05 32.05
CA GLU D 395 3.89 -43.73 32.59
C GLU D 395 4.86 -44.88 32.34
N GLY D 396 6.15 -44.56 32.29
CA GLY D 396 7.16 -45.56 32.01
C GLY D 396 6.96 -46.19 30.65
N GLN D 397 6.77 -45.33 29.65
CA GLN D 397 6.93 -45.76 28.26
C GLN D 397 8.09 -44.98 27.67
N SER D 398 8.96 -45.68 26.96
CA SER D 398 10.04 -45.04 26.20
C SER D 398 9.40 -44.20 25.11
N PRO D 399 10.14 -43.22 24.50
CA PRO D 399 9.73 -42.60 23.24
C PRO D 399 9.24 -43.63 22.23
N GLU D 400 10.11 -44.63 21.99
CA GLU D 400 9.96 -45.65 20.96
C GLU D 400 8.62 -46.39 21.08
N GLU D 401 8.10 -46.49 22.30
CA GLU D 401 6.88 -47.26 22.58
C GLU D 401 5.66 -46.46 22.13
N GLN D 402 5.71 -45.16 22.41
CA GLN D 402 4.62 -44.22 22.15
C GLN D 402 4.57 -43.87 20.67
N TRP D 403 5.75 -43.72 20.04
CA TRP D 403 5.79 -43.69 18.58
C TRP D 403 5.08 -44.91 18.00
N ARG D 404 5.39 -46.12 18.53
CA ARG D 404 4.84 -47.38 18.05
C ARG D 404 3.31 -47.43 18.21
N LEU D 405 2.81 -46.77 19.27
CA LEU D 405 1.38 -46.75 19.50
C LEU D 405 0.66 -45.84 18.50
N LEU D 406 1.26 -44.67 18.19
CA LEU D 406 0.77 -43.78 17.13
C LEU D 406 0.80 -44.52 15.79
N ASP D 407 1.96 -45.10 15.45
CA ASP D 407 2.21 -45.74 14.16
C ASP D 407 1.35 -46.99 13.98
N THR D 408 0.77 -47.54 15.06
CA THR D 408 -0.07 -48.72 14.93
C THR D 408 -1.54 -48.38 15.18
N LEU D 409 -1.86 -47.08 15.25
CA LEU D 409 -3.22 -46.63 15.46
C LEU D 409 -4.04 -46.96 14.22
N HIS D 410 -3.42 -46.70 13.06
CA HIS D 410 -4.06 -46.74 11.76
C HIS D 410 -4.00 -48.14 11.13
N GLU D 411 -3.47 -49.12 11.87
CA GLU D 411 -3.28 -50.48 11.37
C GLU D 411 -4.58 -51.28 11.40
N ASP D 412 -4.66 -52.29 10.52
CA ASP D 412 -5.80 -53.19 10.36
C ASP D 412 -5.74 -54.33 11.39
N THR D 413 -5.86 -53.97 12.67
CA THR D 413 -5.86 -54.96 13.76
C THR D 413 -7.12 -54.74 14.60
N GLU D 414 -7.33 -55.65 15.56
CA GLU D 414 -8.46 -55.59 16.47
C GLU D 414 -8.23 -54.49 17.51
N GLU D 415 -6.99 -54.42 18.02
CA GLU D 415 -6.60 -53.48 19.05
C GLU D 415 -6.72 -52.04 18.54
N ALA D 416 -6.25 -51.82 17.29
CA ALA D 416 -6.13 -50.52 16.62
C ALA D 416 -7.50 -49.92 16.28
N ARG D 417 -8.50 -50.78 16.00
CA ARG D 417 -9.88 -50.34 15.80
C ARG D 417 -10.48 -49.88 17.14
N GLN D 418 -10.18 -50.59 18.23
CA GLN D 418 -10.77 -50.28 19.53
C GLN D 418 -10.16 -49.01 20.12
N ARG D 419 -8.87 -48.76 19.85
CA ARG D 419 -8.21 -47.55 20.29
C ARG D 419 -8.74 -46.36 19.49
N ARG D 420 -9.14 -46.65 18.24
CA ARG D 420 -9.71 -45.70 17.29
C ARG D 420 -11.11 -45.28 17.78
N ALA D 421 -11.78 -46.20 18.48
CA ALA D 421 -13.12 -45.98 19.01
C ALA D 421 -13.03 -45.18 20.30
N ALA D 422 -11.95 -45.40 21.04
CA ALA D 422 -11.75 -44.69 22.29
C ALA D 422 -11.38 -43.23 22.01
N LEU D 423 -10.52 -43.02 21.00
CA LEU D 423 -10.04 -41.72 20.58
C LEU D 423 -11.19 -40.84 20.10
N ALA D 424 -12.06 -41.38 19.24
CA ALA D 424 -13.19 -40.64 18.69
C ALA D 424 -14.17 -40.23 19.80
N ALA D 425 -14.44 -41.13 20.75
CA ALA D 425 -15.31 -40.79 21.88
C ALA D 425 -14.64 -39.71 22.74
N ALA D 426 -13.32 -39.79 22.89
CA ALA D 426 -12.62 -38.83 23.74
C ALA D 426 -12.53 -37.47 23.03
N THR D 427 -12.32 -37.51 21.70
CA THR D 427 -12.35 -36.36 20.83
C THR D 427 -13.71 -35.67 20.93
N ALA D 428 -14.79 -36.46 21.06
CA ALA D 428 -16.16 -35.98 20.91
C ALA D 428 -16.55 -35.12 22.11
N ALA D 429 -15.91 -35.40 23.23
CA ALA D 429 -16.26 -34.70 24.46
C ALA D 429 -15.59 -33.32 24.49
N ILE D 430 -14.59 -33.09 23.63
CA ILE D 430 -13.92 -31.80 23.60
C ILE D 430 -14.87 -30.74 23.05
N HIS D 431 -15.95 -31.18 22.39
CA HIS D 431 -16.99 -30.27 21.94
C HIS D 431 -17.53 -29.47 23.11
N GLY D 432 -17.43 -30.04 24.31
CA GLY D 432 -17.88 -29.39 25.54
C GLY D 432 -17.01 -28.19 25.91
N GLN D 433 -15.92 -27.97 25.16
CA GLN D 433 -15.07 -26.82 25.44
C GLN D 433 -14.84 -25.98 24.18
N ALA D 434 -15.00 -26.61 23.01
CA ALA D 434 -14.63 -26.00 21.75
C ALA D 434 -15.86 -25.41 21.05
N ASN D 435 -17.04 -25.92 21.39
CA ASN D 435 -18.27 -25.49 20.76
C ASN D 435 -19.38 -25.52 21.80
N ALA D 436 -19.14 -24.91 22.97
CA ALA D 436 -20.06 -25.01 24.09
C ALA D 436 -21.10 -23.89 24.07
N HIS D 437 -21.90 -23.87 22.99
CA HIS D 437 -22.65 -22.69 22.59
C HIS D 437 -23.78 -22.43 23.58
N GLY D 438 -24.36 -23.51 24.10
CA GLY D 438 -25.42 -23.45 25.10
C GLY D 438 -24.97 -22.71 26.34
N VAL D 439 -23.77 -23.02 26.82
CA VAL D 439 -23.19 -22.42 28.01
C VAL D 439 -22.78 -20.98 27.73
N GLU D 440 -22.23 -20.73 26.53
CA GLU D 440 -21.66 -19.41 26.24
C GLU D 440 -22.75 -18.33 26.17
N LEU D 441 -23.94 -18.70 25.67
CA LEU D 441 -24.89 -17.73 25.15
C LEU D 441 -26.31 -18.08 25.60
N GLY D 442 -26.52 -19.33 26.04
CA GLY D 442 -27.86 -19.83 26.27
C GLY D 442 -28.31 -19.80 27.73
N TYR D 443 -27.50 -19.25 28.64
CA TYR D 443 -27.92 -19.21 30.03
C TYR D 443 -29.11 -18.26 30.13
N ARG D 444 -30.04 -18.61 31.01
CA ARG D 444 -31.26 -17.84 31.21
C ARG D 444 -31.46 -17.70 32.72
N TYR D 445 -31.76 -16.47 33.16
CA TYR D 445 -32.02 -16.20 34.56
C TYR D 445 -33.45 -16.64 34.89
N ARG D 446 -33.58 -17.71 35.69
CA ARG D 446 -34.88 -18.28 36.03
C ARG D 446 -35.60 -17.48 37.15
N THR D 447 -34.82 -16.79 37.98
CA THR D 447 -35.37 -15.90 38.99
C THR D 447 -34.52 -14.63 39.07
N GLY D 448 -35.16 -13.47 39.24
CA GLY D 448 -34.46 -12.20 39.28
C GLY D 448 -35.39 -11.04 38.87
N ALA D 449 -34.83 -10.00 38.26
CA ALA D 449 -35.59 -8.87 37.73
C ALA D 449 -36.34 -9.24 36.45
N LEU D 450 -37.38 -10.09 36.59
CA LEU D 450 -38.15 -10.57 35.47
C LEU D 450 -39.47 -11.17 35.98
N VAL D 451 -40.51 -11.15 35.14
CA VAL D 451 -41.80 -11.74 35.47
C VAL D 451 -42.06 -12.92 34.52
N PRO D 452 -42.19 -14.17 35.00
CA PRO D 452 -42.63 -15.27 34.15
C PRO D 452 -43.99 -14.96 33.52
N ASP D 453 -44.34 -15.67 32.46
CA ASP D 453 -45.50 -15.33 31.67
C ASP D 453 -46.49 -16.49 31.73
N GLY D 454 -46.11 -17.53 32.49
CA GLY D 454 -46.94 -18.72 32.64
C GLY D 454 -46.39 -19.92 31.87
N THR D 455 -45.62 -19.63 30.80
CA THR D 455 -45.21 -20.63 29.83
C THR D 455 -44.10 -21.52 30.41
N PRO D 456 -43.97 -22.78 29.94
CA PRO D 456 -42.83 -23.60 30.35
C PRO D 456 -41.63 -23.12 29.55
N GLU D 457 -40.49 -22.97 30.23
CA GLU D 457 -39.20 -22.79 29.59
C GLU D 457 -39.08 -23.81 28.45
N PRO D 458 -38.72 -23.34 27.23
CA PRO D 458 -38.47 -24.23 26.08
C PRO D 458 -37.33 -25.21 26.33
N ALA D 459 -37.52 -26.47 25.88
CA ALA D 459 -36.49 -27.50 25.98
C ALA D 459 -36.61 -28.45 24.79
N ASP D 460 -35.56 -29.27 24.57
CA ASP D 460 -35.45 -30.16 23.42
C ASP D 460 -34.55 -31.35 23.78
N GLU D 461 -34.34 -32.27 22.84
CA GLU D 461 -33.58 -33.50 23.09
C GLU D 461 -32.08 -33.23 23.17
N ARG D 462 -31.64 -32.10 22.58
CA ARG D 462 -30.22 -31.83 22.34
C ARG D 462 -29.52 -31.40 23.63
N ASP D 463 -28.25 -31.79 23.74
CA ASP D 463 -27.39 -31.38 24.84
C ASP D 463 -27.46 -29.86 25.00
N PRO D 464 -28.02 -29.31 26.10
CA PRO D 464 -28.21 -27.87 26.23
C PRO D 464 -26.93 -27.10 26.52
N GLU D 465 -25.81 -27.82 26.69
CA GLU D 465 -24.51 -27.18 26.86
C GLU D 465 -23.94 -26.81 25.50
N LEU D 466 -24.10 -27.71 24.51
CA LEU D 466 -23.57 -27.55 23.17
C LEU D 466 -24.46 -26.64 22.32
N TYR D 467 -25.78 -26.81 22.44
CA TYR D 467 -26.73 -26.24 21.50
C TYR D 467 -27.48 -25.07 22.14
N TYR D 468 -27.37 -23.89 21.54
CA TYR D 468 -28.08 -22.68 21.93
C TYR D 468 -29.46 -22.69 21.29
N ARG D 469 -30.47 -22.17 22.02
CA ARG D 469 -31.83 -22.12 21.51
C ARG D 469 -32.41 -20.74 21.83
N ALA D 470 -32.53 -19.91 20.80
CA ALA D 470 -33.05 -18.56 20.95
C ALA D 470 -34.46 -18.62 21.50
N THR D 471 -34.75 -17.80 22.52
CA THR D 471 -36.11 -17.61 23.01
C THR D 471 -36.23 -16.24 23.66
N THR D 472 -37.46 -15.68 23.67
CA THR D 472 -37.81 -14.46 24.38
C THR D 472 -38.45 -14.80 25.73
N TRP D 473 -38.36 -16.07 26.15
CA TRP D 473 -38.76 -16.49 27.49
C TRP D 473 -38.11 -15.61 28.56
N PRO D 474 -38.89 -14.94 29.44
CA PRO D 474 -38.33 -13.95 30.37
C PRO D 474 -37.13 -14.54 31.13
N GLY D 475 -36.03 -13.77 31.13
CA GLY D 475 -34.75 -14.19 31.69
C GLY D 475 -33.68 -14.52 30.63
N ALA D 476 -34.11 -15.01 29.47
CA ALA D 476 -33.22 -15.34 28.36
C ALA D 476 -32.62 -14.05 27.84
N ARG D 477 -31.48 -14.15 27.15
CA ARG D 477 -30.94 -13.06 26.34
C ARG D 477 -31.77 -12.92 25.05
N LEU D 478 -32.17 -11.70 24.74
CA LEU D 478 -33.02 -11.39 23.61
C LEU D 478 -32.46 -12.05 22.36
N PRO D 479 -33.26 -12.85 21.61
CA PRO D 479 -32.80 -13.41 20.35
C PRO D 479 -32.29 -12.29 19.44
N HIS D 480 -31.16 -12.56 18.76
CA HIS D 480 -30.63 -11.69 17.72
C HIS D 480 -31.39 -11.95 16.43
N ALA D 481 -31.70 -10.85 15.73
CA ALA D 481 -32.16 -10.90 14.34
C ALA D 481 -31.73 -9.60 13.67
N TRP D 482 -31.56 -9.64 12.34
CA TRP D 482 -31.16 -8.44 11.60
C TRP D 482 -32.38 -7.60 11.30
N LEU D 483 -32.31 -6.36 11.76
CA LEU D 483 -33.31 -5.37 11.38
C LEU D 483 -32.62 -4.37 10.47
N GLU D 484 -33.44 -3.48 9.94
CA GLU D 484 -33.00 -2.44 9.06
C GLU D 484 -33.82 -1.20 9.42
N ASN D 485 -33.09 -0.12 9.71
CA ASN D 485 -33.65 1.18 10.03
C ASN D 485 -33.24 2.14 8.92
N GLY D 486 -34.14 2.31 7.95
CA GLY D 486 -33.75 2.96 6.71
C GLY D 486 -32.85 2.01 5.94
N ARG D 487 -31.57 2.39 5.82
CA ARG D 487 -30.60 1.58 5.12
C ARG D 487 -29.49 1.21 6.09
N HIS D 488 -29.77 1.38 7.38
CA HIS D 488 -28.85 1.02 8.44
C HIS D 488 -29.26 -0.35 8.98
N ARG D 489 -28.41 -1.35 8.75
CA ARG D 489 -28.56 -2.69 9.28
C ARG D 489 -28.18 -2.71 10.76
N CYS D 490 -29.02 -3.36 11.59
CA CYS D 490 -28.81 -3.43 13.04
C CYS D 490 -29.55 -4.64 13.59
N SER D 491 -28.96 -5.21 14.62
CA SER D 491 -29.49 -6.34 15.35
C SER D 491 -30.63 -5.88 16.25
N THR D 492 -31.43 -6.85 16.69
CA THR D 492 -32.34 -6.60 17.79
C THR D 492 -31.53 -6.16 19.00
N LEU D 493 -30.29 -6.66 19.12
CA LEU D 493 -29.48 -6.34 20.29
C LEU D 493 -28.95 -4.91 20.26
N ASP D 494 -28.98 -4.23 19.09
CA ASP D 494 -28.40 -2.91 18.94
C ASP D 494 -29.43 -1.83 19.24
N VAL D 495 -30.71 -2.18 18.97
CA VAL D 495 -31.81 -1.24 19.11
C VAL D 495 -32.36 -1.34 20.53
N THR D 496 -31.75 -2.21 21.37
CA THR D 496 -32.14 -2.39 22.76
C THR D 496 -30.90 -2.19 23.62
N GLY D 497 -30.96 -2.48 24.92
CA GLY D 497 -29.84 -2.17 25.80
C GLY D 497 -29.57 -0.66 25.86
N ARG D 498 -28.31 -0.28 26.13
CA ARG D 498 -27.89 1.12 26.08
C ARG D 498 -28.53 1.91 27.21
N GLY D 499 -28.67 1.29 28.39
CA GLY D 499 -29.11 2.02 29.56
C GLY D 499 -30.64 2.15 29.68
N ARG D 500 -31.40 1.59 28.73
CA ARG D 500 -32.83 1.82 28.72
C ARG D 500 -33.61 0.50 28.63
N PHE D 501 -34.85 0.54 29.13
CA PHE D 501 -35.83 -0.50 28.91
C PHE D 501 -36.46 -0.27 27.55
N THR D 502 -36.57 -1.35 26.76
CA THR D 502 -37.21 -1.26 25.46
C THR D 502 -38.35 -2.29 25.36
N LEU D 503 -39.45 -1.84 24.73
CA LEU D 503 -40.57 -2.72 24.45
C LEU D 503 -40.67 -2.91 22.94
N LEU D 504 -40.49 -4.17 22.49
CA LEU D 504 -40.55 -4.49 21.07
C LEU D 504 -41.96 -5.01 20.81
N THR D 505 -42.63 -4.42 19.82
CA THR D 505 -43.94 -4.88 19.38
C THR D 505 -43.97 -4.88 17.86
N GLY D 506 -45.16 -5.18 17.29
CA GLY D 506 -45.36 -5.08 15.85
C GLY D 506 -46.76 -4.59 15.51
N PRO D 507 -47.28 -4.89 14.29
CA PRO D 507 -48.64 -4.48 13.90
C PRO D 507 -49.72 -4.82 14.93
N GLY D 508 -50.61 -3.84 15.17
CA GLY D 508 -51.66 -3.95 16.17
C GLY D 508 -51.15 -3.74 17.60
N GLY D 509 -50.00 -3.08 17.74
CA GLY D 509 -49.37 -2.95 19.05
C GLY D 509 -49.42 -1.53 19.60
N GLU D 510 -50.29 -0.67 19.04
CA GLU D 510 -50.40 0.71 19.50
C GLU D 510 -50.79 0.75 20.98
N PRO D 511 -51.71 -0.12 21.48
CA PRO D 511 -52.03 -0.11 22.90
C PRO D 511 -50.80 -0.03 23.82
N TRP D 512 -49.62 -0.41 23.30
CA TRP D 512 -48.41 -0.48 24.10
C TRP D 512 -47.87 0.91 24.38
N ARG D 513 -48.22 1.87 23.52
CA ARG D 513 -47.81 3.26 23.66
C ARG D 513 -48.36 3.88 24.95
N ASP D 514 -49.62 3.59 25.26
CA ASP D 514 -50.29 4.14 26.43
C ASP D 514 -49.80 3.44 27.70
N ALA D 515 -49.65 2.11 27.62
CA ALA D 515 -49.21 1.33 28.77
C ALA D 515 -47.83 1.82 29.22
N ALA D 516 -47.01 2.26 28.26
CA ALA D 516 -45.64 2.65 28.51
C ALA D 516 -45.59 4.07 29.07
N ARG D 517 -46.55 4.90 28.66
CA ARG D 517 -46.75 6.22 29.25
C ARG D 517 -47.15 6.05 30.71
N ASP D 518 -48.04 5.08 30.98
CA ASP D 518 -48.54 4.81 32.33
C ASP D 518 -47.41 4.32 33.22
N ALA D 519 -46.68 3.32 32.72
CA ALA D 519 -45.54 2.70 33.39
C ALA D 519 -44.48 3.74 33.72
N ALA D 520 -44.34 4.77 32.86
CA ALA D 520 -43.40 5.87 33.07
C ALA D 520 -43.85 6.80 34.21
N LEU D 521 -45.16 7.02 34.34
CA LEU D 521 -45.72 7.84 35.40
C LEU D 521 -45.65 7.08 36.73
N ASP D 522 -46.16 5.84 36.77
CA ASP D 522 -46.23 5.03 37.97
C ASP D 522 -44.87 4.78 38.62
N THR D 523 -43.79 4.72 37.82
CA THR D 523 -42.53 4.13 38.27
C THR D 523 -41.33 5.06 38.06
N GLY D 524 -41.46 6.00 37.11
CA GLY D 524 -40.40 6.95 36.87
C GLY D 524 -39.48 6.52 35.73
N VAL D 525 -39.45 5.21 35.43
CA VAL D 525 -38.57 4.64 34.44
C VAL D 525 -39.25 4.64 33.06
N GLU D 526 -38.61 5.33 32.11
CA GLU D 526 -39.05 5.38 30.72
C GLU D 526 -38.96 3.98 30.10
N VAL D 527 -39.80 3.73 29.09
CA VAL D 527 -39.85 2.47 28.38
C VAL D 527 -40.06 2.83 26.92
N ALA D 528 -38.99 2.69 26.12
CA ALA D 528 -39.11 3.06 24.72
C ALA D 528 -39.92 1.97 24.02
N VAL D 529 -40.90 2.41 23.22
CA VAL D 529 -41.70 1.48 22.46
C VAL D 529 -41.19 1.44 21.02
N LEU D 530 -40.70 0.27 20.61
CA LEU D 530 -40.12 0.15 19.29
C LEU D 530 -40.95 -0.84 18.49
N PRO D 531 -41.77 -0.36 17.53
CA PRO D 531 -42.52 -1.25 16.65
C PRO D 531 -41.62 -1.78 15.54
N ILE D 532 -41.68 -3.08 15.30
CA ILE D 532 -40.93 -3.69 14.23
C ILE D 532 -41.90 -4.17 13.15
N GLY D 533 -41.71 -3.68 11.91
CA GLY D 533 -42.56 -4.05 10.80
C GLY D 533 -43.91 -3.31 10.77
N ALA D 534 -44.00 -2.21 11.52
CA ALA D 534 -45.20 -1.40 11.62
C ALA D 534 -44.82 0.02 12.05
N GLY D 535 -45.69 0.98 11.75
CA GLY D 535 -45.56 2.35 12.23
C GLY D 535 -44.26 3.05 11.81
N GLY D 536 -43.71 2.68 10.66
CA GLY D 536 -42.50 3.26 10.10
C GLY D 536 -41.26 3.03 10.98
N GLY D 537 -41.32 2.02 11.86
CA GLY D 537 -40.20 1.58 12.69
C GLY D 537 -39.22 0.70 11.91
N PRO D 538 -38.21 0.12 12.58
CA PRO D 538 -37.28 -0.79 11.91
C PRO D 538 -38.00 -1.94 11.23
N ARG D 539 -37.52 -2.33 10.04
CA ARG D 539 -38.09 -3.46 9.34
C ARG D 539 -37.39 -4.75 9.75
N ASP D 540 -38.00 -5.87 9.34
CA ASP D 540 -37.57 -7.22 9.63
C ASP D 540 -37.31 -7.87 8.27
N PRO D 541 -36.18 -7.57 7.61
CA PRO D 541 -36.05 -7.83 6.18
C PRO D 541 -36.23 -9.30 5.85
N TYR D 542 -35.73 -10.20 6.72
CA TYR D 542 -35.74 -11.63 6.44
C TYR D 542 -36.98 -12.32 7.00
N GLY D 543 -37.72 -11.59 7.85
CA GLY D 543 -38.79 -12.17 8.66
C GLY D 543 -38.31 -12.94 9.89
N THR D 544 -37.00 -12.87 10.21
CA THR D 544 -36.39 -13.62 11.30
C THR D 544 -37.00 -13.29 12.66
N TRP D 545 -37.21 -12.00 12.93
CA TRP D 545 -37.67 -11.59 14.24
C TRP D 545 -39.08 -12.17 14.48
N ALA D 546 -39.92 -12.10 13.45
CA ALA D 546 -41.27 -12.64 13.54
C ALA D 546 -41.26 -14.13 13.85
N GLU D 547 -40.22 -14.87 13.45
CA GLU D 547 -40.08 -16.29 13.75
C GLU D 547 -39.61 -16.50 15.19
N LEU D 548 -38.85 -15.56 15.73
CA LEU D 548 -38.09 -15.78 16.95
C LEU D 548 -38.82 -15.23 18.17
N ARG D 549 -39.67 -14.23 17.93
CA ARG D 549 -40.24 -13.43 19.00
C ARG D 549 -41.18 -14.24 19.90
N GLU D 550 -41.78 -15.32 19.35
CA GLU D 550 -42.64 -16.23 20.10
C GLU D 550 -43.82 -15.47 20.74
N VAL D 551 -44.31 -14.40 20.11
CA VAL D 551 -45.48 -13.70 20.58
C VAL D 551 -46.23 -13.27 19.33
N GLU D 552 -47.49 -12.89 19.45
CA GLU D 552 -48.26 -12.47 18.29
C GLU D 552 -47.72 -11.13 17.78
N GLU D 553 -48.22 -10.70 16.62
CA GLU D 553 -47.77 -9.48 15.98
C GLU D 553 -48.06 -8.31 16.89
N SER D 554 -49.13 -8.43 17.70
CA SER D 554 -49.61 -7.31 18.51
C SER D 554 -49.02 -7.36 19.92
N GLY D 555 -48.31 -8.44 20.26
CA GLY D 555 -47.68 -8.62 21.56
C GLY D 555 -46.42 -7.76 21.77
N ALA D 556 -45.64 -8.16 22.77
CA ALA D 556 -44.54 -7.32 23.20
C ALA D 556 -43.52 -8.15 23.96
N VAL D 557 -42.24 -7.80 23.75
CA VAL D 557 -41.10 -8.36 24.47
C VAL D 557 -40.43 -7.17 25.12
N LEU D 558 -40.32 -7.20 26.46
CA LEU D 558 -39.72 -6.11 27.22
C LEU D 558 -38.27 -6.45 27.57
N VAL D 559 -37.35 -5.59 27.12
CA VAL D 559 -35.93 -5.84 27.14
C VAL D 559 -35.25 -4.94 28.18
N ARG D 560 -34.51 -5.56 29.10
CA ARG D 560 -33.76 -4.81 30.11
C ARG D 560 -32.63 -4.07 29.42
N PRO D 561 -31.93 -3.16 30.14
CA PRO D 561 -30.75 -2.49 29.59
C PRO D 561 -29.53 -3.39 29.33
N ASP D 562 -29.54 -4.61 29.87
CA ASP D 562 -28.51 -5.60 29.63
C ASP D 562 -28.91 -6.61 28.53
N GLY D 563 -30.00 -6.35 27.80
CA GLY D 563 -30.37 -7.17 26.66
C GLY D 563 -31.00 -8.51 27.03
N HIS D 564 -31.32 -8.72 28.31
CA HIS D 564 -32.12 -9.87 28.75
C HIS D 564 -33.60 -9.51 28.71
N VAL D 565 -34.48 -10.50 28.51
CA VAL D 565 -35.90 -10.24 28.48
C VAL D 565 -36.43 -10.21 29.92
N ALA D 566 -37.08 -9.08 30.26
CA ALA D 566 -37.77 -8.90 31.54
C ALA D 566 -39.11 -9.63 31.51
N TRP D 567 -39.89 -9.41 30.43
CA TRP D 567 -41.26 -9.90 30.37
C TRP D 567 -41.71 -9.99 28.91
N ARG D 568 -42.62 -10.93 28.59
CA ARG D 568 -43.27 -10.93 27.28
C ARG D 568 -44.79 -11.10 27.39
N ALA D 569 -45.54 -10.41 26.52
CA ALA D 569 -46.98 -10.52 26.39
C ALA D 569 -47.35 -11.04 24.99
N ARG D 570 -48.17 -12.10 24.98
CA ARG D 570 -48.58 -12.79 23.77
C ARG D 570 -49.32 -11.87 22.80
N ASP D 571 -50.14 -10.92 23.29
CA ASP D 571 -50.84 -10.01 22.38
C ASP D 571 -51.16 -8.71 23.10
N HIS D 572 -51.79 -7.75 22.40
CA HIS D 572 -52.08 -6.44 22.97
C HIS D 572 -53.06 -6.55 24.15
N GLY D 573 -53.69 -7.72 24.28
CA GLY D 573 -54.60 -8.04 25.38
C GLY D 573 -53.98 -7.88 26.77
N HIS D 574 -52.65 -7.91 26.88
CA HIS D 574 -51.99 -7.81 28.18
C HIS D 574 -51.43 -6.40 28.40
N ALA D 575 -51.74 -5.46 27.50
CA ALA D 575 -51.09 -4.14 27.48
C ALA D 575 -51.20 -3.39 28.81
N LYS D 576 -52.30 -3.61 29.54
CA LYS D 576 -52.55 -2.79 30.72
C LYS D 576 -51.72 -3.30 31.90
N GLU D 577 -51.19 -4.53 31.78
CA GLU D 577 -50.39 -5.19 32.82
C GLU D 577 -48.99 -4.56 32.94
N LEU D 578 -48.62 -3.67 32.02
CA LEU D 578 -47.22 -3.29 31.90
C LEU D 578 -46.75 -2.51 33.13
N PRO D 579 -47.47 -1.44 33.57
CA PRO D 579 -47.01 -0.60 34.68
C PRO D 579 -46.84 -1.41 35.96
N GLU D 580 -47.74 -2.38 36.18
CA GLU D 580 -47.54 -3.40 37.20
C GLU D 580 -46.16 -4.02 37.00
N VAL D 581 -45.94 -4.61 35.81
CA VAL D 581 -44.82 -5.50 35.54
C VAL D 581 -43.51 -4.75 35.76
N MET D 582 -43.47 -3.48 35.38
CA MET D 582 -42.29 -2.66 35.58
C MET D 582 -42.01 -2.46 37.07
N ALA D 583 -43.08 -2.34 37.87
CA ALA D 583 -42.91 -2.20 39.30
C ALA D 583 -42.33 -3.48 39.89
N ARG D 584 -42.84 -4.65 39.48
CA ARG D 584 -42.32 -5.92 40.00
C ARG D 584 -40.84 -6.08 39.64
N VAL D 585 -40.48 -5.66 38.42
CA VAL D 585 -39.14 -5.81 37.87
C VAL D 585 -38.18 -4.98 38.69
N LEU D 586 -38.40 -3.66 38.73
CA LEU D 586 -37.54 -2.76 39.48
C LEU D 586 -37.56 -3.08 40.98
N HIS D 587 -38.34 -4.08 41.39
CA HIS D 587 -38.62 -4.37 42.80
C HIS D 587 -38.91 -3.07 43.57
N GLN D 588 -39.48 -2.07 42.88
CA GLN D 588 -39.92 -0.82 43.50
C GLN D 588 -40.85 -1.13 44.67
N PRO D 589 -40.68 -0.44 45.84
CA PRO D 589 -41.50 -0.73 47.02
C PRO D 589 -42.99 -0.45 46.79
N ALA E 11 -58.36 13.67 17.99
CA ALA E 11 -57.63 12.36 18.04
C ALA E 11 -56.65 12.26 16.87
N PRO E 12 -55.31 12.31 17.12
CA PRO E 12 -54.34 12.38 16.04
C PRO E 12 -53.81 11.00 15.65
N ASP E 13 -53.50 10.86 14.36
CA ASP E 13 -52.92 9.63 13.82
C ASP E 13 -51.61 9.31 14.54
N ILE E 14 -50.82 10.34 14.85
CA ILE E 14 -49.60 10.13 15.64
C ILE E 14 -49.56 11.15 16.77
N ARG E 15 -49.11 10.67 17.93
CA ARG E 15 -48.81 11.51 19.07
C ARG E 15 -47.33 11.32 19.38
N VAL E 16 -46.57 12.42 19.46
CA VAL E 16 -45.12 12.36 19.66
C VAL E 16 -44.63 13.61 20.41
N PRO E 17 -43.67 13.50 21.36
CA PRO E 17 -43.10 14.69 22.00
C PRO E 17 -42.77 15.85 21.05
N VAL E 18 -41.89 15.60 20.06
CA VAL E 18 -41.43 16.67 19.18
C VAL E 18 -41.61 16.23 17.74
N LEU E 19 -42.19 17.12 16.92
CA LEU E 19 -42.21 17.02 15.47
C LEU E 19 -41.22 18.02 14.87
N ILE E 20 -40.31 17.51 14.02
CA ILE E 20 -39.36 18.36 13.31
C ILE E 20 -39.76 18.44 11.84
N VAL E 21 -39.99 19.66 11.36
CA VAL E 21 -40.37 19.81 9.96
C VAL E 21 -39.15 20.27 9.16
N GLY E 22 -38.68 19.41 8.25
CA GLY E 22 -37.51 19.65 7.43
C GLY E 22 -36.35 18.79 7.90
N GLY E 23 -35.63 18.19 6.95
CA GLY E 23 -34.50 17.30 7.22
C GLY E 23 -33.26 17.75 6.47
N GLY E 24 -32.98 19.06 6.61
CA GLY E 24 -31.68 19.60 6.25
C GLY E 24 -30.75 19.60 7.46
N PRO E 25 -29.66 20.40 7.43
CA PRO E 25 -28.72 20.46 8.54
C PRO E 25 -29.36 20.81 9.87
N ALA E 26 -30.20 21.86 9.86
CA ALA E 26 -30.89 22.29 11.07
C ALA E 26 -31.77 21.17 11.63
N GLY E 27 -32.70 20.67 10.83
CA GLY E 27 -33.59 19.57 11.19
C GLY E 27 -32.85 18.33 11.70
N LEU E 28 -31.90 17.86 10.87
CA LEU E 28 -31.12 16.69 11.22
C LEU E 28 -30.32 16.90 12.51
N THR E 29 -29.76 18.11 12.73
CA THR E 29 -29.01 18.34 13.95
C THR E 29 -29.92 18.22 15.17
N ALA E 30 -31.12 18.79 15.06
CA ALA E 30 -32.10 18.71 16.13
C ALA E 30 -32.42 17.23 16.39
N ALA E 31 -32.69 16.46 15.31
CA ALA E 31 -33.00 15.04 15.47
C ALA E 31 -31.87 14.32 16.23
N LEU E 32 -30.62 14.59 15.85
CA LEU E 32 -29.47 13.99 16.50
C LEU E 32 -29.41 14.33 17.98
N ALA E 33 -29.52 15.63 18.32
CA ALA E 33 -29.47 16.08 19.71
C ALA E 33 -30.61 15.46 20.53
N LEU E 34 -31.83 15.54 20.00
CA LEU E 34 -32.94 14.87 20.64
C LEU E 34 -32.68 13.37 20.82
N SER E 35 -31.99 12.73 19.85
CA SER E 35 -31.65 11.32 19.94
C SER E 35 -30.69 11.05 21.09
N ARG E 36 -29.63 11.87 21.15
CA ARG E 36 -28.64 11.75 22.21
C ARG E 36 -29.28 11.95 23.58
N TYR E 37 -30.28 12.84 23.68
CA TYR E 37 -30.88 13.17 24.97
C TYR E 37 -32.00 12.20 25.32
N GLY E 38 -32.34 11.31 24.38
CA GLY E 38 -33.28 10.21 24.59
C GLY E 38 -34.75 10.65 24.52
N VAL E 39 -35.01 11.62 23.64
CA VAL E 39 -36.32 12.19 23.47
C VAL E 39 -36.91 11.65 22.18
N PRO E 40 -37.96 10.78 22.24
CA PRO E 40 -38.67 10.37 21.03
C PRO E 40 -39.08 11.62 20.27
N HIS E 41 -39.06 11.51 18.94
CA HIS E 41 -39.43 12.57 18.00
C HIS E 41 -39.72 11.94 16.63
N LEU E 42 -40.40 12.73 15.80
CA LEU E 42 -40.61 12.42 14.39
C LEU E 42 -40.11 13.59 13.56
N LEU E 43 -39.43 13.29 12.44
CA LEU E 43 -38.94 14.30 11.49
C LEU E 43 -39.55 14.04 10.12
N VAL E 44 -40.16 15.08 9.54
CA VAL E 44 -40.72 14.98 8.20
C VAL E 44 -39.87 15.85 7.27
N ASN E 45 -39.79 15.44 6.00
CA ASN E 45 -39.04 16.12 4.96
C ASN E 45 -39.76 15.97 3.62
N ARG E 46 -40.01 17.12 2.98
CA ARG E 46 -40.75 17.21 1.74
C ARG E 46 -40.12 16.32 0.68
N HIS E 47 -38.79 16.41 0.52
CA HIS E 47 -38.08 15.71 -0.54
C HIS E 47 -37.85 14.24 -0.14
N HIS E 48 -37.72 13.36 -1.14
CA HIS E 48 -37.52 11.92 -0.89
C HIS E 48 -36.06 11.61 -0.58
N GLY E 49 -35.14 12.38 -1.17
CA GLY E 49 -33.72 12.22 -0.89
C GLY E 49 -33.19 13.31 0.05
N THR E 50 -31.99 13.08 0.60
CA THR E 50 -31.21 14.17 1.17
C THR E 50 -30.68 15.00 0.01
N ALA E 51 -30.06 16.13 0.33
CA ALA E 51 -29.50 17.06 -0.65
C ALA E 51 -28.78 16.33 -1.77
N HIS E 52 -29.01 16.80 -3.00
CA HIS E 52 -28.43 16.17 -4.17
C HIS E 52 -27.20 16.94 -4.65
N THR E 53 -27.19 18.27 -4.46
CA THR E 53 -26.03 19.09 -4.79
C THR E 53 -25.32 19.56 -3.52
N PRO E 54 -24.05 20.05 -3.61
CA PRO E 54 -23.28 20.49 -2.44
C PRO E 54 -23.83 21.61 -1.57
N ARG E 55 -24.23 22.75 -2.17
CA ARG E 55 -24.80 23.88 -1.42
C ARG E 55 -23.77 24.40 -0.41
N ALA E 56 -24.03 24.24 0.91
CA ALA E 56 -23.13 24.68 1.98
C ALA E 56 -22.08 23.62 2.32
N HIS E 57 -20.92 24.08 2.84
CA HIS E 57 -19.70 23.27 2.86
C HIS E 57 -18.74 23.61 4.01
N LEU E 58 -18.49 24.90 4.30
CA LEU E 58 -17.55 25.28 5.35
C LEU E 58 -18.12 24.99 6.73
N LEU E 59 -17.47 24.09 7.48
CA LEU E 59 -17.82 23.86 8.87
C LEU E 59 -16.80 24.55 9.80
N ASN E 60 -17.27 25.55 10.56
CA ASN E 60 -16.35 26.30 11.39
C ASN E 60 -16.08 25.53 12.67
N GLN E 61 -15.32 26.14 13.58
CA GLN E 61 -14.85 25.48 14.78
C GLN E 61 -16.00 25.17 15.72
N ARG E 62 -16.97 26.10 15.76
CA ARG E 62 -18.12 25.93 16.63
C ARG E 62 -18.88 24.68 16.19
N THR E 63 -19.02 24.51 14.87
CA THR E 63 -19.70 23.35 14.34
C THR E 63 -19.00 22.07 14.80
N GLY E 64 -17.65 22.09 14.73
CA GLY E 64 -16.81 20.97 15.12
C GLY E 64 -17.05 20.61 16.58
N GLU E 65 -17.18 21.65 17.40
CA GLU E 65 -17.41 21.47 18.83
C GLU E 65 -18.74 20.79 19.06
N ILE E 66 -19.78 21.23 18.34
CA ILE E 66 -21.12 20.67 18.51
C ILE E 66 -21.12 19.23 17.96
N PHE E 67 -20.38 19.01 16.88
CA PHE E 67 -20.26 17.67 16.31
C PHE E 67 -19.59 16.73 17.32
N ARG E 68 -18.54 17.22 18.01
CA ARG E 68 -17.87 16.42 19.03
C ARG E 68 -18.87 16.06 20.11
N ASP E 69 -19.65 17.05 20.56
CA ASP E 69 -20.61 16.81 21.61
C ASP E 69 -21.60 15.72 21.16
N LEU E 70 -22.06 15.81 19.90
CA LEU E 70 -23.06 14.90 19.38
C LEU E 70 -22.46 13.56 18.90
N GLY E 71 -21.12 13.45 18.91
CA GLY E 71 -20.45 12.18 18.73
C GLY E 71 -20.32 11.77 17.25
N ILE E 72 -20.29 12.76 16.35
CA ILE E 72 -20.07 12.49 14.93
C ILE E 72 -18.82 13.21 14.41
N ALA E 73 -17.99 13.73 15.33
CA ALA E 73 -16.86 14.54 14.91
C ALA E 73 -15.92 13.72 14.02
N ASP E 74 -15.58 12.49 14.45
CA ASP E 74 -14.61 11.65 13.77
C ASP E 74 -15.10 11.25 12.37
N ARG E 75 -16.42 10.94 12.26
CA ARG E 75 -17.05 10.61 10.99
C ARG E 75 -16.97 11.77 10.00
N VAL E 76 -17.24 13.00 10.47
CA VAL E 76 -17.15 14.19 9.65
C VAL E 76 -15.71 14.41 9.20
N GLU E 77 -14.76 14.36 10.15
CA GLU E 77 -13.34 14.58 9.90
C GLU E 77 -12.80 13.65 8.79
N ALA E 78 -13.25 12.39 8.79
CA ALA E 78 -12.80 11.38 7.84
C ALA E 78 -13.17 11.74 6.40
N HIS E 79 -14.20 12.56 6.20
CA HIS E 79 -14.68 12.83 4.85
C HIS E 79 -14.33 14.25 4.41
N ALA E 80 -14.04 15.16 5.37
CA ALA E 80 -13.93 16.59 5.12
C ALA E 80 -12.56 16.97 4.57
N THR E 81 -12.48 18.05 3.80
CA THR E 81 -11.19 18.66 3.48
C THR E 81 -10.62 19.31 4.73
N PRO E 82 -9.39 18.99 5.16
CA PRO E 82 -8.80 19.60 6.36
C PRO E 82 -8.40 21.06 6.12
N GLY E 83 -8.37 21.84 7.22
CA GLY E 83 -8.16 23.27 7.26
C GLY E 83 -6.98 23.79 6.42
N HIS E 84 -5.86 23.06 6.45
CA HIS E 84 -4.62 23.50 5.81
C HIS E 84 -4.74 23.57 4.29
N LEU E 85 -5.73 22.89 3.70
CA LEU E 85 -5.93 23.00 2.26
C LEU E 85 -6.92 24.12 1.96
N MET E 86 -7.35 24.84 3.00
CA MET E 86 -8.17 26.03 2.84
C MET E 86 -7.38 27.27 3.24
N ALA E 87 -6.09 27.33 2.85
CA ALA E 87 -5.12 28.17 3.54
C ALA E 87 -5.18 29.62 3.06
N ASN E 88 -5.64 29.83 1.84
CA ASN E 88 -5.64 31.16 1.23
C ASN E 88 -7.04 31.55 0.77
N HIS E 89 -7.21 32.86 0.57
CA HIS E 89 -8.36 33.42 -0.12
C HIS E 89 -7.79 34.17 -1.30
N VAL E 90 -8.03 33.67 -2.51
CA VAL E 90 -7.35 34.17 -3.69
C VAL E 90 -8.28 35.09 -4.48
N PHE E 91 -7.73 36.23 -4.93
CA PHE E 91 -8.30 37.08 -5.97
C PHE E 91 -7.45 37.00 -7.24
N MET E 92 -8.09 36.80 -8.39
CA MET E 92 -7.34 36.59 -9.62
C MET E 92 -8.06 37.24 -10.81
N SER E 93 -7.46 37.07 -12.00
CA SER E 93 -8.10 37.33 -13.27
C SER E 93 -8.77 36.02 -13.68
N THR E 94 -8.22 35.31 -14.67
CA THR E 94 -8.61 33.92 -14.90
C THR E 94 -7.88 33.01 -13.91
N PHE E 95 -8.26 31.72 -13.88
CA PHE E 95 -7.59 30.75 -13.03
C PHE E 95 -6.15 30.52 -13.52
N ALA E 96 -5.94 30.58 -14.84
CA ALA E 96 -4.65 30.32 -15.45
C ALA E 96 -3.81 31.60 -15.55
N GLY E 97 -4.48 32.77 -15.53
CA GLY E 97 -3.79 34.04 -15.75
C GLY E 97 -3.20 34.57 -14.44
N PRO E 98 -2.75 35.83 -14.41
CA PRO E 98 -2.08 36.39 -13.24
C PRO E 98 -3.04 36.55 -12.06
N GLU E 99 -2.49 36.45 -10.84
CA GLU E 99 -3.19 36.68 -9.59
C GLU E 99 -3.22 38.18 -9.26
N VAL E 100 -4.13 38.57 -8.36
CA VAL E 100 -4.34 39.96 -8.01
C VAL E 100 -3.93 40.17 -6.56
N ALA E 101 -4.62 39.46 -5.65
CA ALA E 101 -4.38 39.57 -4.23
C ALA E 101 -4.62 38.22 -3.55
N ARG E 102 -4.16 38.14 -2.31
CA ARG E 102 -4.23 36.89 -1.55
C ARG E 102 -4.06 37.23 -0.06
N ILE E 103 -4.78 36.51 0.79
CA ILE E 103 -4.65 36.62 2.23
C ILE E 103 -4.75 35.20 2.79
N GLY E 104 -4.22 35.00 3.99
CA GLY E 104 -4.48 33.79 4.75
C GLY E 104 -5.97 33.69 5.04
N ALA E 105 -6.44 32.45 5.20
CA ALA E 105 -7.87 32.23 5.39
C ALA E 105 -8.03 31.21 6.50
N TYR E 106 -9.15 31.32 7.22
CA TYR E 106 -9.58 30.30 8.15
C TYR E 106 -8.45 29.99 9.13
N GLY E 107 -7.73 31.05 9.51
CA GLY E 107 -6.74 31.00 10.58
C GLY E 107 -5.48 30.23 10.19
N ASN E 108 -5.12 30.25 8.89
CA ASN E 108 -3.96 29.52 8.42
C ASN E 108 -2.78 30.48 8.30
N GLY E 109 -3.07 31.79 8.15
CA GLY E 109 -2.02 32.80 8.17
C GLY E 109 -1.21 32.76 9.48
N PRO E 110 0.11 33.01 9.43
CA PRO E 110 0.95 33.05 10.64
C PRO E 110 0.48 33.97 11.76
N ASP E 111 -0.13 35.11 11.40
CA ASP E 111 -0.55 36.01 12.45
C ASP E 111 -1.88 35.56 13.09
N ARG E 112 -2.57 34.57 12.50
CA ARG E 112 -3.86 34.20 13.06
C ARG E 112 -3.82 32.79 13.64
N ILE E 113 -2.86 31.96 13.21
CA ILE E 113 -2.96 30.53 13.47
C ILE E 113 -2.96 30.23 14.97
N GLY E 114 -2.15 30.98 15.72
CA GLY E 114 -2.03 30.75 17.15
C GLY E 114 -3.38 30.85 17.81
N GLU E 115 -4.08 31.97 17.60
CA GLU E 115 -5.35 32.21 18.24
C GLU E 115 -6.36 31.11 17.85
N TYR E 116 -6.27 30.66 16.59
CA TYR E 116 -7.24 29.71 16.06
C TYR E 116 -7.10 28.37 16.76
N ARG E 117 -5.86 27.97 17.04
CA ARG E 117 -5.56 26.70 17.69
C ARG E 117 -5.84 26.77 19.18
N ALA E 118 -5.65 27.96 19.77
CA ALA E 118 -5.89 28.10 21.21
C ALA E 118 -7.38 28.19 21.53
N ALA E 119 -8.22 28.47 20.53
CA ALA E 119 -9.61 28.86 20.77
C ALA E 119 -10.54 27.64 20.86
N SER E 120 -10.16 26.52 20.20
CA SER E 120 -11.08 25.41 20.05
C SER E 120 -10.33 24.09 19.98
N PRO E 121 -10.92 22.96 20.43
CA PRO E 121 -10.27 21.65 20.28
C PRO E 121 -10.38 21.20 18.83
N SER E 122 -11.17 21.95 18.05
CA SER E 122 -11.49 21.58 16.68
C SER E 122 -11.02 22.65 15.68
N GLY E 123 -10.58 22.19 14.50
CA GLY E 123 -10.25 23.05 13.38
C GLY E 123 -11.48 23.37 12.53
N LEU E 124 -11.29 24.11 11.43
CA LEU E 124 -12.27 24.27 10.37
C LEU E 124 -12.05 23.12 9.38
N CYS E 125 -13.08 22.78 8.61
CA CYS E 125 -12.95 21.78 7.58
C CYS E 125 -14.07 21.99 6.56
N ASN E 126 -13.91 21.38 5.38
CA ASN E 126 -14.89 21.52 4.32
C ASN E 126 -15.53 20.17 4.05
N LEU E 127 -16.87 20.13 4.05
CA LEU E 127 -17.70 18.97 3.77
C LEU E 127 -19.03 19.44 3.17
N PRO E 128 -19.24 19.26 1.86
CA PRO E 128 -20.50 19.62 1.23
C PRO E 128 -21.72 18.93 1.83
N GLN E 129 -22.88 19.56 1.65
CA GLN E 129 -24.13 19.17 2.29
C GLN E 129 -24.57 17.78 1.85
N HIS E 130 -24.28 17.40 0.59
CA HIS E 130 -24.68 16.12 0.06
C HIS E 130 -23.89 14.99 0.71
N LEU E 131 -22.83 15.34 1.47
CA LEU E 131 -22.06 14.35 2.18
C LEU E 131 -22.41 14.34 3.66
N LEU E 132 -22.73 15.54 4.17
CA LEU E 132 -23.00 15.79 5.58
C LEU E 132 -24.37 15.25 6.00
N GLU E 133 -25.39 15.44 5.15
CA GLU E 133 -26.75 15.03 5.50
C GLU E 133 -26.78 13.51 5.71
N PRO E 134 -26.20 12.67 4.79
CA PRO E 134 -26.15 11.23 5.01
C PRO E 134 -25.42 10.82 6.29
N LEU E 135 -24.43 11.63 6.72
CA LEU E 135 -23.79 11.30 7.99
C LEU E 135 -24.76 11.49 9.15
N LEU E 136 -25.58 12.56 9.08
CA LEU E 136 -26.47 12.87 10.18
C LEU E 136 -27.65 11.88 10.18
N VAL E 137 -28.20 11.60 9.00
CA VAL E 137 -29.20 10.55 8.85
C VAL E 137 -28.70 9.23 9.46
N GLU E 138 -27.49 8.81 9.07
CA GLU E 138 -26.95 7.53 9.53
C GLU E 138 -26.91 7.53 11.06
N ALA E 139 -26.43 8.65 11.64
CA ALA E 139 -26.23 8.72 13.07
C ALA E 139 -27.58 8.70 13.80
N VAL E 140 -28.59 9.34 13.20
CA VAL E 140 -29.94 9.33 13.75
C VAL E 140 -30.55 7.91 13.68
N GLN E 141 -30.33 7.21 12.58
CA GLN E 141 -30.92 5.89 12.40
C GLN E 141 -30.29 4.87 13.35
N GLU E 142 -28.98 4.98 13.58
CA GLU E 142 -28.24 4.10 14.48
C GLU E 142 -28.77 4.25 15.91
N ALA E 143 -29.07 5.48 16.36
CA ALA E 143 -29.43 5.73 17.75
C ALA E 143 -30.82 5.21 18.10
N CYS E 144 -31.71 5.17 17.10
CA CYS E 144 -33.01 4.53 17.16
C CYS E 144 -33.94 5.14 18.22
N VAL E 145 -34.11 6.47 18.22
CA VAL E 145 -34.88 7.12 19.27
C VAL E 145 -36.07 7.87 18.67
N GLY E 146 -35.87 8.31 17.43
CA GLY E 146 -36.80 9.13 16.68
C GLY E 146 -36.93 8.56 15.26
N GLN E 147 -37.77 9.18 14.43
CA GLN E 147 -38.09 8.53 13.18
C GLN E 147 -38.01 9.55 12.05
N LEU E 148 -37.40 9.15 10.91
CA LEU E 148 -37.22 10.01 9.75
C LEU E 148 -38.19 9.58 8.65
N ARG E 149 -38.89 10.55 8.06
CA ARG E 149 -39.91 10.33 7.05
C ARG E 149 -39.67 11.26 5.85
N PHE E 150 -38.89 10.78 4.90
CA PHE E 150 -38.69 11.53 3.68
C PHE E 150 -39.85 11.25 2.75
N GLY E 151 -40.14 12.20 1.86
CA GLY E 151 -41.36 12.12 1.06
C GLY E 151 -42.62 12.57 1.80
N HIS E 152 -42.47 13.22 2.96
CA HIS E 152 -43.60 13.67 3.78
C HIS E 152 -43.59 15.19 3.96
N GLU E 153 -44.67 15.83 3.47
CA GLU E 153 -44.83 17.28 3.35
C GLU E 153 -45.80 17.82 4.41
N PHE E 154 -45.27 18.62 5.35
CA PHE E 154 -46.08 19.41 6.27
C PHE E 154 -46.96 20.40 5.50
N VAL E 155 -48.24 20.49 5.92
CA VAL E 155 -49.21 21.36 5.27
C VAL E 155 -49.60 22.54 6.17
N SER E 156 -50.04 22.25 7.41
CA SER E 156 -50.55 23.30 8.30
C SER E 156 -50.49 22.85 9.76
N LEU E 157 -50.62 23.82 10.68
CA LEU E 157 -50.69 23.54 12.11
C LEU E 157 -51.71 24.45 12.79
N GLU E 158 -52.21 23.98 13.94
CA GLU E 158 -52.93 24.78 14.92
C GLU E 158 -52.33 24.43 16.27
N GLN E 159 -52.15 25.41 17.14
CA GLN E 159 -51.65 25.11 18.48
C GLN E 159 -52.64 25.61 19.52
N ASP E 160 -52.36 25.26 20.78
CA ASP E 160 -53.18 25.55 21.95
C ASP E 160 -52.29 25.54 23.18
N GLU E 161 -52.90 25.67 24.36
CA GLU E 161 -52.17 25.69 25.62
C GLU E 161 -51.28 24.45 25.74
N HIS E 162 -51.71 23.34 25.13
CA HIS E 162 -51.28 22.02 25.59
C HIS E 162 -50.40 21.29 24.58
N GLY E 163 -50.44 21.69 23.31
CA GLY E 163 -49.69 21.01 22.27
C GLY E 163 -49.90 21.59 20.88
N VAL E 164 -49.35 20.90 19.87
CA VAL E 164 -49.44 21.31 18.47
C VAL E 164 -50.00 20.15 17.66
N THR E 165 -50.73 20.51 16.60
CA THR E 165 -51.50 19.56 15.80
C THR E 165 -51.19 19.90 14.35
N SER E 166 -50.53 18.96 13.67
CA SER E 166 -49.98 19.26 12.37
C SER E 166 -50.54 18.28 11.35
N ARG E 167 -50.78 18.80 10.14
CA ARG E 167 -51.29 18.01 9.03
C ARG E 167 -50.16 17.79 8.03
N ILE E 168 -50.00 16.51 7.66
CA ILE E 168 -48.88 15.96 6.90
C ILE E 168 -49.42 15.19 5.70
N THR E 169 -48.84 15.42 4.51
CA THR E 169 -49.12 14.63 3.32
C THR E 169 -47.94 13.68 3.08
N ASP E 170 -48.22 12.37 3.11
CA ASP E 170 -47.36 11.37 2.50
C ASP E 170 -47.50 11.52 0.99
N ARG E 171 -46.43 11.93 0.32
CA ARG E 171 -46.47 12.28 -1.10
C ARG E 171 -46.54 11.04 -1.99
N ARG E 172 -46.09 9.88 -1.48
CA ARG E 172 -46.17 8.65 -2.25
C ARG E 172 -47.63 8.27 -2.47
N THR E 173 -48.36 8.16 -1.36
CA THR E 173 -49.72 7.64 -1.35
C THR E 173 -50.76 8.75 -1.60
N GLY E 174 -50.42 10.00 -1.27
CA GLY E 174 -51.38 11.11 -1.30
C GLY E 174 -52.18 11.27 0.00
N ARG E 175 -52.12 10.27 0.90
CA ARG E 175 -52.89 10.26 2.14
C ARG E 175 -52.39 11.34 3.08
N ASP E 176 -53.31 12.10 3.68
CA ASP E 176 -52.98 13.00 4.76
C ASP E 176 -53.15 12.30 6.10
N TYR E 177 -52.40 12.76 7.10
CA TYR E 177 -52.53 12.34 8.48
C TYR E 177 -52.16 13.53 9.35
N THR E 178 -52.43 13.41 10.66
CA THR E 178 -52.17 14.50 11.55
C THR E 178 -51.24 13.98 12.62
N VAL E 179 -50.50 14.91 13.22
CA VAL E 179 -49.53 14.60 14.26
C VAL E 179 -49.79 15.58 15.40
N ARG E 180 -49.81 15.03 16.62
CA ARG E 180 -49.94 15.81 17.83
C ARG E 180 -48.60 15.74 18.55
N SER E 181 -48.01 16.91 18.72
CA SER E 181 -46.75 17.06 19.42
C SER E 181 -46.88 18.13 20.51
N ASP E 182 -46.13 17.95 21.60
CA ASP E 182 -45.90 18.96 22.62
C ASP E 182 -45.32 20.21 21.97
N TYR E 183 -44.23 20.03 21.20
CA TYR E 183 -43.55 21.12 20.51
C TYR E 183 -43.36 20.78 19.02
N LEU E 184 -43.12 21.81 18.22
CA LEU E 184 -42.82 21.63 16.80
C LEU E 184 -41.66 22.53 16.39
N ILE E 185 -40.62 21.90 15.80
CA ILE E 185 -39.43 22.58 15.29
C ILE E 185 -39.64 22.89 13.82
N GLY E 186 -39.58 24.19 13.46
CA GLY E 186 -39.63 24.67 12.08
C GLY E 186 -38.23 24.77 11.48
N ALA E 187 -37.85 23.70 10.76
CA ALA E 187 -36.56 23.57 10.12
C ALA E 187 -36.72 23.30 8.62
N ASP E 188 -37.64 24.02 7.97
CA ASP E 188 -38.00 23.76 6.60
C ASP E 188 -37.34 24.76 5.65
N GLY E 189 -36.30 25.45 6.14
CA GLY E 189 -35.47 26.26 5.26
C GLY E 189 -36.17 27.52 4.75
N ALA E 190 -35.58 28.15 3.73
CA ALA E 190 -36.04 29.43 3.19
C ALA E 190 -37.51 29.34 2.80
N ARG E 191 -38.22 30.48 2.81
CA ARG E 191 -39.67 30.50 2.59
C ARG E 191 -40.37 29.41 3.40
N SER E 192 -40.01 29.31 4.68
CA SER E 192 -40.53 28.38 5.68
C SER E 192 -42.06 28.40 5.68
N ARG E 193 -42.65 27.23 5.50
CA ARG E 193 -44.08 27.08 5.60
C ARG E 193 -44.51 27.20 7.05
N VAL E 194 -43.68 26.67 7.96
CA VAL E 194 -44.02 26.71 9.36
C VAL E 194 -44.07 28.16 9.85
N LEU E 195 -43.13 28.98 9.38
CA LEU E 195 -43.00 30.31 9.93
C LEU E 195 -44.22 31.14 9.53
N ALA E 196 -44.59 31.06 8.24
CA ALA E 196 -45.76 31.70 7.67
C ALA E 196 -47.08 31.26 8.35
N GLN E 197 -47.15 30.01 8.83
CA GLN E 197 -48.27 29.52 9.61
C GLN E 197 -48.36 30.20 10.97
N LEU E 198 -47.22 30.73 11.47
CA LEU E 198 -47.23 31.42 12.76
C LEU E 198 -47.52 32.91 12.55
N GLY E 199 -47.51 33.36 11.28
CA GLY E 199 -47.73 34.75 10.89
C GLY E 199 -46.56 35.69 11.21
N ILE E 200 -45.34 35.14 11.15
CA ILE E 200 -44.12 35.93 11.28
C ILE E 200 -43.53 36.03 9.88
N ALA E 201 -43.27 37.27 9.43
CA ALA E 201 -42.68 37.50 8.13
C ALA E 201 -41.31 38.14 8.28
N LEU E 202 -40.36 37.75 7.43
CA LEU E 202 -38.95 38.10 7.59
C LEU E 202 -38.76 39.60 7.32
N ASP E 203 -37.82 40.22 8.05
CA ASP E 203 -37.39 41.59 7.82
C ASP E 203 -36.13 41.55 6.95
N GLY E 204 -36.20 42.19 5.78
CA GLY E 204 -35.09 42.32 4.84
C GLY E 204 -35.59 42.24 3.39
N ALA E 205 -34.71 41.78 2.49
CA ALA E 205 -34.99 41.79 1.05
C ALA E 205 -34.82 40.40 0.43
N THR E 206 -35.76 40.08 -0.47
CA THR E 206 -35.74 38.89 -1.31
C THR E 206 -35.00 39.24 -2.62
N GLY E 207 -34.29 38.25 -3.17
CA GLY E 207 -33.72 38.32 -4.50
C GLY E 207 -32.95 39.62 -4.75
N ILE E 208 -31.99 39.92 -3.87
CA ILE E 208 -31.13 41.09 -4.00
C ILE E 208 -30.07 40.84 -5.08
N ALA E 209 -30.06 39.62 -5.62
CA ALA E 209 -29.27 39.22 -6.78
C ALA E 209 -29.54 37.76 -7.08
N ARG E 210 -29.19 37.35 -8.30
CA ARG E 210 -29.36 35.99 -8.76
C ARG E 210 -27.99 35.34 -8.95
N ALA E 211 -27.94 34.02 -8.74
CA ALA E 211 -26.70 33.28 -8.87
C ALA E 211 -26.90 32.02 -9.69
N VAL E 212 -25.81 31.53 -10.30
CA VAL E 212 -25.82 30.27 -11.04
C VAL E 212 -24.63 29.45 -10.57
N THR E 213 -24.92 28.41 -9.79
CA THR E 213 -23.90 27.53 -9.23
C THR E 213 -23.78 26.30 -10.12
N THR E 214 -22.57 26.10 -10.66
CA THR E 214 -22.28 24.89 -11.41
C THR E 214 -21.35 24.01 -10.59
N TRP E 215 -21.77 22.76 -10.40
CA TRP E 215 -20.99 21.72 -9.78
C TRP E 215 -20.35 20.92 -10.91
N PHE E 216 -19.01 20.85 -10.92
CA PHE E 216 -18.30 20.24 -12.04
C PHE E 216 -17.01 19.59 -11.59
N GLU E 217 -16.48 18.70 -12.44
CA GLU E 217 -15.16 18.09 -12.28
C GLU E 217 -14.25 18.65 -13.36
N ALA E 218 -12.99 18.90 -12.99
CA ALA E 218 -11.89 19.29 -13.87
C ALA E 218 -10.62 19.26 -13.02
N ASP E 219 -9.50 18.75 -13.58
CA ASP E 219 -8.23 18.80 -12.87
C ASP E 219 -7.64 20.20 -13.02
N LEU E 220 -7.74 20.99 -11.96
CA LEU E 220 -7.27 22.37 -11.99
C LEU E 220 -6.07 22.54 -11.07
N SER E 221 -5.47 21.39 -10.71
CA SER E 221 -4.37 21.30 -9.76
C SER E 221 -3.22 22.20 -10.20
N ARG E 222 -3.05 22.34 -11.51
CA ARG E 222 -2.00 23.18 -12.07
C ARG E 222 -2.18 24.63 -11.62
N TYR E 223 -3.43 25.01 -11.27
CA TYR E 223 -3.72 26.42 -11.00
C TYR E 223 -4.05 26.63 -9.52
N SER E 224 -4.08 25.55 -8.73
CA SER E 224 -4.63 25.64 -7.39
C SER E 224 -3.64 25.16 -6.34
N ALA E 225 -2.89 24.08 -6.64
CA ALA E 225 -2.13 23.37 -5.61
C ALA E 225 -1.03 24.25 -5.02
N HIS E 226 -0.59 25.24 -5.81
CA HIS E 226 0.52 26.06 -5.36
C HIS E 226 0.02 27.19 -4.46
N ARG E 227 -1.31 27.43 -4.45
CA ARG E 227 -1.93 28.44 -3.59
C ARG E 227 -3.25 27.90 -3.07
N PRO E 228 -3.23 26.83 -2.23
CA PRO E 228 -4.49 26.16 -1.84
C PRO E 228 -5.50 27.08 -1.17
N ALA E 229 -6.71 27.19 -1.74
CA ALA E 229 -7.78 27.98 -1.16
C ALA E 229 -9.13 27.24 -1.21
N LEU E 230 -10.08 27.67 -0.36
CA LEU E 230 -11.47 27.31 -0.53
C LEU E 230 -12.08 28.12 -1.66
N LEU E 231 -11.69 29.41 -1.74
CA LEU E 231 -12.32 30.38 -2.62
C LEU E 231 -11.26 31.04 -3.49
N TYR E 232 -11.43 30.91 -4.81
CA TYR E 232 -10.68 31.66 -5.80
C TYR E 232 -11.67 32.53 -6.53
N MET E 233 -11.54 33.85 -6.34
CA MET E 233 -12.47 34.80 -6.94
C MET E 233 -11.78 35.55 -8.07
N GLY E 234 -12.33 35.35 -9.27
CA GLY E 234 -11.73 35.82 -10.49
C GLY E 234 -12.59 36.89 -11.15
N ALA E 235 -11.98 37.52 -12.15
CA ALA E 235 -12.58 38.55 -12.97
C ALA E 235 -11.93 38.39 -14.34
N VAL E 236 -12.72 37.88 -15.29
CA VAL E 236 -12.26 37.75 -16.67
C VAL E 236 -12.14 39.15 -17.28
N PRO E 237 -10.92 39.56 -17.76
CA PRO E 237 -10.71 40.90 -18.32
C PRO E 237 -11.59 41.13 -19.55
N GLY E 238 -12.25 42.30 -19.55
CA GLY E 238 -13.32 42.64 -20.46
C GLY E 238 -14.69 42.54 -19.77
N SER E 239 -14.67 42.38 -18.44
CA SER E 239 -15.89 42.15 -17.67
C SER E 239 -16.20 43.36 -16.78
N PRO E 240 -17.48 43.73 -16.56
CA PRO E 240 -17.80 44.70 -15.51
C PRO E 240 -17.54 44.08 -14.13
N PRO E 241 -17.21 44.88 -13.09
CA PRO E 241 -16.88 44.39 -11.74
C PRO E 241 -17.85 43.37 -11.13
N ALA E 242 -19.16 43.58 -11.33
CA ALA E 242 -20.22 42.72 -10.85
C ALA E 242 -20.21 41.34 -11.51
N ASP E 243 -19.45 41.17 -12.60
CA ASP E 243 -19.40 39.89 -13.29
C ASP E 243 -18.25 39.05 -12.74
N GLY E 244 -18.19 38.92 -11.41
CA GLY E 244 -17.19 38.07 -10.78
C GLY E 244 -17.50 36.58 -10.92
N ARG E 245 -16.44 35.78 -11.07
CA ARG E 245 -16.49 34.34 -11.18
C ARG E 245 -15.87 33.74 -9.91
N VAL E 246 -16.65 32.96 -9.15
CA VAL E 246 -16.12 32.36 -7.95
C VAL E 246 -15.96 30.85 -8.13
N PHE E 247 -14.72 30.35 -7.93
CA PHE E 247 -14.43 28.93 -7.83
C PHE E 247 -14.45 28.49 -6.37
N VAL E 248 -15.14 27.39 -6.06
CA VAL E 248 -15.18 26.89 -4.70
C VAL E 248 -14.61 25.47 -4.74
N SER E 249 -13.64 25.19 -3.86
CA SER E 249 -12.97 23.90 -3.85
C SER E 249 -13.78 22.91 -3.00
N LEU E 250 -14.17 21.79 -3.63
CA LEU E 250 -14.96 20.80 -2.91
C LEU E 250 -14.13 19.55 -2.63
N ARG E 251 -13.32 19.13 -3.60
CA ARG E 251 -12.44 17.98 -3.43
C ARG E 251 -11.11 18.30 -4.11
N PRO E 252 -10.10 18.80 -3.36
CA PRO E 252 -8.91 19.37 -3.98
C PRO E 252 -8.29 18.27 -4.83
N TRP E 253 -7.99 18.55 -6.12
CA TRP E 253 -8.31 19.79 -6.84
C TRP E 253 -9.15 19.46 -8.07
N THR E 254 -9.99 18.42 -7.95
CA THR E 254 -10.71 17.87 -9.08
C THR E 254 -12.19 18.26 -9.11
N GLU E 255 -12.78 18.69 -7.99
CA GLU E 255 -14.22 18.89 -7.91
C GLU E 255 -14.49 20.28 -7.32
N TRP E 256 -15.33 21.07 -8.01
CA TRP E 256 -15.46 22.51 -7.89
C TRP E 256 -16.92 22.95 -7.93
N LEU E 257 -17.19 24.14 -7.36
CA LEU E 257 -18.34 24.95 -7.74
C LEU E 257 -17.77 26.11 -8.53
N HIS E 258 -18.55 26.56 -9.53
CA HIS E 258 -18.39 27.82 -10.24
C HIS E 258 -19.68 28.60 -10.07
N LEU E 259 -19.60 29.81 -9.50
CA LEU E 259 -20.72 30.74 -9.34
C LEU E 259 -20.52 31.95 -10.25
N THR E 260 -21.54 32.28 -11.07
CA THR E 260 -21.69 33.57 -11.71
C THR E 260 -22.92 34.28 -11.14
N PHE E 261 -23.03 35.57 -11.49
CA PHE E 261 -24.04 36.45 -10.91
C PHE E 261 -24.71 37.25 -12.01
N PRO E 262 -25.65 36.63 -12.77
CA PRO E 262 -26.12 37.21 -14.02
C PRO E 262 -26.73 38.56 -13.67
N PRO E 263 -26.64 39.57 -14.58
CA PRO E 263 -27.36 40.81 -14.37
C PRO E 263 -28.87 40.53 -14.41
N PRO E 264 -29.77 41.42 -13.91
CA PRO E 264 -31.20 41.16 -13.97
C PRO E 264 -31.71 41.00 -15.40
N THR E 265 -31.05 41.69 -16.34
CA THR E 265 -31.45 41.75 -17.75
C THR E 265 -31.29 40.39 -18.44
N ALA E 266 -30.52 39.47 -17.86
CA ALA E 266 -30.10 38.24 -18.55
C ALA E 266 -31.09 37.09 -18.33
N ASP E 267 -31.35 36.36 -19.42
CA ASP E 267 -32.18 35.15 -19.40
C ASP E 267 -31.23 33.96 -19.26
N VAL E 268 -31.48 33.11 -18.24
CA VAL E 268 -30.52 32.07 -17.85
C VAL E 268 -31.13 30.68 -17.99
N ASP E 269 -30.35 29.77 -18.56
CA ASP E 269 -30.81 28.48 -19.03
C ASP E 269 -29.98 27.39 -18.34
N VAL E 270 -30.48 27.00 -17.16
CA VAL E 270 -29.99 25.91 -16.32
C VAL E 270 -29.47 24.76 -17.18
N GLU E 271 -30.14 24.48 -18.31
CA GLU E 271 -30.00 23.21 -19.01
C GLU E 271 -28.98 23.31 -20.16
N ASP E 272 -28.57 24.53 -20.49
CA ASP E 272 -27.64 24.78 -21.59
C ASP E 272 -26.22 24.44 -21.15
N HIS E 273 -25.92 23.13 -21.05
CA HIS E 273 -24.66 22.63 -20.53
C HIS E 273 -23.48 23.07 -21.39
N GLU E 274 -23.73 23.40 -22.66
CA GLU E 274 -22.69 23.87 -23.56
C GLU E 274 -22.25 25.29 -23.17
N ALA E 275 -23.23 26.16 -22.87
CA ALA E 275 -22.95 27.58 -22.63
C ALA E 275 -22.32 27.79 -21.25
N VAL E 276 -22.72 26.99 -20.27
CA VAL E 276 -22.11 26.95 -18.95
C VAL E 276 -20.67 26.43 -19.02
N ARG E 277 -20.45 25.41 -19.86
CA ARG E 277 -19.13 24.81 -20.02
C ARG E 277 -18.18 25.82 -20.65
N ALA E 278 -18.70 26.65 -21.58
CA ALA E 278 -17.87 27.67 -22.22
C ALA E 278 -17.57 28.78 -21.21
N GLY E 279 -18.54 29.07 -20.34
CA GLY E 279 -18.44 30.16 -19.38
C GLY E 279 -17.36 29.87 -18.35
N ILE E 280 -17.27 28.58 -17.96
CA ILE E 280 -16.33 28.07 -17.00
C ILE E 280 -14.95 28.00 -17.63
N ARG E 281 -14.89 27.67 -18.93
CA ARG E 281 -13.64 27.66 -19.69
C ARG E 281 -13.06 29.07 -19.77
N GLU E 282 -13.94 30.07 -19.85
CA GLU E 282 -13.57 31.47 -19.99
C GLU E 282 -13.01 31.94 -18.65
N SER E 283 -13.69 31.56 -17.56
CA SER E 283 -13.25 31.86 -16.20
C SER E 283 -11.88 31.22 -15.94
N ILE E 284 -11.71 29.98 -16.40
CA ILE E 284 -10.46 29.25 -16.22
C ILE E 284 -9.36 29.92 -17.03
N GLY E 285 -9.67 30.32 -18.27
CA GLY E 285 -8.73 30.94 -19.19
C GLY E 285 -7.81 29.93 -19.89
N ASP E 286 -8.33 28.71 -20.07
CA ASP E 286 -7.65 27.62 -20.76
C ASP E 286 -8.69 26.84 -21.54
N PRO E 287 -8.73 26.93 -22.89
CA PRO E 287 -9.77 26.23 -23.66
C PRO E 287 -9.57 24.71 -23.68
N THR E 288 -8.41 24.24 -23.22
CA THR E 288 -8.03 22.84 -23.38
C THR E 288 -8.56 21.97 -22.22
N VAL E 289 -9.38 22.56 -21.33
CA VAL E 289 -9.71 21.89 -20.07
C VAL E 289 -11.05 21.18 -20.19
N ASP E 290 -11.04 19.89 -19.83
CA ASP E 290 -12.21 19.03 -19.74
C ASP E 290 -12.98 19.41 -18.49
N VAL E 291 -14.22 19.86 -18.69
CA VAL E 291 -15.17 20.23 -17.66
C VAL E 291 -16.39 19.31 -17.82
N THR E 292 -16.61 18.44 -16.80
CA THR E 292 -17.78 17.59 -16.67
C THR E 292 -18.79 18.25 -15.71
N ILE E 293 -19.94 18.69 -16.23
CA ILE E 293 -20.99 19.33 -15.44
C ILE E 293 -21.74 18.26 -14.64
N LYS E 294 -21.90 18.52 -13.33
CA LYS E 294 -22.64 17.63 -12.45
C LYS E 294 -24.05 18.15 -12.21
N ASN E 295 -24.18 19.48 -12.09
CA ASN E 295 -25.45 20.15 -11.79
C ASN E 295 -25.33 21.63 -12.15
N VAL E 296 -26.44 22.23 -12.57
CA VAL E 296 -26.49 23.67 -12.69
C VAL E 296 -27.76 24.12 -12.00
N SER E 297 -27.61 25.05 -11.06
CA SER E 297 -28.73 25.46 -10.24
C SER E 297 -28.74 26.98 -10.21
N ALA E 298 -29.87 27.57 -10.61
CA ALA E 298 -30.12 28.99 -10.46
C ALA E 298 -30.80 29.18 -9.11
N TRP E 299 -30.56 30.33 -8.48
CA TRP E 299 -31.12 30.59 -7.16
C TRP E 299 -30.95 32.07 -6.84
N GLU E 300 -31.76 32.54 -5.89
CA GLU E 300 -31.87 33.95 -5.57
C GLU E 300 -31.18 34.16 -4.23
N VAL E 301 -30.36 35.21 -4.17
CA VAL E 301 -29.71 35.62 -2.93
C VAL E 301 -30.69 36.49 -2.17
N ASN E 302 -30.87 36.19 -0.88
CA ASN E 302 -31.73 36.95 0.02
C ASN E 302 -30.90 37.56 1.14
N SER E 303 -31.41 38.64 1.76
CA SER E 303 -30.87 39.13 3.02
C SER E 303 -31.99 39.51 3.99
N ALA E 304 -32.35 38.59 4.88
CA ALA E 304 -33.51 38.73 5.75
C ALA E 304 -33.34 37.93 7.04
N VAL E 305 -33.91 38.44 8.14
CA VAL E 305 -33.95 37.72 9.41
C VAL E 305 -35.36 37.88 10.01
N ALA E 306 -35.81 36.86 10.77
CA ALA E 306 -37.12 36.88 11.40
C ALA E 306 -37.06 37.72 12.68
N PRO E 307 -38.07 38.60 12.95
CA PRO E 307 -38.10 39.41 14.17
C PRO E 307 -38.38 38.56 15.41
N ARG E 308 -39.15 37.48 15.20
CA ARG E 308 -39.41 36.45 16.20
C ARG E 308 -39.01 35.07 15.63
N TYR E 309 -38.47 34.22 16.51
CA TYR E 309 -37.98 32.90 16.14
C TYR E 309 -39.00 31.82 16.51
N ALA E 310 -39.83 32.10 17.54
CA ALA E 310 -40.77 31.15 18.14
C ALA E 310 -42.10 31.83 18.46
N SER E 311 -43.17 31.02 18.55
CA SER E 311 -44.53 31.46 18.87
C SER E 311 -45.24 30.36 19.65
N GLY E 312 -45.22 30.46 20.98
CA GLY E 312 -45.86 29.49 21.83
C GLY E 312 -45.08 28.18 21.93
N ARG E 313 -45.46 27.21 21.10
CA ARG E 313 -44.99 25.84 21.17
C ARG E 313 -44.26 25.45 19.88
N VAL E 314 -44.15 26.42 18.95
CA VAL E 314 -43.52 26.23 17.65
C VAL E 314 -42.27 27.11 17.53
N PHE E 315 -41.10 26.46 17.32
CA PHE E 315 -39.80 27.13 17.28
C PHE E 315 -39.14 26.91 15.91
N CYS E 316 -38.66 27.98 15.25
CA CYS E 316 -37.99 27.85 13.97
C CYS E 316 -36.47 28.05 14.02
N VAL E 317 -35.77 27.25 13.20
CA VAL E 317 -34.32 27.17 13.20
C VAL E 317 -33.81 27.27 11.76
N GLY E 318 -32.55 27.75 11.62
CA GLY E 318 -31.83 27.65 10.37
C GLY E 318 -32.33 28.64 9.34
N ASP E 319 -32.35 28.22 8.08
CA ASP E 319 -32.70 29.10 6.97
C ASP E 319 -34.15 29.60 7.08
N ALA E 320 -34.98 28.96 7.91
CA ALA E 320 -36.35 29.43 8.10
C ALA E 320 -36.33 30.86 8.62
N VAL E 321 -35.38 31.17 9.51
CA VAL E 321 -35.40 32.38 10.32
C VAL E 321 -34.23 33.32 10.04
N HIS E 322 -33.27 32.91 9.21
CA HIS E 322 -32.23 33.78 8.70
C HIS E 322 -31.77 33.29 7.33
N GLN E 323 -31.61 34.23 6.40
CA GLN E 323 -31.10 33.94 5.08
C GLN E 323 -30.10 35.04 4.73
N ASN E 324 -29.04 34.70 3.99
CA ASN E 324 -28.03 35.69 3.65
C ASN E 324 -27.21 35.19 2.47
N PRO E 325 -26.32 36.02 1.88
CA PRO E 325 -25.44 35.56 0.82
C PRO E 325 -24.47 34.58 1.47
N PRO E 326 -23.90 33.62 0.72
CA PRO E 326 -22.98 32.63 1.28
C PRO E 326 -21.63 33.10 1.85
N THR E 327 -21.28 34.38 1.66
CA THR E 327 -20.06 34.96 2.24
C THR E 327 -20.02 34.68 3.75
N ASN E 328 -18.86 34.27 4.27
CA ASN E 328 -18.61 33.98 5.69
C ASN E 328 -18.99 32.56 6.11
N GLY E 329 -19.71 31.85 5.23
CA GLY E 329 -20.19 30.51 5.51
C GLY E 329 -20.86 30.39 6.88
N LEU E 330 -21.76 31.32 7.21
CA LEU E 330 -22.32 31.33 8.56
C LEU E 330 -23.66 30.60 8.65
N GLY E 331 -24.34 30.41 7.51
CA GLY E 331 -25.71 29.88 7.44
C GLY E 331 -25.88 28.51 8.08
N LEU E 332 -25.09 27.53 7.61
CA LEU E 332 -25.13 26.16 8.08
C LEU E 332 -24.61 26.08 9.51
N ASN E 333 -23.54 26.83 9.78
CA ASN E 333 -22.97 26.82 11.12
C ASN E 333 -23.99 27.35 12.13
N SER E 334 -24.71 28.43 11.76
CA SER E 334 -25.71 28.97 12.66
C SER E 334 -26.88 28.01 12.84
N ALA E 335 -27.35 27.40 11.75
CA ALA E 335 -28.41 26.40 11.79
C ALA E 335 -28.10 25.30 12.80
N VAL E 336 -26.88 24.74 12.69
CA VAL E 336 -26.43 23.71 13.62
C VAL E 336 -26.49 24.24 15.05
N ALA E 337 -25.98 25.46 15.26
CA ALA E 337 -25.92 26.07 16.60
C ALA E 337 -27.33 26.43 17.09
N ASP E 338 -28.21 26.80 16.16
CA ASP E 338 -29.61 27.02 16.50
C ASP E 338 -30.22 25.76 17.13
N SER E 339 -30.17 24.64 16.40
CA SER E 339 -30.83 23.42 16.87
C SER E 339 -30.26 22.95 18.20
N PHE E 340 -28.95 23.19 18.41
CA PHE E 340 -28.23 22.70 19.59
C PHE E 340 -28.55 23.58 20.81
N ASN E 341 -28.84 24.85 20.56
CA ASN E 341 -29.32 25.77 21.56
C ASN E 341 -30.67 25.27 22.10
N LEU E 342 -31.58 24.91 21.19
CA LEU E 342 -32.98 24.69 21.50
C LEU E 342 -33.27 23.34 22.14
N CYS E 343 -32.48 22.30 21.83
CA CYS E 343 -32.90 20.92 22.08
C CYS E 343 -32.74 20.51 23.55
N TRP E 344 -31.65 20.94 24.21
CA TRP E 344 -31.46 20.55 25.60
C TRP E 344 -32.54 21.21 26.47
N LYS E 345 -33.08 22.31 25.95
CA LYS E 345 -34.14 23.07 26.60
C LYS E 345 -35.45 22.30 26.49
N LEU E 346 -35.74 21.78 25.28
CA LEU E 346 -36.97 21.04 25.06
C LEU E 346 -36.95 19.80 25.95
N LYS E 347 -35.78 19.15 26.07
CA LYS E 347 -35.69 17.99 26.93
C LYS E 347 -36.28 18.33 28.30
N LEU E 348 -35.80 19.43 28.92
CA LEU E 348 -36.12 19.80 30.29
C LEU E 348 -37.59 20.18 30.45
N ALA E 349 -38.14 20.95 29.50
CA ALA E 349 -39.58 21.22 29.46
C ALA E 349 -40.41 19.95 29.34
N LEU E 350 -39.87 18.93 28.64
CA LEU E 350 -40.60 17.68 28.46
C LEU E 350 -40.58 16.85 29.73
N GLU E 351 -39.53 17.03 30.55
CA GLU E 351 -39.40 16.30 31.80
C GLU E 351 -40.08 17.09 32.92
N GLY E 352 -40.73 18.21 32.54
CA GLY E 352 -41.38 19.10 33.47
C GLY E 352 -40.39 19.75 34.44
N LEU E 353 -39.11 19.77 34.05
CA LEU E 353 -38.03 20.31 34.87
C LEU E 353 -37.71 21.74 34.45
N ALA E 354 -38.59 22.36 33.64
CA ALA E 354 -38.41 23.76 33.24
C ALA E 354 -39.70 24.30 32.65
N GLY E 355 -39.87 25.63 32.75
CA GLY E 355 -41.10 26.29 32.36
C GLY E 355 -41.03 26.80 30.93
N PRO E 356 -42.16 27.30 30.36
CA PRO E 356 -42.15 27.89 29.01
C PRO E 356 -41.31 29.18 28.95
N GLY E 357 -40.74 29.56 30.10
CA GLY E 357 -39.81 30.67 30.20
C GLY E 357 -38.43 30.28 29.67
N LEU E 358 -38.03 29.02 29.88
CA LEU E 358 -36.77 28.49 29.40
C LEU E 358 -36.74 28.50 27.87
N LEU E 359 -37.84 28.05 27.25
CA LEU E 359 -37.92 27.88 25.81
C LEU E 359 -37.96 29.22 25.08
N ASP E 360 -38.27 30.29 25.83
CA ASP E 360 -38.34 31.63 25.29
C ASP E 360 -36.94 32.18 25.09
N THR E 361 -35.99 31.69 25.90
CA THR E 361 -34.61 32.10 25.77
C THR E 361 -34.01 31.67 24.43
N TYR E 362 -34.65 30.73 23.71
CA TYR E 362 -34.18 30.32 22.39
C TYR E 362 -34.19 31.51 21.44
N HIS E 363 -35.37 32.13 21.26
CA HIS E 363 -35.47 33.45 20.64
C HIS E 363 -34.43 34.44 21.18
N ASP E 364 -34.39 34.61 22.52
CA ASP E 364 -33.62 35.68 23.15
C ASP E 364 -32.15 35.57 22.79
N GLU E 365 -31.67 34.33 22.81
CA GLU E 365 -30.27 34.00 22.59
C GLU E 365 -29.98 34.02 21.08
N ARG E 366 -30.85 33.41 20.26
CA ARG E 366 -30.43 33.00 18.93
C ARG E 366 -30.71 34.07 17.89
N GLN E 367 -31.72 34.90 18.15
CA GLN E 367 -32.15 35.94 17.21
C GLN E 367 -31.08 37.03 17.08
N PRO E 368 -30.47 37.53 18.17
CA PRO E 368 -29.33 38.44 18.03
C PRO E 368 -28.27 37.88 17.06
N VAL E 369 -28.04 36.56 17.11
CA VAL E 369 -26.99 35.93 16.33
C VAL E 369 -27.37 35.93 14.85
N GLY E 370 -28.68 35.79 14.59
CA GLY E 370 -29.22 35.86 13.24
C GLY E 370 -29.05 37.25 12.61
N ARG E 371 -29.33 38.29 13.42
CA ARG E 371 -29.13 39.69 13.06
C ARG E 371 -27.66 39.93 12.76
N GLN E 372 -26.79 39.34 13.59
CA GLN E 372 -25.34 39.42 13.42
C GLN E 372 -24.87 38.78 12.11
N ILE E 373 -25.33 37.56 11.80
CA ILE E 373 -24.74 36.83 10.67
C ILE E 373 -25.27 37.38 9.35
N VAL E 374 -26.54 37.81 9.35
CA VAL E 374 -27.14 38.33 8.13
C VAL E 374 -26.44 39.63 7.75
N ASP E 375 -26.16 40.44 8.80
CA ASP E 375 -25.50 41.74 8.66
C ASP E 375 -24.07 41.57 8.15
N ARG E 376 -23.28 40.74 8.86
CA ARG E 376 -21.89 40.45 8.53
C ARG E 376 -21.76 39.82 7.13
N ALA E 377 -22.68 38.92 6.77
CA ALA E 377 -22.63 38.28 5.46
C ALA E 377 -22.84 39.33 4.39
N PHE E 378 -23.79 40.25 4.64
CA PHE E 378 -24.15 41.29 3.70
C PHE E 378 -22.94 42.19 3.39
N ARG E 379 -22.26 42.63 4.45
CA ARG E 379 -21.13 43.51 4.31
C ARG E 379 -20.02 42.80 3.54
N SER E 380 -19.79 41.52 3.87
CA SER E 380 -18.78 40.72 3.18
C SER E 380 -19.08 40.57 1.69
N MET E 381 -20.36 40.43 1.35
CA MET E 381 -20.72 40.36 -0.06
C MET E 381 -20.38 41.66 -0.75
N VAL E 382 -20.66 42.78 -0.07
CA VAL E 382 -20.43 44.12 -0.59
C VAL E 382 -18.92 44.34 -0.83
N ASP E 383 -18.09 43.77 0.04
CA ASP E 383 -16.65 43.97 0.06
C ASP E 383 -15.99 43.36 -1.17
N LEU E 384 -16.64 42.37 -1.80
CA LEU E 384 -16.02 41.62 -2.88
C LEU E 384 -15.82 42.52 -4.12
N ILE E 385 -16.72 43.49 -4.32
CA ILE E 385 -16.69 44.36 -5.49
C ILE E 385 -15.57 45.39 -5.37
N GLY E 386 -15.04 45.58 -4.14
CA GLY E 386 -13.97 46.52 -3.87
C GLY E 386 -12.68 46.18 -4.59
N ILE E 387 -12.42 44.87 -4.80
CA ILE E 387 -11.17 44.40 -5.36
C ILE E 387 -11.06 44.80 -6.83
N PRO E 388 -11.99 44.39 -7.73
CA PRO E 388 -11.99 44.90 -9.11
C PRO E 388 -12.11 46.43 -9.25
N GLN E 389 -12.90 47.05 -8.39
CA GLN E 389 -13.07 48.49 -8.45
C GLN E 389 -11.72 49.17 -8.20
N ALA E 390 -11.01 48.72 -7.17
CA ALA E 390 -9.73 49.29 -6.80
C ALA E 390 -8.76 49.25 -7.98
N LEU E 391 -8.78 48.15 -8.76
CA LEU E 391 -7.95 47.93 -9.93
C LEU E 391 -8.26 48.94 -11.03
N GLY E 392 -9.46 49.55 -10.96
CA GLY E 392 -9.94 50.54 -11.93
C GLY E 392 -10.84 49.93 -13.00
N PHE E 393 -11.36 48.73 -12.74
CA PHE E 393 -12.30 48.08 -13.62
C PHE E 393 -13.65 48.82 -13.58
N THR E 394 -14.25 49.01 -14.77
CA THR E 394 -15.59 49.58 -14.90
C THR E 394 -16.35 48.75 -15.95
N GLU E 395 -17.58 49.17 -16.30
CA GLU E 395 -18.24 48.66 -17.51
C GLU E 395 -17.60 49.32 -18.75
N GLY E 396 -17.89 48.77 -19.93
CA GLY E 396 -17.46 49.37 -21.19
C GLY E 396 -15.94 49.52 -21.30
N GLN E 397 -15.19 48.52 -20.81
CA GLN E 397 -13.76 48.40 -21.07
C GLN E 397 -13.52 47.10 -21.82
N SER E 398 -12.59 47.14 -22.80
CA SER E 398 -12.23 46.01 -23.61
C SER E 398 -11.51 44.99 -22.74
N PRO E 399 -11.33 43.72 -23.19
CA PRO E 399 -10.30 42.84 -22.59
C PRO E 399 -8.98 43.60 -22.46
N GLU E 400 -8.58 44.25 -23.56
CA GLU E 400 -7.28 44.87 -23.73
C GLU E 400 -7.05 45.95 -22.68
N GLU E 401 -8.06 46.76 -22.40
CA GLU E 401 -7.93 47.83 -21.43
C GLU E 401 -7.69 47.27 -20.02
N GLN E 402 -8.31 46.13 -19.72
CA GLN E 402 -8.28 45.56 -18.37
C GLN E 402 -6.97 44.81 -18.16
N TRP E 403 -6.54 44.05 -19.17
CA TRP E 403 -5.19 43.53 -19.14
C TRP E 403 -4.17 44.63 -18.85
N ARG E 404 -4.38 45.84 -19.41
CA ARG E 404 -3.46 46.96 -19.25
C ARG E 404 -3.45 47.39 -17.79
N LEU E 405 -4.64 47.54 -17.20
CA LEU E 405 -4.76 48.00 -15.82
C LEU E 405 -4.08 47.03 -14.85
N LEU E 406 -4.09 45.74 -15.17
CA LEU E 406 -3.37 44.76 -14.37
C LEU E 406 -1.87 44.95 -14.53
N ASP E 407 -1.45 45.16 -15.78
CA ASP E 407 -0.05 45.30 -16.18
C ASP E 407 0.57 46.59 -15.63
N THR E 408 -0.23 47.66 -15.52
CA THR E 408 0.25 48.98 -15.15
C THR E 408 0.06 49.22 -13.65
N LEU E 409 -0.26 48.14 -12.93
CA LEU E 409 -0.51 48.21 -11.50
C LEU E 409 0.83 48.25 -10.76
N HIS E 410 1.81 47.52 -11.30
CA HIS E 410 3.14 47.44 -10.72
C HIS E 410 4.10 48.41 -11.44
N GLU E 411 3.57 49.55 -11.87
CA GLU E 411 4.37 50.61 -12.47
C GLU E 411 4.90 51.51 -11.35
N ASP E 412 6.01 52.20 -11.63
CA ASP E 412 6.61 53.18 -10.71
C ASP E 412 6.00 54.56 -10.94
N THR E 413 4.67 54.62 -10.96
CA THR E 413 3.93 55.81 -11.37
C THR E 413 2.97 56.22 -10.26
N GLU E 414 2.28 57.36 -10.45
CA GLU E 414 1.43 57.97 -9.45
C GLU E 414 0.11 57.21 -9.33
N GLU E 415 -0.54 56.98 -10.49
CA GLU E 415 -1.81 56.28 -10.61
C GLU E 415 -1.68 54.87 -10.00
N ALA E 416 -0.55 54.22 -10.30
CA ALA E 416 -0.26 52.85 -9.90
C ALA E 416 -0.30 52.68 -8.38
N ARG E 417 0.58 53.39 -7.67
CA ARG E 417 0.67 53.35 -6.22
C ARG E 417 -0.67 53.76 -5.59
N GLN E 418 -1.43 54.61 -6.30
CA GLN E 418 -2.75 55.05 -5.85
C GLN E 418 -3.74 53.89 -5.89
N ARG E 419 -3.56 52.98 -6.85
CA ARG E 419 -4.41 51.82 -7.04
C ARG E 419 -3.89 50.63 -6.21
N ARG E 420 -2.58 50.61 -5.94
CA ARG E 420 -1.98 49.63 -5.03
C ARG E 420 -2.52 49.83 -3.61
N ALA E 421 -2.74 51.11 -3.23
CA ALA E 421 -3.19 51.46 -1.89
C ALA E 421 -4.64 51.00 -1.73
N ALA E 422 -5.46 51.33 -2.73
CA ALA E 422 -6.87 50.96 -2.76
C ALA E 422 -7.01 49.44 -2.79
N LEU E 423 -6.19 48.76 -3.59
CA LEU E 423 -6.21 47.30 -3.65
C LEU E 423 -5.88 46.70 -2.27
N ALA E 424 -4.93 47.31 -1.56
CA ALA E 424 -4.55 46.84 -0.23
C ALA E 424 -5.68 47.08 0.77
N ALA E 425 -6.39 48.21 0.65
CA ALA E 425 -7.48 48.50 1.57
C ALA E 425 -8.59 47.48 1.33
N ALA E 426 -8.92 47.28 0.04
CA ALA E 426 -9.99 46.40 -0.39
C ALA E 426 -9.73 44.99 0.12
N THR E 427 -8.49 44.53 -0.11
CA THR E 427 -8.04 43.23 0.36
C THR E 427 -8.22 43.08 1.87
N ALA E 428 -7.88 44.12 2.64
CA ALA E 428 -7.83 44.04 4.09
C ALA E 428 -9.21 43.70 4.66
N ALA E 429 -10.26 44.23 4.01
CA ALA E 429 -11.63 44.05 4.43
C ALA E 429 -12.02 42.58 4.35
N ILE E 430 -11.39 41.83 3.43
CA ILE E 430 -11.79 40.47 3.13
C ILE E 430 -11.51 39.59 4.36
N HIS E 431 -10.72 40.13 5.29
CA HIS E 431 -10.48 39.47 6.57
C HIS E 431 -11.81 39.33 7.30
N GLY E 432 -12.75 40.21 6.95
CA GLY E 432 -14.11 40.17 7.46
C GLY E 432 -14.89 38.90 7.07
N GLN E 433 -14.46 38.21 6.00
CA GLN E 433 -15.10 36.95 5.65
C GLN E 433 -14.15 35.77 5.85
N ALA E 434 -12.84 35.99 5.64
CA ALA E 434 -11.88 34.89 5.61
C ALA E 434 -11.36 34.54 7.00
N ASN E 435 -11.41 35.49 7.94
CA ASN E 435 -10.83 35.28 9.25
C ASN E 435 -11.68 35.99 10.31
N ALA E 436 -13.00 35.82 10.24
CA ALA E 436 -13.91 36.47 11.16
C ALA E 436 -14.11 35.63 12.41
N HIS E 437 -13.01 35.39 13.13
CA HIS E 437 -13.01 34.51 14.30
C HIS E 437 -14.06 34.94 15.32
N GLY E 438 -14.20 36.26 15.47
CA GLY E 438 -15.02 36.86 16.51
C GLY E 438 -16.49 36.52 16.31
N VAL E 439 -16.97 36.71 15.07
CA VAL E 439 -18.33 36.34 14.68
C VAL E 439 -18.54 34.81 14.79
N GLU E 440 -17.53 34.02 14.42
CA GLU E 440 -17.64 32.57 14.30
C GLU E 440 -17.76 31.93 15.67
N LEU E 441 -17.00 32.45 16.63
CA LEU E 441 -16.75 31.71 17.86
C LEU E 441 -17.05 32.57 19.09
N GLY E 442 -17.22 33.87 18.90
CA GLY E 442 -17.06 34.81 20.00
C GLY E 442 -18.35 35.51 20.39
N TYR E 443 -19.45 35.20 19.71
CA TYR E 443 -20.77 35.64 20.13
C TYR E 443 -21.07 35.17 21.56
N ARG E 444 -21.73 36.04 22.34
CA ARG E 444 -22.10 35.76 23.71
C ARG E 444 -23.57 36.11 23.90
N TYR E 445 -24.29 35.28 24.65
CA TYR E 445 -25.69 35.51 24.93
C TYR E 445 -25.79 36.52 26.07
N ARG E 446 -26.44 37.67 25.83
CA ARG E 446 -26.49 38.77 26.79
C ARG E 446 -27.76 38.70 27.64
N THR E 447 -28.77 38.04 27.10
CA THR E 447 -30.00 37.72 27.80
C THR E 447 -30.40 36.27 27.46
N GLY E 448 -30.91 35.52 28.45
CA GLY E 448 -31.39 34.18 28.20
C GLY E 448 -31.25 33.29 29.43
N ALA E 449 -30.94 32.01 29.22
CA ALA E 449 -30.80 31.04 30.28
C ALA E 449 -29.48 31.23 31.02
N LEU E 450 -29.31 32.41 31.64
CA LEU E 450 -28.05 32.79 32.28
C LEU E 450 -28.34 33.86 33.34
N VAL E 451 -27.42 33.97 34.31
CA VAL E 451 -27.54 34.90 35.42
C VAL E 451 -26.30 35.82 35.41
N PRO E 452 -26.47 37.13 35.11
CA PRO E 452 -25.34 38.08 35.14
C PRO E 452 -24.71 38.12 36.52
N ASP E 453 -23.37 38.29 36.56
CA ASP E 453 -22.59 38.16 37.78
C ASP E 453 -22.24 39.55 38.30
N GLY E 454 -22.75 40.59 37.63
CA GLY E 454 -22.43 41.96 37.97
C GLY E 454 -21.29 42.50 37.13
N THR E 455 -20.23 41.69 36.94
CA THR E 455 -19.00 42.11 36.26
C THR E 455 -19.31 42.63 34.86
N PRO E 456 -18.54 43.59 34.30
CA PRO E 456 -18.81 44.12 32.97
C PRO E 456 -18.28 43.16 31.92
N GLU E 457 -18.88 43.19 30.71
CA GLU E 457 -18.46 42.30 29.64
C GLU E 457 -17.02 42.60 29.23
N PRO E 458 -16.13 41.59 29.14
CA PRO E 458 -14.77 41.77 28.61
C PRO E 458 -14.68 42.41 27.22
N ALA E 459 -13.75 43.36 27.03
CA ALA E 459 -13.60 44.05 25.75
C ALA E 459 -12.19 44.61 25.62
N ASP E 460 -11.84 45.01 24.38
CA ASP E 460 -10.49 45.42 24.03
C ASP E 460 -10.52 46.29 22.77
N GLU E 461 -9.34 46.70 22.31
CA GLU E 461 -9.21 47.69 21.26
C GLU E 461 -9.45 47.05 19.89
N ARG E 462 -9.41 45.71 19.88
CA ARG E 462 -9.43 44.91 18.66
C ARG E 462 -10.84 44.89 18.07
N ASP E 463 -10.91 44.77 16.74
CA ASP E 463 -12.14 44.57 16.00
C ASP E 463 -12.84 43.28 16.49
N PRO E 464 -13.97 43.35 17.22
CA PRO E 464 -14.55 42.16 17.85
C PRO E 464 -15.03 41.10 16.85
N GLU E 465 -15.28 41.53 15.60
CA GLU E 465 -15.67 40.68 14.48
C GLU E 465 -14.50 39.76 14.13
N LEU E 466 -13.28 40.32 14.02
CA LEU E 466 -12.11 39.59 13.55
C LEU E 466 -11.48 38.74 14.67
N TYR E 467 -11.57 39.23 15.91
CA TYR E 467 -10.75 38.71 17.01
C TYR E 467 -11.65 38.08 18.07
N TYR E 468 -11.27 36.87 18.49
CA TYR E 468 -12.00 36.16 19.52
C TYR E 468 -11.28 36.37 20.85
N ARG E 469 -12.05 36.48 21.93
CA ARG E 469 -11.45 36.66 23.24
C ARG E 469 -12.13 35.74 24.24
N ALA E 470 -11.44 34.64 24.60
CA ALA E 470 -11.95 33.62 25.50
C ALA E 470 -12.35 34.23 26.84
N THR E 471 -13.56 33.89 27.32
CA THR E 471 -14.07 34.39 28.59
C THR E 471 -15.15 33.47 29.13
N THR E 472 -15.30 33.48 30.46
CA THR E 472 -16.33 32.73 31.17
C THR E 472 -17.46 33.68 31.57
N TRP E 473 -17.46 34.89 31.03
CA TRP E 473 -18.55 35.82 31.29
C TRP E 473 -19.87 35.14 30.92
N PRO E 474 -20.83 34.98 31.85
CA PRO E 474 -22.07 34.28 31.56
C PRO E 474 -22.69 34.71 30.22
N GLY E 475 -23.09 33.70 29.43
CA GLY E 475 -23.61 33.89 28.09
C GLY E 475 -22.61 33.46 27.01
N ALA E 476 -21.33 33.38 27.39
CA ALA E 476 -20.26 33.10 26.45
C ALA E 476 -20.10 31.60 26.27
N ARG E 477 -19.33 31.21 25.25
CA ARG E 477 -19.00 29.81 25.06
C ARG E 477 -17.83 29.49 25.99
N LEU E 478 -17.95 28.42 26.79
CA LEU E 478 -16.89 28.01 27.70
C LEU E 478 -15.54 28.03 27.00
N PRO E 479 -14.49 28.70 27.57
CA PRO E 479 -13.15 28.68 26.97
C PRO E 479 -12.58 27.28 26.78
N HIS E 480 -11.88 27.07 25.68
CA HIS E 480 -11.18 25.80 25.49
C HIS E 480 -9.83 25.88 26.19
N ALA E 481 -9.47 24.76 26.83
CA ALA E 481 -8.11 24.47 27.27
C ALA E 481 -7.93 22.96 27.36
N TRP E 482 -6.71 22.52 27.13
CA TRP E 482 -6.39 21.10 27.13
C TRP E 482 -6.24 20.59 28.56
N LEU E 483 -7.18 19.75 29.00
CA LEU E 483 -7.00 19.01 30.24
C LEU E 483 -6.45 17.62 29.94
N GLU E 484 -6.08 16.92 31.02
CA GLU E 484 -5.61 15.54 30.97
C GLU E 484 -6.33 14.79 32.09
N ASN E 485 -6.87 13.61 31.73
CA ASN E 485 -7.53 12.74 32.67
C ASN E 485 -6.79 11.41 32.62
N GLY E 486 -5.82 11.24 33.51
CA GLY E 486 -4.89 10.13 33.36
C GLY E 486 -4.01 10.39 32.14
N ARG E 487 -3.89 9.40 31.25
CA ARG E 487 -3.10 9.58 30.04
C ARG E 487 -3.97 9.87 28.83
N HIS E 488 -5.17 10.42 29.08
CA HIS E 488 -6.04 10.86 28.01
C HIS E 488 -6.09 12.39 28.04
N ARG E 489 -5.97 12.94 26.82
CA ARG E 489 -6.00 14.36 26.54
C ARG E 489 -7.43 14.76 26.13
N CYS E 490 -8.03 15.75 26.81
CA CYS E 490 -9.38 16.14 26.45
C CYS E 490 -9.66 17.60 26.84
N SER E 491 -10.53 18.25 26.06
CA SER E 491 -10.86 19.65 26.21
C SER E 491 -11.81 19.90 27.39
N THR E 492 -11.81 21.13 27.90
CA THR E 492 -12.81 21.60 28.84
C THR E 492 -14.20 21.37 28.23
N LEU E 493 -14.23 21.36 26.89
CA LEU E 493 -15.49 21.25 26.15
C LEU E 493 -15.95 19.79 26.07
N ASP E 494 -15.01 18.85 26.23
CA ASP E 494 -15.27 17.42 26.16
C ASP E 494 -15.86 16.88 27.47
N VAL E 495 -15.46 17.50 28.60
CA VAL E 495 -15.86 17.08 29.93
C VAL E 495 -17.06 17.90 30.39
N THR E 496 -17.65 18.69 29.48
CA THR E 496 -18.88 19.42 29.74
C THR E 496 -19.90 19.06 28.66
N GLY E 497 -21.04 19.76 28.66
CA GLY E 497 -22.12 19.46 27.72
C GLY E 497 -22.65 18.05 27.92
N ARG E 498 -22.89 17.33 26.82
CA ARG E 498 -23.36 15.96 26.86
C ARG E 498 -24.63 15.89 27.70
N GLY E 499 -25.53 16.83 27.44
CA GLY E 499 -26.90 16.79 27.92
C GLY E 499 -27.07 17.21 29.38
N ARG E 500 -25.96 17.56 30.05
CA ARG E 500 -26.02 17.83 31.49
C ARG E 500 -25.35 19.16 31.83
N PHE E 501 -25.76 19.73 32.97
CA PHE E 501 -25.13 20.89 33.59
C PHE E 501 -23.85 20.47 34.30
N THR E 502 -22.78 21.26 34.10
CA THR E 502 -21.51 20.95 34.74
C THR E 502 -21.00 22.18 35.49
N LEU E 503 -20.31 21.94 36.62
CA LEU E 503 -19.80 23.00 37.47
C LEU E 503 -18.31 22.82 37.68
N LEU E 504 -17.53 23.61 36.96
CA LEU E 504 -16.08 23.48 37.00
C LEU E 504 -15.54 24.25 38.19
N THR E 505 -14.48 23.70 38.80
CA THR E 505 -13.85 24.26 39.99
C THR E 505 -12.48 23.64 40.20
N GLY E 506 -11.77 24.08 41.23
CA GLY E 506 -10.46 23.55 41.57
C GLY E 506 -10.19 23.56 43.07
N PRO E 507 -8.91 23.67 43.51
CA PRO E 507 -8.58 23.67 44.95
C PRO E 507 -9.34 24.70 45.80
N GLY E 508 -10.03 24.20 46.83
CA GLY E 508 -10.85 25.01 47.72
C GLY E 508 -12.33 24.98 47.37
N GLY E 509 -12.69 24.12 46.40
CA GLY E 509 -14.04 24.09 45.86
C GLY E 509 -14.86 22.88 46.30
N GLU E 510 -14.70 22.49 47.58
CA GLU E 510 -15.47 21.42 48.18
C GLU E 510 -16.88 21.90 48.53
N PRO E 511 -17.07 23.16 48.98
CA PRO E 511 -18.41 23.67 49.31
C PRO E 511 -19.41 23.68 48.16
N TRP E 512 -18.98 23.19 46.98
CA TRP E 512 -19.85 23.16 45.81
C TRP E 512 -20.56 21.81 45.70
N ARG E 513 -19.91 20.74 46.18
CA ARG E 513 -20.50 19.42 46.33
C ARG E 513 -21.87 19.49 47.02
N ASP E 514 -21.94 20.27 48.11
CA ASP E 514 -23.13 20.39 48.93
C ASP E 514 -24.09 21.44 48.36
N ALA E 515 -23.57 22.30 47.49
CA ALA E 515 -24.43 23.32 46.89
C ALA E 515 -25.17 22.73 45.70
N ALA E 516 -24.58 21.70 45.08
CA ALA E 516 -25.16 21.02 43.94
C ALA E 516 -26.24 20.05 44.39
N ARG E 517 -25.90 19.18 45.36
CA ARG E 517 -26.84 18.27 46.00
C ARG E 517 -28.13 19.02 46.35
N ASP E 518 -27.96 20.26 46.84
CA ASP E 518 -29.03 21.13 47.33
C ASP E 518 -29.72 21.86 46.18
N ALA E 519 -29.05 21.96 45.02
CA ALA E 519 -29.67 22.54 43.84
C ALA E 519 -30.56 21.49 43.19
N ALA E 520 -30.10 20.23 43.28
CA ALA E 520 -30.72 19.05 42.70
C ALA E 520 -32.09 18.83 43.34
N LEU E 521 -32.10 18.76 44.68
CA LEU E 521 -33.31 18.57 45.46
C LEU E 521 -34.34 19.63 45.09
N ASP E 522 -33.88 20.90 45.02
CA ASP E 522 -34.72 22.06 44.86
C ASP E 522 -35.36 22.10 43.47
N THR E 523 -34.60 21.69 42.44
CA THR E 523 -34.95 21.99 41.06
C THR E 523 -35.31 20.72 40.29
N GLY E 524 -34.70 19.60 40.65
CA GLY E 524 -34.84 18.36 39.91
C GLY E 524 -33.59 18.01 39.09
N VAL E 525 -32.88 19.06 38.63
CA VAL E 525 -31.83 18.93 37.63
C VAL E 525 -30.48 18.69 38.29
N GLU E 526 -29.84 17.55 37.97
CA GLU E 526 -28.52 17.22 38.49
C GLU E 526 -27.50 18.22 37.99
N VAL E 527 -26.47 18.48 38.82
CA VAL E 527 -25.33 19.32 38.48
C VAL E 527 -24.06 18.54 38.80
N ALA E 528 -23.30 18.20 37.76
CA ALA E 528 -22.07 17.44 37.92
C ALA E 528 -20.94 18.37 38.34
N VAL E 529 -20.45 18.20 39.57
CA VAL E 529 -19.36 19.05 40.05
C VAL E 529 -18.05 18.39 39.67
N LEU E 530 -17.26 19.10 38.87
CA LEU E 530 -16.00 18.60 38.32
C LEU E 530 -14.88 19.52 38.77
N PRO E 531 -13.96 19.05 39.65
CA PRO E 531 -12.79 19.82 40.03
C PRO E 531 -11.65 19.59 39.03
N ILE E 532 -10.91 20.66 38.73
CA ILE E 532 -9.79 20.59 37.81
C ILE E 532 -8.51 20.95 38.55
N GLY E 533 -7.46 20.13 38.35
CA GLY E 533 -6.16 20.32 38.98
C GLY E 533 -6.25 20.31 40.51
N ALA E 534 -7.01 19.35 41.04
CA ALA E 534 -7.34 19.25 42.46
C ALA E 534 -7.71 17.80 42.76
N GLY E 535 -8.85 17.62 43.45
CA GLY E 535 -9.25 16.36 44.07
C GLY E 535 -9.41 15.22 43.07
N GLY E 536 -8.28 14.66 42.63
CA GLY E 536 -8.20 13.50 41.75
C GLY E 536 -8.77 13.75 40.35
N GLY E 537 -9.25 14.98 40.12
CA GLY E 537 -9.95 15.38 38.91
C GLY E 537 -9.07 15.30 37.66
N PRO E 538 -9.49 15.93 36.54
CA PRO E 538 -8.58 16.15 35.41
C PRO E 538 -7.51 17.15 35.81
N ARG E 539 -6.31 16.97 35.25
CA ARG E 539 -5.19 17.86 35.46
C ARG E 539 -5.20 18.96 34.40
N ASP E 540 -4.51 20.07 34.69
CA ASP E 540 -4.34 21.23 33.82
C ASP E 540 -2.87 21.32 33.39
N PRO E 541 -2.40 20.52 32.41
CA PRO E 541 -0.97 20.27 32.22
C PRO E 541 -0.15 21.47 31.76
N TYR E 542 -0.80 22.59 31.44
CA TYR E 542 -0.11 23.76 30.90
C TYR E 542 -0.49 25.03 31.64
N GLY E 543 -1.45 24.93 32.58
CA GLY E 543 -1.87 26.08 33.34
C GLY E 543 -2.92 26.95 32.63
N THR E 544 -3.31 26.54 31.41
CA THR E 544 -4.19 27.30 30.54
C THR E 544 -5.56 27.53 31.20
N TRP E 545 -6.13 26.47 31.78
CA TRP E 545 -7.46 26.64 32.35
C TRP E 545 -7.41 27.64 33.49
N ALA E 546 -6.38 27.49 34.33
CA ALA E 546 -6.12 28.42 35.43
C ALA E 546 -6.15 29.85 34.89
N GLU E 547 -5.45 30.07 33.77
CA GLU E 547 -5.39 31.38 33.13
C GLU E 547 -6.81 31.85 32.76
N LEU E 548 -7.53 31.01 32.00
CA LEU E 548 -8.71 31.43 31.25
C LEU E 548 -9.98 31.43 32.10
N ARG E 549 -9.97 30.81 33.28
CA ARG E 549 -11.22 30.55 34.01
C ARG E 549 -11.81 31.83 34.58
N GLU E 550 -10.96 32.86 34.79
CA GLU E 550 -11.36 34.19 35.26
C GLU E 550 -12.16 34.09 36.55
N VAL E 551 -11.82 33.10 37.39
CA VAL E 551 -12.31 32.98 38.76
C VAL E 551 -11.13 32.48 39.60
N GLU E 552 -11.27 32.55 40.92
CA GLU E 552 -10.21 32.07 41.81
C GLU E 552 -10.34 30.56 41.95
N GLU E 553 -9.22 29.92 42.32
CA GLU E 553 -9.03 28.48 42.45
C GLU E 553 -10.21 27.79 43.14
N SER E 554 -10.90 28.51 44.04
CA SER E 554 -11.98 27.96 44.84
C SER E 554 -13.34 28.30 44.23
N GLY E 555 -13.34 29.14 43.19
CA GLY E 555 -14.54 29.59 42.47
C GLY E 555 -15.18 28.49 41.62
N ALA E 556 -16.22 28.88 40.87
CA ALA E 556 -16.95 27.94 40.03
C ALA E 556 -17.39 28.58 38.72
N VAL E 557 -17.41 27.77 37.65
CA VAL E 557 -18.03 28.11 36.37
C VAL E 557 -19.13 27.08 36.09
N LEU E 558 -20.35 27.57 35.79
CA LEU E 558 -21.51 26.71 35.57
C LEU E 558 -21.77 26.58 34.07
N VAL E 559 -21.64 25.35 33.56
CA VAL E 559 -21.68 25.10 32.13
C VAL E 559 -22.97 24.34 31.78
N ARG E 560 -23.79 24.99 30.94
CA ARG E 560 -25.01 24.45 30.33
C ARG E 560 -24.70 23.21 29.48
N PRO E 561 -25.73 22.44 29.04
CA PRO E 561 -25.51 21.31 28.13
C PRO E 561 -25.01 21.70 26.74
N ASP E 562 -25.21 22.98 26.35
CA ASP E 562 -24.73 23.44 25.04
C ASP E 562 -23.32 24.04 25.12
N GLY E 563 -22.66 24.00 26.28
CA GLY E 563 -21.30 24.51 26.35
C GLY E 563 -21.23 26.03 26.54
N HIS E 564 -22.36 26.67 26.84
CA HIS E 564 -22.36 28.09 27.18
C HIS E 564 -22.39 28.30 28.70
N VAL E 565 -21.72 29.35 29.18
CA VAL E 565 -21.60 29.63 30.61
C VAL E 565 -22.91 30.25 31.10
N ALA E 566 -23.55 29.59 32.07
CA ALA E 566 -24.82 30.02 32.63
C ALA E 566 -24.59 30.98 33.81
N TRP E 567 -23.41 30.88 34.44
CA TRP E 567 -23.07 31.62 35.65
C TRP E 567 -21.68 31.22 36.12
N ARG E 568 -20.97 32.17 36.74
CA ARG E 568 -19.69 31.90 37.39
C ARG E 568 -19.68 32.56 38.77
N ALA E 569 -18.73 32.14 39.62
CA ALA E 569 -18.62 32.62 40.99
C ALA E 569 -17.17 32.62 41.45
N ARG E 570 -16.70 33.81 41.86
CA ARG E 570 -15.31 34.13 42.11
C ARG E 570 -14.64 33.08 43.01
N ASP E 571 -15.34 32.68 44.09
CA ASP E 571 -14.80 31.84 45.15
C ASP E 571 -15.91 30.99 45.79
N HIS E 572 -15.50 30.08 46.69
CA HIS E 572 -16.42 29.20 47.41
C HIS E 572 -17.37 29.95 48.34
N GLY E 573 -17.27 31.29 48.38
CA GLY E 573 -18.13 32.08 49.25
C GLY E 573 -19.50 32.35 48.62
N HIS E 574 -19.68 31.97 47.35
CA HIS E 574 -20.97 32.16 46.71
C HIS E 574 -21.74 30.83 46.72
N ALA E 575 -21.06 29.74 47.07
CA ALA E 575 -21.56 28.37 46.96
C ALA E 575 -23.07 28.29 47.21
N LYS E 576 -23.57 29.03 48.21
CA LYS E 576 -24.94 28.95 48.69
C LYS E 576 -25.92 29.60 47.71
N GLU E 577 -25.42 30.16 46.61
CA GLU E 577 -26.28 30.86 45.67
C GLU E 577 -26.74 29.93 44.55
N LEU E 578 -26.15 28.74 44.48
CA LEU E 578 -26.31 27.83 43.34
C LEU E 578 -27.75 27.32 43.19
N PRO E 579 -28.45 26.85 44.25
CA PRO E 579 -29.83 26.39 44.11
C PRO E 579 -30.79 27.44 43.54
N GLU E 580 -30.54 28.71 43.84
CA GLU E 580 -31.33 29.83 43.34
C GLU E 580 -30.96 30.10 41.87
N VAL E 581 -29.66 30.05 41.57
CA VAL E 581 -29.13 30.26 40.23
C VAL E 581 -29.81 29.30 39.25
N MET E 582 -29.75 27.99 39.56
CA MET E 582 -30.33 26.93 38.75
C MET E 582 -31.82 27.20 38.51
N ALA E 583 -32.52 27.70 39.54
CA ALA E 583 -33.95 27.91 39.46
C ALA E 583 -34.26 29.03 38.46
N ARG E 584 -33.32 29.98 38.36
CA ARG E 584 -33.48 31.13 37.49
C ARG E 584 -33.13 30.78 36.04
N VAL E 585 -32.08 29.96 35.87
CA VAL E 585 -31.63 29.47 34.58
C VAL E 585 -32.75 28.66 33.95
N LEU E 586 -33.28 27.67 34.69
CA LEU E 586 -34.38 26.81 34.27
C LEU E 586 -35.70 27.58 34.15
N HIS E 587 -35.74 28.82 34.67
CA HIS E 587 -36.92 29.66 34.61
C HIS E 587 -38.11 29.00 35.29
N GLN E 588 -37.84 28.28 36.39
CA GLN E 588 -38.87 27.62 37.21
C GLN E 588 -39.65 28.68 38.00
N PRO E 589 -40.84 28.34 38.56
CA PRO E 589 -41.54 29.26 39.47
C PRO E 589 -41.27 28.95 40.94
N GLY F 9 62.90 23.49 2.09
CA GLY F 9 62.28 23.32 0.73
C GLY F 9 62.30 21.87 0.29
N THR F 10 61.59 21.01 1.04
CA THR F 10 61.42 19.61 0.71
C THR F 10 60.49 19.48 -0.51
N ALA F 11 59.68 18.41 -0.55
CA ALA F 11 58.74 18.18 -1.64
C ALA F 11 57.41 17.67 -1.08
N PRO F 12 56.33 18.50 -1.10
CA PRO F 12 55.03 18.06 -0.56
C PRO F 12 54.33 16.99 -1.40
N ASP F 13 53.83 15.96 -0.71
CA ASP F 13 53.11 14.86 -1.33
C ASP F 13 51.87 15.34 -2.07
N ILE F 14 51.29 16.49 -1.64
CA ILE F 14 49.99 17.00 -2.10
C ILE F 14 49.91 18.52 -2.02
N ARG F 15 49.61 19.14 -3.17
CA ARG F 15 49.20 20.54 -3.28
C ARG F 15 47.68 20.59 -3.43
N VAL F 16 47.00 21.35 -2.56
CA VAL F 16 45.55 21.47 -2.56
C VAL F 16 45.14 22.80 -1.92
N PRO F 17 44.28 23.61 -2.60
CA PRO F 17 43.83 24.90 -2.08
C PRO F 17 43.37 24.90 -0.62
N VAL F 18 42.52 23.94 -0.22
CA VAL F 18 42.04 23.91 1.16
C VAL F 18 42.13 22.52 1.78
N LEU F 19 42.81 22.42 2.92
CA LEU F 19 42.79 21.21 3.74
C LEU F 19 41.82 21.38 4.91
N ILE F 20 40.92 20.38 5.05
CA ILE F 20 39.94 20.32 6.12
C ILE F 20 40.23 19.15 7.06
N VAL F 21 40.66 19.45 8.28
CA VAL F 21 41.04 18.43 9.25
C VAL F 21 39.80 18.13 10.11
N GLY F 22 39.29 16.91 9.96
CA GLY F 22 38.20 16.43 10.82
C GLY F 22 36.91 16.36 10.01
N GLY F 23 36.26 15.19 10.03
CA GLY F 23 35.11 14.91 9.17
C GLY F 23 33.80 14.69 9.93
N GLY F 24 33.51 15.59 10.87
CA GLY F 24 32.21 15.66 11.53
C GLY F 24 31.33 16.74 10.89
N PRO F 25 30.13 17.03 11.44
CA PRO F 25 29.22 17.96 10.77
C PRO F 25 29.95 19.22 10.31
N ALA F 26 30.63 19.90 11.24
CA ALA F 26 31.49 21.03 10.86
C ALA F 26 32.29 20.70 9.60
N GLY F 27 33.14 19.67 9.69
CA GLY F 27 34.01 19.21 8.61
C GLY F 27 33.26 18.96 7.30
N LEU F 28 32.16 18.21 7.36
CA LEU F 28 31.54 17.72 6.14
C LEU F 28 30.78 18.84 5.45
N THR F 29 30.07 19.62 6.27
CA THR F 29 29.38 20.81 5.80
C THR F 29 30.34 21.70 5.00
N ALA F 30 31.57 21.90 5.52
CA ALA F 30 32.59 22.71 4.87
C ALA F 30 32.98 22.11 3.53
N ALA F 31 33.15 20.78 3.51
CA ALA F 31 33.48 20.07 2.28
C ALA F 31 32.34 20.26 1.27
N LEU F 32 31.09 20.14 1.74
CA LEU F 32 29.92 20.24 0.88
C LEU F 32 29.71 21.66 0.34
N ALA F 33 29.83 22.67 1.21
CA ALA F 33 29.97 24.04 0.72
C ALA F 33 31.02 24.07 -0.38
N LEU F 34 32.31 23.84 -0.03
CA LEU F 34 33.42 23.93 -0.96
C LEU F 34 33.19 23.07 -2.21
N SER F 35 32.40 21.99 -2.05
CA SER F 35 32.02 21.16 -3.17
C SER F 35 31.11 21.94 -4.13
N ARG F 36 30.09 22.59 -3.56
CA ARG F 36 29.04 23.24 -4.35
C ARG F 36 29.56 24.48 -5.05
N TYR F 37 30.56 25.16 -4.47
CA TYR F 37 31.19 26.34 -5.07
C TYR F 37 32.25 25.91 -6.08
N GLY F 38 32.53 24.59 -6.14
CA GLY F 38 33.53 23.98 -6.99
C GLY F 38 34.96 24.35 -6.60
N VAL F 39 35.31 24.13 -5.33
CA VAL F 39 36.65 24.43 -4.83
C VAL F 39 37.37 23.11 -4.51
N PRO F 40 38.52 22.81 -5.18
CA PRO F 40 39.36 21.65 -4.83
C PRO F 40 39.92 21.67 -3.41
N HIS F 41 39.50 20.68 -2.60
CA HIS F 41 39.82 20.59 -1.19
C HIS F 41 40.26 19.17 -0.85
N LEU F 42 40.77 19.01 0.38
CA LEU F 42 41.02 17.68 0.93
C LEU F 42 40.65 17.72 2.41
N LEU F 43 39.92 16.69 2.83
CA LEU F 43 39.52 16.51 4.22
C LEU F 43 40.10 15.19 4.70
N VAL F 44 40.60 15.19 5.94
CA VAL F 44 41.19 14.02 6.58
C VAL F 44 40.50 13.78 7.92
N ASN F 45 40.15 12.52 8.21
CA ASN F 45 39.41 12.15 9.41
C ASN F 45 40.13 11.01 10.16
N ARG F 46 40.37 11.23 11.46
CA ARG F 46 41.20 10.39 12.32
C ARG F 46 40.55 9.03 12.57
N HIS F 47 39.21 8.97 12.58
CA HIS F 47 38.49 7.70 12.70
C HIS F 47 38.14 7.22 11.29
N HIS F 48 38.10 5.89 11.12
CA HIS F 48 37.96 5.31 9.80
C HIS F 48 36.52 5.40 9.30
N GLY F 49 35.57 5.22 10.24
CA GLY F 49 34.17 5.41 9.92
C GLY F 49 33.65 6.72 10.51
N THR F 50 32.50 7.18 9.98
CA THR F 50 31.72 8.28 10.51
C THR F 50 31.17 7.88 11.88
N ALA F 51 30.65 8.84 12.65
CA ALA F 51 30.12 8.57 13.97
C ALA F 51 29.08 7.44 13.92
N HIS F 52 29.12 6.60 14.97
CA HIS F 52 28.39 5.34 15.01
C HIS F 52 27.22 5.40 15.99
N THR F 53 27.26 6.38 16.91
CA THR F 53 26.22 6.57 17.91
C THR F 53 25.53 7.92 17.67
N PRO F 54 24.25 8.08 18.07
CA PRO F 54 23.50 9.33 17.91
C PRO F 54 24.16 10.65 18.28
N ARG F 55 24.37 10.90 19.57
CA ARG F 55 24.90 12.18 20.03
C ARG F 55 23.87 13.27 19.71
N ALA F 56 24.28 14.28 18.93
CA ALA F 56 23.45 15.42 18.56
C ALA F 56 22.30 14.99 17.67
N HIS F 57 21.21 15.77 17.66
CA HIS F 57 19.98 15.32 17.00
C HIS F 57 19.06 16.46 16.54
N LEU F 58 18.87 17.51 17.36
CA LEU F 58 17.97 18.62 17.02
C LEU F 58 18.54 19.55 15.95
N LEU F 59 17.88 19.61 14.78
CA LEU F 59 18.17 20.54 13.71
C LEU F 59 17.20 21.73 13.81
N ASN F 60 17.72 22.95 13.97
CA ASN F 60 16.86 24.12 14.11
C ASN F 60 16.62 24.74 12.73
N GLN F 61 15.71 25.71 12.69
CA GLN F 61 15.23 26.31 11.45
C GLN F 61 16.35 26.80 10.54
N ARG F 62 17.49 27.20 11.11
CA ARG F 62 18.56 27.85 10.37
C ARG F 62 19.43 26.79 9.69
N THR F 63 19.59 25.66 10.39
CA THR F 63 20.20 24.49 9.79
C THR F 63 19.30 24.03 8.65
N GLY F 64 17.99 24.06 8.90
CA GLY F 64 17.02 23.77 7.86
C GLY F 64 17.37 24.53 6.59
N GLU F 65 17.44 25.86 6.75
CA GLU F 65 17.67 26.79 5.66
C GLU F 65 19.01 26.49 5.00
N ILE F 66 20.05 26.25 5.80
CA ILE F 66 21.38 26.07 5.22
C ILE F 66 21.39 24.80 4.36
N PHE F 67 20.66 23.79 4.83
CA PHE F 67 20.54 22.52 4.14
C PHE F 67 19.91 22.70 2.76
N ARG F 68 18.94 23.63 2.65
CA ARG F 68 18.28 23.92 1.38
C ARG F 68 19.24 24.64 0.43
N ASP F 69 20.12 25.49 0.97
CA ASP F 69 21.03 26.21 0.10
C ASP F 69 22.07 25.26 -0.49
N LEU F 70 22.48 24.26 0.32
CA LEU F 70 23.50 23.29 -0.04
C LEU F 70 22.84 22.16 -0.82
N GLY F 71 21.53 21.96 -0.59
CA GLY F 71 20.70 21.20 -1.51
C GLY F 71 20.67 19.73 -1.13
N ILE F 72 20.60 19.48 0.18
CA ILE F 72 20.45 18.17 0.77
C ILE F 72 19.27 18.20 1.72
N ALA F 73 18.33 19.13 1.49
CA ALA F 73 17.28 19.42 2.46
C ALA F 73 16.25 18.31 2.49
N ASP F 74 15.97 17.77 1.30
CA ASP F 74 14.97 16.73 1.07
C ASP F 74 15.46 15.41 1.66
N ARG F 75 16.68 15.05 1.24
CA ARG F 75 17.46 13.92 1.70
C ARG F 75 17.51 13.88 3.24
N VAL F 76 17.43 15.05 3.90
CA VAL F 76 17.53 15.20 5.35
C VAL F 76 16.14 15.15 5.99
N GLU F 77 15.14 15.66 5.26
CA GLU F 77 13.77 15.67 5.77
C GLU F 77 13.15 14.28 5.68
N ALA F 78 13.69 13.44 4.77
CA ALA F 78 13.21 12.08 4.52
C ALA F 78 13.38 11.20 5.77
N HIS F 79 14.60 11.21 6.33
CA HIS F 79 14.96 10.38 7.47
C HIS F 79 14.53 10.99 8.81
N ALA F 80 14.11 12.28 8.83
CA ALA F 80 14.05 13.07 10.05
C ALA F 80 12.71 12.93 10.78
N THR F 81 12.71 13.22 12.10
CA THR F 81 11.49 13.31 12.87
C THR F 81 10.87 14.68 12.60
N PRO F 82 9.59 14.76 12.18
CA PRO F 82 8.97 16.05 11.88
C PRO F 82 8.75 16.82 13.18
N GLY F 83 8.56 18.14 13.08
CA GLY F 83 8.64 19.02 14.24
C GLY F 83 7.41 18.98 15.12
N HIS F 84 6.35 18.28 14.69
CA HIS F 84 5.11 18.25 15.45
C HIS F 84 5.19 17.19 16.55
N LEU F 85 6.06 16.19 16.35
CA LEU F 85 6.25 15.11 17.32
C LEU F 85 7.39 15.49 18.26
N MET F 86 7.66 16.81 18.35
CA MET F 86 8.55 17.43 19.32
C MET F 86 7.79 18.57 20.01
N ALA F 87 6.54 18.30 20.36
CA ALA F 87 5.59 19.38 20.60
C ALA F 87 5.76 19.98 22.00
N ASN F 88 6.47 19.28 22.88
CA ASN F 88 6.43 19.61 24.30
C ASN F 88 7.80 19.46 24.94
N HIS F 89 7.93 20.11 26.12
CA HIS F 89 9.03 19.88 27.04
C HIS F 89 8.47 19.43 28.39
N VAL F 90 8.71 18.15 28.71
CA VAL F 90 8.04 17.40 29.76
C VAL F 90 9.00 17.22 30.93
N PHE F 91 8.53 17.63 32.14
CA PHE F 91 9.13 17.29 33.42
C PHE F 91 8.25 16.27 34.16
N MET F 92 8.84 15.16 34.63
CA MET F 92 8.05 14.08 35.18
C MET F 92 8.69 13.48 36.44
N SER F 93 8.06 12.42 36.97
CA SER F 93 8.66 11.55 37.97
C SER F 93 9.26 10.37 37.24
N THR F 94 8.56 9.23 37.19
CA THR F 94 8.91 8.22 36.21
C THR F 94 8.04 8.43 34.97
N PHE F 95 8.50 7.86 33.84
CA PHE F 95 7.80 7.83 32.56
C PHE F 95 6.41 7.15 32.64
N ALA F 96 6.23 6.17 33.54
CA ALA F 96 4.92 5.60 33.80
C ALA F 96 4.23 6.32 34.96
N GLY F 97 5.01 7.04 35.78
CA GLY F 97 4.47 7.72 36.96
C GLY F 97 3.83 9.05 36.62
N PRO F 98 3.43 9.86 37.64
CA PRO F 98 2.84 11.19 37.40
C PRO F 98 3.78 12.19 36.71
N GLU F 99 3.19 13.23 36.14
CA GLU F 99 3.92 14.29 35.47
C GLU F 99 3.92 15.55 36.35
N VAL F 100 4.96 16.39 36.18
CA VAL F 100 5.33 17.45 37.11
C VAL F 100 4.93 18.82 36.55
N ALA F 101 5.32 19.08 35.29
CA ALA F 101 4.98 20.28 34.52
C ALA F 101 5.43 20.13 33.08
N ARG F 102 4.93 21.01 32.20
CA ARG F 102 5.15 20.89 30.76
C ARG F 102 4.99 22.26 30.12
N ILE F 103 5.68 22.48 28.99
CA ILE F 103 5.49 23.64 28.15
C ILE F 103 5.57 23.20 26.69
N GLY F 104 5.07 24.08 25.80
CA GLY F 104 5.28 23.88 24.37
C GLY F 104 6.75 24.07 24.06
N ALA F 105 7.22 23.42 22.99
CA ALA F 105 8.62 23.41 22.64
C ALA F 105 8.76 23.57 21.13
N TYR F 106 9.84 24.26 20.72
CA TYR F 106 10.26 24.36 19.34
C TYR F 106 9.15 24.99 18.48
N GLY F 107 8.44 25.94 19.10
CA GLY F 107 7.40 26.73 18.47
C GLY F 107 6.11 25.97 18.14
N ASN F 108 5.76 24.95 18.93
CA ASN F 108 4.55 24.17 18.70
C ASN F 108 3.44 24.73 19.59
N GLY F 109 3.83 25.51 20.58
CA GLY F 109 2.84 26.08 21.47
C GLY F 109 2.06 27.20 20.78
N PRO F 110 0.73 27.32 21.01
CA PRO F 110 -0.09 28.32 20.33
C PRO F 110 0.47 29.75 20.32
N ASP F 111 1.14 30.16 21.39
CA ASP F 111 1.51 31.57 21.44
C ASP F 111 2.83 31.85 20.70
N ARG F 112 3.49 30.81 20.15
CA ARG F 112 4.76 30.98 19.46
C ARG F 112 4.69 30.54 17.99
N ILE F 113 3.73 29.65 17.65
CA ILE F 113 3.69 28.93 16.39
C ILE F 113 3.59 29.91 15.22
N GLY F 114 2.85 30.99 15.44
CA GLY F 114 2.79 32.05 14.44
C GLY F 114 4.19 32.54 14.07
N GLU F 115 4.99 32.80 15.10
CA GLU F 115 6.29 33.45 14.93
C GLU F 115 7.25 32.47 14.26
N TYR F 116 7.07 31.17 14.54
CA TYR F 116 7.98 30.15 14.04
C TYR F 116 7.73 29.91 12.55
N ARG F 117 6.46 30.05 12.12
CA ARG F 117 6.09 29.76 10.74
C ARG F 117 6.46 30.96 9.86
N ALA F 118 6.24 32.16 10.40
CA ALA F 118 6.53 33.41 9.71
C ALA F 118 8.02 33.58 9.48
N ALA F 119 8.83 32.97 10.35
CA ALA F 119 10.25 33.27 10.52
C ALA F 119 11.12 32.58 9.47
N SER F 120 10.70 31.37 9.03
CA SER F 120 11.57 30.59 8.16
C SER F 120 10.73 29.79 7.18
N PRO F 121 11.26 29.43 5.99
CA PRO F 121 10.66 28.37 5.17
C PRO F 121 10.78 26.99 5.80
N SER F 122 11.84 26.78 6.58
CA SER F 122 12.18 25.51 7.18
C SER F 122 11.54 25.42 8.57
N GLY F 123 11.33 24.20 9.07
CA GLY F 123 10.89 23.95 10.44
C GLY F 123 12.02 23.28 11.23
N LEU F 124 11.72 22.88 12.47
CA LEU F 124 12.66 22.12 13.29
C LEU F 124 12.36 20.62 13.15
N CYS F 125 13.42 19.81 13.07
CA CYS F 125 13.28 18.36 12.95
C CYS F 125 14.41 17.64 13.70
N ASN F 126 14.34 16.29 13.75
CA ASN F 126 15.28 15.49 14.54
C ASN F 126 15.99 14.45 13.67
N LEU F 127 17.33 14.55 13.59
CA LEU F 127 18.12 13.60 12.83
C LEU F 127 19.45 13.37 13.55
N PRO F 128 19.68 12.17 14.11
CA PRO F 128 20.90 11.88 14.86
C PRO F 128 22.15 11.82 14.01
N GLN F 129 23.27 12.30 14.56
CA GLN F 129 24.55 12.47 13.88
C GLN F 129 24.96 11.27 13.01
N HIS F 130 24.61 10.05 13.44
CA HIS F 130 25.02 8.81 12.78
C HIS F 130 24.28 8.60 11.46
N LEU F 131 23.14 9.30 11.30
CA LEU F 131 22.34 9.27 10.09
C LEU F 131 22.71 10.43 9.19
N LEU F 132 22.80 11.62 9.80
CA LEU F 132 23.21 12.82 9.10
C LEU F 132 24.56 12.58 8.44
N GLU F 133 25.63 12.52 9.23
CA GLU F 133 27.00 12.43 8.73
C GLU F 133 27.07 11.71 7.38
N PRO F 134 26.56 10.46 7.25
CA PRO F 134 26.50 9.77 5.96
C PRO F 134 25.95 10.59 4.78
N LEU F 135 24.83 11.27 5.02
CA LEU F 135 24.17 12.04 3.98
C LEU F 135 25.11 13.13 3.49
N LEU F 136 25.80 13.79 4.41
CA LEU F 136 26.82 14.78 4.05
C LEU F 136 27.91 14.18 3.16
N VAL F 137 28.41 12.98 3.57
CA VAL F 137 29.43 12.22 2.86
C VAL F 137 28.95 11.96 1.43
N GLU F 138 27.75 11.37 1.30
CA GLU F 138 27.12 11.01 0.05
C GLU F 138 27.16 12.17 -0.95
N ALA F 139 26.58 13.30 -0.51
CA ALA F 139 26.57 14.56 -1.22
C ALA F 139 27.98 14.91 -1.69
N VAL F 140 28.97 14.81 -0.80
CA VAL F 140 30.33 15.19 -1.17
C VAL F 140 30.92 14.27 -2.26
N GLN F 141 30.73 12.94 -2.11
CA GLN F 141 31.25 11.96 -3.08
C GLN F 141 30.46 12.01 -4.40
N GLU F 142 29.27 12.62 -4.40
CA GLU F 142 28.53 12.81 -5.64
C GLU F 142 29.05 14.03 -6.41
N ALA F 143 29.40 15.09 -5.68
CA ALA F 143 29.88 16.34 -6.26
C ALA F 143 31.26 16.15 -6.89
N CYS F 144 32.13 15.37 -6.25
CA CYS F 144 33.40 14.97 -6.81
C CYS F 144 34.28 16.18 -7.10
N VAL F 145 34.44 17.05 -6.09
CA VAL F 145 35.20 18.28 -6.29
C VAL F 145 36.43 18.30 -5.39
N GLY F 146 36.33 17.59 -4.26
CA GLY F 146 37.35 17.44 -3.24
C GLY F 146 37.31 16.02 -2.67
N GLN F 147 38.17 15.72 -1.68
CA GLN F 147 38.49 14.34 -1.38
C GLN F 147 38.44 14.06 0.13
N LEU F 148 37.82 12.93 0.48
CA LEU F 148 37.59 12.48 1.86
C LEU F 148 38.47 11.27 2.19
N ARG F 149 39.48 11.50 3.03
CA ARG F 149 40.35 10.45 3.51
C ARG F 149 40.05 10.17 4.98
N PHE F 150 39.29 9.09 5.23
CA PHE F 150 39.08 8.55 6.56
C PHE F 150 40.27 7.64 6.92
N GLY F 151 40.62 7.61 8.21
CA GLY F 151 41.82 6.91 8.65
C GLY F 151 43.12 7.67 8.39
N HIS F 152 43.02 9.00 8.32
CA HIS F 152 44.18 9.87 8.18
C HIS F 152 44.20 10.86 9.35
N GLU F 153 45.30 10.86 10.09
CA GLU F 153 45.38 11.65 11.31
C GLU F 153 46.29 12.86 11.08
N PHE F 154 45.71 14.05 11.23
CA PHE F 154 46.51 15.26 11.28
C PHE F 154 47.52 15.15 12.42
N VAL F 155 48.77 15.58 12.16
CA VAL F 155 49.74 15.66 13.24
C VAL F 155 50.07 17.11 13.58
N SER F 156 50.61 17.85 12.61
CA SER F 156 51.14 19.19 12.82
C SER F 156 51.04 20.06 11.55
N LEU F 157 51.28 21.37 11.72
CA LEU F 157 51.35 22.32 10.62
C LEU F 157 52.46 23.35 10.85
N GLU F 158 52.89 23.98 9.76
CA GLU F 158 53.59 25.25 9.76
C GLU F 158 52.89 26.13 8.73
N GLN F 159 52.98 27.46 8.90
CA GLN F 159 52.42 28.39 7.93
C GLN F 159 53.41 29.52 7.67
N ASP F 160 53.13 30.30 6.61
CA ASP F 160 53.90 31.48 6.25
C ASP F 160 52.98 32.43 5.48
N GLU F 161 53.58 33.47 4.89
CA GLU F 161 52.82 34.44 4.08
C GLU F 161 52.09 33.74 2.93
N HIS F 162 52.59 32.57 2.47
CA HIS F 162 52.15 32.01 1.19
C HIS F 162 51.35 30.72 1.34
N GLY F 163 51.32 30.12 2.54
CA GLY F 163 50.51 28.94 2.70
C GLY F 163 50.77 28.15 3.97
N VAL F 164 50.07 27.00 4.09
CA VAL F 164 50.21 26.13 5.25
C VAL F 164 50.68 24.76 4.75
N THR F 165 51.54 24.15 5.57
CA THR F 165 52.14 22.85 5.36
C THR F 165 51.71 21.97 6.52
N SER F 166 51.11 20.81 6.19
CA SER F 166 50.44 19.98 7.19
C SER F 166 50.91 18.53 7.09
N ARG F 167 51.41 17.99 8.21
CA ARG F 167 51.91 16.63 8.32
C ARG F 167 50.75 15.70 8.69
N ILE F 168 50.59 14.63 7.91
CA ILE F 168 49.49 13.69 8.05
C ILE F 168 50.02 12.28 8.23
N THR F 169 49.25 11.47 8.98
CA THR F 169 49.44 10.02 9.08
C THR F 169 48.31 9.31 8.32
N ASP F 170 48.68 8.29 7.52
CA ASP F 170 47.75 7.25 7.14
C ASP F 170 47.86 6.14 8.18
N ARG F 171 46.78 5.96 8.95
CA ARG F 171 46.77 5.10 10.13
C ARG F 171 46.74 3.61 9.76
N ARG F 172 46.49 3.29 8.48
CA ARG F 172 46.46 1.91 8.03
C ARG F 172 47.88 1.44 7.67
N THR F 173 48.58 2.25 6.85
CA THR F 173 49.87 1.93 6.28
C THR F 173 50.99 2.39 7.22
N GLY F 174 50.67 3.34 8.11
CA GLY F 174 51.62 3.88 9.07
C GLY F 174 52.47 5.03 8.50
N ARG F 175 52.46 5.20 7.17
CA ARG F 175 53.31 6.17 6.47
C ARG F 175 52.80 7.58 6.72
N ASP F 176 53.75 8.53 6.82
CA ASP F 176 53.52 9.97 6.92
C ASP F 176 53.74 10.62 5.55
N TYR F 177 52.86 11.58 5.23
CA TYR F 177 52.97 12.44 4.06
C TYR F 177 52.70 13.89 4.49
N THR F 178 52.81 14.83 3.55
CA THR F 178 52.73 16.25 3.89
C THR F 178 51.80 16.97 2.91
N VAL F 179 50.87 17.78 3.45
CA VAL F 179 50.04 18.59 2.57
C VAL F 179 50.46 20.05 2.68
N ARG F 180 50.51 20.68 1.50
CA ARG F 180 50.67 22.10 1.30
C ARG F 180 49.33 22.65 0.82
N SER F 181 48.73 23.52 1.66
CA SER F 181 47.47 24.18 1.34
C SER F 181 47.70 25.69 1.30
N ASP F 182 46.73 26.42 0.71
CA ASP F 182 46.65 27.87 0.82
C ASP F 182 46.06 28.22 2.19
N TYR F 183 44.97 27.49 2.54
CA TYR F 183 44.18 27.69 3.76
C TYR F 183 43.85 26.33 4.40
N LEU F 184 43.60 26.30 5.72
CA LEU F 184 43.33 25.06 6.44
C LEU F 184 42.17 25.19 7.43
N ILE F 185 41.23 24.23 7.38
CA ILE F 185 39.99 24.23 8.17
C ILE F 185 40.08 23.30 9.37
N GLY F 186 40.25 23.89 10.57
CA GLY F 186 40.32 23.16 11.83
C GLY F 186 38.93 22.78 12.33
N ALA F 187 38.49 21.56 11.97
CA ALA F 187 37.16 21.01 12.20
C ALA F 187 37.22 19.69 12.98
N ASP F 188 38.22 19.58 13.88
CA ASP F 188 38.66 18.31 14.45
C ASP F 188 38.00 18.03 15.80
N GLY F 189 36.98 18.81 16.16
CA GLY F 189 36.14 18.45 17.31
C GLY F 189 36.73 18.95 18.62
N ALA F 190 36.12 18.51 19.73
CA ALA F 190 36.56 18.83 21.08
C ALA F 190 38.05 18.53 21.20
N ARG F 191 38.78 19.37 21.97
CA ARG F 191 40.23 19.22 22.07
C ARG F 191 40.80 19.20 20.65
N SER F 192 40.90 20.40 20.06
CA SER F 192 41.29 20.62 18.69
C SER F 192 42.81 20.49 18.57
N ARG F 193 43.28 19.54 17.77
CA ARG F 193 44.71 19.46 17.54
C ARG F 193 45.18 20.77 16.90
N VAL F 194 44.46 21.20 15.86
CA VAL F 194 44.80 22.35 15.05
C VAL F 194 44.90 23.63 15.90
N LEU F 195 43.95 23.80 16.82
CA LEU F 195 43.87 24.99 17.65
C LEU F 195 44.96 24.97 18.73
N ALA F 196 45.43 23.76 19.06
CA ALA F 196 46.63 23.60 19.87
C ALA F 196 47.79 24.19 19.08
N GLN F 197 48.02 23.62 17.89
CA GLN F 197 49.11 24.00 17.00
C GLN F 197 49.24 25.52 16.90
N LEU F 198 48.11 26.23 16.90
CA LEU F 198 48.09 27.68 16.66
C LEU F 198 48.44 28.46 17.93
N GLY F 199 48.34 27.82 19.10
CA GLY F 199 48.73 28.42 20.36
C GLY F 199 47.57 29.17 21.01
N ILE F 200 46.34 28.79 20.61
CA ILE F 200 45.12 29.44 21.08
C ILE F 200 44.44 28.50 22.07
N ALA F 201 44.42 28.96 23.33
CA ALA F 201 43.85 28.25 24.46
C ALA F 201 42.41 28.70 24.68
N LEU F 202 41.49 27.73 24.84
CA LEU F 202 40.08 28.00 25.10
C LEU F 202 39.92 28.70 26.45
N ASP F 203 38.99 29.67 26.52
CA ASP F 203 38.50 30.23 27.77
C ASP F 203 37.32 29.39 28.27
N GLY F 204 37.30 29.11 29.58
CA GLY F 204 36.20 28.36 30.16
C GLY F 204 36.67 27.24 31.08
N ALA F 205 36.09 26.04 30.89
CA ALA F 205 36.23 24.95 31.84
C ALA F 205 35.95 23.62 31.15
N THR F 206 36.74 22.60 31.51
CA THR F 206 36.53 21.23 31.05
C THR F 206 35.95 20.39 32.18
N GLY F 207 35.17 19.37 31.81
CA GLY F 207 34.64 18.37 32.74
C GLY F 207 33.84 18.95 33.90
N ILE F 208 33.00 19.97 33.65
CA ILE F 208 32.19 20.59 34.68
C ILE F 208 31.21 19.57 35.29
N ALA F 209 30.81 18.57 34.50
CA ALA F 209 30.06 17.42 35.00
C ALA F 209 30.26 16.24 34.05
N ARG F 210 29.79 15.06 34.48
CA ARG F 210 29.93 13.81 33.75
C ARG F 210 28.53 13.24 33.46
N ALA F 211 28.41 12.50 32.36
CA ALA F 211 27.11 12.02 31.91
C ALA F 211 27.21 10.63 31.28
N VAL F 212 26.08 9.92 31.25
CA VAL F 212 26.05 8.59 30.66
C VAL F 212 24.84 8.51 29.72
N THR F 213 25.13 8.45 28.42
CA THR F 213 24.13 8.37 27.37
C THR F 213 23.92 6.90 27.01
N THR F 214 22.67 6.44 27.08
CA THR F 214 22.34 5.07 26.69
C THR F 214 21.36 5.04 25.51
N TRP F 215 21.94 4.84 24.31
CA TRP F 215 21.15 4.60 23.11
C TRP F 215 20.54 3.20 23.21
N PHE F 216 19.20 3.16 23.28
CA PHE F 216 18.46 1.93 23.54
C PHE F 216 17.10 1.93 22.86
N GLU F 217 16.64 0.73 22.48
CA GLU F 217 15.32 0.51 21.89
C GLU F 217 14.38 -0.04 22.96
N ALA F 218 13.11 0.41 22.95
CA ALA F 218 12.09 0.03 23.93
C ALA F 218 10.78 0.75 23.62
N ASP F 219 9.67 -0.02 23.49
CA ASP F 219 8.37 0.53 23.12
C ASP F 219 7.71 1.24 24.31
N LEU F 220 7.91 2.56 24.41
CA LEU F 220 7.39 3.34 25.52
C LEU F 220 6.19 4.20 25.08
N SER F 221 5.63 3.87 23.91
CA SER F 221 4.59 4.64 23.24
C SER F 221 3.39 4.89 24.15
N ARG F 222 3.17 3.97 25.09
CA ARG F 222 2.12 4.09 26.08
C ARG F 222 2.36 5.32 26.97
N TYR F 223 3.61 5.82 26.98
CA TYR F 223 4.03 6.78 27.99
C TYR F 223 4.42 8.10 27.34
N SER F 224 4.39 8.14 26.00
CA SER F 224 5.03 9.23 25.29
C SER F 224 4.17 9.77 24.15
N ALA F 225 3.30 8.91 23.58
CA ALA F 225 2.54 9.27 22.39
C ALA F 225 1.53 10.37 22.70
N HIS F 226 1.00 10.36 23.94
CA HIS F 226 -0.08 11.23 24.35
C HIS F 226 0.44 12.58 24.85
N ARG F 227 1.75 12.79 24.78
CA ARG F 227 2.37 14.06 25.17
C ARG F 227 3.70 14.20 24.43
N PRO F 228 3.71 14.35 23.09
CA PRO F 228 4.92 14.11 22.31
C PRO F 228 5.93 15.19 22.67
N ALA F 229 7.21 14.79 22.70
CA ALA F 229 8.29 15.63 23.20
C ALA F 229 9.60 15.07 22.66
N LEU F 230 10.59 15.96 22.57
CA LEU F 230 11.93 15.46 22.34
C LEU F 230 12.46 15.00 23.69
N LEU F 231 12.17 15.81 24.73
CA LEU F 231 12.88 15.79 25.99
C LEU F 231 11.93 15.51 27.13
N TYR F 232 12.03 14.32 27.72
CA TYR F 232 11.34 13.99 28.96
C TYR F 232 12.35 13.99 30.11
N MET F 233 12.10 14.83 31.13
CA MET F 233 13.04 15.01 32.22
C MET F 233 12.41 14.58 33.53
N GLY F 234 12.85 13.42 34.03
CA GLY F 234 12.28 12.80 35.22
C GLY F 234 13.16 12.93 36.46
N ALA F 235 12.49 12.93 37.62
CA ALA F 235 13.11 12.65 38.91
C ALA F 235 12.46 11.39 39.46
N VAL F 236 13.25 10.30 39.61
CA VAL F 236 12.84 9.10 40.32
C VAL F 236 12.73 9.47 41.80
N PRO F 237 11.53 9.32 42.44
CA PRO F 237 11.35 9.65 43.86
C PRO F 237 12.26 8.85 44.80
N GLY F 238 12.97 9.58 45.66
CA GLY F 238 13.97 9.02 46.54
C GLY F 238 15.39 9.34 46.06
N SER F 239 15.48 10.37 45.20
CA SER F 239 16.73 10.77 44.59
C SER F 239 16.99 12.26 44.79
N PRO F 240 18.27 12.69 44.93
CA PRO F 240 18.60 14.11 45.01
C PRO F 240 18.51 14.86 43.68
N PRO F 241 18.26 16.20 43.70
CA PRO F 241 17.93 16.97 42.49
C PRO F 241 18.78 16.69 41.25
N ALA F 242 20.09 16.51 41.48
CA ALA F 242 21.09 16.38 40.43
C ALA F 242 20.99 15.02 39.74
N ASP F 243 20.28 14.08 40.36
CA ASP F 243 20.13 12.75 39.80
C ASP F 243 18.95 12.73 38.83
N GLY F 244 18.85 13.78 38.00
CA GLY F 244 17.87 13.84 36.93
C GLY F 244 18.14 12.78 35.86
N ARG F 245 17.10 12.00 35.55
CA ARG F 245 17.09 11.20 34.34
C ARG F 245 16.56 12.09 33.20
N VAL F 246 17.05 11.83 31.98
CA VAL F 246 16.60 12.55 30.81
C VAL F 246 16.43 11.54 29.69
N PHE F 247 15.19 11.41 29.22
CA PHE F 247 14.90 10.64 28.03
C PHE F 247 14.81 11.60 26.86
N VAL F 248 15.40 11.18 25.73
CA VAL F 248 15.32 11.90 24.46
C VAL F 248 14.70 10.95 23.44
N SER F 249 13.71 11.45 22.67
CA SER F 249 13.11 10.68 21.60
C SER F 249 13.98 10.71 20.35
N LEU F 250 14.26 9.55 19.77
CA LEU F 250 15.06 9.48 18.54
C LEU F 250 14.21 8.96 17.38
N ARG F 251 13.62 7.77 17.55
CA ARG F 251 12.64 7.26 16.62
C ARG F 251 11.35 7.03 17.40
N PRO F 252 10.38 7.98 17.39
CA PRO F 252 9.19 7.86 18.22
C PRO F 252 8.46 6.56 17.88
N TRP F 253 8.14 5.73 18.89
CA TRP F 253 8.53 5.86 20.28
C TRP F 253 9.24 4.57 20.72
N THR F 254 10.05 4.01 19.80
CA THR F 254 10.71 2.72 19.96
C THR F 254 12.21 2.88 20.19
N GLU F 255 12.81 3.97 19.69
CA GLU F 255 14.23 4.27 19.86
C GLU F 255 14.39 5.52 20.74
N TRP F 256 15.50 5.56 21.52
CA TRP F 256 15.69 6.51 22.62
C TRP F 256 17.16 6.70 22.99
N LEU F 257 17.44 7.85 23.63
CA LEU F 257 18.60 8.10 24.45
C LEU F 257 18.11 8.20 25.89
N HIS F 258 18.88 7.63 26.83
CA HIS F 258 18.73 7.88 28.26
C HIS F 258 20.03 8.46 28.81
N LEU F 259 19.92 9.59 29.52
CA LEU F 259 21.06 10.29 30.11
C LEU F 259 20.91 10.34 31.64
N THR F 260 21.94 9.88 32.37
CA THR F 260 22.10 10.17 33.79
C THR F 260 23.34 11.04 33.99
N PHE F 261 23.47 11.61 35.20
CA PHE F 261 24.57 12.51 35.53
C PHE F 261 25.25 12.06 36.82
N PRO F 262 26.16 11.04 36.75
CA PRO F 262 26.71 10.41 37.95
C PRO F 262 27.54 11.39 38.79
N PRO F 263 27.33 11.39 40.13
CA PRO F 263 28.03 12.30 41.03
C PRO F 263 29.54 12.08 41.02
N PRO F 264 30.34 12.99 41.64
CA PRO F 264 31.81 12.92 41.58
C PRO F 264 32.36 11.61 42.14
N THR F 265 31.62 11.02 43.10
CA THR F 265 31.84 9.68 43.63
C THR F 265 31.77 8.66 42.48
N ALA F 266 30.79 7.75 42.54
CA ALA F 266 30.30 6.88 41.46
C ALA F 266 31.39 6.35 40.52
N ASP F 267 31.58 5.03 40.55
CA ASP F 267 32.45 4.31 39.64
C ASP F 267 31.60 3.84 38.45
N VAL F 268 31.84 4.42 37.26
CA VAL F 268 30.99 4.25 36.09
C VAL F 268 31.53 3.12 35.20
N ASP F 269 30.63 2.22 34.75
CA ASP F 269 31.03 1.13 33.87
C ASP F 269 30.18 1.11 32.60
N VAL F 270 30.75 1.68 31.53
CA VAL F 270 30.21 1.66 30.17
C VAL F 270 29.71 0.24 29.88
N GLU F 271 30.58 -0.75 30.14
CA GLU F 271 30.46 -2.11 29.64
C GLU F 271 29.35 -2.88 30.36
N ASP F 272 28.95 -2.41 31.55
CA ASP F 272 28.02 -3.13 32.41
C ASP F 272 26.59 -2.96 31.90
N HIS F 273 26.21 -3.79 30.91
CA HIS F 273 24.97 -3.65 30.16
C HIS F 273 23.76 -4.14 30.97
N GLU F 274 23.98 -4.51 32.23
CA GLU F 274 22.92 -5.01 33.08
C GLU F 274 22.58 -3.97 34.15
N ALA F 275 23.60 -3.25 34.64
CA ALA F 275 23.40 -2.20 35.62
C ALA F 275 22.66 -1.02 34.97
N VAL F 276 23.10 -0.67 33.76
CA VAL F 276 22.52 0.41 32.96
C VAL F 276 21.07 0.03 32.63
N ARG F 277 20.84 -1.26 32.40
CA ARG F 277 19.54 -1.81 32.03
C ARG F 277 18.57 -1.69 33.20
N ALA F 278 19.13 -1.66 34.42
CA ALA F 278 18.36 -1.62 35.64
C ALA F 278 18.02 -0.17 35.99
N GLY F 279 18.97 0.73 35.72
CA GLY F 279 18.75 2.16 35.92
C GLY F 279 17.59 2.68 35.06
N ILE F 280 17.59 2.29 33.79
CA ILE F 280 16.58 2.66 32.81
C ILE F 280 15.20 2.20 33.27
N ARG F 281 15.08 0.91 33.66
CA ARG F 281 13.81 0.35 34.12
C ARG F 281 13.31 1.08 35.36
N GLU F 282 14.24 1.61 36.18
CA GLU F 282 13.90 2.39 37.36
C GLU F 282 13.33 3.74 36.93
N SER F 283 14.00 4.36 35.95
CA SER F 283 13.65 5.68 35.45
C SER F 283 12.26 5.67 34.80
N ILE F 284 12.03 4.66 33.96
CA ILE F 284 10.73 4.37 33.37
C ILE F 284 9.73 4.16 34.51
N GLY F 285 10.02 3.19 35.38
CA GLY F 285 9.18 2.88 36.53
C GLY F 285 8.22 1.73 36.24
N ASP F 286 8.63 0.84 35.34
CA ASP F 286 7.77 -0.24 34.87
C ASP F 286 8.65 -1.44 34.54
N PRO F 287 8.81 -2.36 35.50
CA PRO F 287 9.82 -3.42 35.41
C PRO F 287 9.59 -4.46 34.30
N THR F 288 8.44 -4.36 33.62
CA THR F 288 8.07 -5.31 32.58
C THR F 288 8.51 -4.81 31.20
N VAL F 289 9.24 -3.68 31.15
CA VAL F 289 9.59 -3.06 29.88
C VAL F 289 10.92 -3.59 29.36
N ASP F 290 10.87 -4.23 28.18
CA ASP F 290 12.02 -4.73 27.42
C ASP F 290 12.90 -3.56 27.01
N VAL F 291 14.22 -3.66 27.27
CA VAL F 291 15.18 -2.58 27.03
C VAL F 291 16.44 -3.12 26.35
N THR F 292 16.57 -2.92 25.04
CA THR F 292 17.70 -3.42 24.26
C THR F 292 18.77 -2.32 24.10
N ILE F 293 19.80 -2.35 24.95
CA ILE F 293 20.94 -1.46 24.81
C ILE F 293 21.58 -1.62 23.43
N LYS F 294 22.01 -0.49 22.84
CA LYS F 294 22.69 -0.48 21.56
C LYS F 294 24.07 0.17 21.69
N ASN F 295 24.20 1.06 22.68
CA ASN F 295 25.47 1.67 23.04
C ASN F 295 25.27 2.33 24.40
N VAL F 296 26.36 2.44 25.17
CA VAL F 296 26.47 3.24 26.37
C VAL F 296 27.78 4.00 26.26
N SER F 297 27.75 5.30 26.59
CA SER F 297 28.93 6.15 26.48
C SER F 297 29.06 7.03 27.72
N ALA F 298 30.25 7.01 28.31
CA ALA F 298 30.61 8.06 29.24
C ALA F 298 31.04 9.26 28.42
N TRP F 299 30.86 10.47 28.97
CA TRP F 299 31.44 11.67 28.37
C TRP F 299 31.43 12.83 29.35
N GLU F 300 32.24 13.86 29.07
CA GLU F 300 32.38 14.97 29.97
C GLU F 300 31.82 16.24 29.34
N VAL F 301 30.84 16.84 30.03
CA VAL F 301 30.25 18.12 29.66
C VAL F 301 31.29 19.20 29.89
N ASN F 302 31.57 19.98 28.82
CA ASN F 302 32.50 21.09 28.84
C ASN F 302 31.72 22.40 28.67
N SER F 303 32.43 23.54 28.81
CA SER F 303 31.82 24.87 28.71
C SER F 303 32.85 25.93 28.35
N ALA F 304 33.37 25.84 27.11
CA ALA F 304 34.46 26.71 26.68
C ALA F 304 34.32 27.17 25.23
N VAL F 305 34.97 28.30 24.93
CA VAL F 305 35.02 28.93 23.61
C VAL F 305 36.39 29.56 23.36
N ALA F 306 36.98 29.28 22.19
CA ALA F 306 38.23 29.87 21.77
C ALA F 306 38.12 31.39 21.63
N PRO F 307 39.10 32.19 22.13
CA PRO F 307 39.05 33.65 22.03
C PRO F 307 39.45 34.13 20.65
N ARG F 308 40.04 33.20 19.88
CA ARG F 308 40.37 33.39 18.48
C ARG F 308 40.02 32.10 17.73
N TYR F 309 39.48 32.28 16.51
CA TYR F 309 38.97 31.19 15.69
C TYR F 309 39.93 30.87 14.54
N ALA F 310 40.85 31.83 14.31
CA ALA F 310 41.76 31.83 13.18
C ALA F 310 43.08 32.49 13.56
N SER F 311 44.15 32.04 12.90
CA SER F 311 45.49 32.61 13.00
C SER F 311 46.21 32.41 11.67
N GLY F 312 46.41 33.52 10.93
CA GLY F 312 47.06 33.52 9.63
C GLY F 312 46.17 33.00 8.49
N ARG F 313 46.33 31.71 8.18
CA ARG F 313 45.69 31.07 7.04
C ARG F 313 45.03 29.78 7.53
N VAL F 314 44.86 29.69 8.86
CA VAL F 314 44.25 28.55 9.52
C VAL F 314 42.99 28.98 10.30
N PHE F 315 41.86 28.28 10.03
CA PHE F 315 40.50 28.63 10.50
C PHE F 315 39.78 27.45 11.15
N CYS F 316 39.25 27.65 12.37
CA CYS F 316 38.63 26.55 13.11
C CYS F 316 37.11 26.70 13.24
N VAL F 317 36.40 25.57 13.09
CA VAL F 317 34.94 25.53 13.09
C VAL F 317 34.43 24.41 14.00
N GLY F 318 33.17 24.55 14.45
CA GLY F 318 32.49 23.55 15.25
C GLY F 318 33.04 23.45 16.67
N ASP F 319 32.99 22.23 17.22
CA ASP F 319 33.44 21.95 18.58
C ASP F 319 34.87 22.40 18.82
N ALA F 320 35.67 22.48 17.75
CA ALA F 320 37.04 22.90 17.93
C ALA F 320 37.09 24.26 18.63
N VAL F 321 36.01 25.05 18.48
CA VAL F 321 36.06 26.44 18.91
C VAL F 321 34.98 26.77 19.94
N HIS F 322 33.98 25.89 20.10
CA HIS F 322 32.95 26.07 21.12
C HIS F 322 32.44 24.72 21.62
N GLN F 323 32.46 24.55 22.95
CA GLN F 323 31.95 23.33 23.56
C GLN F 323 30.98 23.76 24.64
N ASN F 324 29.88 23.02 24.79
CA ASN F 324 28.87 23.37 25.79
C ASN F 324 27.97 22.17 26.09
N PRO F 325 27.18 22.22 27.18
CA PRO F 325 26.22 21.15 27.47
C PRO F 325 25.17 21.13 26.35
N PRO F 326 24.51 19.99 26.09
CA PRO F 326 23.61 19.88 24.94
C PRO F 326 22.29 20.66 25.05
N THR F 327 22.13 21.45 26.12
CA THR F 327 20.96 22.28 26.27
C THR F 327 20.90 23.33 25.16
N ASN F 328 19.73 23.41 24.53
CA ASN F 328 19.38 24.37 23.50
C ASN F 328 19.66 23.77 22.13
N GLY F 329 20.43 22.68 22.14
CA GLY F 329 20.90 21.99 20.95
C GLY F 329 21.51 22.97 19.95
N LEU F 330 22.54 23.71 20.37
CA LEU F 330 23.11 24.73 19.51
C LEU F 330 24.40 24.27 18.83
N GLY F 331 25.01 23.20 19.36
CA GLY F 331 26.37 22.83 18.98
C GLY F 331 26.48 22.44 17.51
N LEU F 332 25.64 21.48 17.11
CA LEU F 332 25.60 20.99 15.75
C LEU F 332 25.19 22.12 14.81
N ASN F 333 24.08 22.78 15.17
CA ASN F 333 23.52 23.87 14.40
C ASN F 333 24.57 24.94 14.15
N SER F 334 25.26 25.36 15.22
CA SER F 334 26.25 26.43 15.14
C SER F 334 27.44 26.00 14.31
N ALA F 335 27.74 24.70 14.33
CA ALA F 335 28.88 24.17 13.60
C ALA F 335 28.59 24.23 12.11
N VAL F 336 27.36 23.86 11.74
CA VAL F 336 26.93 23.97 10.35
C VAL F 336 27.10 25.40 9.87
N ALA F 337 26.58 26.36 10.65
CA ALA F 337 26.55 27.76 10.29
C ALA F 337 27.96 28.34 10.22
N ASP F 338 28.84 27.88 11.13
CA ASP F 338 30.25 28.26 11.11
C ASP F 338 30.79 27.96 9.71
N SER F 339 30.65 26.68 9.29
CA SER F 339 31.25 26.20 8.04
C SER F 339 30.72 27.00 6.86
N PHE F 340 29.42 27.28 6.89
CA PHE F 340 28.69 28.00 5.86
C PHE F 340 29.05 29.49 5.87
N ASN F 341 29.41 30.04 7.03
CA ASN F 341 29.90 31.41 7.04
C ASN F 341 31.18 31.52 6.20
N LEU F 342 32.00 30.47 6.27
CA LEU F 342 33.42 30.54 5.95
C LEU F 342 33.67 30.19 4.49
N CYS F 343 32.96 29.17 3.99
CA CYS F 343 33.42 28.58 2.74
C CYS F 343 33.40 29.60 1.61
N TRP F 344 32.24 30.24 1.41
CA TRP F 344 32.07 31.24 0.36
C TRP F 344 33.17 32.29 0.43
N LYS F 345 33.80 32.43 1.60
CA LYS F 345 34.82 33.47 1.79
C LYS F 345 36.17 32.99 1.25
N LEU F 346 36.43 31.69 1.43
CA LEU F 346 37.62 31.05 0.89
C LEU F 346 37.60 31.14 -0.64
N LYS F 347 36.50 30.67 -1.25
CA LYS F 347 36.33 30.73 -2.69
C LYS F 347 36.78 32.09 -3.26
N LEU F 348 36.38 33.19 -2.62
CA LEU F 348 36.61 34.49 -3.23
C LEU F 348 38.03 35.00 -2.93
N ALA F 349 38.75 34.32 -2.03
CA ALA F 349 40.14 34.64 -1.77
C ALA F 349 41.02 33.82 -2.70
N LEU F 350 40.59 32.56 -2.91
CA LEU F 350 41.23 31.60 -3.80
C LEU F 350 41.27 32.13 -5.23
N GLU F 351 40.28 32.95 -5.63
CA GLU F 351 40.22 33.46 -6.98
C GLU F 351 40.70 34.91 -7.03
N GLY F 352 41.43 35.33 -6.00
CA GLY F 352 42.06 36.65 -5.93
C GLY F 352 41.04 37.80 -6.04
N LEU F 353 39.81 37.55 -5.58
CA LEU F 353 38.68 38.46 -5.65
C LEU F 353 38.47 39.16 -4.30
N ALA F 354 39.09 38.61 -3.26
CA ALA F 354 39.02 39.18 -1.91
C ALA F 354 40.35 38.98 -1.18
N GLY F 355 40.75 40.01 -0.40
CA GLY F 355 41.98 40.01 0.38
C GLY F 355 41.94 39.03 1.56
N PRO F 356 42.92 39.06 2.49
CA PRO F 356 42.83 38.26 3.71
C PRO F 356 41.90 38.92 4.72
N GLY F 357 41.57 40.20 4.46
CA GLY F 357 40.62 40.98 5.24
C GLY F 357 39.22 40.37 5.27
N LEU F 358 38.86 39.65 4.18
CA LEU F 358 37.59 38.96 4.08
C LEU F 358 37.61 37.68 4.91
N LEU F 359 38.80 37.11 5.11
CA LEU F 359 38.89 35.88 5.88
C LEU F 359 39.00 36.19 7.38
N ASP F 360 39.42 37.41 7.70
CA ASP F 360 39.40 37.92 9.06
C ASP F 360 37.95 37.99 9.55
N THR F 361 36.98 38.16 8.64
CA THR F 361 35.60 38.40 9.01
C THR F 361 34.92 37.11 9.44
N TYR F 362 35.58 35.96 9.21
CA TYR F 362 35.02 34.74 9.75
C TYR F 362 35.06 34.76 11.28
N HIS F 363 36.21 35.11 11.85
CA HIS F 363 36.34 35.26 13.29
C HIS F 363 35.36 36.33 13.77
N ASP F 364 35.38 37.51 13.13
CA ASP F 364 34.67 38.69 13.63
C ASP F 364 33.18 38.38 13.77
N GLU F 365 32.69 37.49 12.89
CA GLU F 365 31.27 37.23 12.74
C GLU F 365 30.84 36.07 13.63
N ARG F 366 31.59 34.97 13.59
CA ARG F 366 31.11 33.75 14.22
C ARG F 366 31.64 33.57 15.63
N GLN F 367 32.65 34.37 16.01
CA GLN F 367 33.20 34.22 17.36
C GLN F 367 32.20 34.76 18.38
N PRO F 368 31.59 35.97 18.21
CA PRO F 368 30.54 36.43 19.13
C PRO F 368 29.40 35.43 19.28
N VAL F 369 29.11 34.68 18.20
CA VAL F 369 28.08 33.64 18.20
C VAL F 369 28.49 32.43 19.07
N GLY F 370 29.80 32.12 19.10
CA GLY F 370 30.33 31.10 20.00
C GLY F 370 30.15 31.49 21.46
N ARG F 371 30.49 32.73 21.81
CA ARG F 371 30.25 33.24 23.14
C ARG F 371 28.77 33.11 23.51
N GLN F 372 27.89 33.53 22.57
CA GLN F 372 26.47 33.59 22.84
C GLN F 372 25.93 32.18 23.13
N ILE F 373 26.28 31.21 22.29
CA ILE F 373 25.66 29.91 22.43
C ILE F 373 26.19 29.22 23.69
N VAL F 374 27.48 29.40 23.98
CA VAL F 374 28.07 28.68 25.09
C VAL F 374 27.46 29.17 26.39
N ASP F 375 27.26 30.49 26.48
CA ASP F 375 26.60 31.12 27.62
C ASP F 375 25.15 30.62 27.75
N ARG F 376 24.36 30.80 26.68
CA ARG F 376 22.98 30.36 26.62
C ARG F 376 22.81 28.91 27.07
N ALA F 377 23.70 28.01 26.64
CA ALA F 377 23.51 26.60 26.97
C ALA F 377 23.81 26.36 28.44
N PHE F 378 24.77 27.13 28.97
CA PHE F 378 25.21 26.93 30.34
C PHE F 378 24.06 27.34 31.27
N ARG F 379 23.59 28.57 31.07
CA ARG F 379 22.43 29.06 31.79
C ARG F 379 21.29 28.05 31.71
N SER F 380 21.11 27.43 30.55
CA SER F 380 19.98 26.54 30.31
C SER F 380 20.15 25.23 31.07
N MET F 381 21.41 24.84 31.27
CA MET F 381 21.76 23.70 32.11
C MET F 381 21.48 24.02 33.57
N VAL F 382 21.74 25.27 33.97
CA VAL F 382 21.61 25.68 35.36
C VAL F 382 20.13 25.71 35.76
N ASP F 383 19.26 26.04 34.81
CA ASP F 383 17.82 26.11 35.02
C ASP F 383 17.22 24.75 35.34
N LEU F 384 17.72 23.68 34.68
CA LEU F 384 17.12 22.36 34.75
C LEU F 384 16.91 21.86 36.19
N ILE F 385 17.74 22.37 37.11
CA ILE F 385 17.73 21.91 38.50
C ILE F 385 16.65 22.67 39.28
N GLY F 386 16.21 23.81 38.71
CA GLY F 386 15.18 24.65 39.28
C GLY F 386 13.85 23.93 39.47
N ILE F 387 13.58 22.94 38.60
CA ILE F 387 12.35 22.17 38.64
C ILE F 387 12.35 21.29 39.90
N PRO F 388 13.21 20.24 40.01
CA PRO F 388 13.25 19.44 41.23
C PRO F 388 13.51 20.18 42.55
N GLN F 389 14.07 21.39 42.49
CA GLN F 389 14.29 22.18 43.70
C GLN F 389 13.00 22.88 44.14
N ALA F 390 12.16 23.25 43.17
CA ALA F 390 10.88 23.89 43.46
C ALA F 390 9.91 22.90 44.14
N LEU F 391 9.83 21.67 43.62
CA LEU F 391 9.09 20.56 44.21
C LEU F 391 9.47 20.32 45.68
N GLY F 392 10.58 20.92 46.13
CA GLY F 392 11.07 20.74 47.49
C GLY F 392 11.79 19.41 47.67
N PHE F 393 12.33 18.86 46.57
CA PHE F 393 13.24 17.73 46.62
C PHE F 393 14.58 18.20 47.15
N THR F 394 15.32 17.29 47.79
CA THR F 394 16.64 17.53 48.35
C THR F 394 17.34 16.18 48.50
N GLU F 395 18.56 16.17 49.05
CA GLU F 395 19.24 14.93 49.40
C GLU F 395 18.60 14.35 50.66
N GLY F 396 18.83 13.05 50.88
CA GLY F 396 18.38 12.36 52.08
C GLY F 396 16.87 12.45 52.30
N GLN F 397 16.09 12.22 51.25
CA GLN F 397 14.67 11.95 51.39
C GLN F 397 14.39 10.53 50.89
N SER F 398 13.46 9.85 51.57
CA SER F 398 13.05 8.52 51.16
C SER F 398 12.26 8.65 49.86
N PRO F 399 12.05 7.53 49.11
CA PRO F 399 11.01 7.45 48.08
C PRO F 399 9.63 7.95 48.54
N GLU F 400 9.22 7.48 49.72
CA GLU F 400 7.96 7.77 50.38
C GLU F 400 7.78 9.25 50.74
N GLU F 401 8.88 10.04 50.84
CA GLU F 401 8.86 11.46 51.21
C GLU F 401 8.69 12.37 49.98
N GLN F 402 9.27 11.92 48.86
CA GLN F 402 9.13 12.61 47.58
C GLN F 402 7.72 12.35 47.02
N TRP F 403 7.31 11.07 46.95
CA TRP F 403 5.96 10.74 46.50
C TRP F 403 4.94 11.68 47.15
N ARG F 404 5.20 12.10 48.40
CA ARG F 404 4.28 12.91 49.20
C ARG F 404 4.37 14.37 48.76
N LEU F 405 5.58 14.80 48.41
CA LEU F 405 5.77 16.16 47.92
C LEU F 405 5.12 16.36 46.55
N LEU F 406 4.92 15.26 45.80
CA LEU F 406 4.22 15.27 44.51
C LEU F 406 2.71 15.24 44.74
N ASP F 407 2.30 14.43 45.72
CA ASP F 407 0.91 14.16 46.08
C ASP F 407 0.28 15.42 46.67
N THR F 408 1.06 16.12 47.51
CA THR F 408 0.56 17.29 48.23
C THR F 408 0.88 18.58 47.47
N LEU F 409 1.31 18.47 46.22
CA LEU F 409 1.57 19.63 45.38
C LEU F 409 0.24 20.30 45.06
N HIS F 410 -0.78 19.48 44.78
CA HIS F 410 -2.10 19.88 44.31
C HIS F 410 -3.07 20.01 45.48
N GLU F 411 -2.61 20.50 46.64
CA GLU F 411 -3.40 20.62 47.86
C GLU F 411 -3.72 22.08 48.18
N ASP F 412 -4.64 22.31 49.15
CA ASP F 412 -5.25 23.61 49.43
C ASP F 412 -4.42 24.39 50.47
N THR F 413 -3.16 24.00 50.66
CA THR F 413 -2.38 24.53 51.78
C THR F 413 -1.64 25.79 51.35
N GLU F 414 -0.85 26.38 52.26
CA GLU F 414 -0.01 27.53 51.97
C GLU F 414 1.38 27.07 51.52
N GLU F 415 1.76 25.84 51.89
CA GLU F 415 2.97 25.20 51.38
C GLU F 415 2.84 25.03 49.87
N ALA F 416 1.67 24.53 49.43
CA ALA F 416 1.42 24.02 48.08
C ALA F 416 1.29 25.15 47.06
N ARG F 417 0.65 26.27 47.46
CA ARG F 417 0.41 27.40 46.58
C ARG F 417 1.73 28.00 46.13
N GLN F 418 2.70 28.04 47.06
CA GLN F 418 3.98 28.71 46.88
C GLN F 418 4.98 27.81 46.13
N ARG F 419 4.84 26.48 46.32
CA ARG F 419 5.61 25.49 45.59
C ARG F 419 5.14 25.42 44.13
N ARG F 420 3.83 25.64 43.92
CA ARG F 420 3.26 25.73 42.58
C ARG F 420 3.69 27.04 41.91
N ALA F 421 3.94 28.07 42.75
CA ALA F 421 4.46 29.35 42.30
C ALA F 421 5.88 29.16 41.75
N ALA F 422 6.76 28.63 42.60
CA ALA F 422 8.16 28.43 42.24
C ALA F 422 8.29 27.45 41.09
N LEU F 423 7.39 26.44 41.00
CA LEU F 423 7.41 25.50 39.90
C LEU F 423 7.11 26.22 38.58
N ALA F 424 6.18 27.20 38.61
CA ALA F 424 5.79 27.92 37.41
C ALA F 424 6.91 28.86 36.95
N ALA F 425 7.65 29.44 37.89
CA ALA F 425 8.73 30.36 37.56
C ALA F 425 9.97 29.62 37.05
N ALA F 426 10.19 28.41 37.58
CA ALA F 426 11.26 27.55 37.09
C ALA F 426 10.87 27.03 35.71
N THR F 427 9.59 26.62 35.57
CA THR F 427 9.03 26.13 34.33
C THR F 427 9.15 27.22 33.28
N ALA F 428 8.97 28.49 33.69
CA ALA F 428 8.96 29.62 32.78
C ALA F 428 10.33 29.86 32.16
N ALA F 429 11.37 29.37 32.85
CA ALA F 429 12.74 29.65 32.47
C ALA F 429 13.22 28.64 31.44
N ILE F 430 12.51 27.51 31.32
CA ILE F 430 12.85 26.44 30.38
C ILE F 430 12.54 26.88 28.96
N HIS F 431 11.76 27.95 28.81
CA HIS F 431 11.56 28.58 27.51
C HIS F 431 12.91 28.93 26.90
N GLY F 432 13.85 29.32 27.76
CA GLY F 432 15.23 29.63 27.41
C GLY F 432 15.89 28.56 26.56
N GLN F 433 15.44 27.31 26.66
CA GLN F 433 16.01 26.23 25.87
C GLN F 433 14.99 25.61 24.93
N ALA F 434 13.70 25.74 25.25
CA ALA F 434 12.64 25.04 24.51
C ALA F 434 12.09 25.90 23.37
N ASN F 435 12.14 27.23 23.53
CA ASN F 435 11.62 28.15 22.53
C ASN F 435 12.57 29.34 22.40
N ALA F 436 13.85 29.07 22.11
CA ALA F 436 14.87 30.11 22.17
C ALA F 436 15.07 30.75 20.79
N HIS F 437 14.00 31.36 20.28
CA HIS F 437 13.87 31.64 18.87
C HIS F 437 14.88 32.68 18.42
N GLY F 438 15.17 33.66 19.29
CA GLY F 438 16.07 34.76 18.99
C GLY F 438 17.55 34.34 18.94
N VAL F 439 17.91 33.37 19.79
CA VAL F 439 19.22 32.76 19.79
C VAL F 439 19.42 31.95 18.50
N GLU F 440 18.36 31.27 18.05
CA GLU F 440 18.46 30.29 16.98
C GLU F 440 18.56 30.98 15.61
N LEU F 441 17.91 32.14 15.46
CA LEU F 441 17.62 32.64 14.13
C LEU F 441 17.95 34.14 14.06
N GLY F 442 18.14 34.75 15.23
CA GLY F 442 18.07 36.20 15.33
C GLY F 442 19.43 36.85 15.58
N TYR F 443 20.50 36.03 15.60
CA TYR F 443 21.86 36.52 15.77
C TYR F 443 22.20 37.36 14.55
N ARG F 444 22.90 38.48 14.77
CA ARG F 444 23.30 39.38 13.69
C ARG F 444 24.80 39.66 13.81
N TYR F 445 25.49 39.75 12.66
CA TYR F 445 26.88 40.13 12.61
C TYR F 445 26.96 41.65 12.60
N ARG F 446 27.66 42.22 13.58
CA ARG F 446 27.67 43.67 13.76
C ARG F 446 28.91 44.24 13.08
N THR F 447 29.95 43.41 12.96
CA THR F 447 31.14 43.77 12.20
C THR F 447 31.62 42.55 11.43
N GLY F 448 32.07 42.76 10.18
CA GLY F 448 32.50 41.69 9.29
C GLY F 448 32.38 42.06 7.81
N ALA F 449 31.92 41.08 7.00
CA ALA F 449 31.67 41.24 5.58
C ALA F 449 30.33 41.93 5.30
N LEU F 450 30.25 43.24 5.56
CA LEU F 450 29.02 44.00 5.47
C LEU F 450 29.31 45.50 5.62
N VAL F 451 28.45 46.33 5.04
CA VAL F 451 28.50 47.77 5.28
C VAL F 451 27.25 48.19 6.04
N PRO F 452 27.37 48.72 7.28
CA PRO F 452 26.23 49.33 7.95
C PRO F 452 25.67 50.44 7.08
N ASP F 453 24.35 50.66 7.18
CA ASP F 453 23.67 51.67 6.37
C ASP F 453 23.50 52.96 7.18
N GLY F 454 23.90 52.94 8.44
CA GLY F 454 23.81 54.15 9.23
C GLY F 454 22.55 54.20 10.09
N THR F 455 21.65 53.21 9.90
CA THR F 455 20.47 53.09 10.73
C THR F 455 20.87 52.43 12.06
N PRO F 456 20.24 52.78 13.19
CA PRO F 456 20.52 52.05 14.43
C PRO F 456 19.88 50.66 14.31
N GLU F 457 20.51 49.66 14.94
CA GLU F 457 19.95 48.33 15.01
C GLU F 457 18.53 48.42 15.56
N PRO F 458 17.55 47.66 15.00
CA PRO F 458 16.21 47.57 15.60
C PRO F 458 16.31 46.94 16.99
N ALA F 459 15.48 47.40 17.93
CA ALA F 459 15.25 46.66 19.17
C ALA F 459 13.76 46.55 19.41
N ASP F 460 13.39 45.93 20.54
CA ASP F 460 12.04 46.00 21.09
C ASP F 460 12.15 45.59 22.56
N GLU F 461 11.02 45.52 23.27
CA GLU F 461 11.06 45.26 24.69
C GLU F 461 10.90 43.77 24.97
N ARG F 462 10.82 42.97 23.89
CA ARG F 462 10.74 41.52 24.07
C ARG F 462 12.15 40.96 24.21
N ASP F 463 12.33 40.06 25.17
CA ASP F 463 13.54 39.29 25.41
C ASP F 463 14.11 38.81 24.07
N PRO F 464 15.30 39.30 23.67
CA PRO F 464 15.88 38.99 22.35
C PRO F 464 16.44 37.58 22.17
N GLU F 465 16.45 36.81 23.26
CA GLU F 465 16.81 35.40 23.20
C GLU F 465 15.61 34.53 22.83
N LEU F 466 14.41 34.90 23.32
CA LEU F 466 13.19 34.15 23.09
C LEU F 466 12.54 34.56 21.76
N TYR F 467 12.55 35.88 21.47
CA TYR F 467 11.77 36.43 20.37
C TYR F 467 12.68 36.86 19.21
N TYR F 468 12.49 36.20 18.06
CA TYR F 468 13.10 36.61 16.80
C TYR F 468 12.39 37.87 16.31
N ARG F 469 13.14 38.74 15.63
CA ARG F 469 12.59 39.97 15.09
C ARG F 469 13.24 40.17 13.71
N ALA F 470 12.48 39.98 12.65
CA ALA F 470 13.03 39.97 11.30
C ALA F 470 13.48 41.37 10.92
N THR F 471 14.66 41.47 10.28
CA THR F 471 15.09 42.75 9.78
C THR F 471 16.07 42.53 8.63
N THR F 472 16.13 43.48 7.70
CA THR F 472 17.17 43.53 6.69
C THR F 472 18.35 44.40 7.14
N TRP F 473 18.51 44.64 8.44
CA TRP F 473 19.64 45.40 8.94
C TRP F 473 20.94 44.66 8.65
N PRO F 474 21.93 45.30 7.96
CA PRO F 474 23.15 44.61 7.52
C PRO F 474 23.73 43.76 8.65
N GLY F 475 23.99 42.50 8.33
CA GLY F 475 24.41 41.53 9.32
C GLY F 475 23.32 40.55 9.72
N ALA F 476 22.06 40.95 9.54
CA ALA F 476 20.96 40.06 9.92
C ALA F 476 20.77 38.99 8.86
N ARG F 477 20.23 37.84 9.27
CA ARG F 477 19.80 36.83 8.33
C ARG F 477 18.61 37.43 7.56
N LEU F 478 18.72 37.52 6.22
CA LEU F 478 17.61 37.93 5.37
C LEU F 478 16.30 37.38 5.90
N PRO F 479 15.26 38.24 6.09
CA PRO F 479 13.91 37.79 6.43
C PRO F 479 13.26 36.88 5.38
N HIS F 480 12.54 35.88 5.87
CA HIS F 480 11.78 34.96 5.04
C HIS F 480 10.44 35.59 4.68
N ALA F 481 10.14 35.64 3.37
CA ALA F 481 8.79 35.87 2.88
C ALA F 481 8.53 34.85 1.78
N TRP F 482 7.26 34.45 1.62
CA TRP F 482 6.85 33.57 0.52
C TRP F 482 6.74 34.37 -0.78
N LEU F 483 7.55 33.99 -1.78
CA LEU F 483 7.40 34.55 -3.10
C LEU F 483 6.75 33.52 -4.05
N GLU F 484 6.38 34.01 -5.23
CA GLU F 484 5.86 33.15 -6.28
C GLU F 484 6.51 33.60 -7.58
N ASN F 485 7.26 32.67 -8.21
CA ASN F 485 7.93 32.85 -9.47
C ASN F 485 7.19 31.98 -10.50
N GLY F 486 6.36 32.63 -11.34
CA GLY F 486 5.28 31.97 -12.07
C GLY F 486 4.31 31.26 -11.13
N ARG F 487 4.33 29.92 -11.17
CA ARG F 487 3.46 29.11 -10.32
C ARG F 487 4.29 28.32 -9.32
N HIS F 488 5.56 28.70 -9.19
CA HIS F 488 6.48 28.09 -8.24
C HIS F 488 6.58 28.95 -6.99
N ARG F 489 6.26 28.35 -5.85
CA ARG F 489 6.34 28.95 -4.53
C ARG F 489 7.78 28.81 -4.00
N CYS F 490 8.38 29.93 -3.54
CA CYS F 490 9.72 29.92 -2.97
C CYS F 490 9.90 31.03 -1.94
N SER F 491 10.83 30.82 -1.02
CA SER F 491 11.16 31.83 -0.03
C SER F 491 12.15 32.84 -0.62
N THR F 492 12.18 34.05 -0.06
CA THR F 492 13.30 34.97 -0.26
C THR F 492 14.62 34.23 -0.03
N LEU F 493 14.57 33.20 0.83
CA LEU F 493 15.80 32.49 1.16
C LEU F 493 16.17 31.46 0.09
N ASP F 494 15.22 31.09 -0.79
CA ASP F 494 15.49 30.21 -1.92
C ASP F 494 16.08 30.96 -3.13
N VAL F 495 15.60 32.18 -3.40
CA VAL F 495 16.05 32.91 -4.58
C VAL F 495 17.33 33.67 -4.28
N THR F 496 17.95 33.44 -3.10
CA THR F 496 19.22 34.06 -2.71
C THR F 496 20.22 32.96 -2.31
N GLY F 497 21.41 33.35 -1.83
CA GLY F 497 22.42 32.36 -1.48
C GLY F 497 23.01 31.69 -2.72
N ARG F 498 23.19 30.37 -2.63
CA ARG F 498 23.65 29.52 -3.72
C ARG F 498 24.95 30.04 -4.34
N GLY F 499 25.92 30.42 -3.51
CA GLY F 499 27.24 30.73 -4.04
C GLY F 499 27.35 32.11 -4.70
N ARG F 500 26.35 32.98 -4.54
CA ARG F 500 26.48 34.28 -5.19
C ARG F 500 25.79 35.40 -4.40
N PHE F 501 26.18 36.63 -4.72
CA PHE F 501 25.54 37.82 -4.19
C PHE F 501 24.25 38.07 -4.98
N THR F 502 23.18 38.40 -4.25
CA THR F 502 21.90 38.76 -4.86
C THR F 502 21.50 40.14 -4.35
N LEU F 503 20.99 40.98 -5.25
CA LEU F 503 20.41 42.26 -4.92
C LEU F 503 18.89 42.16 -5.14
N LEU F 504 18.11 42.30 -4.07
CA LEU F 504 16.67 42.33 -4.17
C LEU F 504 16.22 43.78 -4.21
N THR F 505 15.36 44.05 -5.20
CA THR F 505 14.84 45.38 -5.52
C THR F 505 13.38 45.24 -5.93
N GLY F 506 12.80 46.31 -6.48
CA GLY F 506 11.37 46.40 -6.71
C GLY F 506 11.04 47.46 -7.76
N PRO F 507 9.78 47.95 -7.83
CA PRO F 507 9.44 49.03 -8.75
C PRO F 507 10.33 50.27 -8.60
N GLY F 508 10.94 50.70 -9.72
CA GLY F 508 11.71 51.94 -9.75
C GLY F 508 13.20 51.68 -9.52
N GLY F 509 13.55 50.38 -9.47
CA GLY F 509 14.88 49.93 -9.12
C GLY F 509 15.74 49.52 -10.33
N GLU F 510 15.38 50.03 -11.53
CA GLU F 510 16.15 49.80 -12.76
C GLU F 510 17.59 50.31 -12.60
N PRO F 511 17.85 51.49 -11.96
CA PRO F 511 19.23 51.95 -11.73
C PRO F 511 20.19 50.93 -11.15
N TRP F 512 19.65 49.91 -10.45
CA TRP F 512 20.49 48.91 -9.83
C TRP F 512 21.16 48.02 -10.89
N ARG F 513 20.59 47.96 -12.12
CA ARG F 513 21.16 47.14 -13.20
C ARG F 513 22.59 47.59 -13.49
N ASP F 514 22.76 48.90 -13.75
CA ASP F 514 24.02 49.52 -14.11
C ASP F 514 24.97 49.56 -12.93
N ALA F 515 24.43 49.82 -11.73
CA ALA F 515 25.22 49.86 -10.51
C ALA F 515 25.87 48.49 -10.30
N ALA F 516 25.10 47.43 -10.62
CA ALA F 516 25.55 46.06 -10.44
C ALA F 516 26.58 45.69 -11.51
N ARG F 517 26.41 46.23 -12.72
CA ARG F 517 27.35 46.05 -13.83
C ARG F 517 28.71 46.64 -13.45
N ASP F 518 28.69 47.87 -12.90
CA ASP F 518 29.86 48.65 -12.53
C ASP F 518 30.57 48.03 -11.34
N ALA F 519 29.81 47.41 -10.44
CA ALA F 519 30.40 46.78 -9.28
C ALA F 519 31.16 45.51 -9.69
N ALA F 520 30.65 44.79 -10.70
CA ALA F 520 31.28 43.58 -11.21
C ALA F 520 32.57 43.90 -11.96
N LEU F 521 32.57 45.00 -12.74
CA LEU F 521 33.76 45.41 -13.45
C LEU F 521 34.86 45.72 -12.44
N ASP F 522 34.57 46.61 -11.47
CA ASP F 522 35.54 47.13 -10.51
C ASP F 522 36.10 46.05 -9.59
N THR F 523 35.30 45.02 -9.25
CA THR F 523 35.66 44.08 -8.19
C THR F 523 35.75 42.65 -8.70
N GLY F 524 35.16 42.38 -9.87
CA GLY F 524 35.26 41.07 -10.50
C GLY F 524 34.16 40.11 -10.06
N VAL F 525 33.37 40.53 -9.06
CA VAL F 525 32.33 39.72 -8.45
C VAL F 525 30.96 40.13 -8.99
N GLU F 526 30.16 39.12 -9.36
CA GLU F 526 28.89 39.27 -10.04
C GLU F 526 27.77 39.45 -9.02
N VAL F 527 27.00 40.55 -9.14
CA VAL F 527 25.82 40.76 -8.31
C VAL F 527 24.57 40.55 -9.17
N ALA F 528 23.76 39.54 -8.84
CA ALA F 528 22.55 39.23 -9.58
C ALA F 528 21.39 40.06 -9.05
N VAL F 529 20.68 40.73 -9.96
CA VAL F 529 19.67 41.71 -9.64
C VAL F 529 18.31 41.07 -9.82
N LEU F 530 17.57 41.02 -8.71
CA LEU F 530 16.31 40.32 -8.70
C LEU F 530 15.21 41.29 -8.25
N PRO F 531 14.37 41.82 -9.17
CA PRO F 531 13.28 42.69 -8.78
C PRO F 531 12.12 41.83 -8.29
N ILE F 532 11.49 42.27 -7.21
CA ILE F 532 10.34 41.58 -6.67
C ILE F 532 9.13 42.48 -6.87
N GLY F 533 8.03 41.88 -7.33
CA GLY F 533 6.77 42.55 -7.62
C GLY F 533 6.91 43.68 -8.64
N ALA F 534 7.87 43.53 -9.57
CA ALA F 534 8.15 44.48 -10.64
C ALA F 534 8.89 43.76 -11.77
N GLY F 535 8.86 44.37 -12.97
CA GLY F 535 9.67 43.94 -14.12
C GLY F 535 9.44 42.49 -14.57
N GLY F 536 8.30 41.89 -14.16
CA GLY F 536 7.97 40.52 -14.51
C GLY F 536 8.74 39.46 -13.72
N GLY F 537 9.44 39.89 -12.65
CA GLY F 537 10.19 38.98 -11.79
C GLY F 537 9.28 38.25 -10.79
N PRO F 538 9.85 37.59 -9.74
CA PRO F 538 9.05 36.95 -8.69
C PRO F 538 8.08 37.91 -8.01
N ARG F 539 6.89 37.39 -7.66
CA ARG F 539 5.86 38.22 -7.06
C ARG F 539 5.93 38.05 -5.56
N ASP F 540 5.24 38.95 -4.85
CA ASP F 540 5.10 38.96 -3.42
C ASP F 540 3.61 38.83 -3.08
N PRO F 541 3.04 37.59 -3.16
CA PRO F 541 1.58 37.41 -3.20
C PRO F 541 0.81 37.94 -2.00
N TYR F 542 1.39 37.86 -0.79
CA TYR F 542 0.76 38.41 0.40
C TYR F 542 1.27 39.82 0.71
N GLY F 543 2.21 40.36 -0.09
CA GLY F 543 2.84 41.63 0.27
C GLY F 543 3.77 41.56 1.49
N THR F 544 4.06 40.34 2.00
CA THR F 544 4.91 40.18 3.18
C THR F 544 6.25 40.88 2.98
N TRP F 545 6.90 40.62 1.83
CA TRP F 545 8.23 41.11 1.56
C TRP F 545 8.27 42.64 1.63
N ALA F 546 7.19 43.29 1.20
CA ALA F 546 7.10 44.74 1.22
C ALA F 546 7.06 45.22 2.67
N GLU F 547 6.49 44.40 3.57
CA GLU F 547 6.44 44.69 4.99
C GLU F 547 7.84 44.62 5.59
N LEU F 548 8.58 43.54 5.30
CA LEU F 548 9.77 43.17 6.05
C LEU F 548 11.04 43.83 5.49
N ARG F 549 11.02 44.32 4.24
CA ARG F 549 12.26 44.65 3.54
C ARG F 549 12.86 45.95 4.06
N GLU F 550 12.05 46.80 4.71
CA GLU F 550 12.49 48.00 5.41
C GLU F 550 13.29 48.87 4.45
N VAL F 551 12.97 48.84 3.16
CA VAL F 551 13.49 49.81 2.21
C VAL F 551 12.30 50.21 1.32
N GLU F 552 12.42 51.30 0.56
CA GLU F 552 11.39 51.70 -0.39
C GLU F 552 11.38 50.74 -1.59
N GLU F 553 10.34 50.83 -2.44
CA GLU F 553 10.21 49.98 -3.62
C GLU F 553 11.44 50.03 -4.51
N SER F 554 12.04 51.23 -4.63
CA SER F 554 13.13 51.48 -5.55
C SER F 554 14.48 51.13 -4.93
N GLY F 555 14.46 50.68 -3.66
CA GLY F 555 15.67 50.39 -2.90
C GLY F 555 16.18 48.97 -3.17
N ALA F 556 17.11 48.52 -2.33
CA ALA F 556 17.87 47.30 -2.57
C ALA F 556 18.29 46.68 -1.24
N VAL F 557 18.34 45.35 -1.24
CA VAL F 557 18.91 44.58 -0.13
C VAL F 557 19.94 43.63 -0.74
N LEU F 558 21.21 43.79 -0.35
CA LEU F 558 22.30 43.00 -0.90
C LEU F 558 22.53 41.80 0.00
N VAL F 559 22.25 40.59 -0.52
CA VAL F 559 22.33 39.34 0.22
C VAL F 559 23.63 38.60 -0.11
N ARG F 560 24.30 38.07 0.93
CA ARG F 560 25.53 37.31 0.75
C ARG F 560 25.18 35.90 0.33
N PRO F 561 26.15 35.11 -0.20
CA PRO F 561 25.92 33.69 -0.46
C PRO F 561 25.39 32.94 0.78
N ASP F 562 25.68 33.46 1.98
CA ASP F 562 25.24 32.78 3.21
C ASP F 562 23.83 33.19 3.63
N GLY F 563 23.21 34.13 2.89
CA GLY F 563 21.83 34.47 3.18
C GLY F 563 21.72 35.55 4.25
N HIS F 564 22.86 36.12 4.68
CA HIS F 564 22.87 37.28 5.55
C HIS F 564 22.94 38.57 4.71
N VAL F 565 22.37 39.66 5.22
CA VAL F 565 22.42 40.92 4.49
C VAL F 565 23.77 41.61 4.67
N ALA F 566 24.36 42.04 3.54
CA ALA F 566 25.64 42.72 3.49
C ALA F 566 25.48 44.24 3.52
N TRP F 567 24.34 44.73 3.01
CA TRP F 567 24.11 46.15 2.82
C TRP F 567 22.68 46.34 2.32
N ARG F 568 22.10 47.52 2.58
CA ARG F 568 20.79 47.90 2.05
C ARG F 568 20.78 49.39 1.76
N ALA F 569 19.83 49.79 0.93
CA ALA F 569 19.68 51.17 0.53
C ALA F 569 18.19 51.47 0.46
N ARG F 570 17.77 52.60 1.04
CA ARG F 570 16.37 52.94 1.15
C ARG F 570 15.74 53.03 -0.24
N ASP F 571 16.44 53.67 -1.20
CA ASP F 571 15.89 53.91 -2.54
C ASP F 571 16.99 53.92 -3.60
N HIS F 572 16.60 54.14 -4.86
CA HIS F 572 17.49 54.00 -6.00
C HIS F 572 18.52 55.12 -6.04
N GLY F 573 18.32 56.17 -5.22
CA GLY F 573 19.30 57.24 -5.10
C GLY F 573 20.69 56.69 -4.76
N HIS F 574 20.69 55.61 -3.98
CA HIS F 574 21.90 55.03 -3.42
C HIS F 574 22.59 54.11 -4.43
N ALA F 575 22.10 54.04 -5.68
CA ALA F 575 22.63 53.06 -6.62
C ALA F 575 24.14 53.23 -6.83
N LYS F 576 24.60 54.49 -6.84
CA LYS F 576 25.99 54.83 -7.12
C LYS F 576 26.98 54.22 -6.12
N GLU F 577 26.54 53.97 -4.88
CA GLU F 577 27.43 53.54 -3.81
C GLU F 577 27.78 52.05 -3.91
N LEU F 578 27.16 51.31 -4.85
CA LEU F 578 27.21 49.86 -4.78
C LEU F 578 28.61 49.33 -5.09
N PRO F 579 29.30 49.81 -6.16
CA PRO F 579 30.66 49.38 -6.46
C PRO F 579 31.57 49.39 -5.23
N GLU F 580 31.62 50.54 -4.53
CA GLU F 580 32.45 50.74 -3.36
C GLU F 580 32.01 49.84 -2.20
N VAL F 581 30.69 49.63 -2.06
CA VAL F 581 30.15 48.77 -1.02
C VAL F 581 30.67 47.34 -1.22
N MET F 582 30.63 46.85 -2.46
CA MET F 582 31.11 45.49 -2.75
C MET F 582 32.63 45.42 -2.59
N ALA F 583 33.33 46.51 -2.95
CA ALA F 583 34.74 46.60 -2.65
C ALA F 583 34.96 46.39 -1.14
N ARG F 584 34.28 47.19 -0.30
CA ARG F 584 34.45 47.18 1.15
C ARG F 584 34.04 45.83 1.75
N VAL F 585 32.98 45.22 1.18
CA VAL F 585 32.50 43.93 1.66
C VAL F 585 33.59 42.89 1.44
N LEU F 586 34.28 42.99 0.30
CA LEU F 586 35.19 41.94 -0.11
C LEU F 586 36.58 42.16 0.51
N HIS F 587 36.76 43.34 1.13
CA HIS F 587 37.98 43.73 1.81
C HIS F 587 39.11 43.84 0.78
N GLN F 588 38.81 44.57 -0.31
CA GLN F 588 39.75 44.85 -1.37
C GLN F 588 40.48 46.16 -1.05
#